data_7TXU
#
_entry.id   7TXU
#
loop_
_entity.id
_entity.type
_entity.pdbx_description
1 polymer 'Cyanophycin synthase'
2 polymer 16x(Asp-Arg)
3 non-polymer 'MAGNESIUM ION'
4 non-polymer 'ZINC ION'
5 non-polymer "ADENOSINE-5'-TRIPHOSPHATE"
#
loop_
_entity_poly.entity_id
_entity_poly.type
_entity_poly.pdbx_seq_one_letter_code
_entity_poly.pdbx_strand_id
1 'polypeptide(L)'
;MKILKTLTLRGPNYWSIRRKKLIVMRLDLEDLAERPSNSIPGFYEGLIKVLPSLVEHFCSPGYQGGFLERVKEGTYMGHI
VEHVALELQELVGMTAGFGRTRETSTPGVYNVVYEYVDEQAGRYAGRAAVRLCRSLVDTGDYPRLELEKDLEDLRDLGAN
SALGPSTETIVTEAEARKIPWMLLSARAMVQLGYGVYQQRIQATLSSHSGILGVELACDKEGTKTILQDAGIPVPRGTTI
QYFDDLEEAINDVGGYPVVIKPLDGNHGRGITINVRHWQEAIAAYDLAAEESKSRAIIVERYYEGSDHRVLVVNGKLVAV
AERIPAHVTGDGSSTISELIEKTNQDPNRGDGHDNILTKIVVNKTAIDVMERQGYNLDSVLPKDEVVYLRATANLSTGGI
AIDRTDDIHPENIWLMERVAKVIGLDIAGIDVVTSDISKPLRETNGVIVEVNAAPGFRMHVAPSQGLPRNVAAPVLDMLF
PPGTPSRIPILAVTGTNGKTTTTRLLAHIYRQTGKTVGYTSTDAIYINEYCVEKGDNTGPQSAGVILRDPTVEVAVLETA
RGGILRAGLAFDSCDVGVVLNVAADHLGLGDIDTIEQMAKVKSVIAEVVDPSGYAVLNADDPLVAAMADKVKAKVAYFSM
NPDNPIIQAHVRRNGIAAVYESGYLSILEGSWTLRVEQAKLIPMTMGGMAPFMIANALAACLAAFVNGLDVEVIRQGVRT
FTTSAEQTPGRMNLFNLGQHHALVDYAHNPAGYRAVGDFVKNWQGQRFGVVGGPGDRRDSDLIELGQIAAQVFDRIIVKE
DDDKRGRSEGETADLIVKGILQENPGASYEVILDETIALNKALDQVEEKGLVVVFPESVTRAIDLIKVRNPIGENLYFQ
;
A,B,C,D
2 'polypeptide(L)' (7ID)(7ID)(7ID)(7ID)(7ID)(7ID)(7ID)(7ID)(7ID)(7ID)(7ID)(7ID)(7ID)(7ID)(7ID)(7ID) E,F,G,H,I,J,K,L
#
# COMPACT_ATOMS: atom_id res chain seq x y z
N MET A 1 21.23 1.38 65.28
CA MET A 1 20.59 0.91 64.05
C MET A 1 21.57 0.85 62.92
N LYS A 2 21.73 -0.33 62.33
CA LYS A 2 22.63 -0.48 61.21
C LYS A 2 21.91 -0.86 59.91
N ILE A 3 22.41 -0.38 58.79
CA ILE A 3 21.86 -0.80 57.52
C ILE A 3 22.72 -1.91 56.97
N LEU A 4 22.10 -3.05 56.72
CA LEU A 4 22.82 -4.23 56.28
C LEU A 4 22.83 -4.34 54.77
N LYS A 5 21.72 -3.97 54.14
CA LYS A 5 21.60 -4.13 52.69
C LYS A 5 20.66 -3.12 52.05
N THR A 6 20.99 -2.63 50.85
CA THR A 6 20.05 -1.74 50.14
C THR A 6 19.80 -2.20 48.70
N LEU A 7 18.52 -2.26 48.31
CA LEU A 7 18.12 -2.57 46.94
C LEU A 7 17.34 -1.44 46.31
N THR A 8 17.58 -1.19 45.03
CA THR A 8 16.81 -0.18 44.31
C THR A 8 15.96 -0.89 43.27
N LEU A 9 14.66 -0.70 43.32
CA LEU A 9 13.77 -1.36 42.39
C LEU A 9 13.32 -0.39 41.34
N ARG A 10 13.34 -0.83 40.09
CA ARG A 10 12.93 -0.02 38.96
C ARG A 10 11.99 -0.74 38.01
N GLY A 11 10.75 -0.90 38.40
CA GLY A 11 9.80 -1.64 37.59
C GLY A 11 8.87 -2.41 38.50
N PRO A 12 7.81 -3.06 37.98
CA PRO A 12 6.82 -3.82 38.73
C PRO A 12 7.53 -4.83 39.56
N ASN A 13 7.07 -4.99 40.77
CA ASN A 13 7.75 -5.84 41.71
C ASN A 13 6.84 -6.45 42.73
N TYR A 14 7.45 -7.17 43.64
CA TYR A 14 6.84 -7.84 44.76
C TYR A 14 6.02 -6.93 45.67
N TRP A 15 6.53 -5.74 45.98
CA TRP A 15 5.86 -4.85 46.92
C TRP A 15 4.71 -4.12 46.27
N SER A 16 4.86 -3.78 45.00
CA SER A 16 3.82 -3.09 44.26
C SER A 16 3.98 -3.19 42.75
N ILE A 17 2.86 -3.28 42.04
CA ILE A 17 2.91 -3.27 40.58
C ILE A 17 3.03 -1.85 40.06
N ARG A 18 2.24 -0.96 40.64
CA ARG A 18 2.23 0.46 40.27
C ARG A 18 3.42 1.27 40.84
N ARG A 19 3.89 0.93 42.03
CA ARG A 19 4.96 1.73 42.59
C ARG A 19 6.27 1.12 42.13
N LYS A 20 6.69 1.61 40.99
CA LYS A 20 7.86 1.13 40.28
C LYS A 20 9.17 1.56 40.90
N LYS A 21 9.20 2.75 41.51
CA LYS A 21 10.41 3.30 42.10
C LYS A 21 10.49 3.19 43.60
N LEU A 22 11.15 2.13 44.08
CA LEU A 22 11.21 1.86 45.51
C LEU A 22 12.60 1.54 45.99
N ILE A 23 12.87 1.91 47.22
CA ILE A 23 14.10 1.53 47.90
C ILE A 23 13.77 0.62 49.03
N VAL A 24 14.46 -0.50 49.05
CA VAL A 24 14.26 -1.49 50.09
C VAL A 24 15.50 -1.54 50.93
N MET A 25 15.34 -1.18 52.18
CA MET A 25 16.45 -1.14 53.12
C MET A 25 16.32 -2.24 54.16
N ARG A 26 17.38 -3.00 54.36
CA ARG A 26 17.38 -4.04 55.37
C ARG A 26 18.05 -3.47 56.61
N LEU A 27 17.23 -3.19 57.61
CA LEU A 27 17.64 -2.47 58.82
C LEU A 27 17.70 -3.34 60.08
N ASP A 28 18.84 -3.33 60.72
CA ASP A 28 19.11 -4.11 61.91
C ASP A 28 18.97 -3.30 63.22
N LEU A 29 17.87 -3.50 63.94
CA LEU A 29 17.66 -2.71 65.15
C LEU A 29 18.39 -3.41 66.30
N GLU A 30 19.70 -3.17 66.38
CA GLU A 30 20.55 -3.85 67.39
C GLU A 30 20.06 -3.51 68.80
N ASP A 31 19.70 -2.25 68.95
CA ASP A 31 19.09 -1.62 70.11
C ASP A 31 17.69 -1.39 69.66
N LEU A 32 16.84 -0.81 70.47
CA LEU A 32 15.51 -0.36 70.05
C LEU A 32 14.49 -1.46 69.72
N ALA A 33 14.93 -2.63 69.27
CA ALA A 33 14.04 -3.77 68.99
C ALA A 33 13.28 -4.14 70.26
N GLU A 34 13.90 -3.88 71.39
CA GLU A 34 13.39 -4.14 72.71
C GLU A 34 12.85 -2.86 73.41
N ARG A 35 12.83 -1.72 72.72
CA ARG A 35 12.43 -0.47 73.32
C ARG A 35 11.40 0.29 72.47
N PRO A 36 10.11 -0.03 72.56
CA PRO A 36 9.03 0.47 71.73
C PRO A 36 8.58 1.88 72.04
N SER A 37 9.46 2.85 71.78
CA SER A 37 9.20 4.31 71.92
C SER A 37 9.09 4.83 73.36
N ASN A 38 8.20 4.23 74.13
CA ASN A 38 7.93 4.65 75.50
C ASN A 38 9.03 4.26 76.47
N SER A 39 9.94 3.45 75.99
CA SER A 39 11.09 2.95 76.72
C SER A 39 12.33 3.77 76.38
N ILE A 40 12.13 4.84 75.59
CA ILE A 40 13.17 5.74 75.16
C ILE A 40 12.81 7.14 75.64
N PRO A 41 13.24 7.59 76.83
CA PRO A 41 12.82 8.85 77.40
C PRO A 41 13.12 10.00 76.44
N GLY A 42 12.13 10.87 76.25
CA GLY A 42 12.28 12.03 75.38
C GLY A 42 11.95 11.78 73.89
N PHE A 43 11.71 10.52 73.49
CA PHE A 43 11.46 10.27 72.07
C PHE A 43 10.02 10.46 71.64
N TYR A 44 9.60 11.69 71.66
CA TYR A 44 8.31 12.11 71.18
C TYR A 44 8.43 13.56 70.92
N GLU A 45 8.84 14.28 71.96
CA GLU A 45 9.03 15.71 71.87
C GLU A 45 10.22 15.99 70.95
N GLY A 46 11.30 15.21 71.10
CA GLY A 46 12.46 15.41 70.23
C GLY A 46 12.08 15.15 68.77
N LEU A 47 11.26 14.14 68.52
CA LEU A 47 10.92 13.84 67.15
C LEU A 47 10.07 14.93 66.53
N ILE A 48 9.05 15.40 67.25
CA ILE A 48 8.18 16.44 66.69
C ILE A 48 8.86 17.80 66.61
N LYS A 49 9.82 18.13 67.49
CA LYS A 49 10.43 19.44 67.35
C LYS A 49 11.49 19.45 66.24
N VAL A 50 12.16 18.31 65.98
CA VAL A 50 13.14 18.27 64.90
C VAL A 50 12.42 18.27 63.57
N LEU A 51 11.38 17.45 63.47
CA LEU A 51 10.62 17.34 62.24
C LEU A 51 9.13 17.64 62.47
N PRO A 52 8.73 18.91 62.69
CA PRO A 52 7.40 19.38 63.04
C PRO A 52 6.39 19.13 61.95
N SER A 53 6.89 18.84 60.76
CA SER A 53 6.12 18.56 59.59
C SER A 53 5.58 17.12 59.55
N LEU A 54 6.00 16.22 60.48
CA LEU A 54 5.50 14.83 60.47
C LEU A 54 4.11 14.76 61.07
N VAL A 55 3.18 15.44 60.44
CA VAL A 55 1.83 15.57 60.94
C VAL A 55 0.79 14.94 60.04
N GLU A 56 0.88 15.22 58.74
CA GLU A 56 -0.09 14.76 57.76
C GLU A 56 -0.11 13.24 57.53
N HIS A 57 0.92 12.54 58.00
CA HIS A 57 1.09 11.11 57.78
C HIS A 57 0.01 10.29 58.51
N PHE A 58 -0.82 9.49 57.79
CA PHE A 58 -1.92 8.76 58.40
C PHE A 58 -1.46 7.43 58.99
N CYS A 59 -0.39 6.88 58.46
CA CYS A 59 0.07 5.57 58.87
C CYS A 59 -1.12 4.60 58.70
N SER A 60 -1.36 3.71 59.66
CA SER A 60 -2.47 2.77 59.58
C SER A 60 -3.84 3.29 60.10
N PRO A 61 -4.01 4.19 61.10
CA PRO A 61 -5.38 4.58 61.57
C PRO A 61 -6.36 5.18 60.53
N GLY A 62 -5.88 5.66 59.39
CA GLY A 62 -6.60 6.30 58.26
C GLY A 62 -7.00 7.81 58.23
N TYR A 63 -6.66 8.58 59.25
CA TYR A 63 -6.96 10.00 59.31
C TYR A 63 -5.70 10.83 59.64
N GLN A 64 -5.80 12.15 59.55
CA GLN A 64 -4.68 13.08 59.72
C GLN A 64 -4.00 13.07 61.08
N GLY A 65 -4.61 12.44 62.06
CA GLY A 65 -4.01 12.31 63.38
C GLY A 65 -3.43 10.91 63.55
N GLY A 66 -3.36 10.16 62.46
CA GLY A 66 -2.92 8.76 62.46
C GLY A 66 -1.48 8.51 62.91
N PHE A 67 -0.49 9.18 62.31
CA PHE A 67 0.85 8.92 62.80
C PHE A 67 1.00 9.80 64.04
N LEU A 68 2.14 9.76 64.71
CA LEU A 68 2.39 10.48 65.99
C LEU A 68 1.59 9.82 67.13
N GLU A 69 0.31 9.56 66.94
CA GLU A 69 -0.49 8.82 67.92
C GLU A 69 0.19 7.48 68.13
N ARG A 70 0.75 6.94 67.06
CA ARG A 70 1.42 5.66 67.11
C ARG A 70 2.82 5.75 67.74
N VAL A 71 3.31 6.95 68.01
CA VAL A 71 4.62 7.14 68.61
C VAL A 71 4.37 7.17 70.12
N LYS A 72 3.23 7.77 70.52
CA LYS A 72 2.80 7.77 71.93
C LYS A 72 2.55 6.32 72.39
N GLU A 73 2.03 5.50 71.46
CA GLU A 73 1.79 4.07 71.62
C GLU A 73 3.12 3.37 71.38
N GLY A 74 3.25 2.12 71.81
CA GLY A 74 4.52 1.42 71.67
C GLY A 74 4.94 0.96 70.25
N THR A 75 5.23 1.91 69.36
CA THR A 75 5.74 1.62 68.01
C THR A 75 7.26 1.55 68.02
N TYR A 76 7.78 0.56 67.33
CA TYR A 76 9.21 0.32 67.22
C TYR A 76 9.85 1.19 66.17
N MET A 77 11.13 1.47 66.36
CA MET A 77 11.87 2.40 65.52
C MET A 77 11.96 2.07 64.05
N GLY A 78 11.89 0.81 63.68
CA GLY A 78 11.99 0.47 62.28
C GLY A 78 10.80 1.02 61.49
N HIS A 79 9.67 1.33 62.14
CA HIS A 79 8.47 1.89 61.48
C HIS A 79 8.52 3.41 61.44
N ILE A 80 9.44 4.02 62.17
CA ILE A 80 9.58 5.46 62.29
C ILE A 80 10.59 5.99 61.27
N VAL A 81 11.72 5.29 61.07
CA VAL A 81 12.72 5.79 60.11
C VAL A 81 12.10 5.85 58.71
N GLU A 82 11.06 5.07 58.53
CA GLU A 82 10.35 5.00 57.24
C GLU A 82 9.57 6.27 57.00
N HIS A 83 9.09 6.94 58.05
CA HIS A 83 8.22 8.13 57.88
C HIS A 83 9.16 9.34 57.86
N VAL A 84 10.39 9.18 58.36
CA VAL A 84 11.37 10.21 58.30
C VAL A 84 12.00 10.23 56.91
N ALA A 85 12.33 9.08 56.31
CA ALA A 85 12.88 9.12 54.97
C ALA A 85 11.90 9.74 53.99
N LEU A 86 10.60 9.44 54.13
CA LEU A 86 9.66 10.06 53.21
C LEU A 86 9.58 11.57 53.43
N GLU A 87 9.60 12.00 54.69
CA GLU A 87 9.47 13.42 55.01
C GLU A 87 10.69 14.22 54.58
N LEU A 88 11.88 13.66 54.71
CA LEU A 88 13.05 14.41 54.30
C LEU A 88 13.00 14.68 52.81
N GLN A 89 12.43 13.77 52.01
CA GLN A 89 12.32 14.03 50.59
C GLN A 89 11.23 15.10 50.31
N GLU A 90 10.14 15.06 51.07
CA GLU A 90 9.04 16.02 50.88
C GLU A 90 9.49 17.45 51.20
N LEU A 91 10.37 17.59 52.19
CA LEU A 91 10.88 18.89 52.61
C LEU A 91 11.71 19.62 51.56
N VAL A 92 12.15 18.91 50.53
CA VAL A 92 12.92 19.53 49.48
C VAL A 92 12.17 19.49 48.15
N GLY A 93 10.86 19.23 48.21
CA GLY A 93 10.02 19.26 47.02
C GLY A 93 9.88 17.97 46.21
N MET A 94 10.40 16.83 46.68
CA MET A 94 10.27 15.60 45.94
C MET A 94 9.15 14.84 46.57
N THR A 95 8.10 14.58 45.83
CA THR A 95 6.96 13.95 46.44
C THR A 95 6.99 12.46 46.36
N ALA A 96 6.87 11.84 47.52
CA ALA A 96 6.84 10.40 47.69
C ALA A 96 5.96 10.13 48.89
N GLY A 97 5.12 9.10 48.84
CA GLY A 97 4.25 8.83 49.98
C GLY A 97 4.09 7.36 50.36
N PHE A 98 4.43 6.47 49.47
CA PHE A 98 4.29 5.05 49.75
C PHE A 98 5.39 4.52 50.64
N GLY A 99 5.00 3.66 51.56
CA GLY A 99 5.97 2.94 52.35
C GLY A 99 5.33 1.85 53.18
N ARG A 100 6.15 0.86 53.52
CA ARG A 100 5.79 -0.33 54.30
C ARG A 100 6.92 -0.88 55.14
N THR A 101 6.57 -1.60 56.19
CA THR A 101 7.55 -2.33 56.98
C THR A 101 7.15 -3.79 57.23
N ARG A 102 8.15 -4.67 57.27
CA ARG A 102 7.99 -6.08 57.60
C ARG A 102 9.13 -6.63 58.44
N GLU A 103 8.83 -7.47 59.41
CA GLU A 103 9.93 -8.07 60.16
C GLU A 103 10.38 -9.34 59.44
N THR A 104 11.69 -9.51 59.36
CA THR A 104 12.32 -10.66 58.73
C THR A 104 13.39 -11.28 59.58
N SER A 105 14.03 -12.33 59.05
CA SER A 105 15.14 -13.01 59.71
C SER A 105 14.89 -13.30 61.16
N THR A 106 15.90 -13.03 61.98
CA THR A 106 15.76 -13.15 63.39
C THR A 106 15.04 -11.89 63.84
N PRO A 107 14.43 -11.88 65.03
CA PRO A 107 13.74 -10.72 65.53
C PRO A 107 14.67 -9.53 65.55
N GLY A 108 14.13 -8.37 65.20
CA GLY A 108 14.90 -7.14 65.17
C GLY A 108 15.35 -6.71 63.77
N VAL A 109 15.31 -7.59 62.77
CA VAL A 109 15.71 -7.15 61.43
C VAL A 109 14.48 -6.86 60.61
N TYR A 110 14.40 -5.67 60.06
CA TYR A 110 13.24 -5.26 59.30
C TYR A 110 13.52 -4.81 57.89
N ASN A 111 12.55 -5.05 57.02
CA ASN A 111 12.58 -4.49 55.69
C ASN A 111 11.78 -3.22 55.65
N VAL A 112 12.47 -2.13 55.35
CA VAL A 112 11.89 -0.81 55.28
C VAL A 112 11.78 -0.43 53.81
N VAL A 113 10.58 -0.23 53.34
CA VAL A 113 10.37 0.05 51.94
C VAL A 113 9.78 1.40 51.75
N TYR A 114 10.41 2.23 50.92
CA TYR A 114 9.84 3.55 50.66
C TYR A 114 10.03 4.00 49.22
N GLU A 115 9.15 4.87 48.79
CA GLU A 115 9.13 5.49 47.47
C GLU A 115 10.15 6.60 47.26
N TYR A 116 10.71 6.65 46.04
CA TYR A 116 11.66 7.70 45.67
C TYR A 116 11.30 8.34 44.35
N VAL A 117 11.82 9.54 44.14
CA VAL A 117 11.67 10.26 42.87
C VAL A 117 13.00 10.21 42.11
N ASP A 118 14.06 10.64 42.79
CA ASP A 118 15.43 10.57 42.31
C ASP A 118 16.15 9.49 43.06
N GLU A 119 16.85 8.65 42.33
CA GLU A 119 17.55 7.51 42.89
C GLU A 119 18.60 7.81 43.95
N GLN A 120 19.41 8.86 43.77
CA GLN A 120 20.47 9.07 44.74
C GLN A 120 19.93 9.83 45.91
N ALA A 121 18.97 10.70 45.65
CA ALA A 121 18.35 11.44 46.72
C ALA A 121 17.59 10.48 47.63
N GLY A 122 16.96 9.46 47.05
CA GLY A 122 16.21 8.47 47.79
C GLY A 122 17.11 7.71 48.73
N ARG A 123 18.23 7.19 48.23
CA ARG A 123 19.12 6.46 49.10
C ARG A 123 19.69 7.37 50.20
N TYR A 124 19.98 8.64 49.86
CA TYR A 124 20.52 9.59 50.81
C TYR A 124 19.55 9.81 51.96
N ALA A 125 18.26 10.04 51.63
CA ALA A 125 17.23 10.30 52.63
C ALA A 125 17.09 9.14 53.59
N GLY A 126 17.26 7.92 53.09
CA GLY A 126 17.18 6.74 53.94
C GLY A 126 18.27 6.76 54.99
N ARG A 127 19.50 6.98 54.57
CA ARG A 127 20.61 7.00 55.51
C ARG A 127 20.46 8.13 56.53
N ALA A 128 20.00 9.29 56.06
CA ALA A 128 19.79 10.43 56.91
C ALA A 128 18.72 10.17 57.95
N ALA A 129 17.63 9.47 57.58
CA ALA A 129 16.55 9.15 58.50
C ALA A 129 17.04 8.31 59.65
N VAL A 130 17.97 7.41 59.36
CA VAL A 130 18.52 6.57 60.40
C VAL A 130 19.35 7.40 61.35
N ARG A 131 20.20 8.30 60.85
CA ARG A 131 21.02 9.13 61.75
C ARG A 131 20.18 10.06 62.62
N LEU A 132 19.14 10.63 62.05
CA LEU A 132 18.31 11.54 62.82
C LEU A 132 17.63 10.79 63.94
N CYS A 133 17.05 9.64 63.61
CA CYS A 133 16.35 8.85 64.60
C CYS A 133 17.30 8.27 65.64
N ARG A 134 18.52 7.92 65.25
CA ARG A 134 19.41 7.37 66.24
C ARG A 134 19.84 8.42 67.25
N SER A 135 20.11 9.65 66.81
CA SER A 135 20.53 10.67 67.78
C SER A 135 19.42 10.95 68.78
N LEU A 136 18.18 10.94 68.34
CA LEU A 136 17.06 11.23 69.22
C LEU A 136 16.70 10.13 70.21
N VAL A 137 17.34 8.96 70.14
CA VAL A 137 17.01 7.88 71.08
C VAL A 137 18.22 7.66 71.99
N ASP A 138 19.14 8.62 71.89
CA ASP A 138 20.37 8.70 72.66
C ASP A 138 20.26 9.99 73.47
N THR A 139 20.18 11.11 72.76
CA THR A 139 19.97 12.42 73.34
C THR A 139 18.53 12.80 73.05
N GLY A 140 18.12 14.01 73.43
CA GLY A 140 16.71 14.38 73.22
C GLY A 140 16.43 15.30 72.03
N ASP A 141 17.45 15.59 71.23
CA ASP A 141 17.31 16.54 70.13
C ASP A 141 18.27 16.23 68.97
N TYR A 142 18.20 17.05 67.93
CA TYR A 142 19.05 16.90 66.74
C TYR A 142 19.41 18.33 66.31
N PRO A 143 20.70 18.69 66.18
CA PRO A 143 21.13 20.05 65.86
C PRO A 143 20.48 20.56 64.61
N ARG A 144 20.06 21.82 64.62
CA ARG A 144 19.40 22.36 63.44
C ARG A 144 20.33 22.38 62.24
N LEU A 145 21.60 22.64 62.46
CA LEU A 145 22.51 22.74 61.35
C LEU A 145 22.79 21.40 60.70
N GLU A 146 22.48 20.31 61.40
CA GLU A 146 22.72 18.98 60.89
C GLU A 146 21.48 18.51 60.14
N LEU A 147 20.44 19.33 60.14
CA LEU A 147 19.24 19.04 59.41
C LEU A 147 19.29 19.88 58.16
N GLU A 148 19.71 21.13 58.30
CA GLU A 148 19.74 22.02 57.14
C GLU A 148 20.79 21.57 56.15
N LYS A 149 21.95 21.06 56.60
CA LYS A 149 22.94 20.63 55.61
C LYS A 149 22.46 19.40 54.83
N ASP A 150 21.64 18.54 55.44
CA ASP A 150 21.17 17.36 54.75
C ASP A 150 20.11 17.75 53.75
N LEU A 151 19.29 18.72 54.11
CA LEU A 151 18.28 19.17 53.18
C LEU A 151 18.98 19.82 51.98
N GLU A 152 20.09 20.53 52.22
CA GLU A 152 20.83 21.12 51.11
C GLU A 152 21.40 20.04 50.18
N ASP A 153 21.91 18.93 50.74
CA ASP A 153 22.43 17.87 49.88
C ASP A 153 21.31 17.22 49.06
N LEU A 154 20.12 17.05 49.66
CA LEU A 154 19.05 16.47 48.88
C LEU A 154 18.64 17.38 47.74
N ARG A 155 18.62 18.71 47.97
CA ARG A 155 18.27 19.63 46.90
C ARG A 155 19.25 19.56 45.75
N ASP A 156 20.55 19.42 46.05
CA ASP A 156 21.50 19.32 44.95
C ASP A 156 21.38 18.00 44.21
N LEU A 157 21.17 16.89 44.93
CA LEU A 157 21.08 15.60 44.26
C LEU A 157 19.90 15.55 43.31
N GLY A 158 18.80 16.17 43.69
CA GLY A 158 17.63 16.16 42.84
C GLY A 158 17.68 17.18 41.70
N ALA A 159 18.71 18.02 41.68
CA ALA A 159 18.85 19.03 40.64
C ALA A 159 19.75 18.51 39.56
N ASN A 160 20.78 17.80 39.96
CA ASN A 160 21.79 17.29 39.06
C ASN A 160 21.25 16.27 38.06
N SER A 161 20.22 15.53 38.47
CA SER A 161 19.61 14.51 37.65
C SER A 161 18.44 14.98 36.81
N ALA A 162 18.07 16.25 36.91
CA ALA A 162 16.91 16.74 36.19
C ALA A 162 17.11 16.77 34.68
N LEU A 163 16.03 16.49 33.96
CA LEU A 163 16.03 16.61 32.50
C LEU A 163 15.76 18.07 32.18
N GLY A 164 16.28 18.58 31.08
CA GLY A 164 15.94 19.96 30.78
C GLY A 164 14.47 20.00 30.38
N PRO A 165 13.84 21.18 30.40
CA PRO A 165 12.43 21.42 30.12
C PRO A 165 11.94 21.04 28.73
N SER A 166 12.84 21.00 27.74
CA SER A 166 12.39 20.61 26.43
C SER A 166 12.25 19.11 26.34
N THR A 167 12.98 18.38 27.19
CA THR A 167 12.91 16.95 27.16
C THR A 167 11.78 16.52 28.05
N GLU A 168 11.52 17.30 29.10
CA GLU A 168 10.42 16.98 29.99
C GLU A 168 9.12 17.09 29.25
N THR A 169 9.02 18.07 28.36
CA THR A 169 7.84 18.32 27.56
C THR A 169 7.54 17.14 26.63
N ILE A 170 8.57 16.62 25.95
CA ILE A 170 8.36 15.48 25.05
C ILE A 170 8.06 14.21 25.82
N VAL A 171 8.79 13.96 26.90
CA VAL A 171 8.60 12.77 27.69
C VAL A 171 7.22 12.70 28.32
N THR A 172 6.69 13.80 28.82
CA THR A 172 5.38 13.82 29.42
C THR A 172 4.29 13.44 28.40
N GLU A 173 4.37 13.97 27.19
CA GLU A 173 3.39 13.61 26.17
C GLU A 173 3.56 12.14 25.77
N ALA A 174 4.80 11.66 25.70
CA ALA A 174 5.02 10.27 25.33
C ALA A 174 4.36 9.34 26.33
N GLU A 175 4.41 9.67 27.62
CA GLU A 175 3.77 8.85 28.63
C GLU A 175 2.25 8.84 28.49
N ALA A 176 1.66 9.98 28.15
CA ALA A 176 0.23 10.09 27.95
C ALA A 176 -0.27 9.16 26.83
N ARG A 177 0.56 8.96 25.83
CA ARG A 177 0.31 8.12 24.65
C ARG A 177 0.79 6.68 24.79
N LYS A 178 1.27 6.33 25.98
CA LYS A 178 1.80 5.01 26.30
C LYS A 178 3.02 4.57 25.49
N ILE A 179 3.95 5.48 25.23
CA ILE A 179 5.18 5.16 24.53
C ILE A 179 6.25 4.97 25.59
N PRO A 180 6.94 3.82 25.67
CA PRO A 180 7.95 3.56 26.66
C PRO A 180 9.17 4.42 26.42
N TRP A 181 9.89 4.82 27.48
CA TRP A 181 11.10 5.59 27.26
C TRP A 181 12.20 5.21 28.22
N MET A 182 13.44 5.41 27.78
CA MET A 182 14.66 5.08 28.50
C MET A 182 15.76 6.12 28.37
N LEU A 183 16.59 6.29 29.38
CA LEU A 183 17.76 7.13 29.16
C LEU A 183 18.88 6.26 28.65
N LEU A 184 19.71 6.80 27.77
CA LEU A 184 20.85 6.08 27.26
C LEU A 184 22.11 6.53 27.95
N SER A 185 23.11 5.68 27.92
CA SER A 185 24.41 5.91 28.53
C SER A 185 25.27 7.00 27.90
N ALA A 186 24.94 7.45 26.70
CA ALA A 186 25.78 8.44 26.07
C ALA A 186 25.04 9.65 25.59
N ARG A 187 25.73 10.77 25.72
CA ARG A 187 25.40 12.11 25.23
C ARG A 187 24.03 12.60 25.61
N ALA A 188 23.56 12.24 26.78
CA ALA A 188 22.25 12.66 27.26
C ALA A 188 21.10 12.34 26.29
N MET A 189 21.16 11.20 25.60
CA MET A 189 20.09 10.83 24.69
C MET A 189 19.01 10.01 25.36
N VAL A 190 17.79 10.11 24.81
CA VAL A 190 16.63 9.38 25.26
C VAL A 190 16.05 8.50 24.16
N GLN A 191 15.81 7.24 24.47
CA GLN A 191 15.20 6.32 23.52
C GLN A 191 13.70 6.20 23.74
N LEU A 192 12.95 6.24 22.66
CA LEU A 192 11.50 6.09 22.68
C LEU A 192 11.08 4.88 21.88
N GLY A 193 10.32 3.97 22.48
CA GLY A 193 9.86 2.76 21.80
C GLY A 193 10.83 1.58 21.94
N TYR A 194 10.41 0.39 21.48
CA TYR A 194 11.22 -0.85 21.56
C TYR A 194 11.60 -1.50 20.23
N GLY A 195 12.76 -2.16 20.21
CA GLY A 195 13.21 -2.96 19.08
C GLY A 195 13.31 -2.17 17.80
N VAL A 196 12.75 -2.72 16.74
CA VAL A 196 12.72 -2.07 15.43
C VAL A 196 11.92 -0.77 15.35
N TYR A 197 11.16 -0.39 16.37
CA TYR A 197 10.39 0.84 16.29
C TYR A 197 10.99 1.99 17.08
N GLN A 198 12.17 1.79 17.62
CA GLN A 198 12.78 2.82 18.42
C GLN A 198 13.19 4.08 17.67
N GLN A 199 13.07 5.21 18.36
CA GLN A 199 13.48 6.54 17.93
C GLN A 199 14.35 7.15 19.02
N ARG A 200 15.18 8.10 18.67
CA ARG A 200 15.98 8.79 19.68
C ARG A 200 15.82 10.28 19.61
N ILE A 201 15.90 10.93 20.76
CA ILE A 201 15.91 12.37 20.84
C ILE A 201 17.03 12.89 21.73
N GLN A 202 17.40 14.12 21.52
CA GLN A 202 18.33 14.84 22.38
C GLN A 202 17.82 16.25 22.44
N ALA A 203 17.21 16.65 23.53
CA ALA A 203 16.58 17.96 23.60
C ALA A 203 15.61 18.14 22.43
N THR A 204 15.89 19.10 21.54
CA THR A 204 15.06 19.45 20.40
C THR A 204 15.54 18.92 19.05
N LEU A 205 16.54 18.05 19.05
CA LEU A 205 17.02 17.35 17.85
C LEU A 205 16.52 15.93 17.90
N SER A 206 16.27 15.35 16.75
CA SER A 206 15.80 13.96 16.75
C SER A 206 16.45 13.13 15.69
N SER A 207 16.07 11.87 15.67
CA SER A 207 16.51 10.88 14.71
C SER A 207 16.12 11.21 13.26
N HIS A 208 15.24 12.20 13.06
CA HIS A 208 14.85 12.64 11.73
C HIS A 208 15.52 13.96 11.31
N SER A 209 16.40 14.50 12.13
CA SER A 209 17.05 15.77 11.82
C SER A 209 18.33 15.49 11.05
N GLY A 210 18.43 15.99 9.82
CA GLY A 210 19.59 15.72 9.00
C GLY A 210 20.73 16.64 9.30
N ILE A 211 21.94 16.17 9.06
CA ILE A 211 23.13 16.97 9.29
C ILE A 211 23.31 18.11 8.31
N LEU A 212 22.93 17.94 7.06
CA LEU A 212 23.16 19.01 6.12
C LEU A 212 22.28 20.19 6.42
N GLY A 213 21.02 19.94 6.83
CA GLY A 213 20.08 20.99 7.18
C GLY A 213 20.54 21.74 8.42
N VAL A 214 21.00 20.99 9.42
CA VAL A 214 21.45 21.59 10.66
C VAL A 214 22.69 22.42 10.46
N GLU A 215 23.67 21.94 9.69
CA GLU A 215 24.85 22.74 9.44
C GLU A 215 24.57 23.97 8.58
N LEU A 216 23.69 23.87 7.58
CA LEU A 216 23.37 25.03 6.76
C LEU A 216 22.71 26.11 7.58
N ALA A 217 21.83 25.73 8.49
CA ALA A 217 21.11 26.66 9.36
C ALA A 217 22.02 27.40 10.33
N CYS A 218 23.25 26.93 10.54
CA CYS A 218 24.16 27.54 11.48
C CYS A 218 25.15 28.47 10.77
N ASP A 219 25.08 28.48 9.45
CA ASP A 219 25.93 29.28 8.59
C ASP A 219 25.13 30.47 8.12
N LYS A 220 25.31 31.61 8.74
CA LYS A 220 24.43 32.72 8.41
C LYS A 220 24.54 33.19 6.98
N GLU A 221 25.73 33.16 6.41
CA GLU A 221 25.91 33.63 5.05
C GLU A 221 25.38 32.60 4.06
N GLY A 222 25.55 31.33 4.38
CA GLY A 222 25.06 30.26 3.55
C GLY A 222 23.55 30.27 3.51
N THR A 223 22.91 30.47 4.67
CA THR A 223 21.48 30.50 4.77
C THR A 223 20.90 31.63 3.96
N LYS A 224 21.49 32.82 4.07
CA LYS A 224 21.00 33.97 3.33
C LYS A 224 21.07 33.76 1.84
N THR A 225 22.17 33.19 1.34
CA THR A 225 22.33 32.95 -0.09
C THR A 225 21.29 31.99 -0.63
N ILE A 226 21.06 30.89 0.08
CA ILE A 226 20.09 29.90 -0.34
C ILE A 226 18.69 30.46 -0.36
N LEU A 227 18.32 31.23 0.64
CA LEU A 227 16.99 31.76 0.64
C LEU A 227 16.75 32.85 -0.37
N GLN A 228 17.71 33.74 -0.61
CA GLN A 228 17.38 34.77 -1.58
C GLN A 228 17.31 34.23 -3.00
N ASP A 229 17.97 33.12 -3.28
CA ASP A 229 17.90 32.48 -4.58
C ASP A 229 16.53 31.82 -4.82
N ALA A 230 15.76 31.63 -3.75
CA ALA A 230 14.47 30.99 -3.79
C ALA A 230 13.36 32.04 -3.81
N GLY A 231 13.74 33.32 -3.84
CA GLY A 231 12.77 34.40 -3.82
C GLY A 231 12.21 34.76 -2.44
N ILE A 232 12.93 34.43 -1.37
CA ILE A 232 12.48 34.70 -0.01
C ILE A 232 13.09 36.02 0.51
N PRO A 233 12.31 36.98 1.06
CA PRO A 233 12.81 38.27 1.56
C PRO A 233 13.71 38.16 2.78
N VAL A 234 14.91 38.70 2.64
CA VAL A 234 15.93 38.68 3.67
C VAL A 234 16.50 40.09 3.74
N PRO A 235 17.19 40.52 4.81
CA PRO A 235 17.82 41.81 4.92
C PRO A 235 18.90 42.07 3.89
N ARG A 236 19.02 43.31 3.47
CA ARG A 236 20.09 43.75 2.58
C ARG A 236 21.36 43.98 3.39
N GLY A 237 22.51 43.49 2.96
CA GLY A 237 23.73 43.71 3.74
C GLY A 237 25.00 43.07 3.18
N THR A 238 26.13 43.42 3.80
CA THR A 238 27.48 42.98 3.37
C THR A 238 28.48 42.47 4.42
N THR A 239 29.69 42.14 3.99
CA THR A 239 30.71 41.70 4.95
C THR A 239 32.04 42.44 4.80
N ILE A 240 32.72 42.62 5.93
CA ILE A 240 34.05 43.24 6.01
C ILE A 240 35.00 42.36 6.83
N GLN A 241 36.22 42.04 6.37
CA GLN A 241 37.12 41.24 7.23
C GLN A 241 37.92 42.07 8.23
N TYR A 242 37.18 42.73 9.10
CA TYR A 242 37.69 43.59 10.15
C TYR A 242 38.69 44.64 9.70
N PHE A 243 38.35 45.32 8.63
CA PHE A 243 39.11 46.42 8.11
C PHE A 243 38.26 47.61 8.43
N ASP A 244 38.81 48.79 8.55
CA ASP A 244 37.92 49.91 8.85
C ASP A 244 37.28 50.39 7.54
N ASP A 245 36.36 49.57 7.02
CA ASP A 245 35.63 49.79 5.76
C ASP A 245 34.17 50.15 5.97
N LEU A 246 33.75 50.41 7.21
CA LEU A 246 32.34 50.71 7.44
C LEU A 246 31.87 51.93 6.71
N GLU A 247 32.73 52.92 6.57
CA GLU A 247 32.33 54.14 5.92
C GLU A 247 31.90 53.89 4.49
N GLU A 248 32.38 52.80 3.87
CA GLU A 248 31.99 52.50 2.52
C GLU A 248 30.82 51.53 2.51
N ALA A 249 30.82 50.56 3.43
CA ALA A 249 29.79 49.51 3.44
C ALA A 249 28.39 50.08 3.60
N ILE A 250 28.29 51.15 4.36
CA ILE A 250 27.03 51.81 4.62
C ILE A 250 26.39 52.32 3.30
N ASN A 251 27.23 52.58 2.29
CA ASN A 251 26.76 53.06 0.99
C ASN A 251 26.06 51.97 0.18
N ASP A 252 26.39 50.69 0.40
CA ASP A 252 25.77 49.64 -0.38
C ASP A 252 24.43 49.30 0.21
N VAL A 253 24.37 49.44 1.52
CA VAL A 253 23.16 49.22 2.25
C VAL A 253 22.15 50.32 1.95
N GLY A 254 22.61 51.56 1.80
CA GLY A 254 21.71 52.64 1.44
C GLY A 254 21.49 53.72 2.48
N GLY A 255 22.34 53.80 3.49
CA GLY A 255 22.17 54.86 4.48
C GLY A 255 22.50 54.42 5.88
N TYR A 256 22.50 55.36 6.83
CA TYR A 256 23.00 55.02 8.19
C TYR A 256 22.13 54.09 9.07
N PRO A 257 20.80 53.93 8.91
CA PRO A 257 20.08 53.09 9.84
C PRO A 257 20.53 51.68 9.52
N VAL A 258 21.58 51.25 10.19
CA VAL A 258 22.20 49.95 9.96
C VAL A 258 22.39 49.15 11.23
N VAL A 259 22.62 47.87 11.02
CA VAL A 259 22.88 46.92 12.10
C VAL A 259 24.29 46.36 11.95
N ILE A 260 25.04 46.39 13.05
CA ILE A 260 26.40 45.85 13.08
C ILE A 260 26.50 44.67 14.03
N LYS A 261 26.78 43.49 13.49
CA LYS A 261 26.88 42.29 14.28
C LYS A 261 28.32 41.85 14.30
N PRO A 262 28.73 41.00 15.25
CA PRO A 262 30.04 40.40 15.31
C PRO A 262 30.01 39.57 14.10
N LEU A 263 31.14 39.19 13.56
CA LEU A 263 31.04 38.46 12.32
C LEU A 263 30.83 36.97 12.53
N ASP A 264 30.68 36.54 13.78
CA ASP A 264 30.42 35.16 14.14
C ASP A 264 29.59 35.20 15.43
N GLY A 265 29.19 34.06 15.95
CA GLY A 265 28.38 34.08 17.16
C GLY A 265 29.16 33.91 18.45
N ASN A 266 28.58 34.41 19.54
CA ASN A 266 29.11 34.23 20.88
C ASN A 266 27.94 34.57 21.76
N HIS A 267 26.90 33.78 21.61
CA HIS A 267 25.62 34.05 22.21
C HIS A 267 25.13 35.35 21.58
N GLY A 268 24.11 35.97 22.19
CA GLY A 268 23.53 37.23 21.72
C GLY A 268 24.35 38.41 22.19
N ARG A 269 25.59 38.47 21.75
CA ARG A 269 26.51 39.49 22.24
C ARG A 269 27.22 40.24 21.14
N GLY A 270 27.53 41.50 21.42
CA GLY A 270 28.30 42.35 20.51
C GLY A 270 27.50 42.96 19.37
N ILE A 271 26.19 43.10 19.55
CA ILE A 271 25.33 43.62 18.49
C ILE A 271 24.73 44.99 18.72
N THR A 272 24.91 45.88 17.75
CA THR A 272 24.30 47.20 17.81
C THR A 272 23.17 47.24 16.79
N ILE A 273 21.96 47.52 17.28
CA ILE A 273 20.74 47.48 16.47
C ILE A 273 20.42 48.68 15.61
N ASN A 274 20.56 49.89 16.08
CA ASN A 274 20.18 50.98 15.19
C ASN A 274 21.21 52.07 15.25
N VAL A 275 22.12 52.02 14.29
CA VAL A 275 23.21 52.97 14.19
C VAL A 275 22.63 54.10 13.37
N ARG A 276 22.91 55.34 13.75
CA ARG A 276 22.39 56.49 13.02
C ARG A 276 23.52 57.44 12.68
N HIS A 277 24.64 57.35 13.41
CA HIS A 277 25.76 58.25 13.19
C HIS A 277 27.09 57.55 13.02
N TRP A 278 28.05 58.24 12.41
CA TRP A 278 29.37 57.68 12.18
C TRP A 278 30.10 57.30 13.46
N GLN A 279 29.96 58.12 14.47
CA GLN A 279 30.68 57.86 15.70
C GLN A 279 30.11 56.61 16.38
N GLU A 280 28.80 56.40 16.21
CA GLU A 280 28.14 55.23 16.75
C GLU A 280 28.62 54.00 16.00
N ALA A 281 28.81 54.15 14.68
CA ALA A 281 29.29 53.06 13.85
C ALA A 281 30.67 52.63 14.30
N ILE A 282 31.50 53.59 14.70
CA ILE A 282 32.83 53.26 15.17
C ILE A 282 32.76 52.50 16.48
N ALA A 283 31.94 52.95 17.41
CA ALA A 283 31.85 52.24 18.66
C ALA A 283 31.33 50.81 18.45
N ALA A 284 30.36 50.67 17.54
CA ALA A 284 29.77 49.38 17.21
C ALA A 284 30.81 48.47 16.62
N TYR A 285 31.71 49.03 15.81
CA TYR A 285 32.76 48.26 15.20
C TYR A 285 33.67 47.67 16.23
N ASP A 286 34.15 48.51 17.16
CA ASP A 286 35.13 48.03 18.13
C ASP A 286 34.56 46.90 18.96
N LEU A 287 33.27 46.96 19.26
CA LEU A 287 32.65 45.88 20.00
C LEU A 287 32.48 44.63 19.11
N ALA A 288 32.01 44.79 17.87
CA ALA A 288 31.79 43.65 16.98
C ALA A 288 33.11 42.93 16.71
N ALA A 289 34.19 43.71 16.65
CA ALA A 289 35.56 43.31 16.35
C ALA A 289 36.15 42.33 17.35
N GLU A 290 35.52 42.17 18.51
CA GLU A 290 36.00 41.23 19.50
C GLU A 290 35.92 39.75 19.05
N GLU A 291 34.99 39.41 18.15
CA GLU A 291 34.81 37.99 17.75
C GLU A 291 35.53 37.61 16.44
N SER A 292 35.46 36.33 16.06
CA SER A 292 36.08 35.79 14.83
C SER A 292 35.45 36.38 13.56
N LYS A 293 36.18 36.35 12.44
CA LYS A 293 35.70 36.99 11.20
C LYS A 293 34.99 36.14 10.12
N ILE A 297 27.00 39.13 8.80
CA ILE A 297 26.99 40.50 8.29
C ILE A 297 27.28 41.66 9.22
N ILE A 298 28.02 42.66 8.72
CA ILE A 298 28.45 43.79 9.59
C ILE A 298 27.59 45.07 9.45
N VAL A 299 27.11 45.32 8.23
CA VAL A 299 26.28 46.53 7.94
C VAL A 299 25.05 46.05 7.18
N GLU A 300 23.99 45.72 7.90
CA GLU A 300 22.74 45.29 7.26
C GLU A 300 21.87 46.49 7.34
N ARG A 301 20.90 46.56 6.47
CA ARG A 301 19.90 47.60 6.61
C ARG A 301 19.08 47.29 7.87
N TYR A 302 18.72 48.32 8.61
CA TYR A 302 17.83 48.19 9.75
C TYR A 302 16.37 48.23 9.30
N TYR A 303 15.56 47.28 9.76
CA TYR A 303 14.14 47.23 9.43
C TYR A 303 13.29 47.47 10.66
N GLU A 304 12.16 48.14 10.50
CA GLU A 304 11.27 48.36 11.64
C GLU A 304 10.26 47.24 11.81
N GLY A 305 9.85 47.00 13.05
CA GLY A 305 8.83 46.00 13.33
C GLY A 305 9.10 45.28 14.62
N SER A 306 8.29 44.28 14.92
CA SER A 306 8.42 43.51 16.14
C SER A 306 9.11 42.22 15.81
N ASP A 307 9.66 41.58 16.82
CA ASP A 307 10.34 40.31 16.70
C ASP A 307 9.42 39.11 16.94
N HIS A 308 9.11 38.36 15.88
CA HIS A 308 8.20 37.23 15.97
C HIS A 308 8.92 35.91 15.78
N ARG A 309 8.57 34.93 16.59
CA ARG A 309 9.09 33.58 16.46
C ARG A 309 8.05 32.62 15.96
N VAL A 310 8.37 31.96 14.86
CA VAL A 310 7.47 31.01 14.24
C VAL A 310 8.02 29.59 14.34
N LEU A 311 7.23 28.67 14.87
CA LEU A 311 7.64 27.27 15.01
C LEU A 311 6.97 26.36 13.97
N VAL A 312 7.79 25.67 13.18
CA VAL A 312 7.37 24.75 12.11
C VAL A 312 7.91 23.33 12.46
N VAL A 313 7.06 22.30 12.46
CA VAL A 313 7.52 20.95 12.87
C VAL A 313 7.69 19.89 11.78
N ASN A 314 6.79 19.74 10.86
CA ASN A 314 7.06 18.73 9.84
C ASN A 314 6.62 19.29 8.52
N GLY A 315 7.12 20.47 8.23
CA GLY A 315 6.73 21.21 7.05
C GLY A 315 5.37 21.86 7.25
N LYS A 316 4.95 21.94 8.51
CA LYS A 316 3.68 22.51 8.93
C LYS A 316 3.81 23.41 10.13
N LEU A 317 3.12 24.54 10.09
CA LEU A 317 3.12 25.51 11.18
C LEU A 317 2.44 25.04 12.46
N VAL A 318 3.11 25.21 13.59
CA VAL A 318 2.60 24.86 14.91
C VAL A 318 2.27 26.06 15.79
N ALA A 319 3.18 27.03 15.90
CA ALA A 319 2.92 28.15 16.81
C ALA A 319 3.62 29.45 16.43
N VAL A 320 3.02 30.59 16.81
CA VAL A 320 3.64 31.90 16.59
C VAL A 320 3.64 32.74 17.86
N ALA A 321 4.77 33.34 18.23
CA ALA A 321 4.82 34.21 19.42
C ALA A 321 5.55 35.51 19.17
N GLU A 322 5.01 36.59 19.71
CA GLU A 322 5.62 37.90 19.64
C GLU A 322 6.46 38.19 20.85
N ARG A 323 7.70 38.57 20.64
CA ARG A 323 8.60 38.80 21.75
C ARG A 323 8.97 40.25 21.94
N ILE A 324 8.90 40.69 23.19
CA ILE A 324 9.19 42.06 23.58
C ILE A 324 10.24 42.09 24.71
N PRO A 325 11.29 42.93 24.64
CA PRO A 325 12.34 43.08 25.65
C PRO A 325 11.85 43.72 26.92
N ALA A 326 12.58 43.49 28.01
CA ALA A 326 12.27 44.04 29.33
C ALA A 326 12.10 45.54 29.25
N HIS A 327 11.05 46.03 29.88
CA HIS A 327 10.74 47.44 29.84
C HIS A 327 9.86 47.89 30.98
N VAL A 328 9.79 49.21 31.14
CA VAL A 328 8.85 49.85 32.06
C VAL A 328 8.11 50.94 31.31
N THR A 329 6.97 51.36 31.80
CA THR A 329 6.29 52.44 31.13
C THR A 329 5.81 53.54 32.05
N GLY A 330 5.31 54.61 31.45
CA GLY A 330 4.79 55.79 32.13
C GLY A 330 3.44 55.54 32.79
N ASP A 331 3.47 54.63 33.76
CA ASP A 331 2.36 54.16 34.57
C ASP A 331 2.23 55.14 35.72
N GLY A 332 1.83 56.35 35.37
CA GLY A 332 1.75 57.43 36.33
C GLY A 332 3.07 58.22 36.33
N SER A 333 3.10 59.36 37.02
CA SER A 333 4.27 60.23 37.02
C SER A 333 5.34 59.81 38.03
N SER A 334 5.92 58.64 37.78
CA SER A 334 6.95 58.02 38.61
C SER A 334 8.28 57.97 37.87
N THR A 335 9.39 57.77 38.61
CA THR A 335 10.69 57.67 37.97
C THR A 335 10.93 56.28 37.46
N ILE A 336 11.95 56.12 36.64
CA ILE A 336 12.31 54.78 36.16
C ILE A 336 12.72 53.89 37.31
N SER A 337 13.51 54.37 38.26
CA SER A 337 13.88 53.47 39.35
C SER A 337 12.68 53.01 40.16
N GLU A 338 11.67 53.87 40.32
CA GLU A 338 10.46 53.52 41.05
C GLU A 338 9.63 52.52 40.28
N LEU A 339 9.55 52.70 38.96
CA LEU A 339 8.79 51.82 38.11
C LEU A 339 9.38 50.45 38.06
N ILE A 340 10.70 50.35 38.08
CA ILE A 340 11.30 49.02 38.06
C ILE A 340 10.96 48.32 39.35
N GLU A 341 11.06 49.00 40.50
CA GLU A 341 10.73 48.32 41.75
C GLU A 341 9.26 47.96 41.82
N LYS A 342 8.38 48.79 41.26
CA LYS A 342 6.95 48.52 41.23
C LYS A 342 6.60 47.24 40.47
N THR A 343 7.18 47.05 39.28
CA THR A 343 6.80 45.89 38.47
C THR A 343 7.60 44.65 38.80
N ASN A 344 8.73 44.79 39.46
CA ASN A 344 9.56 43.64 39.73
C ASN A 344 9.04 42.88 40.96
N GLN A 345 7.94 43.38 41.55
CA GLN A 345 7.23 42.77 42.68
C GLN A 345 6.08 41.90 42.23
N ASP A 346 5.82 41.84 40.92
CA ASP A 346 4.74 41.06 40.36
C ASP A 346 4.92 39.59 40.73
N PRO A 347 3.89 38.88 41.25
CA PRO A 347 3.91 37.50 41.69
C PRO A 347 4.26 36.49 40.60
N ASN A 348 4.23 36.91 39.34
CA ASN A 348 4.54 36.03 38.24
C ASN A 348 6.01 36.11 37.87
N ARG A 349 6.79 36.90 38.61
CA ARG A 349 8.20 37.02 38.33
C ARG A 349 9.10 36.44 39.39
N GLY A 350 10.11 35.73 38.95
CA GLY A 350 11.14 35.22 39.85
C GLY A 350 11.93 34.05 39.31
N ASP A 351 13.19 33.98 39.74
CA ASP A 351 14.13 32.92 39.43
C ASP A 351 14.15 32.54 37.94
N GLY A 352 13.85 31.27 37.59
CA GLY A 352 13.89 30.91 36.16
C GLY A 352 13.46 29.47 35.93
N HIS A 353 12.38 29.33 35.16
CA HIS A 353 11.61 28.09 34.88
C HIS A 353 10.84 27.65 36.13
N ASP A 354 10.80 28.53 37.10
CA ASP A 354 10.08 28.41 38.36
C ASP A 354 8.73 29.10 38.27
N ASN A 355 8.67 30.10 37.39
CA ASN A 355 7.53 30.96 37.23
C ASN A 355 7.47 31.36 35.76
N ILE A 356 6.49 32.15 35.39
CA ILE A 356 6.36 32.53 33.99
C ILE A 356 7.42 33.55 33.56
N LEU A 357 7.62 34.57 34.37
CA LEU A 357 8.55 35.64 34.09
C LEU A 357 9.72 35.65 35.05
N THR A 358 10.79 36.33 34.68
CA THR A 358 11.90 36.50 35.62
C THR A 358 11.98 37.95 36.02
N LYS A 359 12.96 38.25 36.86
CA LYS A 359 13.19 39.59 37.38
C LYS A 359 13.96 40.49 36.44
N ILE A 360 13.66 41.77 36.52
CA ILE A 360 14.38 42.79 35.79
C ILE A 360 15.56 43.24 36.62
N VAL A 361 16.73 43.18 36.03
CA VAL A 361 17.94 43.55 36.71
C VAL A 361 18.59 44.78 36.09
N VAL A 362 18.89 45.75 36.93
CA VAL A 362 19.58 46.92 36.48
C VAL A 362 21.07 46.67 36.66
N ASN A 363 21.78 46.88 35.58
CA ASN A 363 23.20 46.67 35.45
C ASN A 363 23.71 47.71 34.48
N LYS A 364 25.00 47.71 34.19
CA LYS A 364 25.58 48.70 33.29
C LYS A 364 24.98 48.65 31.90
N THR A 365 24.45 47.48 31.50
CA THR A 365 23.89 47.33 30.19
C THR A 365 22.48 47.91 30.13
N ALA A 366 21.81 48.02 31.28
CA ALA A 366 20.49 48.62 31.30
C ALA A 366 20.67 50.11 31.20
N ILE A 367 21.75 50.58 31.81
CA ILE A 367 22.02 51.99 31.83
C ILE A 367 22.39 52.41 30.44
N ASP A 368 23.23 51.62 29.77
CA ASP A 368 23.66 51.92 28.40
C ASP A 368 22.45 51.97 27.44
N VAL A 369 21.51 51.01 27.58
CA VAL A 369 20.33 51.01 26.73
C VAL A 369 19.48 52.25 27.00
N MET A 370 19.28 52.63 28.27
CA MET A 370 18.52 53.84 28.59
C MET A 370 19.18 55.13 28.13
N GLU A 371 20.51 55.22 28.19
CA GLU A 371 21.17 56.45 27.76
C GLU A 371 20.86 56.76 26.31
N ARG A 372 20.81 55.73 25.48
CA ARG A 372 20.52 55.91 24.06
C ARG A 372 19.11 56.44 23.79
N GLN A 373 18.22 56.29 24.76
CA GLN A 373 16.83 56.70 24.64
C GLN A 373 16.62 58.09 25.27
N GLY A 374 17.67 58.66 25.86
CA GLY A 374 17.58 59.94 26.54
C GLY A 374 17.10 59.86 28.00
N TYR A 375 17.24 58.69 28.65
CA TYR A 375 16.77 58.53 30.02
C TYR A 375 17.78 57.93 30.97
N ASN A 376 17.54 58.11 32.26
CA ASN A 376 18.32 57.46 33.30
C ASN A 376 17.36 57.16 34.44
N LEU A 377 17.87 56.56 35.50
CA LEU A 377 17.03 56.09 36.59
C LEU A 377 16.22 57.14 37.32
N ASP A 378 16.66 58.40 37.34
CA ASP A 378 15.93 59.39 38.11
C ASP A 378 14.92 60.17 37.28
N SER A 379 14.78 59.84 36.01
CA SER A 379 13.86 60.56 35.15
C SER A 379 12.42 60.10 35.30
N VAL A 380 11.50 61.05 35.28
CA VAL A 380 10.07 60.77 35.34
C VAL A 380 9.50 60.63 33.95
N LEU A 381 8.78 59.54 33.71
CA LEU A 381 8.28 59.35 32.37
C LEU A 381 6.94 60.05 32.14
N PRO A 382 6.70 60.58 30.93
CA PRO A 382 5.44 61.08 30.45
C PRO A 382 4.45 59.95 30.40
N LYS A 383 3.18 60.27 30.55
CA LYS A 383 2.18 59.22 30.49
C LYS A 383 2.31 58.41 29.22
N ASP A 384 2.29 57.08 29.40
CA ASP A 384 2.36 56.04 28.35
C ASP A 384 3.68 55.95 27.57
N GLU A 385 4.73 56.60 28.04
CA GLU A 385 6.06 56.47 27.43
C GLU A 385 6.66 55.09 27.74
N VAL A 386 7.31 54.44 26.77
CA VAL A 386 7.93 53.15 27.06
C VAL A 386 9.44 53.18 26.95
N VAL A 387 10.09 52.73 28.00
CA VAL A 387 11.54 52.67 28.05
C VAL A 387 12.03 51.25 28.16
N TYR A 388 12.93 50.91 27.26
CA TYR A 388 13.47 49.57 27.22
C TYR A 388 14.72 49.46 28.04
N LEU A 389 14.86 48.36 28.75
CA LEU A 389 16.02 48.12 29.58
C LEU A 389 16.99 47.10 28.98
N ARG A 390 16.63 46.55 27.82
CA ARG A 390 17.40 45.55 27.11
C ARG A 390 17.34 45.77 25.61
N ALA A 391 18.42 45.43 24.93
CA ALA A 391 18.48 45.53 23.47
C ALA A 391 17.66 44.46 22.73
N THR A 392 17.55 43.26 23.29
CA THR A 392 16.85 42.17 22.63
C THR A 392 15.84 41.51 23.55
N ALA A 393 14.85 40.83 22.96
CA ALA A 393 13.87 40.12 23.74
C ALA A 393 14.33 38.76 24.18
N ASN A 394 13.99 38.40 25.40
CA ASN A 394 14.29 37.09 25.93
C ASN A 394 13.55 36.93 27.25
N LEU A 395 12.83 35.82 27.43
CA LEU A 395 12.11 35.62 28.68
C LEU A 395 13.05 35.55 29.86
N SER A 396 14.25 35.01 29.64
CA SER A 396 15.24 34.83 30.70
C SER A 396 15.85 36.13 31.19
N THR A 397 15.62 37.24 30.48
CA THR A 397 16.18 38.51 30.89
C THR A 397 15.09 39.45 31.35
N GLY A 398 13.85 38.95 31.48
CA GLY A 398 12.77 39.79 31.94
C GLY A 398 11.78 40.29 30.89
N GLY A 399 11.84 39.76 29.66
CA GLY A 399 10.92 40.18 28.61
C GLY A 399 9.63 39.38 28.68
N ILE A 400 8.79 39.55 27.67
CA ILE A 400 7.49 38.89 27.60
C ILE A 400 7.27 38.18 26.26
N ALA A 401 6.28 37.28 26.22
CA ALA A 401 5.93 36.57 24.99
C ALA A 401 4.43 36.46 24.87
N ILE A 402 3.92 36.88 23.73
CA ILE A 402 2.51 36.90 23.44
C ILE A 402 2.11 35.94 22.34
N ASP A 403 1.15 35.06 22.61
CA ASP A 403 0.70 34.13 21.58
C ASP A 403 -0.06 34.84 20.47
N ARG A 404 0.36 34.66 19.22
CA ARG A 404 -0.26 35.26 18.05
C ARG A 404 -0.56 34.20 17.02
N THR A 405 -0.77 32.97 17.46
CA THR A 405 -0.89 31.86 16.52
C THR A 405 -2.07 31.96 15.60
N ASP A 406 -3.17 32.49 16.07
CA ASP A 406 -4.37 32.55 15.27
C ASP A 406 -4.50 33.83 14.46
N ASP A 407 -3.51 34.72 14.53
CA ASP A 407 -3.55 36.00 13.84
C ASP A 407 -2.69 36.07 12.57
N ILE A 408 -2.09 34.97 12.18
CA ILE A 408 -1.18 34.96 11.05
C ILE A 408 -1.91 34.73 9.72
N HIS A 409 -1.60 35.60 8.76
CA HIS A 409 -2.17 35.58 7.42
C HIS A 409 -1.84 34.29 6.65
N PRO A 410 -2.76 33.68 5.88
CA PRO A 410 -2.57 32.50 5.05
C PRO A 410 -1.37 32.53 4.08
N GLU A 411 -1.00 33.71 3.59
CA GLU A 411 0.12 33.77 2.70
C GLU A 411 1.41 33.67 3.48
N ASN A 412 1.41 34.23 4.70
CA ASN A 412 2.58 34.18 5.53
C ASN A 412 2.78 32.76 6.02
N ILE A 413 1.69 32.01 6.19
CA ILE A 413 1.83 30.63 6.62
C ILE A 413 2.54 29.83 5.54
N TRP A 414 2.12 30.03 4.29
CA TRP A 414 2.74 29.37 3.15
C TRP A 414 4.22 29.67 3.03
N LEU A 415 4.59 30.93 3.19
CA LEU A 415 5.99 31.30 3.10
C LEU A 415 6.84 30.66 4.18
N MET A 416 6.37 30.59 5.43
CA MET A 416 7.16 30.00 6.50
C MET A 416 7.43 28.52 6.30
N GLU A 417 6.44 27.81 5.80
CA GLU A 417 6.61 26.40 5.55
C GLU A 417 7.60 26.17 4.42
N ARG A 418 7.58 27.04 3.41
CA ARG A 418 8.50 26.94 2.29
C ARG A 418 9.93 27.18 2.77
N VAL A 419 10.15 28.11 3.71
CA VAL A 419 11.50 28.39 4.25
C VAL A 419 12.08 27.17 4.92
N ALA A 420 11.30 26.48 5.76
CA ALA A 420 11.79 25.31 6.46
C ALA A 420 12.21 24.19 5.50
N LYS A 421 11.45 24.01 4.42
CA LYS A 421 11.73 22.98 3.42
C LYS A 421 12.95 23.31 2.57
N VAL A 422 13.16 24.58 2.24
CA VAL A 422 14.32 25.01 1.48
C VAL A 422 15.61 24.75 2.24
N ILE A 423 15.64 25.05 3.54
CA ILE A 423 16.82 24.78 4.35
C ILE A 423 16.98 23.29 4.61
N GLY A 424 15.90 22.57 4.89
CA GLY A 424 16.00 21.15 5.13
C GLY A 424 15.88 20.74 6.58
N LEU A 425 15.15 21.51 7.40
CA LEU A 425 14.97 21.17 8.80
C LEU A 425 13.63 20.55 9.10
N ASP A 426 13.55 19.60 10.05
CA ASP A 426 12.25 19.08 10.45
C ASP A 426 11.65 20.03 11.49
N ILE A 427 12.35 20.22 12.59
CA ILE A 427 11.87 21.15 13.60
C ILE A 427 12.68 22.42 13.48
N ALA A 428 12.01 23.54 13.23
CA ALA A 428 12.73 24.78 13.04
C ALA A 428 12.06 25.99 13.61
N GLY A 429 12.88 26.90 14.12
CA GLY A 429 12.39 28.19 14.54
C GLY A 429 12.75 29.23 13.52
N ILE A 430 11.84 30.11 13.19
CA ILE A 430 12.11 31.15 12.22
C ILE A 430 11.90 32.53 12.86
N ASP A 431 12.92 33.38 12.75
CA ASP A 431 12.89 34.75 13.28
C ASP A 431 12.47 35.74 12.21
N VAL A 432 11.34 36.39 12.43
CA VAL A 432 10.72 37.32 11.51
C VAL A 432 10.55 38.73 12.08
N VAL A 433 10.93 39.74 11.31
CA VAL A 433 10.72 41.11 11.74
C VAL A 433 9.66 41.76 10.89
N THR A 434 8.58 42.14 11.54
CA THR A 434 7.43 42.73 10.86
C THR A 434 6.61 43.59 11.78
N SER A 435 5.98 44.59 11.20
CA SER A 435 5.09 45.43 11.96
C SER A 435 3.70 44.84 12.15
N ASP A 436 3.31 43.89 11.30
CA ASP A 436 1.97 43.31 11.38
C ASP A 436 1.91 41.89 10.81
N ILE A 437 1.83 40.89 11.67
CA ILE A 437 1.86 39.48 11.26
C ILE A 437 0.56 39.06 10.52
N SER A 438 -0.46 39.92 10.58
CA SER A 438 -1.76 39.67 9.97
C SER A 438 -1.85 40.15 8.53
N LYS A 439 -0.78 40.76 8.03
CA LYS A 439 -0.71 41.23 6.66
C LYS A 439 0.46 40.51 5.99
N PRO A 440 0.49 40.33 4.66
CA PRO A 440 1.59 39.74 3.95
C PRO A 440 2.90 40.49 4.19
N LEU A 441 4.01 39.75 4.27
CA LEU A 441 5.29 40.43 4.51
C LEU A 441 5.65 41.39 3.40
N ARG A 442 5.19 41.16 2.17
CA ARG A 442 5.54 42.08 1.10
C ARG A 442 4.87 43.44 1.23
N GLU A 443 3.79 43.53 2.01
CA GLU A 443 3.03 44.77 2.14
C GLU A 443 3.50 45.59 3.31
N THR A 444 4.03 44.93 4.32
CA THR A 444 4.52 45.58 5.53
C THR A 444 6.02 45.81 5.46
N ASN A 445 6.62 45.37 4.36
CA ASN A 445 8.05 45.40 4.10
C ASN A 445 8.85 44.65 5.18
N GLY A 446 8.37 43.47 5.56
CA GLY A 446 9.06 42.67 6.58
C GLY A 446 10.11 41.77 6.00
N VAL A 447 10.97 41.24 6.87
CA VAL A 447 12.03 40.31 6.46
C VAL A 447 12.19 39.09 7.36
N ILE A 448 12.82 38.07 6.81
CA ILE A 448 13.19 36.91 7.59
C ILE A 448 14.63 37.07 7.95
N VAL A 449 14.89 37.12 9.23
CA VAL A 449 16.20 37.39 9.76
C VAL A 449 17.02 36.15 10.01
N GLU A 450 16.42 35.12 10.57
CA GLU A 450 17.17 33.93 10.91
C GLU A 450 16.40 32.60 10.94
N VAL A 451 17.11 31.51 10.66
CA VAL A 451 16.59 30.16 10.84
C VAL A 451 17.40 29.43 11.95
N ASN A 452 16.69 28.73 12.84
CA ASN A 452 17.30 28.00 13.95
C ASN A 452 16.97 26.53 14.07
N ALA A 453 18.01 25.73 14.06
CA ALA A 453 17.86 24.31 14.28
C ALA A 453 17.72 24.13 15.78
N ALA A 454 17.01 23.11 16.19
CA ALA A 454 16.82 22.79 17.60
C ALA A 454 16.35 23.94 18.50
N PRO A 455 15.23 24.63 18.19
CA PRO A 455 14.70 25.76 18.91
C PRO A 455 14.13 25.35 20.25
N GLY A 456 14.05 26.24 21.23
CA GLY A 456 13.41 25.88 22.49
C GLY A 456 11.89 26.04 22.44
N PHE A 457 11.19 25.53 23.46
CA PHE A 457 9.72 25.62 23.50
C PHE A 457 9.06 26.49 24.56
N ARG A 458 9.80 27.02 25.52
CA ARG A 458 9.23 27.77 26.64
C ARG A 458 8.25 28.86 26.29
N MET A 459 8.53 29.62 25.25
CA MET A 459 7.67 30.74 24.92
C MET A 459 6.34 30.30 24.33
N HIS A 460 6.24 29.03 23.91
CA HIS A 460 5.04 28.53 23.30
C HIS A 460 4.25 27.68 24.28
N VAL A 461 4.93 27.06 25.24
CA VAL A 461 4.21 26.23 26.21
C VAL A 461 3.93 27.01 27.48
N ALA A 462 4.58 28.14 27.68
CA ALA A 462 4.35 28.99 28.83
C ALA A 462 4.45 30.47 28.47
N PRO A 463 3.57 31.01 27.63
CA PRO A 463 3.54 32.39 27.19
C PRO A 463 3.11 33.25 28.34
N SER A 464 3.44 34.53 28.32
CA SER A 464 2.96 35.38 29.40
C SER A 464 1.58 35.91 29.09
N GLN A 465 1.23 35.96 27.82
CA GLN A 465 -0.11 36.34 27.41
C GLN A 465 -0.62 35.36 26.39
N GLY A 466 -1.89 35.02 26.46
CA GLY A 466 -2.48 34.11 25.51
C GLY A 466 -2.50 32.68 26.04
N LEU A 467 -2.89 31.77 25.19
CA LEU A 467 -3.10 30.38 25.54
C LEU A 467 -1.85 29.50 25.28
N PRO A 468 -1.41 28.63 26.20
CA PRO A 468 -0.35 27.66 26.04
C PRO A 468 -0.66 26.66 24.93
N ARG A 469 0.37 26.22 24.19
CA ARG A 469 0.16 25.25 23.11
C ARG A 469 0.86 23.92 23.34
N ASN A 470 0.22 22.83 22.93
CA ASN A 470 0.87 21.54 23.07
C ASN A 470 1.75 21.27 21.88
N VAL A 471 2.98 21.69 22.02
CA VAL A 471 4.02 21.61 21.02
C VAL A 471 4.51 20.20 20.80
N ALA A 472 4.62 19.40 21.87
CA ALA A 472 5.10 18.03 21.78
C ALA A 472 4.21 17.12 20.95
N ALA A 473 2.91 17.32 20.98
CA ALA A 473 2.04 16.39 20.26
C ALA A 473 2.43 16.28 18.75
N PRO A 474 2.65 17.36 17.96
CA PRO A 474 3.13 17.32 16.59
C PRO A 474 4.51 16.69 16.41
N VAL A 475 5.31 16.58 17.46
CA VAL A 475 6.63 16.00 17.34
C VAL A 475 6.47 14.51 17.40
N LEU A 476 5.70 14.02 18.36
CA LEU A 476 5.48 12.61 18.50
C LEU A 476 4.69 12.05 17.34
N ASP A 477 3.85 12.85 16.72
CA ASP A 477 3.13 12.40 15.55
C ASP A 477 4.05 12.18 14.35
N MET A 478 5.22 12.84 14.24
CA MET A 478 6.03 12.55 13.07
C MET A 478 6.91 11.35 13.38
N LEU A 479 7.31 11.20 14.65
CA LEU A 479 8.17 10.10 15.02
C LEU A 479 7.43 8.77 15.04
N PHE A 480 6.18 8.80 15.48
CA PHE A 480 5.33 7.63 15.56
C PHE A 480 4.00 7.92 14.89
N PRO A 481 3.90 7.91 13.56
CA PRO A 481 2.74 8.31 12.80
C PRO A 481 1.52 7.55 13.26
N PRO A 482 0.32 8.13 13.21
CA PRO A 482 -0.91 7.50 13.63
C PRO A 482 -1.08 6.16 12.94
N GLY A 483 -1.47 5.18 13.71
CA GLY A 483 -1.68 3.84 13.19
C GLY A 483 -0.47 2.94 13.30
N THR A 484 0.70 3.48 13.63
CA THR A 484 1.87 2.61 13.72
C THR A 484 2.15 2.25 15.19
N PRO A 485 2.78 1.10 15.47
CA PRO A 485 3.24 0.66 16.77
C PRO A 485 4.51 1.35 17.24
N SER A 486 4.69 1.40 18.55
CA SER A 486 5.90 1.87 19.20
C SER A 486 6.59 0.74 19.98
N ARG A 487 5.94 -0.42 20.01
CA ARG A 487 6.38 -1.60 20.74
C ARG A 487 6.41 -2.84 19.89
N ILE A 488 7.21 -3.81 20.32
CA ILE A 488 7.27 -5.09 19.69
C ILE A 488 6.63 -6.07 20.66
N PRO A 489 6.11 -7.24 20.24
CA PRO A 489 5.56 -8.25 21.11
C PRO A 489 6.54 -8.78 22.14
N ILE A 490 6.06 -8.91 23.36
CA ILE A 490 6.84 -9.47 24.45
C ILE A 490 6.13 -10.65 25.06
N LEU A 491 6.85 -11.78 25.10
CA LEU A 491 6.35 -13.00 25.68
C LEU A 491 7.21 -13.36 26.86
N ALA A 492 6.64 -13.25 28.05
CA ALA A 492 7.38 -13.46 29.30
C ALA A 492 7.04 -14.80 29.94
N VAL A 493 8.06 -15.60 30.22
CA VAL A 493 7.83 -16.94 30.77
C VAL A 493 8.38 -17.15 32.17
N THR A 494 7.54 -17.54 33.12
CA THR A 494 8.05 -17.80 34.46
C THR A 494 7.49 -19.09 35.06
N GLY A 495 7.91 -19.42 36.27
CA GLY A 495 7.50 -20.62 37.00
C GLY A 495 8.70 -21.29 37.65
N THR A 496 8.47 -22.17 38.61
CA THR A 496 9.60 -22.81 39.31
C THR A 496 10.47 -23.72 38.44
N ASN A 497 9.88 -24.59 37.61
CA ASN A 497 10.63 -25.50 36.73
C ASN A 497 10.12 -25.47 35.29
N GLY A 498 11.01 -25.62 34.31
CA GLY A 498 10.65 -25.72 32.89
C GLY A 498 10.77 -24.47 31.99
N LYS A 499 11.15 -23.34 32.58
CA LYS A 499 11.29 -22.07 31.87
C LYS A 499 12.22 -22.06 30.67
N THR A 500 13.42 -22.61 30.80
CA THR A 500 14.40 -22.58 29.72
C THR A 500 13.96 -23.39 28.52
N THR A 501 13.38 -24.55 28.76
CA THR A 501 12.89 -25.42 27.70
C THR A 501 11.74 -24.77 26.94
N THR A 502 10.80 -24.18 27.68
CA THR A 502 9.64 -23.53 27.12
C THR A 502 10.05 -22.32 26.29
N THR A 503 11.02 -21.54 26.79
CA THR A 503 11.56 -20.35 26.14
C THR A 503 12.22 -20.68 24.81
N ARG A 504 13.04 -21.73 24.75
CA ARG A 504 13.69 -22.10 23.50
C ARG A 504 12.72 -22.64 22.46
N LEU A 505 11.70 -23.40 22.88
CA LEU A 505 10.72 -23.89 21.94
C LEU A 505 9.87 -22.78 21.37
N LEU A 506 9.45 -21.86 22.22
CA LEU A 506 8.61 -20.78 21.77
C LEU A 506 9.36 -19.88 20.81
N ALA A 507 10.64 -19.59 21.08
CA ALA A 507 11.44 -18.78 20.18
C ALA A 507 11.61 -19.48 18.82
N HIS A 508 11.78 -20.80 18.82
CA HIS A 508 11.90 -21.63 17.62
C HIS A 508 10.64 -21.55 16.75
N ILE A 509 9.46 -21.56 17.38
CA ILE A 509 8.20 -21.47 16.65
C ILE A 509 8.06 -20.10 15.97
N TYR A 510 8.37 -19.00 16.67
CA TYR A 510 8.22 -17.68 16.06
C TYR A 510 9.19 -17.46 14.94
N ARG A 511 10.32 -18.08 15.03
CA ARG A 511 11.36 -18.01 14.05
C ARG A 511 10.94 -18.61 12.70
N GLN A 512 9.90 -19.46 12.68
CA GLN A 512 9.48 -20.13 11.46
C GLN A 512 8.67 -19.20 10.60
N THR A 513 8.38 -18.01 11.12
CA THR A 513 7.62 -17.02 10.38
C THR A 513 8.57 -16.09 9.62
N GLY A 514 9.90 -16.24 9.82
CA GLY A 514 10.87 -15.40 9.13
C GLY A 514 11.27 -14.09 9.81
N LYS A 515 10.83 -13.87 11.04
CA LYS A 515 11.14 -12.66 11.80
C LYS A 515 12.39 -12.77 12.62
N THR A 516 12.95 -11.61 13.02
CA THR A 516 14.09 -11.64 13.92
C THR A 516 13.61 -11.77 15.34
N VAL A 517 14.06 -12.83 15.97
CA VAL A 517 13.64 -13.16 17.30
C VAL A 517 14.79 -13.13 18.24
N GLY A 518 14.65 -12.37 19.30
CA GLY A 518 15.67 -12.31 20.30
C GLY A 518 15.17 -12.96 21.55
N TYR A 519 16.04 -13.60 22.30
CA TYR A 519 15.61 -14.19 23.55
C TYR A 519 16.71 -14.30 24.57
N THR A 520 16.29 -14.37 25.82
CA THR A 520 17.27 -14.54 26.88
C THR A 520 16.95 -15.73 27.71
N SER A 521 17.99 -16.40 28.16
CA SER A 521 17.86 -17.55 29.02
C SER A 521 19.01 -17.63 30.00
N THR A 522 18.99 -18.66 30.80
CA THR A 522 20.07 -18.91 31.75
C THR A 522 21.37 -19.41 31.11
N ASP A 523 21.37 -19.71 29.81
CA ASP A 523 22.62 -20.15 29.18
C ASP A 523 23.35 -19.01 28.44
N ALA A 524 22.57 -18.13 27.78
CA ALA A 524 23.06 -17.05 26.89
C ALA A 524 21.96 -16.09 26.41
N ILE A 525 22.37 -15.02 25.72
CA ILE A 525 21.48 -14.11 24.99
C ILE A 525 21.68 -14.37 23.51
N TYR A 526 20.59 -14.65 22.78
CA TYR A 526 20.63 -14.93 21.36
C TYR A 526 19.75 -14.07 20.49
N ILE A 527 20.22 -13.82 19.26
CA ILE A 527 19.38 -13.24 18.23
C ILE A 527 19.46 -14.08 16.97
N ASN A 528 18.36 -14.69 16.53
CA ASN A 528 18.34 -15.53 15.32
C ASN A 528 19.45 -16.54 15.24
N GLU A 529 19.67 -17.28 16.29
CA GLU A 529 20.72 -18.30 16.38
C GLU A 529 22.18 -17.82 16.46
N TYR A 530 22.41 -16.53 16.66
CA TYR A 530 23.75 -16.07 16.94
C TYR A 530 23.85 -15.72 18.40
N CYS A 531 24.94 -16.05 19.02
CA CYS A 531 25.07 -15.74 20.43
C CYS A 531 25.65 -14.35 20.62
N VAL A 532 25.01 -13.56 21.46
CA VAL A 532 25.42 -12.20 21.75
C VAL A 532 26.27 -12.19 23.01
N GLU A 533 25.78 -12.85 24.06
CA GLU A 533 26.51 -12.95 25.33
C GLU A 533 26.32 -14.33 25.90
N LYS A 534 27.26 -14.83 26.69
CA LYS A 534 27.11 -16.14 27.35
C LYS A 534 27.01 -16.01 28.87
N GLY A 535 26.40 -17.00 29.53
CA GLY A 535 26.27 -17.01 30.97
C GLY A 535 24.83 -16.81 31.40
N ASP A 536 24.58 -16.71 32.70
CA ASP A 536 23.21 -16.57 33.15
C ASP A 536 22.76 -15.20 32.82
N ASN A 537 21.89 -15.11 31.85
CA ASN A 537 21.44 -13.86 31.35
C ASN A 537 20.02 -13.57 31.65
N THR A 538 19.50 -14.15 32.69
CA THR A 538 18.16 -13.77 33.08
C THR A 538 18.28 -12.48 33.87
N GLY A 539 17.17 -11.80 34.08
CA GLY A 539 17.17 -10.56 34.83
C GLY A 539 17.00 -9.36 33.90
N PRO A 540 16.66 -8.19 34.47
CA PRO A 540 16.36 -6.95 33.80
C PRO A 540 17.50 -6.31 33.01
N GLN A 541 18.74 -6.66 33.32
CA GLN A 541 19.82 -6.10 32.57
C GLN A 541 19.96 -6.74 31.21
N SER A 542 19.51 -7.99 31.08
CA SER A 542 19.62 -8.68 29.81
C SER A 542 18.42 -8.37 28.97
N ALA A 543 17.28 -8.21 29.63
CA ALA A 543 16.07 -7.91 28.92
C ALA A 543 16.25 -6.61 28.18
N GLY A 544 17.00 -5.68 28.79
CA GLY A 544 17.31 -4.40 28.20
C GLY A 544 18.22 -4.46 26.98
N VAL A 545 18.97 -5.54 26.81
CA VAL A 545 19.84 -5.67 25.66
C VAL A 545 18.96 -5.98 24.47
N ILE A 546 18.01 -6.87 24.66
CA ILE A 546 17.09 -7.22 23.60
C ILE A 546 16.16 -6.07 23.25
N LEU A 547 15.59 -5.39 24.24
CA LEU A 547 14.65 -4.32 23.95
C LEU A 547 15.29 -3.10 23.29
N ARG A 548 16.56 -2.84 23.57
CA ARG A 548 17.22 -1.73 22.91
C ARG A 548 17.80 -2.08 21.55
N ASP A 549 17.74 -3.34 21.13
CA ASP A 549 18.34 -3.80 19.89
C ASP A 549 17.49 -3.43 18.66
N PRO A 550 17.99 -2.62 17.71
CA PRO A 550 17.30 -2.07 16.56
C PRO A 550 16.83 -3.07 15.53
N THR A 551 17.25 -4.33 15.65
CA THR A 551 16.83 -5.33 14.68
C THR A 551 15.74 -6.27 15.18
N VAL A 552 15.45 -6.29 16.48
CA VAL A 552 14.54 -7.29 17.02
C VAL A 552 13.06 -7.00 16.81
N GLU A 553 12.34 -7.99 16.30
CA GLU A 553 10.92 -7.90 16.03
C GLU A 553 10.06 -8.59 17.08
N VAL A 554 10.56 -9.68 17.68
CA VAL A 554 9.87 -10.42 18.73
C VAL A 554 10.80 -10.68 19.91
N ALA A 555 10.35 -10.43 21.15
CA ALA A 555 11.19 -10.74 22.31
C ALA A 555 10.60 -11.85 23.21
N VAL A 556 11.38 -12.89 23.46
CA VAL A 556 10.93 -13.98 24.33
C VAL A 556 11.89 -14.02 25.56
N LEU A 557 11.38 -13.78 26.76
CA LEU A 557 12.27 -13.63 27.91
C LEU A 557 12.01 -14.58 29.09
N GLU A 558 12.97 -15.45 29.49
CA GLU A 558 12.63 -16.26 30.68
C GLU A 558 12.84 -15.34 31.88
N THR A 559 11.92 -15.36 32.84
CA THR A 559 12.01 -14.50 34.02
C THR A 559 12.09 -15.26 35.33
N ALA A 560 13.15 -14.98 36.06
CA ALA A 560 13.44 -15.61 37.33
C ALA A 560 13.12 -14.72 38.52
N ARG A 561 12.90 -15.37 39.68
CA ARG A 561 12.64 -14.69 40.94
C ARG A 561 13.79 -13.86 41.43
N GLY A 562 15.03 -14.24 41.09
CA GLY A 562 16.17 -13.49 41.55
C GLY A 562 16.09 -12.09 41.01
N GLY A 563 15.86 -11.98 39.71
CA GLY A 563 15.78 -10.69 39.08
C GLY A 563 14.61 -9.87 39.58
N ILE A 564 13.45 -10.50 39.81
CA ILE A 564 12.32 -9.72 40.26
C ILE A 564 12.55 -9.17 41.66
N LEU A 565 13.01 -10.00 42.57
CA LEU A 565 13.23 -9.57 43.93
C LEU A 565 14.35 -8.57 44.08
N ARG A 566 15.39 -8.69 43.27
CA ARG A 566 16.51 -7.78 43.33
C ARG A 566 16.26 -6.42 42.67
N ALA A 567 15.63 -6.37 41.48
CA ALA A 567 15.47 -5.07 40.83
C ALA A 567 14.16 -4.81 40.06
N GLY A 568 13.12 -5.65 40.15
CA GLY A 568 11.87 -5.43 39.41
C GLY A 568 11.93 -5.92 37.96
N LEU A 569 10.83 -5.82 37.21
CA LEU A 569 10.82 -6.21 35.80
C LEU A 569 11.32 -5.09 34.89
N ALA A 570 11.97 -5.43 33.79
CA ALA A 570 12.47 -4.43 32.83
C ALA A 570 11.48 -3.81 31.86
N PHE A 571 10.33 -4.42 31.66
CA PHE A 571 9.44 -3.96 30.62
C PHE A 571 8.09 -3.33 30.93
N ASP A 572 7.65 -3.23 32.18
CA ASP A 572 6.34 -2.67 32.56
C ASP A 572 5.08 -3.46 32.14
N SER A 573 4.95 -3.79 30.87
CA SER A 573 3.80 -4.58 30.41
C SER A 573 4.18 -5.51 29.27
N CYS A 574 3.37 -6.54 29.08
CA CYS A 574 3.62 -7.52 28.01
C CYS A 574 2.35 -8.06 27.39
N ASP A 575 2.50 -8.81 26.28
CA ASP A 575 1.36 -9.35 25.55
C ASP A 575 0.94 -10.71 26.03
N VAL A 576 1.92 -11.54 26.35
CA VAL A 576 1.62 -12.85 26.85
C VAL A 576 2.44 -13.09 28.10
N GLY A 577 1.78 -13.55 29.15
CA GLY A 577 2.46 -13.92 30.37
C GLY A 577 2.17 -15.37 30.67
N VAL A 578 3.21 -16.19 30.72
CA VAL A 578 3.05 -17.62 30.96
C VAL A 578 3.54 -18.04 32.33
N VAL A 579 2.69 -18.66 33.13
CA VAL A 579 3.12 -19.14 34.44
C VAL A 579 3.00 -20.66 34.43
N LEU A 580 4.11 -21.34 34.55
CA LEU A 580 4.11 -22.78 34.41
C LEU A 580 3.80 -23.60 35.65
N ASN A 581 4.25 -23.18 36.82
CA ASN A 581 4.07 -23.93 38.06
C ASN A 581 4.63 -23.20 39.27
N VAL A 582 4.13 -23.51 40.46
CA VAL A 582 4.74 -23.01 41.68
C VAL A 582 5.17 -24.19 42.54
N ALA A 583 6.42 -24.21 42.98
CA ALA A 583 6.90 -25.31 43.80
C ALA A 583 7.91 -24.81 44.79
N ALA A 584 8.13 -25.56 45.85
CA ALA A 584 8.97 -25.14 46.96
C ALA A 584 10.48 -25.23 46.76
N ASP A 585 10.99 -24.45 45.83
CA ASP A 585 12.44 -24.35 45.65
C ASP A 585 12.81 -22.96 46.07
N HIS A 586 14.05 -22.75 46.41
CA HIS A 586 14.57 -21.45 46.80
C HIS A 586 13.86 -20.85 48.00
N LEU A 587 13.36 -21.66 48.92
CA LEU A 587 12.69 -21.04 50.04
C LEU A 587 13.70 -20.69 51.07
N GLY A 588 13.46 -19.59 51.74
CA GLY A 588 14.32 -19.06 52.77
C GLY A 588 15.22 -17.98 52.21
N LEU A 589 15.28 -17.85 50.89
CA LEU A 589 16.12 -16.84 50.29
C LEU A 589 15.31 -15.62 49.93
N GLY A 590 15.90 -14.44 50.07
CA GLY A 590 15.23 -13.22 49.61
C GLY A 590 14.03 -12.86 50.47
N ASP A 591 14.02 -13.34 51.71
CA ASP A 591 12.91 -13.15 52.64
C ASP A 591 11.62 -13.86 52.22
N ILE A 592 11.68 -14.82 51.30
CA ILE A 592 10.50 -15.62 50.94
C ILE A 592 10.61 -16.97 51.62
N ASP A 593 9.82 -17.18 52.65
CA ASP A 593 9.87 -18.39 53.44
C ASP A 593 8.78 -19.42 53.12
N THR A 594 7.64 -18.97 52.62
CA THR A 594 6.53 -19.89 52.41
C THR A 594 6.15 -20.04 50.94
N ILE A 595 5.32 -21.03 50.65
CA ILE A 595 4.87 -21.27 49.30
C ILE A 595 3.86 -20.20 48.87
N GLU A 596 3.06 -19.72 49.81
CA GLU A 596 2.09 -18.67 49.53
C GLU A 596 2.81 -17.39 49.13
N GLN A 597 3.98 -17.14 49.72
CA GLN A 597 4.77 -15.98 49.34
C GLN A 597 5.40 -16.19 47.97
N MET A 598 5.88 -17.40 47.68
CA MET A 598 6.50 -17.65 46.39
C MET A 598 5.49 -17.45 45.27
N ALA A 599 4.24 -17.78 45.54
CA ALA A 599 3.17 -17.58 44.58
C ALA A 599 2.97 -16.10 44.26
N LYS A 600 3.23 -15.18 45.22
CA LYS A 600 3.06 -13.74 45.01
C LYS A 600 4.18 -13.18 44.17
N VAL A 601 5.33 -13.84 44.22
CA VAL A 601 6.43 -13.43 43.41
C VAL A 601 6.11 -13.82 41.96
N LYS A 602 5.63 -15.04 41.74
CA LYS A 602 5.37 -15.50 40.38
C LYS A 602 4.20 -14.78 39.73
N SER A 603 3.21 -14.37 40.53
CA SER A 603 2.02 -13.70 40.03
C SER A 603 2.31 -12.33 39.45
N VAL A 604 3.51 -11.79 39.65
CA VAL A 604 3.86 -10.48 39.11
C VAL A 604 3.72 -10.53 37.60
N ILE A 605 4.11 -11.64 36.95
CA ILE A 605 3.98 -11.69 35.50
C ILE A 605 2.54 -11.65 35.05
N ALA A 606 1.67 -12.40 35.68
CA ALA A 606 0.28 -12.43 35.29
C ALA A 606 -0.38 -11.06 35.42
N GLU A 607 0.02 -10.30 36.43
CA GLU A 607 -0.56 -8.99 36.72
C GLU A 607 -0.03 -7.84 35.87
N VAL A 608 0.95 -8.07 34.99
CA VAL A 608 1.46 -6.99 34.16
C VAL A 608 1.07 -7.23 32.71
N VAL A 609 0.22 -8.21 32.46
CA VAL A 609 -0.18 -8.43 31.10
C VAL A 609 -1.21 -7.37 30.73
N ASP A 610 -1.01 -6.74 29.60
CA ASP A 610 -1.88 -5.71 29.06
C ASP A 610 -3.30 -6.25 28.94
N PRO A 611 -4.38 -5.51 29.24
CA PRO A 611 -5.76 -5.95 29.15
C PRO A 611 -6.14 -6.55 27.79
N SER A 612 -5.45 -6.18 26.72
CA SER A 612 -5.76 -6.72 25.40
C SER A 612 -5.06 -8.06 25.14
N GLY A 613 -4.18 -8.47 26.05
CA GLY A 613 -3.39 -9.68 25.95
C GLY A 613 -3.93 -10.83 26.78
N TYR A 614 -3.07 -11.84 26.97
CA TYR A 614 -3.40 -13.07 27.67
C TYR A 614 -2.46 -13.54 28.74
N ALA A 615 -3.02 -14.17 29.74
CA ALA A 615 -2.27 -14.89 30.73
C ALA A 615 -2.49 -16.37 30.46
N VAL A 616 -1.43 -17.16 30.48
CA VAL A 616 -1.50 -18.58 30.25
C VAL A 616 -1.21 -19.31 31.55
N LEU A 617 -2.22 -19.97 32.08
CA LEU A 617 -2.11 -20.61 33.37
C LEU A 617 -2.22 -22.12 33.32
N ASN A 618 -1.59 -22.76 34.28
CA ASN A 618 -1.62 -24.20 34.45
C ASN A 618 -2.82 -24.61 35.31
N ALA A 619 -3.82 -25.25 34.72
CA ALA A 619 -5.07 -25.58 35.43
C ALA A 619 -4.90 -26.77 36.37
N ASP A 620 -3.77 -27.45 36.28
CA ASP A 620 -3.50 -28.59 37.12
C ASP A 620 -2.70 -28.20 38.36
N ASP A 621 -2.44 -26.89 38.53
CA ASP A 621 -1.69 -26.36 39.65
C ASP A 621 -2.56 -25.40 40.48
N PRO A 622 -3.00 -25.78 41.70
CA PRO A 622 -3.87 -25.02 42.57
C PRO A 622 -3.43 -23.59 42.91
N LEU A 623 -2.13 -23.29 42.90
CA LEU A 623 -1.73 -21.94 43.24
C LEU A 623 -1.73 -21.09 42.01
N VAL A 624 -1.43 -21.71 40.87
CA VAL A 624 -1.38 -20.99 39.62
C VAL A 624 -2.77 -20.70 39.08
N ALA A 625 -3.67 -21.67 39.13
CA ALA A 625 -5.03 -21.46 38.63
C ALA A 625 -5.73 -20.31 39.36
N ALA A 626 -5.42 -20.16 40.64
CA ALA A 626 -5.98 -19.17 41.53
C ALA A 626 -5.58 -17.73 41.15
N MET A 627 -4.56 -17.56 40.32
CA MET A 627 -4.07 -16.25 39.94
C MET A 627 -5.04 -15.61 38.97
N ALA A 628 -5.97 -16.38 38.43
CA ALA A 628 -6.92 -15.91 37.45
C ALA A 628 -7.79 -14.80 37.98
N ASP A 629 -7.92 -14.69 39.30
CA ASP A 629 -8.78 -13.67 39.90
C ASP A 629 -8.06 -12.34 40.14
N LYS A 630 -6.77 -12.28 39.81
CA LYS A 630 -5.98 -11.07 39.94
C LYS A 630 -5.75 -10.45 38.56
N VAL A 631 -5.80 -11.29 37.55
CA VAL A 631 -5.53 -10.93 36.17
C VAL A 631 -6.60 -10.02 35.55
N LYS A 632 -6.13 -8.93 34.93
CA LYS A 632 -6.95 -7.93 34.22
C LYS A 632 -7.08 -8.24 32.72
N ALA A 633 -6.28 -9.19 32.31
CA ALA A 633 -6.11 -9.70 30.95
C ALA A 633 -7.01 -10.90 30.74
N LYS A 634 -7.01 -11.43 29.53
CA LYS A 634 -7.81 -12.61 29.22
C LYS A 634 -7.07 -13.82 29.76
N VAL A 635 -7.76 -14.89 30.08
CA VAL A 635 -7.09 -16.08 30.59
C VAL A 635 -7.29 -17.29 29.72
N ALA A 636 -6.20 -17.98 29.43
CA ALA A 636 -6.18 -19.24 28.70
C ALA A 636 -5.61 -20.29 29.64
N TYR A 637 -6.04 -21.54 29.50
CA TYR A 637 -5.52 -22.60 30.38
C TYR A 637 -4.95 -23.79 29.67
N PHE A 638 -4.01 -24.45 30.30
CA PHE A 638 -3.56 -25.71 29.76
C PHE A 638 -3.58 -26.80 30.82
N SER A 639 -3.73 -28.04 30.37
CA SER A 639 -3.72 -29.18 31.28
C SER A 639 -3.36 -30.52 30.62
N MET A 640 -3.02 -31.49 31.45
CA MET A 640 -2.69 -32.86 31.00
C MET A 640 -3.86 -33.80 31.18
N ASN A 641 -4.99 -33.25 31.54
CA ASN A 641 -6.19 -33.99 31.82
C ASN A 641 -7.40 -33.26 31.28
N PRO A 642 -8.00 -33.69 30.15
CA PRO A 642 -9.12 -33.08 29.47
C PRO A 642 -10.37 -32.94 30.31
N ASP A 643 -10.46 -33.69 31.41
CA ASP A 643 -11.64 -33.65 32.24
C ASP A 643 -11.51 -32.71 33.43
N ASN A 644 -10.42 -31.95 33.49
CA ASN A 644 -10.24 -31.00 34.56
C ASN A 644 -11.44 -30.04 34.54
N PRO A 645 -12.24 -29.93 35.63
CA PRO A 645 -13.43 -29.10 35.75
C PRO A 645 -13.23 -27.65 35.37
N ILE A 646 -12.02 -27.13 35.51
CA ILE A 646 -11.73 -25.74 35.17
C ILE A 646 -11.81 -25.57 33.68
N ILE A 647 -11.25 -26.53 32.95
CA ILE A 647 -11.18 -26.47 31.51
C ILE A 647 -12.56 -26.57 30.97
N GLN A 648 -13.36 -27.47 31.54
CA GLN A 648 -14.70 -27.65 31.04
C GLN A 648 -15.57 -26.41 31.27
N ALA A 649 -15.48 -25.82 32.45
CA ALA A 649 -16.26 -24.64 32.74
C ALA A 649 -15.89 -23.48 31.84
N HIS A 650 -14.59 -23.38 31.53
CA HIS A 650 -14.01 -22.33 30.70
C HIS A 650 -14.39 -22.44 29.22
N VAL A 651 -14.29 -23.62 28.63
CA VAL A 651 -14.63 -23.70 27.21
C VAL A 651 -16.14 -23.49 26.99
N ARG A 652 -16.96 -23.80 27.98
CA ARG A 652 -18.41 -23.59 27.91
C ARG A 652 -18.78 -22.10 27.85
N ARG A 653 -17.84 -21.21 28.17
CA ARG A 653 -18.03 -19.77 28.15
C ARG A 653 -17.26 -19.20 26.97
N ASN A 654 -16.91 -20.08 26.04
CA ASN A 654 -16.13 -19.83 24.84
C ASN A 654 -14.69 -19.37 25.06
N GLY A 655 -14.02 -19.95 26.05
CA GLY A 655 -12.62 -19.67 26.27
C GLY A 655 -11.77 -20.61 25.42
N ILE A 656 -10.45 -20.50 25.62
CA ILE A 656 -9.43 -21.26 24.91
C ILE A 656 -8.61 -22.08 25.88
N ALA A 657 -8.35 -23.31 25.53
CA ALA A 657 -7.54 -24.17 26.35
C ALA A 657 -6.73 -25.14 25.55
N ALA A 658 -5.64 -25.62 26.09
CA ALA A 658 -4.88 -26.66 25.41
C ALA A 658 -4.80 -27.87 26.28
N VAL A 659 -5.11 -29.02 25.71
CA VAL A 659 -5.08 -30.25 26.47
C VAL A 659 -4.35 -31.37 25.77
N TYR A 660 -3.91 -32.32 26.56
CA TYR A 660 -3.39 -33.54 25.99
C TYR A 660 -4.47 -34.61 25.98
N GLU A 661 -4.85 -35.10 24.79
CA GLU A 661 -5.90 -36.09 24.67
C GLU A 661 -5.69 -37.05 23.52
N SER A 662 -6.03 -38.31 23.70
CA SER A 662 -5.94 -39.33 22.65
C SER A 662 -4.60 -39.41 21.96
N GLY A 663 -3.50 -39.12 22.66
CA GLY A 663 -2.18 -39.16 22.06
C GLY A 663 -1.79 -37.87 21.33
N TYR A 664 -2.70 -36.91 21.29
CA TYR A 664 -2.52 -35.63 20.62
C TYR A 664 -2.46 -34.42 21.49
N LEU A 665 -1.73 -33.46 21.01
CA LEU A 665 -1.70 -32.17 21.63
C LEU A 665 -2.70 -31.36 20.83
N SER A 666 -3.73 -30.84 21.50
CA SER A 666 -4.79 -30.14 20.80
C SER A 666 -5.30 -28.89 21.51
N ILE A 667 -5.89 -28.01 20.72
CA ILE A 667 -6.47 -26.76 21.19
C ILE A 667 -7.97 -26.76 21.14
N LEU A 668 -8.56 -26.43 22.25
CA LEU A 668 -9.99 -26.37 22.39
C LEU A 668 -10.42 -24.94 22.29
N GLU A 669 -11.14 -24.62 21.24
CA GLU A 669 -11.56 -23.25 21.06
C GLU A 669 -13.06 -23.24 20.97
N GLY A 670 -13.71 -22.85 22.03
CA GLY A 670 -15.15 -22.98 22.04
C GLY A 670 -15.51 -24.45 21.90
N SER A 671 -16.41 -24.76 20.96
CA SER A 671 -16.86 -26.12 20.72
C SER A 671 -15.99 -26.94 19.75
N TRP A 672 -14.99 -26.31 19.15
CA TRP A 672 -14.17 -26.97 18.15
C TRP A 672 -12.84 -27.48 18.68
N THR A 673 -12.39 -28.63 18.18
CA THR A 673 -11.09 -29.14 18.58
C THR A 673 -10.09 -29.10 17.44
N LEU A 674 -8.95 -28.49 17.67
CA LEU A 674 -7.89 -28.38 16.68
C LEU A 674 -6.72 -29.25 17.06
N ARG A 675 -6.44 -30.29 16.31
CA ARG A 675 -5.30 -31.12 16.68
C ARG A 675 -4.04 -30.57 16.07
N VAL A 676 -2.98 -30.46 16.86
CA VAL A 676 -1.73 -29.94 16.33
C VAL A 676 -0.87 -31.08 15.89
N GLU A 677 -0.52 -31.98 16.80
CA GLU A 677 0.32 -33.12 16.43
C GLU A 677 0.24 -34.24 17.46
N GLN A 678 0.88 -35.36 17.21
CA GLN A 678 0.97 -36.47 18.16
C GLN A 678 2.17 -36.34 19.04
N ALA A 679 2.04 -36.72 20.31
CA ALA A 679 3.18 -36.61 21.21
C ALA A 679 4.38 -37.42 20.76
N LYS A 680 4.14 -38.58 20.16
CA LYS A 680 5.19 -39.47 19.70
C LYS A 680 6.01 -38.93 18.55
N LEU A 681 5.48 -37.95 17.84
CA LEU A 681 6.16 -37.40 16.70
C LEU A 681 6.83 -36.09 16.98
N ILE A 682 6.87 -35.67 18.24
CA ILE A 682 7.52 -34.43 18.59
C ILE A 682 8.79 -34.78 19.35
N PRO A 683 10.00 -34.64 18.78
CA PRO A 683 11.29 -35.07 19.31
C PRO A 683 11.67 -34.64 20.72
N MET A 684 11.17 -33.50 21.21
CA MET A 684 11.55 -33.09 22.57
C MET A 684 10.89 -33.98 23.61
N THR A 685 9.82 -34.63 23.22
CA THR A 685 9.10 -35.49 24.13
C THR A 685 9.73 -36.82 23.84
N MET A 686 10.17 -37.52 24.85
CA MET A 686 10.93 -38.73 24.61
C MET A 686 10.07 -39.90 24.16
N GLY A 687 9.53 -39.82 22.95
CA GLY A 687 8.68 -40.86 22.38
C GLY A 687 7.31 -40.87 23.04
N GLY A 688 6.97 -39.78 23.68
CA GLY A 688 5.72 -39.66 24.42
C GLY A 688 5.86 -40.14 25.86
N MET A 689 7.07 -40.52 26.29
CA MET A 689 7.28 -41.07 27.63
C MET A 689 7.73 -40.10 28.73
N ALA A 690 7.73 -38.81 28.45
CA ALA A 690 8.16 -37.78 29.39
C ALA A 690 7.10 -36.69 29.58
N PRO A 691 6.11 -36.88 30.48
CA PRO A 691 4.95 -36.03 30.73
C PRO A 691 5.27 -34.57 30.98
N PHE A 692 6.42 -34.31 31.57
CA PHE A 692 6.83 -32.95 31.86
C PHE A 692 7.24 -32.22 30.60
N MET A 693 7.65 -32.95 29.56
CA MET A 693 8.03 -32.33 28.32
C MET A 693 6.78 -32.03 27.53
N ILE A 694 5.76 -32.87 27.72
CA ILE A 694 4.50 -32.67 27.03
C ILE A 694 3.87 -31.40 27.56
N ALA A 695 3.88 -31.22 28.88
CA ALA A 695 3.31 -30.05 29.49
C ALA A 695 3.97 -28.75 29.01
N ASN A 696 5.28 -28.77 28.78
CA ASN A 696 5.97 -27.58 28.28
C ASN A 696 5.63 -27.30 26.83
N ALA A 697 5.45 -28.35 26.04
CA ALA A 697 5.04 -28.20 24.66
C ALA A 697 3.64 -27.61 24.58
N LEU A 698 2.74 -27.98 25.51
CA LEU A 698 1.40 -27.43 25.49
C LEU A 698 1.40 -25.95 25.79
N ALA A 699 2.21 -25.53 26.77
CA ALA A 699 2.28 -24.11 27.12
C ALA A 699 2.82 -23.25 25.99
N ALA A 700 3.85 -23.75 25.27
CA ALA A 700 4.41 -23.00 24.15
C ALA A 700 3.45 -22.91 22.98
N CYS A 701 2.70 -23.98 22.70
CA CYS A 701 1.76 -23.98 21.60
C CYS A 701 0.61 -23.05 21.87
N LEU A 702 0.12 -23.02 23.10
CA LEU A 702 -0.99 -22.17 23.44
C LEU A 702 -0.57 -20.71 23.41
N ALA A 703 0.63 -20.37 23.89
CA ALA A 703 1.07 -18.98 23.84
C ALA A 703 1.19 -18.48 22.39
N ALA A 704 1.72 -19.33 21.50
CA ALA A 704 1.86 -18.98 20.10
C ALA A 704 0.49 -18.78 19.43
N PHE A 705 -0.47 -19.63 19.79
CA PHE A 705 -1.81 -19.57 19.25
C PHE A 705 -2.58 -18.33 19.68
N VAL A 706 -2.57 -18.02 20.98
CA VAL A 706 -3.36 -16.88 21.44
C VAL A 706 -2.78 -15.56 20.96
N ASN A 707 -1.50 -15.54 20.61
CA ASN A 707 -0.90 -14.35 20.08
C ASN A 707 -0.99 -14.27 18.55
N GLY A 708 -1.77 -15.13 17.92
CA GLY A 708 -2.02 -15.05 16.49
C GLY A 708 -1.24 -15.93 15.50
N LEU A 709 -0.43 -16.88 15.91
CA LEU A 709 0.22 -17.67 14.86
C LEU A 709 -0.71 -18.77 14.40
N ASP A 710 -0.57 -19.15 13.13
CA ASP A 710 -1.36 -20.22 12.54
C ASP A 710 -0.92 -21.58 13.05
N VAL A 711 -1.81 -22.55 12.96
CA VAL A 711 -1.56 -23.90 13.43
C VAL A 711 -0.50 -24.59 12.61
N GLU A 712 -0.47 -24.35 11.31
CA GLU A 712 0.52 -25.01 10.49
C GLU A 712 1.93 -24.56 10.87
N VAL A 713 2.08 -23.28 11.25
CA VAL A 713 3.37 -22.75 11.66
C VAL A 713 3.77 -23.44 12.97
N ILE A 714 2.81 -23.60 13.87
CA ILE A 714 3.06 -24.24 15.14
C ILE A 714 3.50 -25.69 14.91
N ARG A 715 2.85 -26.43 13.99
CA ARG A 715 3.25 -27.81 13.70
C ARG A 715 4.66 -27.91 13.17
N GLN A 716 5.02 -27.02 12.27
CA GLN A 716 6.36 -27.03 11.72
C GLN A 716 7.38 -26.82 12.82
N GLY A 717 7.11 -25.88 13.73
CA GLY A 717 8.00 -25.59 14.82
C GLY A 717 8.18 -26.75 15.80
N VAL A 718 7.12 -27.44 16.18
CA VAL A 718 7.33 -28.53 17.14
C VAL A 718 8.04 -29.73 16.50
N ARG A 719 7.75 -30.01 15.23
CA ARG A 719 8.35 -31.13 14.52
C ARG A 719 9.86 -31.02 14.31
N THR A 720 10.40 -29.81 14.19
CA THR A 720 11.82 -29.65 13.94
C THR A 720 12.63 -29.19 15.14
N PHE A 721 12.04 -29.09 16.32
CA PHE A 721 12.79 -28.59 17.46
C PHE A 721 13.55 -29.67 18.17
N THR A 722 14.84 -29.42 18.43
CA THR A 722 15.62 -30.41 19.14
C THR A 722 16.25 -29.87 20.40
N THR A 723 16.50 -30.80 21.31
CA THR A 723 17.16 -30.60 22.59
C THR A 723 18.23 -31.67 22.69
N SER A 724 19.19 -31.66 21.78
CA SER A 724 20.17 -32.73 21.75
C SER A 724 21.30 -32.48 22.70
N ALA A 725 22.12 -33.50 22.87
CA ALA A 725 23.31 -33.32 23.64
C ALA A 725 24.09 -32.28 22.89
N GLU A 726 24.83 -31.48 23.63
CA GLU A 726 25.66 -30.38 23.15
C GLU A 726 24.82 -29.17 22.67
N GLN A 727 23.49 -29.20 22.86
CA GLN A 727 22.63 -28.05 22.62
C GLN A 727 22.05 -27.63 23.96
N THR A 728 21.59 -28.64 24.69
CA THR A 728 20.98 -28.46 25.99
C THR A 728 21.64 -29.42 26.99
N PRO A 729 22.90 -29.23 27.36
CA PRO A 729 23.60 -30.16 28.21
C PRO A 729 22.92 -30.19 29.56
N GLY A 730 22.75 -31.38 30.09
CA GLY A 730 22.15 -31.54 31.40
C GLY A 730 20.63 -31.56 31.38
N ARG A 731 20.01 -31.46 30.20
CA ARG A 731 18.56 -31.44 30.13
C ARG A 731 18.06 -32.56 29.23
N MET A 732 17.77 -33.73 29.81
CA MET A 732 17.40 -34.94 29.09
C MET A 732 18.35 -35.36 27.96
N ASN A 733 19.63 -35.62 28.27
CA ASN A 733 20.54 -36.05 27.21
C ASN A 733 20.61 -37.58 27.22
N LEU A 734 19.92 -38.25 26.28
CA LEU A 734 19.89 -39.72 26.32
C LEU A 734 20.92 -40.30 25.36
N PHE A 735 21.79 -41.15 25.89
CA PHE A 735 22.84 -41.78 25.13
C PHE A 735 22.64 -43.30 24.99
N ASN A 736 22.78 -43.78 23.77
CA ASN A 736 22.70 -45.21 23.39
C ASN A 736 24.10 -45.84 23.33
N LEU A 737 24.47 -46.67 24.31
CA LEU A 737 25.86 -47.15 24.39
C LEU A 737 25.98 -48.68 24.47
N GLY A 738 25.85 -49.35 23.32
CA GLY A 738 25.81 -50.81 23.28
C GLY A 738 24.43 -51.23 23.73
N GLN A 739 24.24 -52.42 24.30
CA GLN A 739 22.88 -52.80 24.71
C GLN A 739 22.60 -52.21 26.07
N HIS A 740 22.59 -50.89 26.12
CA HIS A 740 22.48 -50.12 27.34
C HIS A 740 22.17 -48.66 27.03
N HIS A 741 21.33 -48.04 27.83
CA HIS A 741 21.12 -46.62 27.69
C HIS A 741 21.36 -45.90 28.97
N ALA A 742 21.78 -44.65 28.85
CA ALA A 742 21.94 -43.85 30.03
C ALA A 742 21.58 -42.40 29.75
N LEU A 743 20.99 -41.77 30.74
CA LEU A 743 20.48 -40.42 30.64
C LEU A 743 21.17 -39.43 31.54
N VAL A 744 21.63 -38.31 30.97
CA VAL A 744 22.23 -37.29 31.83
C VAL A 744 21.28 -36.12 31.98
N ASP A 745 20.98 -35.76 33.23
CA ASP A 745 20.08 -34.65 33.51
C ASP A 745 20.60 -33.89 34.72
N TYR A 746 19.88 -32.85 35.14
CA TYR A 746 20.36 -32.07 36.27
C TYR A 746 19.20 -31.54 37.08
N ALA A 747 18.65 -32.39 37.91
CA ALA A 747 17.54 -32.04 38.77
C ALA A 747 18.10 -31.19 39.90
N HIS A 748 17.31 -30.28 40.44
CA HIS A 748 17.79 -29.48 41.56
C HIS A 748 16.85 -29.71 42.73
N ASN A 749 15.65 -29.17 42.64
CA ASN A 749 14.67 -29.43 43.67
C ASN A 749 14.08 -30.80 43.36
N PRO A 750 13.45 -31.47 44.34
CA PRO A 750 12.81 -32.78 44.23
C PRO A 750 11.85 -32.92 43.08
N ALA A 751 11.20 -31.84 42.58
CA ALA A 751 10.27 -32.06 41.49
C ALA A 751 10.99 -32.60 40.28
N GLY A 752 12.29 -32.30 40.12
CA GLY A 752 13.01 -32.78 38.97
C GLY A 752 13.48 -34.21 39.13
N TYR A 753 13.43 -34.73 40.34
CA TYR A 753 13.85 -36.09 40.55
C TYR A 753 12.63 -36.92 40.23
N ARG A 754 11.45 -36.36 40.55
CA ARG A 754 10.22 -37.04 40.23
C ARG A 754 9.97 -36.99 38.72
N ALA A 755 10.19 -35.83 38.09
CA ALA A 755 9.95 -35.73 36.65
C ALA A 755 10.82 -36.73 35.89
N VAL A 756 12.08 -36.86 36.28
CA VAL A 756 12.93 -37.81 35.60
C VAL A 756 12.49 -39.22 35.96
N GLY A 757 12.13 -39.47 37.21
CA GLY A 757 11.69 -40.79 37.62
C GLY A 757 10.50 -41.28 36.79
N ASP A 758 9.58 -40.39 36.40
CA ASP A 758 8.45 -40.83 35.58
C ASP A 758 8.93 -41.28 34.20
N PHE A 759 9.92 -40.58 33.64
CA PHE A 759 10.49 -41.02 32.37
C PHE A 759 11.03 -42.44 32.52
N VAL A 760 11.76 -42.67 33.60
CA VAL A 760 12.38 -43.97 33.83
C VAL A 760 11.34 -45.07 33.97
N LYS A 761 10.25 -44.82 34.69
CA LYS A 761 9.18 -45.79 34.88
C LYS A 761 8.64 -46.26 33.53
N ASN A 762 8.63 -45.36 32.55
CA ASN A 762 8.11 -45.66 31.23
C ASN A 762 9.16 -46.22 30.27
N TRP A 763 10.38 -46.49 30.75
CA TRP A 763 11.41 -47.02 29.88
C TRP A 763 11.08 -48.42 29.40
N GLN A 764 11.07 -48.59 28.09
CA GLN A 764 10.70 -49.87 27.50
C GLN A 764 11.91 -50.75 27.28
N GLY A 765 12.43 -51.25 28.39
CA GLY A 765 13.65 -52.03 28.40
C GLY A 765 13.72 -52.91 29.63
N GLN A 766 14.91 -53.01 30.23
CA GLN A 766 15.05 -53.90 31.40
C GLN A 766 15.24 -53.21 32.75
N ARG A 767 16.44 -53.25 33.32
CA ARG A 767 16.65 -52.71 34.67
C ARG A 767 16.74 -51.21 34.70
N PHE A 768 16.30 -50.62 35.80
CA PHE A 768 16.33 -49.18 36.02
C PHE A 768 17.37 -48.85 37.10
N GLY A 769 18.42 -48.13 36.72
CA GLY A 769 19.43 -47.81 37.71
C GLY A 769 19.63 -46.33 37.86
N VAL A 770 20.09 -45.94 39.04
CA VAL A 770 20.40 -44.55 39.30
C VAL A 770 21.83 -44.43 39.82
N VAL A 771 22.52 -43.47 39.23
CA VAL A 771 23.91 -43.19 39.48
C VAL A 771 24.19 -41.70 39.71
N GLY A 772 23.48 -41.11 40.64
CA GLY A 772 23.64 -39.72 40.97
C GLY A 772 22.82 -39.35 42.19
N GLY A 773 22.78 -38.06 42.50
CA GLY A 773 22.10 -37.57 43.69
C GLY A 773 22.45 -36.11 43.99
N PRO A 774 21.88 -35.54 45.08
CA PRO A 774 22.03 -34.18 45.54
C PRO A 774 23.41 -33.89 46.12
N GLY A 775 23.78 -32.62 46.12
CA GLY A 775 25.01 -32.18 46.76
C GLY A 775 24.69 -31.72 48.18
N ASP A 776 25.60 -30.98 48.81
CA ASP A 776 25.40 -30.58 50.21
C ASP A 776 24.76 -29.21 50.36
N ARG A 777 24.32 -28.64 49.26
CA ARG A 777 23.69 -27.32 49.24
C ARG A 777 22.19 -27.36 49.49
N ARG A 778 21.65 -28.57 49.65
CA ARG A 778 20.24 -28.76 49.88
C ARG A 778 19.85 -28.67 51.35
N ASP A 779 18.56 -28.42 51.56
CA ASP A 779 17.91 -28.36 52.86
C ASP A 779 17.65 -29.79 53.26
N SER A 780 17.05 -30.04 54.40
CA SER A 780 16.87 -31.42 54.86
C SER A 780 15.78 -32.18 54.10
N ASP A 781 16.05 -32.45 52.81
CA ASP A 781 15.18 -33.14 51.89
C ASP A 781 15.85 -34.37 51.31
N LEU A 782 16.95 -34.79 51.94
CA LEU A 782 17.71 -35.94 51.47
C LEU A 782 16.88 -37.21 51.61
N ILE A 783 16.09 -37.31 52.67
CA ILE A 783 15.29 -38.49 52.85
C ILE A 783 14.24 -38.52 51.75
N GLU A 784 13.62 -37.37 51.45
CA GLU A 784 12.62 -37.29 50.39
C GLU A 784 13.21 -37.73 49.07
N LEU A 785 14.44 -37.29 48.76
CA LEU A 785 15.09 -37.68 47.52
C LEU A 785 15.37 -39.17 47.50
N GLY A 786 15.75 -39.72 48.66
CA GLY A 786 15.97 -41.14 48.79
C GLY A 786 14.66 -41.91 48.56
N GLN A 787 13.56 -41.40 49.11
CA GLN A 787 12.27 -42.04 48.96
C GLN A 787 11.87 -42.05 47.48
N ILE A 788 12.19 -40.97 46.75
CA ILE A 788 11.86 -40.95 45.32
C ILE A 788 12.62 -42.03 44.57
N ALA A 789 13.93 -42.16 44.81
CA ALA A 789 14.72 -43.16 44.07
C ALA A 789 14.21 -44.57 44.32
N ALA A 790 13.79 -44.82 45.56
CA ALA A 790 13.31 -46.13 46.00
C ALA A 790 11.99 -46.53 45.33
N GLN A 791 11.28 -45.57 44.76
CA GLN A 791 9.99 -45.84 44.13
C GLN A 791 10.14 -46.05 42.63
N VAL A 792 11.36 -45.82 42.11
CA VAL A 792 11.57 -45.87 40.69
C VAL A 792 12.58 -46.92 40.23
N PHE A 793 13.73 -46.99 40.90
CA PHE A 793 14.84 -47.79 40.42
C PHE A 793 15.04 -49.12 41.17
N ASP A 794 15.60 -50.14 40.47
CA ASP A 794 15.93 -51.42 41.10
C ASP A 794 17.46 -51.62 41.27
N ARG A 795 18.23 -50.64 40.81
CA ARG A 795 19.68 -50.57 41.00
C ARG A 795 20.02 -49.20 41.58
N ILE A 796 20.01 -49.08 42.90
CA ILE A 796 20.27 -47.78 43.48
C ILE A 796 21.59 -47.75 44.18
N ILE A 797 22.55 -47.01 43.63
CA ILE A 797 23.85 -46.96 44.26
C ILE A 797 24.08 -45.56 44.80
N VAL A 798 24.39 -45.46 46.08
CA VAL A 798 24.58 -44.17 46.74
C VAL A 798 26.00 -43.61 46.54
N LYS A 799 26.04 -42.32 46.15
CA LYS A 799 27.30 -41.66 45.80
C LYS A 799 27.70 -40.41 46.61
N GLU A 800 26.90 -39.98 47.55
CA GLU A 800 27.11 -38.65 48.15
C GLU A 800 28.22 -38.46 49.21
N ASP A 801 29.45 -38.52 48.68
CA ASP A 801 30.75 -38.27 49.33
C ASP A 801 31.65 -37.96 48.13
N ASP A 802 31.49 -36.74 47.62
CA ASP A 802 32.02 -36.24 46.37
C ASP A 802 33.35 -35.49 46.51
N ASP A 803 33.70 -34.71 45.48
CA ASP A 803 34.95 -33.97 45.48
C ASP A 803 34.82 -32.65 46.25
N LYS A 804 33.61 -32.06 46.25
CA LYS A 804 33.40 -30.78 46.92
C LYS A 804 33.28 -30.90 48.43
N ARG A 805 32.53 -31.90 48.91
CA ARG A 805 32.37 -32.14 50.34
C ARG A 805 32.05 -30.88 51.11
N GLY A 806 30.96 -30.21 50.72
CA GLY A 806 30.58 -28.95 51.35
C GLY A 806 30.41 -29.12 52.86
N ARG A 807 29.90 -30.27 53.29
CA ARG A 807 29.77 -30.51 54.72
C ARG A 807 30.34 -31.88 55.10
N SER A 808 31.34 -31.85 55.97
CA SER A 808 32.01 -33.05 56.44
C SER A 808 32.47 -33.99 55.33
N GLU A 809 32.01 -35.26 55.36
CA GLU A 809 32.41 -36.27 54.38
C GLU A 809 31.21 -37.01 53.76
N GLY A 810 30.93 -38.23 54.25
CA GLY A 810 29.90 -39.11 53.70
C GLY A 810 28.52 -39.10 54.36
N GLU A 811 28.27 -38.15 55.27
CA GLU A 811 26.99 -38.11 55.97
C GLU A 811 25.80 -37.93 55.03
N THR A 812 25.98 -37.20 53.93
CA THR A 812 24.90 -37.00 52.98
C THR A 812 24.50 -38.36 52.41
N ALA A 813 25.50 -39.17 52.02
CA ALA A 813 25.22 -40.52 51.54
C ALA A 813 24.52 -41.37 52.59
N ASP A 814 24.88 -41.23 53.86
CA ASP A 814 24.21 -42.03 54.87
C ASP A 814 22.74 -41.65 55.02
N LEU A 815 22.44 -40.35 54.91
CA LEU A 815 21.06 -39.88 54.99
C LEU A 815 20.23 -40.37 53.81
N ILE A 816 20.85 -40.44 52.63
CA ILE A 816 20.15 -40.99 51.47
C ILE A 816 19.85 -42.45 51.75
N VAL A 817 20.83 -43.19 52.31
CA VAL A 817 20.62 -44.59 52.62
C VAL A 817 19.45 -44.76 53.59
N LYS A 818 19.38 -43.92 54.63
CA LYS A 818 18.26 -44.07 55.53
C LYS A 818 16.94 -43.91 54.78
N GLY A 819 16.84 -42.93 53.87
CA GLY A 819 15.61 -42.73 53.09
C GLY A 819 15.26 -43.88 52.16
N ILE A 820 16.23 -44.34 51.37
CA ILE A 820 15.96 -45.36 50.35
C ILE A 820 15.59 -46.72 50.97
N LEU A 821 16.16 -47.05 52.14
CA LEU A 821 15.85 -48.30 52.79
C LEU A 821 14.58 -48.23 53.63
N GLN A 822 14.02 -47.03 53.77
CA GLN A 822 12.84 -46.82 54.55
C GLN A 822 11.66 -47.13 53.67
N GLU A 823 11.73 -46.61 52.45
CA GLU A 823 10.68 -46.75 51.47
C GLU A 823 10.65 -48.13 50.81
N ASN A 824 11.81 -48.69 50.46
CA ASN A 824 11.82 -49.96 49.75
C ASN A 824 13.18 -50.65 49.77
N PRO A 825 13.54 -51.47 50.77
CA PRO A 825 14.85 -52.09 50.93
C PRO A 825 15.02 -53.32 50.00
N GLY A 826 14.91 -53.09 48.69
CA GLY A 826 14.98 -54.16 47.68
C GLY A 826 15.61 -53.76 46.32
N ALA A 827 16.57 -52.81 46.30
CA ALA A 827 17.19 -52.34 45.03
C ALA A 827 18.72 -52.43 45.04
N SER A 828 19.26 -53.52 45.58
CA SER A 828 20.72 -53.72 45.60
C SER A 828 21.43 -52.47 46.11
N TYR A 829 21.08 -52.04 47.31
CA TYR A 829 21.53 -50.76 47.84
C TYR A 829 22.96 -50.63 48.32
N GLU A 830 23.84 -50.64 47.36
CA GLU A 830 25.26 -50.44 47.54
C GLU A 830 25.55 -48.96 47.69
N VAL A 831 26.54 -48.63 48.49
CA VAL A 831 27.02 -47.26 48.57
C VAL A 831 28.42 -47.38 47.99
N ILE A 832 28.73 -46.56 47.00
CA ILE A 832 30.02 -46.68 46.33
C ILE A 832 30.87 -45.43 46.49
N LEU A 833 30.22 -44.27 46.51
CA LEU A 833 30.81 -42.92 46.65
C LEU A 833 31.65 -42.43 45.45
N ASP A 834 32.41 -43.29 44.82
CA ASP A 834 33.18 -42.81 43.67
C ASP A 834 32.31 -42.79 42.42
N GLU A 835 31.75 -41.60 42.19
CA GLU A 835 30.82 -41.33 41.10
C GLU A 835 31.47 -41.24 39.71
N THR A 836 32.80 -41.20 39.64
CA THR A 836 33.45 -40.97 38.35
C THR A 836 34.11 -42.21 37.75
N ILE A 837 34.76 -43.05 38.54
CA ILE A 837 35.42 -44.22 37.93
C ILE A 837 34.88 -45.55 38.43
N ALA A 838 33.70 -45.53 39.01
CA ALA A 838 33.08 -46.76 39.50
C ALA A 838 31.58 -46.76 39.25
N LEU A 839 30.87 -45.83 39.89
CA LEU A 839 29.41 -45.78 39.82
C LEU A 839 28.87 -45.74 38.41
N ASN A 840 29.50 -44.90 37.62
CA ASN A 840 29.16 -44.63 36.24
C ASN A 840 30.08 -45.33 35.26
N LYS A 841 30.84 -46.30 35.75
CA LYS A 841 31.73 -47.02 34.87
C LYS A 841 31.27 -48.47 34.78
N ALA A 842 30.88 -49.07 35.92
CA ALA A 842 30.43 -50.47 35.93
C ALA A 842 28.96 -50.54 35.53
N LEU A 843 28.68 -50.15 34.31
CA LEU A 843 27.30 -50.05 33.89
C LEU A 843 26.75 -51.33 33.31
N ASP A 844 27.60 -52.33 33.17
CA ASP A 844 27.18 -53.61 32.61
C ASP A 844 26.59 -54.50 33.70
N GLN A 845 26.40 -53.93 34.89
CA GLN A 845 25.70 -54.59 35.99
C GLN A 845 24.20 -54.60 35.65
N VAL A 846 23.84 -53.73 34.71
CA VAL A 846 22.51 -53.51 34.21
C VAL A 846 22.23 -54.44 33.03
N GLU A 847 21.05 -55.05 33.04
CA GLU A 847 20.62 -55.98 32.00
C GLU A 847 20.49 -55.29 30.67
N GLU A 848 20.59 -56.07 29.60
CA GLU A 848 20.57 -55.52 28.25
C GLU A 848 19.34 -54.68 28.02
N LYS A 849 19.61 -53.50 27.48
CA LYS A 849 18.64 -52.45 27.20
C LYS A 849 18.02 -51.87 28.47
N GLY A 850 18.73 -51.89 29.58
CA GLY A 850 18.23 -51.24 30.76
C GLY A 850 18.58 -49.77 30.65
N LEU A 851 18.19 -48.99 31.65
CA LEU A 851 18.42 -47.55 31.65
C LEU A 851 19.06 -47.06 32.92
N VAL A 852 20.13 -46.30 32.77
CA VAL A 852 20.80 -45.69 33.91
C VAL A 852 20.68 -44.16 33.91
N VAL A 853 20.21 -43.62 35.02
CA VAL A 853 20.04 -42.18 35.14
C VAL A 853 21.09 -41.51 35.99
N VAL A 854 21.74 -40.52 35.39
CA VAL A 854 22.81 -39.82 36.03
C VAL A 854 22.32 -38.46 36.50
N PHE A 855 22.53 -38.18 37.77
CA PHE A 855 22.20 -36.89 38.40
C PHE A 855 23.52 -36.43 39.04
N PRO A 856 24.47 -35.93 38.22
CA PRO A 856 25.85 -35.65 38.56
C PRO A 856 25.94 -34.35 39.30
N GLU A 857 27.07 -34.08 39.94
CA GLU A 857 27.29 -32.74 40.45
C GLU A 857 27.54 -31.79 39.27
N SER A 858 28.23 -32.31 38.25
CA SER A 858 28.56 -31.56 37.04
C SER A 858 28.29 -32.37 35.78
N VAL A 859 27.40 -31.83 34.93
CA VAL A 859 27.01 -32.52 33.70
C VAL A 859 28.16 -32.53 32.70
N THR A 860 29.02 -31.52 32.75
CA THR A 860 30.16 -31.45 31.85
C THR A 860 31.00 -32.71 31.99
N ARG A 861 31.18 -33.17 33.23
CA ARG A 861 31.95 -34.39 33.44
C ARG A 861 31.08 -35.59 33.05
N ALA A 862 29.80 -35.59 33.44
CA ALA A 862 28.95 -36.74 33.16
C ALA A 862 28.86 -37.07 31.67
N ILE A 863 28.84 -36.05 30.82
CA ILE A 863 28.72 -36.32 29.40
C ILE A 863 30.08 -36.66 28.77
N ASP A 864 31.18 -36.46 29.51
CA ASP A 864 32.51 -36.79 29.01
C ASP A 864 32.79 -38.24 29.37
N LEU A 865 32.29 -38.64 30.56
CA LEU A 865 32.42 -39.98 31.09
C LEU A 865 31.51 -40.97 30.39
N ILE A 866 30.27 -40.58 30.10
CA ILE A 866 29.34 -41.53 29.50
C ILE A 866 29.90 -42.01 28.15
N LYS A 867 30.63 -41.13 27.48
CA LYS A 867 31.25 -41.35 26.18
C LYS A 867 32.32 -42.43 26.15
N VAL A 868 32.81 -42.89 27.31
CA VAL A 868 33.86 -43.91 27.33
C VAL A 868 33.34 -45.24 26.78
N ARG A 869 32.02 -45.39 26.71
CA ARG A 869 31.40 -46.60 26.17
C ARG A 869 31.12 -46.51 24.68
N ASN A 870 31.57 -45.44 24.01
CA ASN A 870 31.34 -45.28 22.57
C ASN A 870 29.85 -45.22 22.18
N PRO A 871 29.14 -44.14 22.52
CA PRO A 871 27.73 -43.94 22.23
C PRO A 871 27.51 -43.79 20.74
N ILE A 872 26.33 -44.21 20.31
CA ILE A 872 25.88 -44.13 18.94
C ILE A 872 25.34 -42.75 18.59
N MET B 1 42.08 41.95 -34.28
CA MET B 1 40.89 41.17 -33.94
C MET B 1 40.37 41.53 -32.58
N LYS B 2 39.13 41.96 -32.52
CA LYS B 2 38.52 42.30 -31.25
C LYS B 2 37.35 41.40 -30.87
N ILE B 3 37.19 41.13 -29.59
CA ILE B 3 36.03 40.38 -29.14
C ILE B 3 34.98 41.36 -28.67
N LEU B 4 33.81 41.29 -29.29
CA LEU B 4 32.74 42.22 -29.01
C LEU B 4 31.80 41.69 -27.96
N LYS B 5 31.53 40.40 -28.01
CA LYS B 5 30.57 39.79 -27.09
C LYS B 5 30.84 38.32 -26.78
N THR B 6 30.60 37.90 -25.54
CA THR B 6 30.75 36.47 -25.23
C THR B 6 29.53 35.90 -24.51
N LEU B 7 29.02 34.76 -24.99
CA LEU B 7 27.92 34.04 -24.35
C LEU B 7 28.33 32.66 -23.91
N THR B 8 27.84 32.23 -22.77
CA THR B 8 28.11 30.86 -22.30
C THR B 8 26.79 30.10 -22.30
N LEU B 9 26.74 29.00 -23.02
CA LEU B 9 25.52 28.23 -23.12
C LEU B 9 25.63 27.02 -22.25
N ARG B 10 24.56 26.73 -21.52
CA ARG B 10 24.49 25.59 -20.63
C ARG B 10 23.21 24.79 -20.75
N GLY B 11 23.08 24.03 -21.81
CA GLY B 11 21.85 23.28 -22.06
C GLY B 11 21.59 23.26 -23.55
N PRO B 12 20.58 22.51 -24.03
CA PRO B 12 20.22 22.37 -25.43
C PRO B 12 20.01 23.73 -26.01
N ASN B 13 20.49 23.92 -27.21
CA ASN B 13 20.45 25.21 -27.82
C ASN B 13 20.40 25.17 -29.32
N TYR B 14 20.44 26.35 -29.90
CA TYR B 14 20.42 26.60 -31.31
C TYR B 14 21.53 25.90 -32.09
N TRP B 15 22.75 25.88 -31.56
CA TRP B 15 23.88 25.31 -32.28
C TRP B 15 23.89 23.80 -32.21
N SER B 16 23.48 23.27 -31.07
CA SER B 16 23.42 21.83 -30.88
C SER B 16 22.50 21.41 -29.74
N ILE B 17 21.83 20.27 -29.90
CA ILE B 17 21.02 19.73 -28.81
C ILE B 17 21.87 18.98 -27.83
N ARG B 18 22.79 18.17 -28.36
CA ARG B 18 23.71 17.37 -27.56
C ARG B 18 24.89 18.17 -26.98
N ARG B 19 25.39 19.16 -27.69
CA ARG B 19 26.54 19.87 -27.17
C ARG B 19 26.02 21.01 -26.32
N LYS B 20 25.84 20.68 -25.06
CA LYS B 20 25.25 21.54 -24.06
C LYS B 20 26.19 22.64 -23.58
N LYS B 21 27.49 22.35 -23.55
CA LYS B 21 28.50 23.31 -23.06
C LYS B 21 29.27 24.01 -24.14
N LEU B 22 28.82 25.20 -24.51
CA LEU B 22 29.42 25.95 -25.61
C LEU B 22 29.69 27.39 -25.28
N ILE B 23 30.73 27.93 -25.87
CA ILE B 23 31.03 29.34 -25.80
C ILE B 23 30.88 29.95 -27.15
N VAL B 24 30.12 31.01 -27.20
CA VAL B 24 29.88 31.71 -28.44
C VAL B 24 30.55 33.06 -28.35
N MET B 25 31.52 33.27 -29.21
CA MET B 25 32.28 34.49 -29.22
C MET B 25 31.97 35.30 -30.48
N ARG B 26 31.67 36.57 -30.29
CA ARG B 26 31.40 37.45 -31.42
C ARG B 26 32.68 38.21 -31.71
N LEU B 27 33.34 37.83 -32.80
CA LEU B 27 34.67 38.30 -33.16
C LEU B 27 34.70 39.23 -34.37
N ASP B 28 35.28 40.41 -34.17
CA ASP B 28 35.38 41.45 -35.17
C ASP B 28 36.74 41.49 -35.88
N LEU B 29 36.81 40.98 -37.12
CA LEU B 29 38.08 40.93 -37.82
C LEU B 29 38.32 42.28 -38.48
N GLU B 30 38.79 43.25 -37.70
CA GLU B 30 38.97 44.63 -38.20
C GLU B 30 39.95 44.64 -39.36
N ASP B 31 40.99 43.86 -39.20
CA ASP B 31 42.04 43.53 -40.14
C ASP B 31 41.72 42.12 -40.53
N LEU B 32 42.49 41.51 -41.39
CA LEU B 32 42.37 40.08 -41.68
C LEU B 32 41.12 39.64 -42.45
N ALA B 33 40.00 40.34 -42.33
CA ALA B 33 38.78 40.04 -43.07
C ALA B 33 39.05 40.10 -44.57
N GLU B 34 40.03 40.93 -44.92
CA GLU B 34 40.48 41.16 -46.28
C GLU B 34 41.80 40.43 -46.60
N ARG B 35 42.32 39.62 -45.68
CA ARG B 35 43.60 38.96 -45.86
C ARG B 35 43.54 37.46 -45.56
N PRO B 36 43.10 36.61 -46.49
CA PRO B 36 42.84 35.20 -46.32
C PRO B 36 44.06 34.31 -46.26
N SER B 37 44.85 34.46 -45.19
CA SER B 37 46.06 33.65 -44.89
C SER B 37 47.27 33.89 -45.79
N ASN B 38 47.08 33.77 -47.09
CA ASN B 38 48.15 33.90 -48.07
C ASN B 38 48.57 35.33 -48.30
N SER B 39 47.81 36.24 -47.73
CA SER B 39 48.04 37.66 -47.78
C SER B 39 48.72 38.15 -46.50
N ILE B 40 49.10 37.19 -45.64
CA ILE B 40 49.76 37.44 -44.40
C ILE B 40 51.10 36.69 -44.40
N PRO B 41 52.20 37.30 -44.84
CA PRO B 41 53.46 36.62 -45.01
C PRO B 41 53.90 35.95 -43.71
N GLY B 42 54.31 34.68 -43.81
CA GLY B 42 54.77 33.93 -42.66
C GLY B 42 53.66 33.19 -41.87
N PHE B 43 52.38 33.43 -42.19
CA PHE B 43 51.33 32.78 -41.41
C PHE B 43 50.98 31.37 -41.86
N TYR B 44 51.90 30.49 -41.65
CA TYR B 44 51.73 29.07 -41.89
C TYR B 44 52.78 28.40 -41.08
N GLU B 45 54.02 28.81 -41.31
CA GLU B 45 55.14 28.27 -40.59
C GLU B 45 55.05 28.73 -39.14
N GLY B 46 54.71 30.01 -38.91
CA GLY B 46 54.59 30.49 -37.54
C GLY B 46 53.48 29.74 -36.81
N LEU B 47 52.38 29.45 -37.50
CA LEU B 47 51.29 28.77 -36.81
C LEU B 47 51.67 27.34 -36.44
N ILE B 48 52.28 26.60 -37.37
CA ILE B 48 52.64 25.22 -37.07
C ILE B 48 53.81 25.10 -36.09
N LYS B 49 54.74 26.06 -36.06
CA LYS B 49 55.82 25.89 -35.09
C LYS B 49 55.38 26.30 -33.68
N VAL B 50 54.44 27.24 -33.54
CA VAL B 50 53.98 27.62 -32.21
C VAL B 50 53.08 26.52 -31.67
N LEU B 51 52.18 26.03 -32.50
CA LEU B 51 51.26 24.99 -32.10
C LEU B 51 51.37 23.76 -33.01
N PRO B 52 52.45 22.95 -32.92
CA PRO B 52 52.77 21.81 -33.76
C PRO B 52 51.78 20.68 -33.65
N SER B 53 50.96 20.75 -32.61
CA SER B 53 49.93 19.80 -32.32
C SER B 53 48.65 20.02 -33.15
N LEU B 54 48.54 21.13 -33.94
CA LEU B 54 47.33 21.36 -34.75
C LEU B 54 47.36 20.52 -36.00
N VAL B 55 47.37 19.22 -35.83
CA VAL B 55 47.52 18.29 -36.92
C VAL B 55 46.32 17.40 -37.10
N GLU B 56 45.82 16.82 -36.02
CA GLU B 56 44.72 15.87 -36.05
C GLU B 56 43.37 16.46 -36.47
N HIS B 57 43.26 17.79 -36.48
CA HIS B 57 42.01 18.49 -36.78
C HIS B 57 41.58 18.28 -38.24
N PHE B 58 40.39 17.71 -38.50
CA PHE B 58 39.95 17.42 -39.87
C PHE B 58 39.30 18.62 -40.52
N CYS B 59 38.74 19.52 -39.74
CA CYS B 59 38.01 20.65 -40.27
C CYS B 59 36.92 20.08 -41.20
N SER B 60 36.71 20.66 -42.37
CA SER B 60 35.71 20.18 -43.31
C SER B 60 36.17 19.05 -44.29
N PRO B 61 37.44 18.91 -44.75
CA PRO B 61 37.76 17.81 -45.74
C PRO B 61 37.49 16.35 -45.33
N GLY B 62 37.31 16.08 -44.04
CA GLY B 62 37.05 14.75 -43.40
C GLY B 62 38.18 13.74 -43.03
N TYR B 63 39.43 14.05 -43.27
CA TYR B 63 40.56 13.19 -42.94
C TYR B 63 41.63 13.95 -42.14
N GLN B 64 42.63 13.22 -41.63
CA GLN B 64 43.67 13.76 -40.74
C GLN B 64 44.55 14.85 -41.34
N GLY B 65 44.49 15.04 -42.64
CA GLY B 65 45.25 16.08 -43.30
C GLY B 65 44.32 17.26 -43.63
N GLY B 66 43.11 17.23 -43.08
CA GLY B 66 42.07 18.22 -43.36
C GLY B 66 42.38 19.66 -42.96
N PHE B 67 42.76 19.90 -41.70
CA PHE B 67 43.08 21.29 -41.37
C PHE B 67 44.50 21.48 -41.84
N LEU B 68 45.07 22.68 -41.68
CA LEU B 68 46.41 23.06 -42.18
C LEU B 68 46.39 23.18 -43.72
N GLU B 69 45.84 22.19 -44.43
CA GLU B 69 45.68 22.28 -45.87
C GLU B 69 44.84 23.53 -46.15
N ARG B 70 43.89 23.80 -45.27
CA ARG B 70 43.01 24.93 -45.40
C ARG B 70 43.69 26.25 -45.01
N VAL B 71 44.90 26.20 -44.46
CA VAL B 71 45.62 27.40 -44.06
C VAL B 71 46.46 27.78 -45.29
N LYS B 72 46.97 26.75 -45.99
CA LYS B 72 47.69 26.97 -47.26
C LYS B 72 46.74 27.61 -48.29
N GLU B 73 45.47 27.21 -48.24
CA GLU B 73 44.37 27.75 -49.05
C GLU B 73 43.90 29.03 -48.38
N GLY B 74 43.17 29.86 -49.09
CA GLY B 74 42.76 31.14 -48.50
C GLY B 74 41.66 31.13 -47.42
N THR B 75 41.96 30.56 -46.26
CA THR B 75 41.06 30.57 -45.09
C THR B 75 41.27 31.82 -44.25
N TYR B 76 40.17 32.42 -43.83
CA TYR B 76 40.18 33.62 -43.03
C TYR B 76 40.40 33.32 -41.56
N MET B 77 40.96 34.28 -40.85
CA MET B 77 41.37 34.12 -39.46
C MET B 77 40.27 33.77 -38.47
N GLY B 78 39.05 34.15 -38.74
CA GLY B 78 37.99 33.82 -37.78
C GLY B 78 37.77 32.30 -37.71
N HIS B 79 38.19 31.53 -38.71
CA HIS B 79 38.04 30.05 -38.70
C HIS B 79 39.24 29.38 -38.06
N ILE B 80 40.32 30.12 -37.83
CA ILE B 80 41.57 29.62 -37.29
C ILE B 80 41.60 29.78 -35.77
N VAL B 81 41.12 30.93 -35.24
CA VAL B 81 41.16 31.10 -33.77
C VAL B 81 40.29 30.04 -33.10
N GLU B 82 39.38 29.49 -33.87
CA GLU B 82 38.47 28.45 -33.38
C GLU B 82 39.20 27.15 -33.17
N HIS B 83 40.26 26.87 -33.94
CA HIS B 83 40.96 25.58 -33.87
C HIS B 83 42.09 25.76 -32.85
N VAL B 84 42.46 27.01 -32.55
CA VAL B 84 43.43 27.31 -31.55
C VAL B 84 42.76 27.23 -30.18
N ALA B 85 41.56 27.80 -30.01
CA ALA B 85 40.93 27.69 -28.69
C ALA B 85 40.70 26.23 -28.32
N LEU B 86 40.31 25.39 -29.29
CA LEU B 86 40.12 24.00 -28.93
C LEU B 86 41.43 23.33 -28.57
N GLU B 87 42.50 23.65 -29.29
CA GLU B 87 43.80 23.03 -29.05
C GLU B 87 44.41 23.46 -27.73
N LEU B 88 44.25 24.71 -27.35
CA LEU B 88 44.82 25.14 -26.10
C LEU B 88 44.19 24.38 -24.95
N GLN B 89 42.90 24.03 -25.05
CA GLN B 89 42.28 23.26 -23.97
C GLN B 89 42.78 21.80 -23.99
N GLU B 90 42.99 21.24 -25.19
CA GLU B 90 43.45 19.86 -25.33
C GLU B 90 44.86 19.68 -24.75
N LEU B 91 45.70 20.71 -24.89
CA LEU B 91 47.07 20.68 -24.41
C LEU B 91 47.20 20.60 -22.90
N VAL B 92 46.13 20.87 -22.18
CA VAL B 92 46.17 20.79 -20.74
C VAL B 92 45.25 19.68 -20.23
N GLY B 93 44.84 18.78 -21.12
CA GLY B 93 44.03 17.63 -20.74
C GLY B 93 42.50 17.78 -20.72
N MET B 94 41.96 18.90 -21.20
CA MET B 94 40.52 19.07 -21.21
C MET B 94 40.07 18.77 -22.60
N THR B 95 39.25 17.77 -22.77
CA THR B 95 38.90 17.38 -24.12
C THR B 95 37.66 18.07 -24.62
N ALA B 96 37.79 18.70 -25.76
CA ALA B 96 36.73 19.41 -26.45
C ALA B 96 37.05 19.31 -27.93
N GLY B 97 36.04 19.09 -28.77
CA GLY B 97 36.31 18.97 -30.19
C GLY B 97 35.33 19.67 -31.12
N PHE B 98 34.15 19.99 -30.63
CA PHE B 98 33.16 20.64 -31.45
C PHE B 98 33.43 22.12 -31.66
N GLY B 99 33.21 22.57 -32.88
CA GLY B 99 33.23 23.98 -33.16
C GLY B 99 32.72 24.30 -34.55
N ARG B 100 32.27 25.54 -34.69
CA ARG B 100 31.70 26.10 -35.92
C ARG B 100 31.93 27.59 -36.08
N THR B 101 31.90 28.05 -37.33
CA THR B 101 31.92 29.48 -37.60
C THR B 101 30.83 29.92 -38.58
N ARG B 102 30.33 31.14 -38.36
CA ARG B 102 29.35 31.79 -39.23
C ARG B 102 29.59 33.28 -39.39
N GLU B 103 29.42 33.81 -40.59
CA GLU B 103 29.55 35.25 -40.73
C GLU B 103 28.21 35.91 -40.43
N THR B 104 28.26 37.00 -39.68
CA THR B 104 27.10 37.78 -39.30
C THR B 104 27.28 39.25 -39.54
N SER B 105 26.25 40.02 -39.19
CA SER B 105 26.27 41.49 -39.28
C SER B 105 26.83 42.00 -40.59
N THR B 106 27.68 43.00 -40.48
CA THR B 106 28.37 43.50 -41.63
C THR B 106 29.50 42.52 -41.89
N PRO B 107 30.08 42.50 -43.09
CA PRO B 107 31.17 41.61 -43.41
C PRO B 107 32.30 41.83 -42.42
N GLY B 108 32.94 40.73 -42.05
CA GLY B 108 34.05 40.76 -41.11
C GLY B 108 33.68 40.37 -39.67
N VAL B 109 32.39 40.36 -39.32
CA VAL B 109 32.06 39.93 -37.95
C VAL B 109 31.60 38.51 -37.96
N TYR B 110 32.24 37.67 -37.15
CA TYR B 110 31.92 36.26 -37.11
C TYR B 110 31.53 35.71 -35.76
N ASN B 111 30.68 34.72 -35.79
CA ASN B 111 30.36 33.96 -34.59
C ASN B 111 31.22 32.73 -34.55
N VAL B 112 32.04 32.66 -33.51
CA VAL B 112 32.96 31.56 -33.30
C VAL B 112 32.41 30.72 -32.15
N VAL B 113 32.09 29.48 -32.44
CA VAL B 113 31.48 28.65 -31.43
C VAL B 113 32.35 27.47 -31.12
N TYR B 114 32.65 27.26 -29.84
CA TYR B 114 33.47 26.11 -29.48
C TYR B 114 33.05 25.49 -28.15
N GLU B 115 33.33 24.22 -28.02
CA GLU B 115 33.08 23.40 -26.85
C GLU B 115 34.02 23.61 -25.68
N TYR B 116 33.47 23.56 -24.46
CA TYR B 116 34.28 23.69 -23.23
C TYR B 116 33.98 22.59 -22.24
N VAL B 117 34.92 22.37 -21.33
CA VAL B 117 34.74 21.42 -20.24
C VAL B 117 34.50 22.21 -18.94
N ASP B 118 35.43 23.12 -18.66
CA ASP B 118 35.35 24.05 -17.54
C ASP B 118 35.03 25.43 -18.08
N GLU B 119 34.07 26.08 -17.47
CA GLU B 119 33.60 27.37 -17.91
C GLU B 119 34.63 28.49 -17.95
N GLN B 120 35.52 28.58 -16.95
CA GLN B 120 36.43 29.71 -16.96
C GLN B 120 37.60 29.40 -17.83
N ALA B 121 38.00 28.14 -17.86
CA ALA B 121 39.08 27.73 -18.71
C ALA B 121 38.69 27.92 -20.17
N GLY B 122 37.43 27.65 -20.50
CA GLY B 122 36.91 27.80 -21.85
C GLY B 122 37.01 29.24 -22.30
N ARG B 123 36.50 30.17 -21.48
CA ARG B 123 36.58 31.55 -21.89
C ARG B 123 38.03 32.03 -22.00
N TYR B 124 38.91 31.55 -21.10
CA TYR B 124 40.31 31.91 -21.11
C TYR B 124 40.96 31.49 -22.42
N ALA B 125 40.73 30.24 -22.83
CA ALA B 125 41.32 29.69 -24.06
C ALA B 125 40.91 30.49 -25.27
N GLY B 126 39.68 30.99 -25.28
CA GLY B 126 39.20 31.79 -26.38
C GLY B 126 40.02 33.07 -26.51
N ARG B 127 40.18 33.78 -25.40
CA ARG B 127 40.92 35.02 -25.43
C ARG B 127 42.38 34.79 -25.83
N ALA B 128 42.96 33.70 -25.30
CA ALA B 128 44.33 33.36 -25.60
C ALA B 128 44.52 33.02 -27.07
N ALA B 129 43.54 32.33 -27.70
CA ALA B 129 43.62 31.99 -29.12
C ALA B 129 43.69 33.22 -29.98
N VAL B 130 42.97 34.25 -29.58
CA VAL B 130 42.98 35.48 -30.34
C VAL B 130 44.35 36.14 -30.23
N ARG B 131 44.93 36.21 -29.02
CA ARG B 131 46.25 36.84 -28.88
C ARG B 131 47.34 36.09 -29.65
N LEU B 132 47.30 34.78 -29.61
CA LEU B 132 48.31 33.99 -30.30
C LEU B 132 48.23 34.25 -31.79
N CYS B 133 47.01 34.17 -32.33
CA CYS B 133 46.81 34.38 -33.74
C CYS B 133 47.11 35.80 -34.17
N ARG B 134 46.83 36.79 -33.31
CA ARG B 134 47.10 38.14 -33.73
C ARG B 134 48.60 38.39 -33.81
N SER B 135 49.40 37.88 -32.86
CA SER B 135 50.83 38.13 -32.93
C SER B 135 51.43 37.51 -34.18
N LEU B 136 50.94 36.34 -34.58
CA LEU B 136 51.48 35.67 -35.76
C LEU B 136 51.10 36.29 -37.10
N VAL B 137 50.23 37.30 -37.13
CA VAL B 137 49.85 37.91 -38.41
C VAL B 137 50.41 39.33 -38.45
N ASP B 138 51.28 39.59 -37.48
CA ASP B 138 51.99 40.82 -37.29
C ASP B 138 53.48 40.46 -37.45
N THR B 139 53.96 39.61 -36.56
CA THR B 139 55.31 39.08 -36.60
C THR B 139 55.19 37.63 -37.06
N GLY B 140 56.29 36.91 -37.13
CA GLY B 140 56.22 35.53 -37.64
C GLY B 140 56.23 34.42 -36.59
N ASP B 141 56.19 34.78 -35.32
CA ASP B 141 56.31 33.81 -34.24
C ASP B 141 55.56 34.25 -32.96
N TYR B 142 55.62 33.42 -31.94
CA TYR B 142 54.98 33.68 -30.65
C TYR B 142 55.94 33.15 -29.58
N PRO B 143 56.40 33.95 -28.61
CA PRO B 143 57.38 33.55 -27.61
C PRO B 143 56.95 32.30 -26.89
N ARG B 144 57.90 31.40 -26.65
CA ARG B 144 57.54 30.17 -25.97
C ARG B 144 57.05 30.42 -24.56
N LEU B 145 57.61 31.40 -23.89
CA LEU B 145 57.22 31.64 -22.52
C LEU B 145 55.82 32.23 -22.41
N GLU B 146 55.29 32.76 -23.52
CA GLU B 146 53.97 33.35 -23.52
C GLU B 146 52.94 32.28 -23.87
N LEU B 147 53.42 31.07 -24.15
CA LEU B 147 52.55 29.97 -24.43
C LEU B 147 52.51 29.12 -23.18
N GLU B 148 53.68 28.94 -22.56
CA GLU B 148 53.75 28.11 -21.37
C GLU B 148 53.01 28.76 -20.22
N LYS B 149 53.06 30.10 -20.07
CA LYS B 149 52.33 30.68 -18.95
C LYS B 149 50.82 30.56 -19.14
N ASP B 150 50.34 30.53 -20.38
CA ASP B 150 48.90 30.44 -20.60
C ASP B 150 48.46 29.02 -20.34
N LEU B 151 49.30 28.05 -20.70
CA LEU B 151 48.94 26.68 -20.44
C LEU B 151 48.91 26.46 -18.92
N GLU B 152 49.82 27.12 -18.18
CA GLU B 152 49.79 27.00 -16.73
C GLU B 152 48.50 27.58 -16.15
N ASP B 153 48.01 28.72 -16.68
CA ASP B 153 46.76 29.28 -16.16
C ASP B 153 45.59 28.36 -16.48
N LEU B 154 45.57 27.73 -17.65
CA LEU B 154 44.47 26.82 -17.94
C LEU B 154 44.49 25.63 -17.00
N ARG B 155 45.68 25.10 -16.66
CA ARG B 155 45.74 23.98 -15.75
C ARG B 155 45.21 24.35 -14.38
N ASP B 156 45.49 25.56 -13.90
CA ASP B 156 44.96 25.93 -12.59
C ASP B 156 43.45 26.14 -12.63
N LEU B 157 42.93 26.76 -13.69
CA LEU B 157 41.51 27.02 -13.76
C LEU B 157 40.71 25.73 -13.77
N GLY B 158 41.23 24.71 -14.45
CA GLY B 158 40.52 23.46 -14.53
C GLY B 158 40.71 22.58 -13.27
N ALA B 159 41.56 23.01 -12.34
CA ALA B 159 41.80 22.25 -11.13
C ALA B 159 40.92 22.77 -10.02
N ASN B 160 40.77 24.08 -10.00
CA ASN B 160 40.03 24.76 -8.95
C ASN B 160 38.55 24.40 -8.94
N SER B 161 38.01 24.09 -10.10
CA SER B 161 36.61 23.75 -10.26
C SER B 161 36.30 22.26 -10.15
N ALA B 162 37.30 21.43 -9.95
CA ALA B 162 37.08 20.00 -9.92
C ALA B 162 36.28 19.54 -8.70
N LEU B 163 35.45 18.52 -8.90
CA LEU B 163 34.72 17.89 -7.80
C LEU B 163 35.66 16.88 -7.18
N GLY B 164 35.54 16.62 -5.88
CA GLY B 164 36.40 15.61 -5.34
C GLY B 164 35.95 14.26 -5.88
N PRO B 165 36.80 13.22 -5.82
CA PRO B 165 36.57 11.89 -6.33
C PRO B 165 35.40 11.12 -5.75
N SER B 166 34.96 11.46 -4.54
CA SER B 166 33.82 10.76 -4.00
C SER B 166 32.54 11.30 -4.58
N THR B 167 32.57 12.55 -5.06
CA THR B 167 31.39 13.15 -5.62
C THR B 167 31.36 12.79 -7.08
N GLU B 168 32.54 12.65 -7.70
CA GLU B 168 32.58 12.26 -9.10
C GLU B 168 32.00 10.88 -9.27
N THR B 169 32.29 10.00 -8.31
CA THR B 169 31.82 8.64 -8.32
C THR B 169 30.28 8.58 -8.27
N ILE B 170 29.65 9.36 -7.39
CA ILE B 170 28.20 9.37 -7.30
C ILE B 170 27.56 10.00 -8.51
N VAL B 171 28.11 11.12 -8.96
CA VAL B 171 27.57 11.84 -10.10
C VAL B 171 27.61 11.02 -11.38
N THR B 172 28.70 10.29 -11.61
CA THR B 172 28.81 9.47 -12.80
C THR B 172 27.74 8.38 -12.84
N GLU B 173 27.48 7.72 -11.71
CA GLU B 173 26.45 6.70 -11.69
C GLU B 173 25.06 7.35 -11.86
N ALA B 174 24.85 8.53 -11.28
CA ALA B 174 23.58 9.20 -11.42
C ALA B 174 23.28 9.49 -12.88
N GLU B 175 24.29 9.88 -13.65
CA GLU B 175 24.09 10.15 -15.07
C GLU B 175 23.73 8.90 -15.85
N ALA B 176 24.35 7.77 -15.51
CA ALA B 176 24.07 6.50 -16.15
C ALA B 176 22.60 6.08 -15.99
N ARG B 177 22.01 6.44 -14.86
CA ARG B 177 20.62 6.16 -14.47
C ARG B 177 19.64 7.26 -14.84
N LYS B 178 20.11 8.27 -15.55
CA LYS B 178 19.34 9.43 -15.99
C LYS B 178 18.75 10.28 -14.87
N ILE B 179 19.49 10.49 -13.79
CA ILE B 179 19.04 11.34 -12.70
C ILE B 179 19.68 12.70 -12.93
N PRO B 180 18.93 13.81 -13.02
CA PRO B 180 19.48 15.13 -13.26
C PRO B 180 20.26 15.61 -12.04
N TRP B 181 21.30 16.41 -12.24
CA TRP B 181 22.01 16.94 -11.10
C TRP B 181 22.45 18.38 -11.30
N MET B 182 22.58 19.09 -10.18
CA MET B 182 22.95 20.51 -10.12
C MET B 182 23.90 20.85 -9.00
N LEU B 183 24.75 21.82 -9.18
CA LEU B 183 25.52 22.29 -8.03
C LEU B 183 24.73 23.38 -7.34
N LEU B 184 24.81 23.45 -6.02
CA LEU B 184 24.15 24.48 -5.27
C LEU B 184 25.13 25.55 -4.88
N SER B 185 24.61 26.73 -4.60
CA SER B 185 25.38 27.90 -4.20
C SER B 185 26.04 27.84 -2.83
N ALA B 186 25.66 26.90 -1.99
CA ALA B 186 26.24 26.86 -0.67
C ALA B 186 26.81 25.53 -0.28
N ARG B 187 27.91 25.62 0.45
CA ARG B 187 28.65 24.56 1.13
C ARG B 187 29.01 23.38 0.25
N ALA B 188 29.31 23.64 -1.01
CA ALA B 188 29.67 22.59 -1.95
C ALA B 188 28.66 21.44 -2.03
N MET B 189 27.37 21.73 -1.95
CA MET B 189 26.35 20.69 -2.05
C MET B 189 25.89 20.46 -3.47
N VAL B 190 25.45 19.24 -3.72
CA VAL B 190 24.90 18.83 -5.02
C VAL B 190 23.47 18.34 -4.88
N GLN B 191 22.59 18.84 -5.73
CA GLN B 191 21.20 18.41 -5.75
C GLN B 191 20.97 17.35 -6.82
N LEU B 192 20.25 16.31 -6.46
CA LEU B 192 19.88 15.23 -7.36
C LEU B 192 18.36 15.12 -7.49
N GLY B 193 17.86 15.17 -8.72
CA GLY B 193 16.41 15.09 -8.95
C GLY B 193 15.72 16.47 -8.94
N TYR B 194 14.42 16.49 -9.31
CA TYR B 194 13.62 17.75 -9.38
C TYR B 194 12.42 17.82 -8.44
N GLY B 195 12.07 19.03 -8.02
CA GLY B 195 10.87 19.31 -7.24
C GLY B 195 10.79 18.53 -5.96
N VAL B 196 9.65 17.91 -5.73
CA VAL B 196 9.42 17.07 -4.55
C VAL B 196 10.28 15.81 -4.45
N TYR B 197 11.02 15.44 -5.49
CA TYR B 197 11.83 14.23 -5.40
C TYR B 197 13.30 14.49 -5.19
N GLN B 198 13.67 15.72 -4.98
CA GLN B 198 15.06 16.06 -4.80
C GLN B 198 15.72 15.51 -3.54
N GLN B 199 17.00 15.17 -3.68
CA GLN B 199 17.89 14.73 -2.63
C GLN B 199 19.15 15.56 -2.68
N ARG B 200 19.87 15.65 -1.58
CA ARG B 200 21.14 16.37 -1.58
C ARG B 200 22.27 15.53 -1.05
N ILE B 201 23.45 15.76 -1.59
CA ILE B 201 24.66 15.13 -1.10
C ILE B 201 25.78 16.14 -0.89
N GLN B 202 26.72 15.79 -0.05
CA GLN B 202 27.95 16.55 0.14
C GLN B 202 29.03 15.51 0.35
N ALA B 203 29.86 15.28 -0.65
CA ALA B 203 30.84 14.20 -0.56
C ALA B 203 30.14 12.88 -0.20
N THR B 204 30.46 12.33 0.96
CA THR B 204 29.94 11.05 1.44
C THR B 204 28.84 11.13 2.50
N LEU B 205 28.32 12.33 2.75
CA LEU B 205 27.16 12.57 3.61
C LEU B 205 25.96 12.83 2.74
N SER B 206 24.79 12.45 3.20
CA SER B 206 23.59 12.70 2.40
C SER B 206 22.44 13.19 3.23
N SER B 207 21.34 13.46 2.54
CA SER B 207 20.08 13.88 3.10
C SER B 207 19.46 12.84 4.05
N HIS B 208 19.97 11.60 4.06
CA HIS B 208 19.50 10.57 4.97
C HIS B 208 20.44 10.33 6.17
N SER B 209 21.51 11.12 6.29
CA SER B 209 22.45 10.93 7.38
C SER B 209 22.03 11.76 8.57
N GLY B 210 21.73 11.14 9.70
CA GLY B 210 21.26 11.87 10.86
C GLY B 210 22.39 12.47 11.65
N ILE B 211 22.09 13.55 12.35
CA ILE B 211 23.06 14.21 13.16
C ILE B 211 23.46 13.46 14.42
N LEU B 212 22.54 12.74 15.04
CA LEU B 212 22.91 12.07 16.25
C LEU B 212 23.87 10.93 15.98
N GLY B 213 23.68 10.21 14.86
CA GLY B 213 24.55 9.11 14.48
C GLY B 213 25.94 9.63 14.12
N VAL B 214 25.99 10.73 13.39
CA VAL B 214 27.25 11.31 12.98
C VAL B 214 28.03 11.84 14.16
N GLU B 215 27.38 12.53 15.10
CA GLU B 215 28.10 13.01 16.26
C GLU B 215 28.54 11.89 17.19
N LEU B 216 27.74 10.84 17.37
CA LEU B 216 28.14 9.73 18.22
C LEU B 216 29.37 9.03 17.66
N ALA B 217 29.42 8.86 16.35
CA ALA B 217 30.53 8.21 15.66
C ALA B 217 31.84 8.97 15.78
N CYS B 218 31.79 10.25 16.15
CA CYS B 218 32.99 11.06 16.23
C CYS B 218 33.51 11.15 17.66
N ASP B 219 32.75 10.56 18.59
CA ASP B 219 33.05 10.54 20.00
C ASP B 219 33.60 9.17 20.32
N LYS B 220 34.90 9.04 20.42
CA LYS B 220 35.45 7.70 20.58
C LYS B 220 35.02 7.00 21.85
N GLU B 221 34.89 7.75 22.95
CA GLU B 221 34.52 7.14 24.21
C GLU B 221 33.04 6.79 24.23
N GLY B 222 32.23 7.64 23.60
CA GLY B 222 30.81 7.42 23.51
C GLY B 222 30.53 6.19 22.68
N THR B 223 31.23 6.04 21.55
CA THR B 223 31.06 4.92 20.66
C THR B 223 31.40 3.62 21.34
N LYS B 224 32.52 3.59 22.05
CA LYS B 224 32.94 2.39 22.74
C LYS B 224 31.93 1.95 23.79
N THR B 225 31.39 2.90 24.55
CA THR B 225 30.42 2.57 25.58
C THR B 225 29.15 1.96 25.01
N ILE B 226 28.63 2.56 23.94
CA ILE B 226 27.42 2.08 23.31
C ILE B 226 27.61 0.71 22.73
N LEU B 227 28.73 0.46 22.09
CA LEU B 227 28.92 -0.85 21.52
C LEU B 227 29.18 -1.94 22.54
N GLN B 228 29.92 -1.68 23.60
CA GLN B 228 30.14 -2.81 24.51
C GLN B 228 28.89 -3.18 25.28
N ASP B 229 27.96 -2.24 25.44
CA ASP B 229 26.69 -2.52 26.09
C ASP B 229 25.78 -3.40 25.22
N ALA B 230 26.09 -3.51 23.93
CA ALA B 230 25.34 -4.26 22.96
C ALA B 230 25.95 -5.63 22.75
N GLY B 231 27.04 -5.92 23.47
CA GLY B 231 27.75 -7.18 23.32
C GLY B 231 28.71 -7.25 22.14
N ILE B 232 29.19 -6.12 21.65
CA ILE B 232 30.10 -6.06 20.51
C ILE B 232 31.56 -5.97 21.00
N PRO B 233 32.51 -6.81 20.52
CA PRO B 233 33.91 -6.81 20.94
C PRO B 233 34.68 -5.56 20.54
N VAL B 234 35.26 -4.90 21.53
CA VAL B 234 36.01 -3.67 21.37
C VAL B 234 37.28 -3.84 22.19
N PRO B 235 38.35 -3.06 21.99
CA PRO B 235 39.56 -3.10 22.76
C PRO B 235 39.39 -2.76 24.23
N ARG B 236 40.15 -3.42 25.07
CA ARG B 236 40.20 -3.11 26.50
C ARG B 236 41.07 -1.88 26.74
N GLY B 237 40.63 -0.91 27.53
CA GLY B 237 41.48 0.27 27.75
C GLY B 237 40.87 1.35 28.63
N THR B 238 41.72 2.33 28.99
CA THR B 238 41.36 3.44 29.89
C THR B 238 41.72 4.89 29.52
N THR B 239 41.43 5.82 30.42
CA THR B 239 41.80 7.22 30.14
C THR B 239 42.55 7.88 31.30
N ILE B 240 43.47 8.80 30.95
CA ILE B 240 44.24 9.61 31.89
C ILE B 240 44.18 11.08 31.51
N GLN B 241 43.87 12.01 32.43
CA GLN B 241 43.88 13.44 32.01
C GLN B 241 45.25 14.09 32.07
N TYR B 242 46.15 13.55 31.27
CA TYR B 242 47.53 13.97 31.14
C TYR B 242 48.30 14.10 32.45
N PHE B 243 48.17 13.11 33.28
CA PHE B 243 48.90 13.00 34.52
C PHE B 243 49.89 11.91 34.24
N ASP B 244 51.01 11.86 34.93
CA ASP B 244 51.90 10.75 34.63
C ASP B 244 51.44 9.50 35.39
N ASP B 245 50.31 8.93 34.92
CA ASP B 245 49.65 7.77 35.50
C ASP B 245 49.79 6.51 34.63
N LEU B 246 50.63 6.54 33.59
CA LEU B 246 50.75 5.37 32.73
C LEU B 246 51.23 4.15 33.45
N GLU B 247 52.09 4.34 34.43
CA GLU B 247 52.63 3.21 35.14
C GLU B 247 51.54 2.41 35.83
N GLU B 248 50.40 3.05 36.12
CA GLU B 248 49.32 2.34 36.77
C GLU B 248 48.32 1.85 35.72
N ALA B 249 48.06 2.66 34.70
CA ALA B 249 47.05 2.32 33.69
C ALA B 249 47.34 1.01 32.98
N ILE B 250 48.62 0.73 32.78
CA ILE B 250 49.08 -0.47 32.12
C ILE B 250 48.61 -1.73 32.90
N ASN B 251 48.40 -1.59 34.21
CA ASN B 251 47.96 -2.68 35.07
C ASN B 251 46.50 -3.07 34.83
N ASP B 252 45.66 -2.14 34.36
CA ASP B 252 44.24 -2.45 34.18
C ASP B 252 44.09 -3.12 32.84
N VAL B 253 44.93 -2.72 31.92
CA VAL B 253 44.96 -3.30 30.60
C VAL B 253 45.48 -4.73 30.65
N GLY B 254 46.48 -4.98 31.51
CA GLY B 254 46.98 -6.34 31.67
C GLY B 254 48.39 -6.59 31.20
N GLY B 255 49.19 -5.56 30.99
CA GLY B 255 50.56 -5.78 30.58
C GLY B 255 51.07 -4.77 29.59
N TYR B 256 52.37 -4.83 29.26
CA TYR B 256 52.96 -3.74 28.43
C TYR B 256 52.55 -3.65 26.96
N PRO B 257 52.10 -4.70 26.24
CA PRO B 257 51.83 -4.53 24.83
C PRO B 257 50.59 -3.67 24.78
N VAL B 258 50.82 -2.34 24.74
CA VAL B 258 49.76 -1.35 24.77
C VAL B 258 49.87 -0.34 23.66
N VAL B 259 48.77 0.35 23.45
CA VAL B 259 48.66 1.42 22.47
C VAL B 259 48.38 2.74 23.17
N ILE B 260 49.16 3.76 22.82
CA ILE B 260 48.99 5.10 23.37
C ILE B 260 48.60 6.11 22.30
N LYS B 261 47.40 6.65 22.40
CA LYS B 261 46.89 7.59 21.42
C LYS B 261 46.83 8.95 22.07
N PRO B 262 46.75 10.05 21.31
CA PRO B 262 46.53 11.37 21.77
C PRO B 262 45.17 11.26 22.32
N LEU B 263 44.77 12.11 23.21
CA LEU B 263 43.45 11.89 23.77
C LEU B 263 42.35 12.48 22.93
N ASP B 264 42.69 13.05 21.78
CA ASP B 264 41.74 13.62 20.84
C ASP B 264 42.35 13.45 19.45
N GLY B 265 41.67 13.86 18.41
CA GLY B 265 42.22 13.67 17.07
C GLY B 265 42.96 14.89 16.53
N ASN B 266 43.88 14.63 15.60
CA ASN B 266 44.59 15.66 14.86
C ASN B 266 45.16 14.92 13.69
N HIS B 267 44.24 14.39 12.89
CA HIS B 267 44.57 13.48 11.82
C HIS B 267 45.17 12.25 12.49
N GLY B 268 45.84 11.40 11.69
CA GLY B 268 46.47 10.18 12.18
C GLY B 268 47.84 10.47 12.77
N ARG B 269 47.86 11.26 13.84
CA ARG B 269 49.12 11.72 14.40
C ARG B 269 49.21 11.51 15.89
N GLY B 270 50.45 11.29 16.35
CA GLY B 270 50.75 11.16 17.77
C GLY B 270 50.45 9.78 18.37
N ILE B 271 50.43 8.74 17.53
CA ILE B 271 50.09 7.41 18.00
C ILE B 271 51.21 6.38 18.02
N THR B 272 51.41 5.75 19.17
CA THR B 272 52.39 4.68 19.27
C THR B 272 51.64 3.36 19.36
N ILE B 273 51.92 2.46 18.42
CA ILE B 273 51.21 1.19 18.29
C ILE B 273 51.64 0.04 19.18
N ASN B 274 52.90 -0.22 19.38
CA ASN B 274 53.19 -1.36 20.22
C ASN B 274 54.29 -1.03 21.20
N VAL B 275 53.87 -0.66 22.39
CA VAL B 275 54.77 -0.26 23.46
C VAL B 275 55.10 -1.57 24.14
N ARG B 276 56.35 -1.75 24.51
CA ARG B 276 56.78 -2.98 25.16
C ARG B 276 57.55 -2.66 26.44
N HIS B 277 58.09 -1.43 26.52
CA HIS B 277 58.90 -1.05 27.67
C HIS B 277 58.46 0.27 28.30
N TRP B 278 58.85 0.48 29.55
CA TRP B 278 58.50 1.70 30.26
C TRP B 278 59.06 2.96 29.62
N GLN B 279 60.26 2.87 29.13
CA GLN B 279 60.88 4.05 28.55
C GLN B 279 60.17 4.43 27.26
N GLU B 280 59.67 3.42 26.54
CA GLU B 280 58.92 3.64 25.32
C GLU B 280 57.59 4.29 25.67
N ALA B 281 56.99 3.85 26.78
CA ALA B 281 55.73 4.41 27.24
C ALA B 281 55.90 5.88 27.54
N ILE B 282 57.04 6.26 28.12
CA ILE B 282 57.29 7.66 28.42
C ILE B 282 57.39 8.47 27.14
N ALA B 283 58.15 7.97 26.16
CA ALA B 283 58.26 8.72 24.94
C ALA B 283 56.91 8.88 24.25
N ALA B 284 56.10 7.80 24.29
CA ALA B 284 54.79 7.80 23.68
C ALA B 284 53.89 8.82 24.37
N TYR B 285 54.06 8.95 25.69
CA TYR B 285 53.27 9.90 26.43
C TYR B 285 53.56 11.31 25.99
N ASP B 286 54.84 11.68 25.93
CA ASP B 286 55.17 13.04 25.61
C ASP B 286 54.64 13.44 24.24
N LEU B 287 54.63 12.50 23.31
CA LEU B 287 54.07 12.80 22.01
C LEU B 287 52.53 12.89 22.06
N ALA B 288 51.88 11.94 22.75
CA ALA B 288 50.42 11.94 22.83
C ALA B 288 49.92 13.22 23.51
N ALA B 289 50.70 13.70 24.48
CA ALA B 289 50.45 14.85 25.34
C ALA B 289 50.34 16.16 24.58
N GLU B 290 50.75 16.19 23.31
CA GLU B 290 50.66 17.40 22.52
C GLU B 290 49.20 17.83 22.24
N GLU B 291 48.24 16.89 22.21
CA GLU B 291 46.86 17.24 21.85
C GLU B 291 45.93 17.48 23.07
N SER B 292 44.67 17.86 22.81
CA SER B 292 43.65 18.12 23.85
C SER B 292 43.29 16.83 24.62
N LYS B 293 42.76 16.99 25.85
CA LYS B 293 42.47 15.83 26.72
C LYS B 293 41.06 15.22 26.76
N ILE B 297 41.28 6.97 24.24
CA ILE B 297 42.08 6.14 25.12
C ILE B 297 43.59 6.20 25.06
N ILE B 298 44.24 6.13 26.24
CA ILE B 298 45.72 6.30 26.29
C ILE B 298 46.51 4.98 26.37
N VAL B 299 45.94 3.99 27.08
CA VAL B 299 46.59 2.67 27.27
C VAL B 299 45.55 1.60 26.93
N GLU B 300 45.50 1.19 25.67
CA GLU B 300 44.57 0.15 25.24
C GLU B 300 45.42 -1.07 25.14
N ARG B 301 44.81 -2.22 25.24
CA ARG B 301 45.55 -3.43 24.95
C ARG B 301 45.87 -3.44 23.46
N TYR B 302 47.05 -3.91 23.11
CA TYR B 302 47.43 -4.11 21.72
C TYR B 302 46.96 -5.47 21.22
N TYR B 303 46.31 -5.50 20.06
CA TYR B 303 45.83 -6.75 19.47
C TYR B 303 46.56 -7.04 18.17
N GLU B 304 46.81 -8.31 17.89
CA GLU B 304 47.47 -8.67 16.64
C GLU B 304 46.49 -8.90 15.51
N GLY B 305 46.93 -8.62 14.28
CA GLY B 305 46.10 -8.87 13.11
C GLY B 305 46.31 -7.81 12.06
N SER B 306 45.55 -7.88 10.99
CA SER B 306 45.64 -6.94 9.90
C SER B 306 44.53 -5.93 10.04
N ASP B 307 44.69 -4.81 9.37
CA ASP B 307 43.73 -3.73 9.37
C ASP B 307 42.73 -3.81 8.20
N HIS B 308 41.48 -4.14 8.51
CA HIS B 308 40.45 -4.31 7.48
C HIS B 308 39.43 -3.21 7.53
N ARG B 309 39.03 -2.72 6.37
CA ARG B 309 37.98 -1.73 6.24
C ARG B 309 36.72 -2.33 5.64
N VAL B 310 35.62 -2.21 6.36
CA VAL B 310 34.35 -2.73 5.93
C VAL B 310 33.37 -1.60 5.63
N LEU B 311 32.78 -1.60 4.44
CA LEU B 311 31.82 -0.58 4.05
C LEU B 311 30.38 -1.11 4.06
N VAL B 312 29.52 -0.45 4.84
CA VAL B 312 28.09 -0.78 5.01
C VAL B 312 27.26 0.43 4.54
N VAL B 313 26.27 0.23 3.64
CA VAL B 313 25.50 1.37 3.10
C VAL B 313 24.07 1.56 3.58
N ASN B 314 23.26 0.56 3.67
CA ASN B 314 21.92 0.83 4.16
C ASN B 314 21.54 -0.29 5.08
N GLY B 315 22.42 -0.56 6.03
CA GLY B 315 22.25 -1.67 6.93
C GLY B 315 22.66 -2.97 6.25
N LYS B 316 23.36 -2.84 5.14
CA LYS B 316 23.82 -3.96 4.32
C LYS B 316 25.26 -3.78 3.87
N LEU B 317 26.02 -4.87 3.93
CA LEU B 317 27.41 -4.87 3.51
C LEU B 317 27.64 -4.70 2.01
N VAL B 318 28.54 -3.79 1.66
CA VAL B 318 28.92 -3.53 0.28
C VAL B 318 30.33 -3.98 -0.07
N ALA B 319 31.34 -3.67 0.73
CA ALA B 319 32.70 -4.03 0.35
C ALA B 319 33.65 -4.21 1.53
N VAL B 320 34.68 -5.07 1.34
CA VAL B 320 35.72 -5.26 2.36
C VAL B 320 37.12 -5.14 1.77
N ALA B 321 38.02 -4.37 2.38
CA ALA B 321 39.38 -4.26 1.89
C ALA B 321 40.42 -4.37 2.99
N GLU B 322 41.50 -5.08 2.70
CA GLU B 322 42.61 -5.22 3.61
C GLU B 322 43.69 -4.21 3.32
N ARG B 323 44.10 -3.46 4.33
CA ARG B 323 45.08 -2.42 4.14
C ARG B 323 46.41 -2.72 4.79
N ILE B 324 47.46 -2.48 4.01
CA ILE B 324 48.84 -2.73 4.41
C ILE B 324 49.70 -1.46 4.21
N PRO B 325 50.51 -1.03 5.19
CA PRO B 325 51.40 0.13 5.12
C PRO B 325 52.55 -0.05 4.17
N ALA B 326 53.11 1.07 3.73
CA ALA B 326 54.26 1.08 2.80
C ALA B 326 55.37 0.23 3.34
N HIS B 327 55.94 -0.58 2.47
CA HIS B 327 57.00 -1.50 2.85
C HIS B 327 57.85 -1.95 1.69
N VAL B 328 58.99 -2.55 2.04
CA VAL B 328 59.86 -3.22 1.08
C VAL B 328 60.17 -4.59 1.61
N THR B 329 60.59 -5.51 0.76
CA THR B 329 60.96 -6.82 1.27
C THR B 329 62.26 -7.33 0.74
N GLY B 330 62.69 -8.45 1.30
CA GLY B 330 63.94 -9.15 0.96
C GLY B 330 63.87 -9.85 -0.39
N ASP B 331 63.69 -9.03 -1.42
CA ASP B 331 63.58 -9.37 -2.82
C ASP B 331 65.00 -9.47 -3.36
N GLY B 332 65.70 -10.47 -2.88
CA GLY B 332 67.10 -10.66 -3.19
C GLY B 332 67.96 -9.96 -2.14
N SER B 333 69.28 -10.20 -2.18
CA SER B 333 70.20 -9.66 -1.17
C SER B 333 70.62 -8.22 -1.44
N SER B 334 69.64 -7.32 -1.37
CA SER B 334 69.80 -5.88 -1.62
C SER B 334 69.57 -5.09 -0.33
N THR B 335 70.03 -3.83 -0.31
CA THR B 335 69.82 -2.99 0.88
C THR B 335 68.47 -2.37 0.84
N ILE B 336 68.04 -1.81 1.97
CA ILE B 336 66.78 -1.11 2.00
C ILE B 336 66.78 0.09 1.07
N SER B 337 67.84 0.88 1.03
CA SER B 337 67.81 2.01 0.12
C SER B 337 67.69 1.58 -1.35
N GLU B 338 68.29 0.45 -1.70
CA GLU B 338 68.20 -0.07 -3.07
C GLU B 338 66.81 -0.57 -3.38
N LEU B 339 66.20 -1.24 -2.40
CA LEU B 339 64.88 -1.79 -2.56
C LEU B 339 63.84 -0.70 -2.72
N ILE B 340 64.02 0.41 -2.01
CA ILE B 340 63.06 1.49 -2.15
C ILE B 340 63.15 2.04 -3.55
N GLU B 341 64.37 2.27 -4.06
CA GLU B 341 64.48 2.80 -5.41
C GLU B 341 63.97 1.82 -6.45
N LYS B 342 64.16 0.52 -6.23
CA LYS B 342 63.67 -0.50 -7.14
C LYS B 342 62.15 -0.50 -7.29
N THR B 343 61.42 -0.42 -6.16
CA THR B 343 59.96 -0.51 -6.24
C THR B 343 59.29 0.83 -6.49
N ASN B 344 59.99 1.92 -6.26
CA ASN B 344 59.37 3.22 -6.42
C ASN B 344 59.37 3.64 -7.90
N GLN B 345 59.91 2.76 -8.76
CA GLN B 345 59.93 2.92 -10.21
C GLN B 345 58.77 2.23 -10.90
N ASP B 346 57.94 1.54 -10.12
CA ASP B 346 56.78 0.81 -10.63
C ASP B 346 55.85 1.78 -11.37
N PRO B 347 55.39 1.47 -12.60
CA PRO B 347 54.55 2.32 -13.44
C PRO B 347 53.18 2.62 -12.84
N ASN B 348 52.79 1.90 -11.78
CA ASN B 348 51.51 2.12 -11.15
C ASN B 348 51.62 3.10 -10.01
N ARG B 349 52.83 3.66 -9.79
CA ARG B 349 53.01 4.62 -8.72
C ARG B 349 53.32 6.02 -9.19
N GLY B 350 52.67 6.98 -8.56
CA GLY B 350 52.96 8.39 -8.81
C GLY B 350 51.86 9.34 -8.42
N ASP B 351 52.27 10.54 -8.03
CA ASP B 351 51.41 11.65 -7.67
C ASP B 351 50.25 11.25 -6.73
N GLY B 352 48.99 11.46 -7.12
CA GLY B 352 47.90 11.09 -6.22
C GLY B 352 46.53 11.31 -6.85
N HIS B 353 45.79 10.20 -6.96
CA HIS B 353 44.49 10.05 -7.68
C HIS B 353 44.70 10.14 -9.20
N ASP B 354 45.97 10.09 -9.59
CA ASP B 354 46.45 10.06 -10.96
C ASP B 354 46.71 8.63 -11.41
N ASN B 355 47.01 7.78 -10.43
CA ASN B 355 47.40 6.42 -10.64
C ASN B 355 46.87 5.61 -9.46
N ILE B 356 47.12 4.31 -9.45
CA ILE B 356 46.61 3.48 -8.37
C ILE B 356 47.37 3.69 -7.06
N LEU B 357 48.68 3.70 -7.14
CA LEU B 357 49.55 3.85 -5.99
C LEU B 357 50.32 5.16 -6.00
N THR B 358 50.85 5.56 -4.87
CA THR B 358 51.71 6.73 -4.83
C THR B 358 53.13 6.30 -4.52
N LYS B 359 54.02 7.26 -4.45
CA LYS B 359 55.44 7.04 -4.18
C LYS B 359 55.76 6.88 -2.71
N ILE B 360 56.78 6.07 -2.45
CA ILE B 360 57.31 5.89 -1.11
C ILE B 360 58.35 6.96 -0.86
N VAL B 361 58.18 7.68 0.22
CA VAL B 361 59.08 8.75 0.57
C VAL B 361 59.83 8.46 1.85
N VAL B 362 61.13 8.58 1.79
CA VAL B 362 61.95 8.42 2.97
C VAL B 362 62.11 9.78 3.60
N ASN B 363 61.79 9.84 4.87
CA ASN B 363 61.80 11.01 5.70
C ASN B 363 62.17 10.56 7.10
N LYS B 364 62.25 11.47 8.05
CA LYS B 364 62.63 11.12 9.41
C LYS B 364 61.69 10.12 10.05
N THR B 365 60.44 10.08 9.59
CA THR B 365 59.47 9.18 10.14
C THR B 365 59.65 7.76 9.60
N ALA B 366 60.26 7.63 8.42
CA ALA B 366 60.53 6.31 7.88
C ALA B 366 61.69 5.74 8.63
N ILE B 367 62.61 6.63 8.98
CA ILE B 367 63.81 6.20 9.66
C ILE B 367 63.42 5.75 11.06
N ASP B 368 62.55 6.51 11.72
CA ASP B 368 62.09 6.19 13.06
C ASP B 368 61.37 4.83 13.07
N VAL B 369 60.51 4.56 12.07
CA VAL B 369 59.80 3.29 12.00
C VAL B 369 60.81 2.16 11.79
N MET B 370 61.80 2.33 10.91
CA MET B 370 62.81 1.29 10.70
C MET B 370 63.70 1.04 11.91
N GLU B 371 64.04 2.09 12.66
CA GLU B 371 64.92 1.87 13.81
C GLU B 371 64.29 0.92 14.80
N ARG B 372 62.98 1.02 14.99
CA ARG B 372 62.27 0.15 15.91
C ARG B 372 62.28 -1.33 15.49
N GLN B 373 62.55 -1.59 14.22
CA GLN B 373 62.56 -2.93 13.66
C GLN B 373 63.99 -3.48 13.61
N GLY B 374 64.98 -2.67 14.02
CA GLY B 374 66.38 -3.06 13.95
C GLY B 374 67.06 -2.83 12.59
N TYR B 375 66.52 -1.93 11.77
CA TYR B 375 67.08 -1.69 10.44
C TYR B 375 67.33 -0.22 10.11
N ASN B 376 68.17 0.00 9.11
CA ASN B 376 68.37 1.33 8.57
C ASN B 376 68.61 1.16 7.08
N LEU B 377 68.82 2.25 6.38
CA LEU B 377 68.91 2.23 4.93
C LEU B 377 70.03 1.40 4.32
N ASP B 378 71.12 1.18 5.06
CA ASP B 378 72.22 0.44 4.47
C ASP B 378 72.20 -1.04 4.76
N SER B 379 71.19 -1.51 5.48
CA SER B 379 71.11 -2.91 5.84
C SER B 379 70.57 -3.78 4.73
N VAL B 380 71.15 -4.97 4.58
CA VAL B 380 70.71 -5.95 3.59
C VAL B 380 69.69 -6.88 4.22
N LEU B 381 68.56 -7.06 3.55
CA LEU B 381 67.56 -7.91 4.17
C LEU B 381 67.75 -9.37 3.83
N PRO B 382 67.44 -10.29 4.77
CA PRO B 382 67.34 -11.71 4.58
C PRO B 382 66.23 -12.00 3.61
N LYS B 383 66.35 -13.09 2.88
CA LYS B 383 65.29 -13.44 1.95
C LYS B 383 63.93 -13.47 2.63
N ASP B 384 62.97 -12.81 1.98
CA ASP B 384 61.56 -12.69 2.38
C ASP B 384 61.26 -11.90 3.68
N GLU B 385 62.24 -11.17 4.19
CA GLU B 385 62.03 -10.29 5.35
C GLU B 385 61.21 -9.07 4.95
N VAL B 386 60.25 -8.64 5.77
CA VAL B 386 59.49 -7.44 5.42
C VAL B 386 59.73 -6.30 6.39
N VAL B 387 60.08 -5.15 5.83
CA VAL B 387 60.33 -3.95 6.61
C VAL B 387 59.33 -2.87 6.27
N TYR B 388 58.70 -2.35 7.31
CA TYR B 388 57.70 -1.32 7.14
C TYR B 388 58.31 0.05 7.22
N LEU B 389 57.86 0.94 6.37
CA LEU B 389 58.34 2.31 6.35
C LEU B 389 57.36 3.31 6.95
N ARG B 390 56.19 2.81 7.37
CA ARG B 390 55.11 3.60 7.94
C ARG B 390 54.43 2.86 9.06
N ALA B 391 53.96 3.61 10.06
CA ALA B 391 53.23 3.04 11.18
C ALA B 391 51.80 2.59 10.84
N THR B 392 51.14 3.28 9.91
CA THR B 392 49.76 2.95 9.57
C THR B 392 49.58 2.82 8.06
N ALA B 393 48.52 2.10 7.66
CA ALA B 393 48.21 1.94 6.25
C ALA B 393 47.45 3.12 5.69
N ASN B 394 47.80 3.49 4.47
CA ASN B 394 47.11 4.54 3.76
C ASN B 394 47.59 4.54 2.31
N LEU B 395 46.68 4.55 1.35
CA LEU B 395 47.10 4.55 -0.04
C LEU B 395 47.88 5.81 -0.38
N SER B 396 47.54 6.92 0.26
CA SER B 396 48.17 8.21 0.01
C SER B 396 49.61 8.29 0.50
N THR B 397 50.06 7.33 1.30
CA THR B 397 51.40 7.34 1.82
C THR B 397 52.23 6.23 1.21
N GLY B 398 51.68 5.53 0.22
CA GLY B 398 52.42 4.46 -0.43
C GLY B 398 52.04 3.04 -0.04
N GLY B 399 50.93 2.83 0.69
CA GLY B 399 50.50 1.50 1.05
C GLY B 399 49.66 0.86 -0.03
N ILE B 400 49.09 -0.29 0.27
CA ILE B 400 48.28 -1.05 -0.68
C ILE B 400 46.91 -1.42 -0.12
N ALA B 401 45.99 -1.80 -1.01
CA ALA B 401 44.66 -2.26 -0.59
C ALA B 401 44.23 -3.45 -1.41
N ILE B 402 43.82 -4.49 -0.71
CA ILE B 402 43.43 -5.75 -1.32
C ILE B 402 41.95 -6.06 -1.12
N ASP B 403 41.23 -6.31 -2.21
CA ASP B 403 39.81 -6.65 -2.09
C ASP B 403 39.62 -8.02 -1.45
N ARG B 404 38.84 -8.08 -0.37
CA ARG B 404 38.56 -9.33 0.35
C ARG B 404 37.05 -9.49 0.51
N THR B 405 36.28 -8.92 -0.39
CA THR B 405 34.84 -8.88 -0.22
C THR B 405 34.18 -10.22 -0.19
N ASP B 406 34.68 -11.16 -0.96
CA ASP B 406 34.04 -12.46 -1.06
C ASP B 406 34.59 -13.48 -0.05
N ASP B 407 35.53 -13.05 0.80
CA ASP B 407 36.15 -13.95 1.77
C ASP B 407 35.64 -13.79 3.20
N ILE B 408 34.63 -12.97 3.40
CA ILE B 408 34.15 -12.69 4.75
C ILE B 408 33.08 -13.68 5.20
N HIS B 409 33.29 -14.21 6.40
CA HIS B 409 32.41 -15.19 7.03
C HIS B 409 30.99 -14.63 7.29
N PRO B 410 29.90 -15.40 7.07
CA PRO B 410 28.51 -15.03 7.34
C PRO B 410 28.22 -14.48 8.73
N GLU B 411 28.94 -14.91 9.75
CA GLU B 411 28.68 -14.40 11.07
C GLU B 411 29.28 -13.03 11.21
N ASN B 412 30.41 -12.80 10.55
CA ASN B 412 31.06 -11.51 10.61
C ASN B 412 30.24 -10.50 9.82
N ILE B 413 29.54 -10.96 8.79
CA ILE B 413 28.69 -10.05 8.02
C ILE B 413 27.56 -9.55 8.91
N TRP B 414 26.94 -10.46 9.65
CA TRP B 414 25.87 -10.13 10.58
C TRP B 414 26.32 -9.13 11.63
N LEU B 415 27.49 -9.35 12.21
CA LEU B 415 27.97 -8.44 13.22
C LEU B 415 28.22 -7.03 12.69
N MET B 416 28.80 -6.89 11.49
CA MET B 416 29.07 -5.57 10.96
C MET B 416 27.82 -4.76 10.68
N GLU B 417 26.79 -5.41 10.20
CA GLU B 417 25.55 -4.73 9.94
C GLU B 417 24.90 -4.28 11.23
N ARG B 418 25.02 -5.10 12.28
CA ARG B 418 24.47 -4.75 13.59
C ARG B 418 25.19 -3.53 14.15
N VAL B 419 26.51 -3.42 13.97
CA VAL B 419 27.27 -2.26 14.46
C VAL B 419 26.80 -0.97 13.84
N ALA B 420 26.58 -0.96 12.53
CA ALA B 420 26.12 0.25 11.86
C ALA B 420 24.76 0.73 12.36
N LYS B 421 23.85 -0.23 12.63
CA LYS B 421 22.51 0.07 13.12
C LYS B 421 22.50 0.56 14.57
N VAL B 422 23.38 0.01 15.41
CA VAL B 422 23.50 0.44 16.80
C VAL B 422 23.96 1.88 16.89
N ILE B 423 24.94 2.28 16.09
CA ILE B 423 25.40 3.66 16.09
C ILE B 423 24.37 4.58 15.41
N GLY B 424 23.76 4.16 14.31
CA GLY B 424 22.78 5.00 13.66
C GLY B 424 23.25 5.65 12.37
N LEU B 425 24.20 5.04 11.67
CA LEU B 425 24.71 5.62 10.42
C LEU B 425 24.14 4.94 9.19
N ASP B 426 23.90 5.69 8.10
CA ASP B 426 23.48 5.04 6.87
C ASP B 426 24.72 4.56 6.12
N ILE B 427 25.63 5.45 5.81
CA ILE B 427 26.86 5.04 5.16
C ILE B 427 27.95 5.06 6.21
N ALA B 428 28.59 3.92 6.43
CA ALA B 428 29.60 3.85 7.45
C ALA B 428 30.78 2.98 7.12
N GLY B 429 31.96 3.42 7.57
CA GLY B 429 33.14 2.61 7.47
C GLY B 429 33.45 2.02 8.82
N ILE B 430 33.81 0.76 8.86
CA ILE B 430 34.14 0.11 10.12
C ILE B 430 35.57 -0.43 10.06
N ASP B 431 36.38 -0.06 11.05
CA ASP B 431 37.77 -0.50 11.18
C ASP B 431 37.89 -1.71 12.09
N VAL B 432 38.33 -2.82 11.52
CA VAL B 432 38.44 -4.11 12.19
C VAL B 432 39.86 -4.66 12.22
N VAL B 433 40.32 -5.12 13.38
CA VAL B 433 41.62 -5.75 13.48
C VAL B 433 41.45 -7.23 13.72
N THR B 434 41.95 -8.01 12.78
CA THR B 434 41.83 -9.46 12.83
C THR B 434 42.88 -10.15 12.03
N SER B 435 43.25 -11.33 12.46
CA SER B 435 44.21 -12.13 11.72
C SER B 435 43.59 -12.89 10.56
N ASP B 436 42.27 -13.11 10.58
CA ASP B 436 41.62 -13.87 9.52
C ASP B 436 40.13 -13.49 9.36
N ILE B 437 39.81 -12.76 8.31
CA ILE B 437 38.45 -12.25 8.08
C ILE B 437 37.46 -13.38 7.71
N SER B 438 38.00 -14.57 7.40
CA SER B 438 37.21 -15.72 6.99
C SER B 438 36.77 -16.59 8.17
N LYS B 439 37.17 -16.22 9.38
CA LYS B 439 36.77 -16.92 10.59
C LYS B 439 36.02 -15.91 11.47
N PRO B 440 35.13 -16.33 12.37
CA PRO B 440 34.45 -15.46 13.30
C PRO B 440 35.41 -14.67 14.17
N LEU B 441 35.07 -13.43 14.47
CA LEU B 441 35.98 -12.62 15.29
C LEU B 441 36.19 -13.20 16.67
N ARG B 442 35.23 -13.96 17.20
CA ARG B 442 35.41 -14.51 18.54
C ARG B 442 36.45 -15.63 18.57
N GLU B 443 36.78 -16.22 17.42
CA GLU B 443 37.71 -17.34 17.37
C GLU B 443 39.13 -16.88 17.10
N THR B 444 39.25 -15.75 16.42
CA THR B 444 40.56 -15.20 16.07
C THR B 444 40.98 -14.13 17.10
N ASN B 445 40.10 -13.88 18.06
CA ASN B 445 40.23 -12.86 19.09
C ASN B 445 40.39 -11.45 18.49
N GLY B 446 39.57 -11.13 17.47
CA GLY B 446 39.64 -9.83 16.84
C GLY B 446 38.76 -8.80 17.52
N VAL B 447 38.99 -7.54 17.18
CA VAL B 447 38.20 -6.42 17.73
C VAL B 447 37.77 -5.39 16.71
N ILE B 448 36.75 -4.63 17.08
CA ILE B 448 36.32 -3.50 16.28
C ILE B 448 36.92 -2.28 16.92
N VAL B 449 37.73 -1.58 16.16
CA VAL B 449 38.49 -0.46 16.65
C VAL B 449 37.78 0.86 16.46
N GLU B 450 37.16 1.07 15.31
CA GLU B 450 36.53 2.35 15.05
C GLU B 450 35.35 2.36 14.08
N VAL B 451 34.44 3.31 14.28
CA VAL B 451 33.36 3.58 13.33
C VAL B 451 33.56 5.00 12.71
N ASN B 452 33.39 5.10 11.39
CA ASN B 452 33.52 6.37 10.66
C ASN B 452 32.36 6.83 9.82
N ALA B 453 31.90 8.02 10.13
CA ALA B 453 30.86 8.64 9.34
C ALA B 453 31.53 9.19 8.11
N ALA B 454 30.83 9.26 7.00
CA ALA B 454 31.34 9.82 5.76
C ALA B 454 32.69 9.27 5.28
N PRO B 455 32.87 7.94 5.13
CA PRO B 455 34.09 7.28 4.73
C PRO B 455 34.42 7.55 3.27
N GLY B 456 35.69 7.46 2.87
CA GLY B 456 35.99 7.61 1.44
C GLY B 456 35.82 6.31 0.67
N PHE B 457 35.87 6.38 -0.67
CA PHE B 457 35.69 5.20 -1.51
C PHE B 457 36.88 4.68 -2.32
N ARG B 458 37.99 5.41 -2.38
CA ARG B 458 39.12 5.05 -3.24
C ARG B 458 39.62 3.64 -3.12
N MET B 459 39.69 3.10 -1.94
CA MET B 459 40.24 1.77 -1.76
C MET B 459 39.32 0.68 -2.27
N HIS B 460 38.06 1.02 -2.51
CA HIS B 460 37.08 0.05 -2.96
C HIS B 460 36.81 0.19 -4.44
N VAL B 461 36.98 1.40 -4.98
CA VAL B 461 36.74 1.60 -6.40
C VAL B 461 38.04 1.51 -7.21
N ALA B 462 39.18 1.59 -6.54
CA ALA B 462 40.47 1.47 -7.16
C ALA B 462 41.48 0.73 -6.29
N PRO B 463 41.27 -0.56 -5.99
CA PRO B 463 42.11 -1.38 -5.16
C PRO B 463 43.39 -1.66 -5.90
N SER B 464 44.47 -1.99 -5.20
CA SER B 464 45.68 -2.33 -5.93
C SER B 464 45.68 -3.80 -6.31
N GLN B 465 44.93 -4.61 -5.57
CA GLN B 465 44.77 -6.01 -5.92
C GLN B 465 43.30 -6.37 -5.84
N GLY B 466 42.85 -7.21 -6.75
CA GLY B 466 41.47 -7.62 -6.76
C GLY B 466 40.63 -6.77 -7.69
N LEU B 467 39.34 -7.01 -7.66
CA LEU B 467 38.38 -6.39 -8.56
C LEU B 467 37.75 -5.11 -7.99
N PRO B 468 37.66 -3.99 -8.73
CA PRO B 468 36.97 -2.76 -8.38
C PRO B 468 35.48 -2.98 -8.14
N ARG B 469 34.88 -2.26 -7.18
CA ARG B 469 33.47 -2.40 -6.89
C ARG B 469 32.65 -1.16 -7.16
N ASN B 470 31.44 -1.32 -7.66
CA ASN B 470 30.60 -0.16 -7.88
C ASN B 470 29.85 0.18 -6.61
N VAL B 471 30.49 1.04 -5.84
CA VAL B 471 30.05 1.51 -4.55
C VAL B 471 28.87 2.46 -4.65
N ALA B 472 28.87 3.33 -5.66
CA ALA B 472 27.80 4.30 -5.85
C ALA B 472 26.44 3.69 -6.10
N ALA B 473 26.38 2.57 -6.80
CA ALA B 473 25.07 2.02 -7.13
C ALA B 473 24.19 1.78 -5.87
N PRO B 474 24.64 1.15 -4.76
CA PRO B 474 23.93 1.02 -3.51
C PRO B 474 23.56 2.33 -2.83
N VAL B 475 24.22 3.43 -3.16
CA VAL B 475 23.92 4.69 -2.53
C VAL B 475 22.72 5.28 -3.24
N LEU B 476 22.75 5.27 -4.56
CA LEU B 476 21.64 5.80 -5.34
C LEU B 476 20.40 4.97 -5.17
N ASP B 477 20.54 3.69 -4.90
CA ASP B 477 19.38 2.85 -4.64
C ASP B 477 18.68 3.21 -3.32
N MET B 478 19.37 3.80 -2.32
CA MET B 478 18.61 4.13 -1.13
C MET B 478 17.99 5.49 -1.29
N LEU B 479 18.65 6.37 -2.04
CA LEU B 479 18.14 7.71 -2.23
C LEU B 479 16.95 7.73 -3.18
N PHE B 480 17.00 6.90 -4.21
CA PHE B 480 15.96 6.80 -5.21
C PHE B 480 15.57 5.33 -5.38
N PRO B 481 14.79 4.74 -4.48
CA PRO B 481 14.47 3.33 -4.44
C PRO B 481 13.90 2.89 -5.78
N PRO B 482 14.12 1.65 -6.20
CA PRO B 482 13.63 1.12 -7.46
C PRO B 482 12.15 1.32 -7.57
N GLY B 483 11.71 1.77 -8.74
CA GLY B 483 10.30 2.00 -8.99
C GLY B 483 9.86 3.43 -8.71
N THR B 484 10.70 4.25 -8.07
CA THR B 484 10.26 5.60 -7.79
C THR B 484 10.86 6.57 -8.83
N PRO B 485 10.20 7.72 -9.11
CA PRO B 485 10.67 8.80 -9.94
C PRO B 485 11.72 9.68 -9.29
N SER B 486 12.54 10.31 -10.12
CA SER B 486 13.50 11.33 -9.70
C SER B 486 13.17 12.70 -10.30
N ARG B 487 12.14 12.72 -11.13
CA ARG B 487 11.68 13.90 -11.87
C ARG B 487 10.21 14.16 -11.71
N ILE B 488 9.83 15.41 -11.93
CA ILE B 488 8.44 15.79 -11.93
C ILE B 488 8.09 16.12 -13.37
N PRO B 489 6.83 16.07 -13.81
CA PRO B 489 6.42 16.44 -15.15
C PRO B 489 6.75 17.86 -15.52
N ILE B 490 7.25 18.02 -16.73
CA ILE B 490 7.56 19.34 -17.28
C ILE B 490 6.84 19.55 -18.58
N LEU B 491 6.08 20.65 -18.63
CA LEU B 491 5.34 21.04 -19.81
C LEU B 491 5.89 22.36 -20.30
N ALA B 492 6.54 22.34 -21.45
CA ALA B 492 7.22 23.50 -22.00
C ALA B 492 6.44 24.11 -23.17
N VAL B 493 6.14 25.40 -23.10
CA VAL B 493 5.34 26.05 -24.13
C VAL B 493 6.08 27.12 -24.90
N THR B 494 6.14 27.01 -26.22
CA THR B 494 6.79 28.07 -26.99
C THR B 494 5.99 28.45 -28.25
N GLY B 495 6.50 29.41 -29.00
CA GLY B 495 5.87 29.92 -30.23
C GLY B 495 5.92 31.43 -30.26
N THR B 496 5.72 32.04 -31.42
CA THR B 496 5.79 33.50 -31.51
C THR B 496 4.74 34.27 -30.73
N ASN B 497 3.46 33.87 -30.81
CA ASN B 497 2.37 34.55 -30.08
C ASN B 497 1.48 33.55 -29.33
N GLY B 498 0.96 33.94 -28.17
CA GLY B 498 0.00 33.14 -27.39
C GLY B 498 0.52 32.31 -26.20
N LYS B 499 1.84 32.33 -25.97
CA LYS B 499 2.47 31.58 -24.89
C LYS B 499 1.97 31.85 -23.47
N THR B 500 1.81 33.10 -23.09
CA THR B 500 1.40 33.44 -21.74
C THR B 500 -0.02 32.98 -21.44
N THR B 501 -0.92 33.15 -22.39
CA THR B 501 -2.31 32.74 -22.23
C THR B 501 -2.42 31.23 -22.11
N THR B 502 -1.69 30.51 -22.96
CA THR B 502 -1.71 29.05 -22.97
C THR B 502 -1.13 28.50 -21.67
N THR B 503 -0.06 29.12 -21.17
CA THR B 503 0.63 28.74 -19.95
C THR B 503 -0.26 28.89 -18.73
N ARG B 504 -0.99 30.01 -18.60
CA ARG B 504 -1.89 30.20 -17.48
C ARG B 504 -3.09 29.26 -17.51
N LEU B 505 -3.63 28.96 -18.68
CA LEU B 505 -4.75 28.03 -18.75
C LEU B 505 -4.32 26.63 -18.41
N LEU B 506 -3.18 26.20 -18.91
CA LEU B 506 -2.73 24.86 -18.66
C LEU B 506 -2.41 24.67 -17.18
N ALA B 507 -1.80 25.67 -16.53
CA ALA B 507 -1.53 25.58 -15.12
C ALA B 507 -2.82 25.50 -14.30
N HIS B 508 -3.85 26.24 -14.71
CA HIS B 508 -5.17 26.23 -14.09
C HIS B 508 -5.83 24.85 -14.16
N ILE B 509 -5.69 24.17 -15.30
CA ILE B 509 -6.27 22.83 -15.47
C ILE B 509 -5.58 21.82 -14.53
N TYR B 510 -4.25 21.84 -14.44
CA TYR B 510 -3.56 20.88 -13.56
C TYR B 510 -3.84 21.11 -12.12
N ARG B 511 -4.09 22.34 -11.78
CA ARG B 511 -4.40 22.75 -10.44
C ARG B 511 -5.72 22.15 -9.95
N GLN B 512 -6.61 21.70 -10.85
CA GLN B 512 -7.92 21.20 -10.47
C GLN B 512 -7.80 19.78 -9.96
N THR B 513 -6.60 19.20 -10.05
CA THR B 513 -6.36 17.86 -9.57
C THR B 513 -5.88 17.89 -8.12
N GLY B 514 -5.65 19.09 -7.56
CA GLY B 514 -5.19 19.22 -6.18
C GLY B 514 -3.68 19.20 -5.94
N LYS B 515 -2.88 19.24 -6.99
CA LYS B 515 -1.43 19.22 -6.89
C LYS B 515 -0.82 20.59 -6.81
N THR B 516 0.43 20.66 -6.34
CA THR B 516 1.13 21.95 -6.33
C THR B 516 1.75 22.18 -7.69
N VAL B 517 1.33 23.28 -8.28
CA VAL B 517 1.75 23.62 -9.62
C VAL B 517 2.51 24.90 -9.62
N GLY B 518 3.70 24.85 -10.18
CA GLY B 518 4.50 26.03 -10.29
C GLY B 518 4.61 26.42 -11.73
N TYR B 519 4.68 27.70 -12.00
CA TYR B 519 4.83 28.12 -13.38
C TYR B 519 5.52 29.44 -13.52
N THR B 520 6.10 29.65 -14.69
CA THR B 520 6.75 30.92 -14.96
C THR B 520 6.21 31.54 -16.19
N SER B 521 6.11 32.86 -16.17
CA SER B 521 5.64 33.62 -17.30
C SER B 521 6.36 34.95 -17.38
N THR B 522 5.97 35.72 -18.36
CA THR B 522 6.50 37.07 -18.53
C THR B 522 5.97 38.09 -17.49
N ASP B 523 4.99 37.71 -16.68
CA ASP B 523 4.50 38.66 -15.68
C ASP B 523 5.13 38.43 -14.28
N ALA B 524 5.33 37.14 -13.91
CA ALA B 524 5.77 36.69 -12.59
C ALA B 524 6.07 35.18 -12.51
N ILE B 525 6.62 34.76 -11.35
CA ILE B 525 6.77 33.34 -10.99
C ILE B 525 5.75 33.03 -9.92
N TYR B 526 4.92 32.00 -10.13
CA TYR B 526 3.89 31.60 -9.18
C TYR B 526 3.93 30.17 -8.73
N ILE B 527 3.51 29.94 -7.49
CA ILE B 527 3.24 28.59 -7.00
C ILE B 527 1.86 28.54 -6.36
N ASN B 528 0.93 27.77 -6.92
CA ASN B 528 -0.43 27.67 -6.38
C ASN B 528 -1.09 28.98 -6.06
N GLU B 529 -1.04 29.91 -6.98
CA GLU B 529 -1.63 31.25 -6.83
C GLU B 529 -0.94 32.22 -5.87
N TYR B 530 0.25 31.89 -5.38
CA TYR B 530 1.02 32.86 -4.63
C TYR B 530 2.14 33.34 -5.49
N CYS B 531 2.44 34.62 -5.44
CA CYS B 531 3.51 35.14 -6.25
C CYS B 531 4.84 35.05 -5.53
N VAL B 532 5.83 34.49 -6.20
CA VAL B 532 7.15 34.32 -5.66
C VAL B 532 8.04 35.49 -6.06
N GLU B 533 8.03 35.82 -7.35
CA GLU B 533 8.80 36.95 -7.89
C GLU B 533 7.97 37.66 -8.95
N LYS B 534 8.20 38.95 -9.16
CA LYS B 534 7.50 39.68 -10.23
C LYS B 534 8.44 40.13 -11.34
N GLY B 535 7.90 40.37 -12.53
CA GLY B 535 8.70 40.84 -13.66
C GLY B 535 8.84 39.77 -14.71
N ASP B 536 9.63 40.04 -15.75
CA ASP B 536 9.75 39.06 -16.82
C ASP B 536 10.59 37.94 -16.32
N ASN B 537 9.95 36.82 -16.09
CA ASN B 537 10.58 35.70 -15.51
C ASN B 537 10.72 34.55 -16.44
N THR B 538 10.76 34.82 -17.71
CA THR B 538 11.05 33.73 -18.61
C THR B 538 12.56 33.54 -18.62
N GLY B 539 13.02 32.43 -19.16
CA GLY B 539 14.45 32.15 -19.22
C GLY B 539 14.85 31.11 -18.19
N PRO B 540 16.05 30.52 -18.35
CA PRO B 540 16.62 29.46 -17.57
C PRO B 540 16.88 29.76 -16.10
N GLN B 541 16.99 31.02 -15.74
CA GLN B 541 17.21 31.34 -14.36
C GLN B 541 15.95 31.20 -13.55
N SER B 542 14.79 31.37 -14.18
CA SER B 542 13.53 31.26 -13.47
C SER B 542 13.08 29.84 -13.45
N ALA B 543 13.39 29.12 -14.51
CA ALA B 543 13.01 27.73 -14.59
C ALA B 543 13.66 26.99 -13.44
N GLY B 544 14.89 27.41 -13.10
CA GLY B 544 15.65 26.83 -12.00
C GLY B 544 15.06 27.11 -10.63
N VAL B 545 14.24 28.12 -10.47
CA VAL B 545 13.63 28.43 -9.19
C VAL B 545 12.56 27.40 -8.96
N ILE B 546 11.76 27.13 -10.00
CA ILE B 546 10.72 26.13 -9.89
C ILE B 546 11.28 24.73 -9.74
N LEU B 547 12.28 24.36 -10.53
CA LEU B 547 12.81 23.01 -10.45
C LEU B 547 13.52 22.69 -9.14
N ARG B 548 14.12 23.69 -8.50
CA ARG B 548 14.76 23.46 -7.22
C ARG B 548 13.79 23.53 -6.03
N ASP B 549 12.54 23.90 -6.25
CA ASP B 549 11.58 24.09 -5.18
C ASP B 549 11.02 22.77 -4.66
N PRO B 550 11.22 22.42 -3.37
CA PRO B 550 10.88 21.16 -2.73
C PRO B 550 9.41 20.84 -2.63
N THR B 551 8.54 21.79 -2.96
CA THR B 551 7.12 21.54 -2.88
C THR B 551 6.44 21.30 -4.24
N VAL B 552 7.12 21.60 -5.35
CA VAL B 552 6.46 21.54 -6.65
C VAL B 552 6.31 20.14 -7.22
N GLU B 553 5.09 19.83 -7.67
CA GLU B 553 4.76 18.54 -8.25
C GLU B 553 4.65 18.59 -9.78
N VAL B 554 4.21 19.73 -10.34
CA VAL B 554 4.09 19.93 -11.79
C VAL B 554 4.72 21.25 -12.19
N ALA B 555 5.54 21.28 -13.25
CA ALA B 555 6.10 22.54 -13.73
C ALA B 555 5.62 22.92 -15.12
N VAL B 556 5.06 24.13 -15.26
CA VAL B 556 4.61 24.61 -16.57
C VAL B 556 5.44 25.87 -16.91
N LEU B 557 6.23 25.83 -17.97
CA LEU B 557 7.17 26.93 -18.24
C LEU B 557 7.03 27.62 -19.60
N GLU B 558 6.73 28.95 -19.67
CA GLU B 558 6.69 29.52 -21.03
C GLU B 558 8.16 29.74 -21.43
N THR B 559 8.52 29.39 -22.65
CA THR B 559 9.89 29.53 -23.12
C THR B 559 10.05 30.46 -24.32
N ALA B 560 10.89 31.47 -24.12
CA ALA B 560 11.15 32.49 -25.10
C ALA B 560 12.48 32.30 -25.82
N ARG B 561 12.57 32.87 -27.03
CA ARG B 561 13.80 32.85 -27.82
C ARG B 561 14.94 33.59 -27.20
N GLY B 562 14.67 34.61 -26.39
CA GLY B 562 15.73 35.36 -25.77
C GLY B 562 16.54 34.45 -24.89
N GLY B 563 15.85 33.69 -24.04
CA GLY B 563 16.51 32.78 -23.14
C GLY B 563 17.24 31.69 -23.88
N ILE B 564 16.66 31.14 -24.94
CA ILE B 564 17.35 30.05 -25.62
C ILE B 564 18.62 30.54 -26.28
N LEU B 565 18.55 31.65 -26.99
CA LEU B 565 19.71 32.15 -27.69
C LEU B 565 20.80 32.66 -26.77
N ARG B 566 20.43 33.21 -25.62
CA ARG B 566 21.39 33.71 -24.68
C ARG B 566 22.06 32.63 -23.82
N ALA B 567 21.32 31.64 -23.32
CA ALA B 567 21.97 30.66 -22.45
C ALA B 567 21.50 29.20 -22.53
N GLY B 568 20.69 28.79 -23.53
CA GLY B 568 20.21 27.39 -23.62
C GLY B 568 19.01 27.10 -22.73
N LEU B 569 18.47 25.88 -22.79
CA LEU B 569 17.35 25.50 -21.93
C LEU B 569 17.82 25.02 -20.56
N ALA B 570 17.03 25.25 -19.51
CA ALA B 570 17.38 24.82 -18.16
C ALA B 570 17.15 23.37 -17.79
N PHE B 571 16.35 22.66 -18.55
CA PHE B 571 15.95 21.31 -18.13
C PHE B 571 16.40 20.07 -18.89
N ASP B 572 17.11 20.18 -20.00
CA ASP B 572 17.54 19.02 -20.82
C ASP B 572 16.45 18.21 -21.54
N SER B 573 15.44 17.76 -20.84
CA SER B 573 14.33 17.04 -21.47
C SER B 573 13.01 17.30 -20.78
N CYS B 574 11.92 17.07 -21.51
CA CYS B 574 10.58 17.28 -20.96
C CYS B 574 9.56 16.27 -21.47
N ASP B 575 8.36 16.30 -20.87
CA ASP B 575 7.31 15.35 -21.20
C ASP B 575 6.41 15.82 -22.30
N VAL B 576 6.10 17.11 -22.29
CA VAL B 576 5.29 17.67 -23.32
C VAL B 576 5.95 18.93 -23.85
N GLY B 577 6.05 19.03 -25.16
CA GLY B 577 6.58 20.22 -25.79
C GLY B 577 5.53 20.77 -26.72
N VAL B 578 5.09 22.00 -26.48
CA VAL B 578 4.04 22.62 -27.28
C VAL B 578 4.58 23.74 -28.15
N VAL B 579 4.38 23.66 -29.46
CA VAL B 579 4.81 24.74 -30.34
C VAL B 579 3.58 25.34 -30.99
N LEU B 580 3.30 26.59 -30.69
CA LEU B 580 2.06 27.18 -31.14
C LEU B 580 2.05 27.80 -32.53
N ASN B 581 3.14 28.43 -32.95
CA ASN B 581 3.21 29.12 -34.23
C ASN B 581 4.58 29.71 -34.51
N VAL B 582 4.92 29.93 -35.77
CA VAL B 582 6.13 30.66 -36.11
C VAL B 582 5.75 31.89 -36.94
N ALA B 583 6.20 33.06 -36.53
CA ALA B 583 5.87 34.28 -37.27
C ALA B 583 7.02 35.24 -37.21
N ALA B 584 7.05 36.19 -38.14
CA ALA B 584 8.18 37.08 -38.28
C ALA B 584 8.26 38.25 -37.31
N ASP B 585 8.44 37.94 -36.03
CA ASP B 585 8.68 38.98 -35.04
C ASP B 585 10.11 38.79 -34.59
N HIS B 586 10.69 39.83 -34.04
CA HIS B 586 12.05 39.81 -33.53
C HIS B 586 13.09 39.44 -34.57
N LEU B 587 12.87 39.77 -35.84
CA LEU B 587 13.89 39.39 -36.80
C LEU B 587 14.94 40.45 -36.82
N GLY B 588 16.16 40.02 -37.02
CA GLY B 588 17.31 40.86 -37.07
C GLY B 588 18.03 40.86 -35.72
N LEU B 589 17.39 40.33 -34.69
CA LEU B 589 18.01 40.31 -33.38
C LEU B 589 18.65 38.96 -33.13
N GLY B 590 19.77 38.94 -32.44
CA GLY B 590 20.37 37.67 -32.03
C GLY B 590 20.93 36.89 -33.20
N ASP B 591 21.25 37.59 -34.28
CA ASP B 591 21.74 36.99 -35.52
C ASP B 591 20.70 36.11 -36.24
N ILE B 592 19.41 36.24 -35.90
CA ILE B 592 18.36 35.53 -36.63
C ILE B 592 17.68 36.49 -37.57
N ASP B 593 17.96 36.37 -38.85
CA ASP B 593 17.44 37.28 -39.86
C ASP B 593 16.24 36.76 -40.64
N THR B 594 16.11 35.44 -40.77
CA THR B 594 15.05 34.89 -41.61
C THR B 594 14.03 34.08 -40.83
N ILE B 595 12.93 33.76 -41.48
CA ILE B 595 11.88 32.98 -40.86
C ILE B 595 12.31 31.52 -40.72
N GLU B 596 13.10 31.03 -41.68
CA GLU B 596 13.59 29.67 -41.64
C GLU B 596 14.52 29.49 -40.45
N GLN B 597 15.28 30.55 -40.11
CA GLN B 597 16.13 30.49 -38.93
C GLN B 597 15.30 30.54 -37.65
N MET B 598 14.24 31.37 -37.63
CA MET B 598 13.43 31.46 -36.43
C MET B 598 12.77 30.13 -36.14
N ALA B 599 12.43 29.39 -37.18
CA ALA B 599 11.85 28.08 -37.02
C ALA B 599 12.82 27.11 -36.35
N LYS B 600 14.15 27.28 -36.53
CA LYS B 600 15.16 26.40 -35.93
C LYS B 600 15.33 26.71 -34.47
N VAL B 601 15.04 27.94 -34.09
CA VAL B 601 15.10 28.31 -32.70
C VAL B 601 13.90 27.65 -32.00
N LYS B 602 12.71 27.75 -32.59
CA LYS B 602 11.53 27.21 -31.93
C LYS B 602 11.52 25.69 -31.87
N SER B 603 12.13 25.03 -32.85
CA SER B 603 12.16 23.59 -32.92
C SER B 603 12.99 22.96 -31.81
N VAL B 604 13.76 23.75 -31.06
CA VAL B 604 14.56 23.21 -29.97
C VAL B 604 13.64 22.53 -28.98
N ILE B 605 12.45 23.08 -28.70
CA ILE B 605 11.56 22.43 -27.75
C ILE B 605 11.07 21.10 -28.25
N ALA B 606 10.67 20.99 -29.49
CA ALA B 606 10.18 19.74 -30.03
C ALA B 606 11.24 18.64 -29.98
N GLU B 607 12.50 19.01 -30.18
CA GLU B 607 13.61 18.06 -30.22
C GLU B 607 14.15 17.62 -28.87
N VAL B 608 13.62 18.17 -27.76
CA VAL B 608 14.11 17.74 -26.44
C VAL B 608 13.03 16.97 -25.72
N VAL B 609 11.95 16.64 -26.41
CA VAL B 609 10.92 15.89 -25.73
C VAL B 609 11.37 14.44 -25.66
N ASP B 610 11.27 13.86 -24.48
CA ASP B 610 11.65 12.48 -24.21
C ASP B 610 10.89 11.55 -25.15
N PRO B 611 11.46 10.47 -25.71
CA PRO B 611 10.80 9.54 -26.60
C PRO B 611 9.48 8.97 -26.07
N SER B 612 9.29 8.94 -24.75
CA SER B 612 8.05 8.42 -24.19
C SER B 612 6.95 9.48 -24.10
N GLY B 613 7.29 10.73 -24.42
CA GLY B 613 6.42 11.88 -24.35
C GLY B 613 5.86 12.30 -25.70
N TYR B 614 5.32 13.52 -25.73
CA TYR B 614 4.67 14.10 -26.91
C TYR B 614 5.07 15.48 -27.30
N ALA B 615 5.03 15.72 -28.59
CA ALA B 615 5.15 17.04 -29.15
C ALA B 615 3.78 17.44 -29.65
N VAL B 616 3.35 18.65 -29.34
CA VAL B 616 2.05 19.14 -29.78
C VAL B 616 2.26 20.23 -30.82
N LEU B 617 1.85 19.94 -32.04
CA LEU B 617 2.10 20.82 -33.16
C LEU B 617 0.84 21.41 -33.76
N ASN B 618 0.98 22.59 -34.33
CA ASN B 618 -0.08 23.29 -35.02
C ASN B 618 -0.14 22.86 -36.48
N ALA B 619 -1.16 22.12 -36.89
CA ALA B 619 -1.25 21.56 -38.24
C ALA B 619 -1.64 22.61 -39.28
N ASP B 620 -2.04 23.78 -38.81
CA ASP B 620 -2.43 24.86 -39.71
C ASP B 620 -1.26 25.80 -39.99
N ASP B 621 -0.09 25.48 -39.46
CA ASP B 621 1.13 26.27 -39.62
C ASP B 621 2.21 25.46 -40.36
N PRO B 622 2.52 25.77 -41.64
CA PRO B 622 3.47 25.07 -42.49
C PRO B 622 4.89 24.91 -41.94
N LEU B 623 5.37 25.81 -41.05
CA LEU B 623 6.72 25.63 -40.55
C LEU B 623 6.69 24.76 -39.34
N VAL B 624 5.60 24.83 -38.59
CA VAL B 624 5.48 24.05 -37.37
C VAL B 624 5.16 22.59 -37.68
N ALA B 625 4.24 22.34 -38.62
CA ALA B 625 3.88 20.97 -38.96
C ALA B 625 5.09 20.17 -39.44
N ALA B 626 5.99 20.86 -40.14
CA ALA B 626 7.21 20.31 -40.71
C ALA B 626 8.21 19.82 -39.67
N MET B 627 8.06 20.23 -38.41
CA MET B 627 8.98 19.86 -37.35
C MET B 627 8.77 18.41 -36.97
N ALA B 628 7.68 17.81 -37.42
CA ALA B 628 7.33 16.45 -37.07
C ALA B 628 8.37 15.45 -37.53
N ASP B 629 9.19 15.83 -38.52
CA ASP B 629 10.18 14.92 -39.05
C ASP B 629 11.52 14.97 -38.29
N LYS B 630 11.60 15.83 -37.29
CA LYS B 630 12.80 15.97 -36.47
C LYS B 630 12.55 15.33 -35.10
N VAL B 631 11.29 15.28 -34.71
CA VAL B 631 10.85 14.77 -33.44
C VAL B 631 11.03 13.26 -33.26
N LYS B 632 11.64 12.89 -32.13
CA LYS B 632 11.89 11.50 -31.71
C LYS B 632 10.77 10.95 -30.82
N ALA B 633 9.90 11.86 -30.41
CA ALA B 633 8.77 11.70 -29.54
C ALA B 633 7.51 11.44 -30.37
N LYS B 634 6.39 11.20 -29.70
CA LYS B 634 5.13 10.99 -30.38
C LYS B 634 4.60 12.34 -30.81
N VAL B 635 3.80 12.41 -31.86
CA VAL B 635 3.25 13.69 -32.28
C VAL B 635 1.75 13.74 -32.24
N ALA B 636 1.23 14.82 -31.66
CA ALA B 636 -0.19 15.11 -31.61
C ALA B 636 -0.40 16.42 -32.35
N TYR B 637 -1.56 16.59 -32.98
CA TYR B 637 -1.83 17.84 -33.72
C TYR B 637 -3.07 18.55 -33.34
N PHE B 638 -3.08 19.86 -33.50
CA PHE B 638 -4.32 20.58 -33.32
C PHE B 638 -4.59 21.48 -34.52
N SER B 639 -5.87 21.76 -34.77
CA SER B 639 -6.27 22.64 -35.85
C SER B 639 -7.65 23.28 -35.68
N MET B 640 -7.90 24.34 -36.45
CA MET B 640 -9.18 25.03 -36.46
C MET B 640 -10.05 24.61 -37.63
N ASN B 641 -9.61 23.60 -38.33
CA ASN B 641 -10.26 23.09 -39.50
C ASN B 641 -10.20 21.57 -39.53
N PRO B 642 -11.28 20.86 -39.23
CA PRO B 642 -11.39 19.41 -39.15
C PRO B 642 -11.02 18.69 -40.43
N ASP B 643 -11.01 19.39 -41.55
CA ASP B 643 -10.72 18.77 -42.82
C ASP B 643 -9.27 18.89 -43.24
N ASN B 644 -8.42 19.45 -42.38
CA ASN B 644 -7.02 19.57 -42.68
C ASN B 644 -6.48 18.17 -42.99
N PRO B 645 -5.92 17.91 -44.19
CA PRO B 645 -5.40 16.64 -44.65
C PRO B 645 -4.42 15.97 -43.70
N ILE B 646 -3.69 16.76 -42.90
CA ILE B 646 -2.73 16.22 -41.96
C ILE B 646 -3.45 15.49 -40.87
N ILE B 647 -4.53 16.08 -40.39
CA ILE B 647 -5.29 15.55 -39.30
C ILE B 647 -5.93 14.28 -39.74
N GLN B 648 -6.46 14.28 -40.95
CA GLN B 648 -7.14 13.09 -41.43
C GLN B 648 -6.17 11.93 -41.62
N ALA B 649 -5.00 12.20 -42.20
CA ALA B 649 -4.04 11.15 -42.41
C ALA B 649 -3.56 10.56 -41.10
N HIS B 650 -3.41 11.42 -40.09
CA HIS B 650 -2.94 11.08 -38.75
C HIS B 650 -3.94 10.25 -37.95
N VAL B 651 -5.21 10.63 -37.91
CA VAL B 651 -6.14 9.84 -37.12
C VAL B 651 -6.36 8.45 -37.75
N ARG B 652 -6.19 8.33 -39.06
CA ARG B 652 -6.33 7.06 -39.75
C ARG B 652 -5.23 6.05 -39.36
N ARG B 653 -4.17 6.51 -38.71
CA ARG B 653 -3.06 5.70 -38.26
C ARG B 653 -3.13 5.58 -36.73
N ASN B 654 -4.30 5.90 -36.20
CA ASN B 654 -4.65 5.93 -34.79
C ASN B 654 -3.90 6.95 -33.94
N GLY B 655 -3.67 8.15 -34.50
CA GLY B 655 -3.08 9.22 -33.73
C GLY B 655 -4.15 10.00 -32.98
N ILE B 656 -3.72 11.08 -32.33
CA ILE B 656 -4.55 11.95 -31.52
C ILE B 656 -4.51 13.37 -32.06
N ALA B 657 -5.66 14.00 -32.13
CA ALA B 657 -5.73 15.36 -32.59
C ALA B 657 -6.83 16.12 -31.91
N ALA B 658 -6.70 17.43 -31.85
CA ALA B 658 -7.77 18.25 -31.32
C ALA B 658 -8.25 19.20 -32.37
N VAL B 659 -9.55 19.26 -32.57
CA VAL B 659 -10.10 20.15 -33.57
C VAL B 659 -11.26 20.97 -33.08
N TYR B 660 -11.51 22.06 -33.76
CA TYR B 660 -12.71 22.82 -33.51
C TYR B 660 -13.77 22.44 -34.54
N GLU B 661 -14.90 21.89 -34.08
CA GLU B 661 -15.96 21.46 -34.99
C GLU B 661 -17.35 21.62 -34.39
N SER B 662 -18.31 21.99 -35.21
CA SER B 662 -19.71 22.11 -34.80
C SER B 662 -19.94 22.95 -33.54
N GLY B 663 -19.11 23.96 -33.31
CA GLY B 663 -19.24 24.79 -32.13
C GLY B 663 -18.55 24.23 -30.89
N TYR B 664 -17.96 23.05 -31.01
CA TYR B 664 -17.30 22.34 -29.94
C TYR B 664 -15.81 22.19 -30.07
N LEU B 665 -15.18 22.13 -28.93
CA LEU B 665 -13.79 21.81 -28.86
C LEU B 665 -13.78 20.33 -28.55
N SER B 666 -13.16 19.53 -29.43
CA SER B 666 -13.17 18.09 -29.28
C SER B 666 -11.87 17.39 -29.61
N ILE B 667 -11.72 16.21 -29.04
CA ILE B 667 -10.56 15.37 -29.24
C ILE B 667 -10.86 14.14 -30.07
N LEU B 668 -10.06 13.97 -31.09
CA LEU B 668 -10.19 12.85 -31.98
C LEU B 668 -9.17 11.82 -31.61
N GLU B 669 -9.64 10.69 -31.15
CA GLU B 669 -8.72 9.65 -30.74
C GLU B 669 -9.03 8.41 -31.53
N GLY B 670 -8.23 8.13 -32.53
CA GLY B 670 -8.59 7.05 -33.42
C GLY B 670 -9.91 7.37 -34.09
N SER B 671 -10.87 6.44 -34.04
CA SER B 671 -12.18 6.62 -34.65
C SER B 671 -13.22 7.29 -33.76
N TRP B 672 -12.88 7.56 -32.51
CA TRP B 672 -13.84 8.12 -31.57
C TRP B 672 -13.70 9.62 -31.38
N THR B 673 -14.82 10.31 -31.19
CA THR B 673 -14.77 11.74 -30.93
C THR B 673 -15.22 12.07 -29.51
N LEU B 674 -14.39 12.78 -28.79
CA LEU B 674 -14.68 13.19 -27.42
C LEU B 674 -14.94 14.68 -27.35
N ARG B 675 -16.16 15.07 -27.05
CA ARG B 675 -16.41 16.51 -26.97
C ARG B 675 -16.09 17.01 -25.59
N VAL B 676 -15.36 18.12 -25.51
CA VAL B 676 -15.03 18.67 -24.21
C VAL B 676 -16.04 19.71 -23.83
N GLU B 677 -16.17 20.76 -24.62
CA GLU B 677 -17.15 21.79 -24.31
C GLU B 677 -17.48 22.65 -25.54
N GLN B 678 -18.41 23.59 -25.41
CA GLN B 678 -18.74 24.53 -26.48
C GLN B 678 -17.93 25.79 -26.37
N ALA B 679 -17.53 26.35 -27.49
CA ALA B 679 -16.71 27.57 -27.44
C ALA B 679 -17.42 28.72 -26.74
N LYS B 680 -18.73 28.80 -26.88
CA LYS B 680 -19.51 29.88 -26.29
C LYS B 680 -19.59 29.83 -24.78
N LEU B 681 -19.30 28.67 -24.20
CA LEU B 681 -19.40 28.52 -22.77
C LEU B 681 -18.05 28.56 -22.08
N ILE B 682 -16.99 28.90 -22.82
CA ILE B 682 -15.67 28.99 -22.21
C ILE B 682 -15.30 30.46 -22.17
N PRO B 683 -15.30 31.13 -21.00
CA PRO B 683 -15.11 32.57 -20.80
C PRO B 683 -13.90 33.23 -21.43
N MET B 684 -12.80 32.51 -21.64
CA MET B 684 -11.63 33.16 -22.24
C MET B 684 -11.86 33.46 -23.71
N THR B 685 -12.80 32.74 -24.31
CA THR B 685 -13.10 32.92 -25.70
C THR B 685 -14.22 33.92 -25.65
N MET B 686 -14.12 34.99 -26.38
CA MET B 686 -15.10 36.05 -26.24
C MET B 686 -16.45 35.73 -26.85
N GLY B 687 -17.17 34.78 -26.27
CA GLY B 687 -18.48 34.35 -26.74
C GLY B 687 -18.36 33.52 -28.01
N GLY B 688 -17.18 33.01 -28.25
CA GLY B 688 -16.89 32.25 -29.45
C GLY B 688 -16.42 33.15 -30.61
N MET B 689 -16.27 34.46 -30.37
CA MET B 689 -15.91 35.41 -31.41
C MET B 689 -14.43 35.75 -31.58
N ALA B 690 -13.54 35.05 -30.88
CA ALA B 690 -12.11 35.30 -30.92
C ALA B 690 -11.31 34.03 -31.25
N PRO B 691 -11.14 33.68 -32.54
CA PRO B 691 -10.52 32.47 -33.07
C PRO B 691 -9.15 32.15 -32.51
N PHE B 692 -8.39 33.18 -32.17
CA PHE B 692 -7.07 33.00 -31.62
C PHE B 692 -7.12 32.49 -30.19
N MET B 693 -8.24 32.74 -29.49
CA MET B 693 -8.37 32.28 -28.13
C MET B 693 -8.80 30.84 -28.17
N ILE B 694 -9.55 30.48 -29.22
CA ILE B 694 -10.01 29.10 -29.37
C ILE B 694 -8.79 28.23 -29.64
N ALA B 695 -7.90 28.68 -30.51
CA ALA B 695 -6.72 27.93 -30.83
C ALA B 695 -5.83 27.67 -29.61
N ASN B 696 -5.74 28.64 -28.69
CA ASN B 696 -4.95 28.43 -27.48
C ASN B 696 -5.61 27.46 -26.53
N ALA B 697 -6.94 27.49 -26.46
CA ALA B 697 -7.67 26.55 -25.64
C ALA B 697 -7.49 25.14 -26.17
N LEU B 698 -7.43 24.97 -27.50
CA LEU B 698 -7.23 23.63 -28.05
C LEU B 698 -5.88 23.08 -27.70
N ALA B 699 -4.84 23.91 -27.76
CA ALA B 699 -3.48 23.46 -27.45
C ALA B 699 -3.34 23.05 -25.98
N ALA B 700 -3.97 23.81 -25.06
CA ALA B 700 -3.90 23.48 -23.65
C ALA B 700 -4.67 22.20 -23.32
N CYS B 701 -5.82 21.99 -23.96
CA CYS B 701 -6.61 20.81 -23.71
C CYS B 701 -5.92 19.56 -24.22
N LEU B 702 -5.29 19.66 -25.38
CA LEU B 702 -4.61 18.52 -25.94
C LEU B 702 -3.38 18.16 -25.11
N ALA B 703 -2.62 19.16 -24.63
CA ALA B 703 -1.45 18.85 -23.81
C ALA B 703 -1.85 18.16 -22.51
N ALA B 704 -2.94 18.60 -21.89
CA ALA B 704 -3.44 17.99 -20.66
C ALA B 704 -3.90 16.57 -20.88
N PHE B 705 -4.55 16.33 -22.02
CA PHE B 705 -5.06 15.01 -22.40
C PHE B 705 -3.95 14.01 -22.69
N VAL B 706 -2.96 14.38 -23.49
CA VAL B 706 -1.92 13.42 -23.85
C VAL B 706 -1.04 13.09 -22.65
N ASN B 707 -0.99 13.96 -21.65
CA ASN B 707 -0.23 13.68 -20.46
C ASN B 707 -1.05 12.97 -19.38
N GLY B 708 -2.25 12.48 -19.72
CA GLY B 708 -3.04 11.69 -18.79
C GLY B 708 -4.16 12.31 -17.97
N LEU B 709 -4.56 13.57 -18.16
CA LEU B 709 -5.66 14.03 -17.33
C LEU B 709 -6.98 13.61 -17.95
N ASP B 710 -7.97 13.40 -17.11
CA ASP B 710 -9.31 13.02 -17.55
C ASP B 710 -10.04 14.19 -18.17
N VAL B 711 -11.02 13.89 -19.00
CA VAL B 711 -11.80 14.90 -19.72
C VAL B 711 -12.63 15.73 -18.78
N GLU B 712 -13.17 15.13 -17.73
CA GLU B 712 -13.98 15.90 -16.81
C GLU B 712 -13.15 16.97 -16.10
N VAL B 713 -11.90 16.66 -15.80
CA VAL B 713 -11.00 17.61 -15.16
C VAL B 713 -10.73 18.75 -16.11
N ILE B 714 -10.52 18.41 -17.38
CA ILE B 714 -10.26 19.41 -18.39
C ILE B 714 -11.48 20.33 -18.54
N ARG B 715 -12.71 19.79 -18.54
CA ARG B 715 -13.91 20.63 -18.62
C ARG B 715 -14.05 21.58 -17.47
N GLN B 716 -13.78 21.11 -16.27
CA GLN B 716 -13.86 21.96 -15.11
C GLN B 716 -12.88 23.12 -15.22
N GLY B 717 -11.67 22.83 -15.68
CA GLY B 717 -10.65 23.85 -15.84
C GLY B 717 -10.98 24.89 -16.88
N VAL B 718 -11.53 24.52 -18.04
CA VAL B 718 -11.80 25.57 -19.01
C VAL B 718 -12.99 26.42 -18.61
N ARG B 719 -14.00 25.83 -17.97
CA ARG B 719 -15.20 26.54 -17.54
C ARG B 719 -14.97 27.60 -16.48
N THR B 720 -13.97 27.44 -15.62
CA THR B 720 -13.73 28.39 -14.55
C THR B 720 -12.53 29.31 -14.76
N PHE B 721 -11.88 29.24 -15.92
CA PHE B 721 -10.69 30.06 -16.13
C PHE B 721 -11.02 31.46 -16.62
N THR B 722 -10.45 32.46 -15.96
CA THR B 722 -10.70 33.82 -16.40
C THR B 722 -9.42 34.57 -16.74
N THR B 723 -9.61 35.55 -17.61
CA THR B 723 -8.60 36.49 -18.07
C THR B 723 -9.22 37.88 -17.93
N SER B 724 -9.56 38.28 -16.72
CA SER B 724 -10.25 39.53 -16.54
C SER B 724 -9.31 40.70 -16.47
N ALA B 725 -9.88 41.89 -16.52
CA ALA B 725 -9.09 43.05 -16.31
C ALA B 725 -8.54 42.90 -14.92
N GLU B 726 -7.35 43.43 -14.72
CA GLU B 726 -6.59 43.38 -13.48
C GLU B 726 -6.03 41.97 -13.16
N GLN B 727 -6.19 41.00 -14.08
CA GLN B 727 -5.56 39.70 -13.96
C GLN B 727 -4.56 39.57 -15.10
N THR B 728 -5.04 39.95 -16.28
CA THR B 728 -4.26 39.90 -17.49
C THR B 728 -4.35 41.25 -18.20
N PRO B 729 -3.76 42.33 -17.67
CA PRO B 729 -3.89 43.64 -18.24
C PRO B 729 -3.28 43.63 -19.61
N GLY B 730 -3.96 44.26 -20.55
CA GLY B 730 -3.46 44.38 -21.91
C GLY B 730 -3.75 43.16 -22.78
N ARG B 731 -4.45 42.17 -22.24
CA ARG B 731 -4.74 40.97 -23.03
C ARG B 731 -6.24 40.74 -23.08
N MET B 732 -6.89 41.26 -24.12
CA MET B 732 -8.35 41.23 -24.28
C MET B 732 -9.15 41.74 -23.08
N ASN B 733 -8.96 43.00 -22.66
CA ASN B 733 -9.75 43.51 -21.53
C ASN B 733 -10.96 44.26 -22.08
N LEU B 734 -12.14 43.66 -22.07
CA LEU B 734 -13.31 44.31 -22.67
C LEU B 734 -14.14 45.02 -21.60
N PHE B 735 -14.37 46.30 -21.82
CA PHE B 735 -15.12 47.14 -20.90
C PHE B 735 -16.45 47.62 -21.50
N ASN B 736 -17.51 47.48 -20.71
CA ASN B 736 -18.89 47.91 -21.04
C ASN B 736 -19.17 49.28 -20.42
N LEU B 737 -19.22 50.36 -21.24
CA LEU B 737 -19.30 51.71 -20.66
C LEU B 737 -20.47 52.55 -21.25
N GLY B 738 -21.68 52.30 -20.74
CA GLY B 738 -22.90 52.91 -21.30
C GLY B 738 -23.20 52.17 -22.58
N GLN B 739 -23.87 52.80 -23.56
CA GLN B 739 -24.19 52.05 -24.78
C GLN B 739 -22.99 52.09 -25.70
N HIS B 740 -21.91 51.51 -25.24
CA HIS B 740 -20.62 51.54 -25.89
C HIS B 740 -19.67 50.51 -25.29
N HIS B 741 -18.87 49.87 -26.12
CA HIS B 741 -17.86 48.99 -25.58
C HIS B 741 -16.50 49.36 -26.10
N ALA B 742 -15.49 49.07 -25.30
CA ALA B 742 -14.14 49.31 -25.75
C ALA B 742 -13.22 48.24 -25.19
N LEU B 743 -12.24 47.89 -26.01
CA LEU B 743 -11.31 46.81 -25.72
C LEU B 743 -9.88 47.27 -25.58
N VAL B 744 -9.23 46.90 -24.50
CA VAL B 744 -7.82 47.24 -24.36
C VAL B 744 -6.96 46.00 -24.58
N ASP B 745 -6.01 46.11 -25.51
CA ASP B 745 -5.12 44.99 -25.81
C ASP B 745 -3.73 45.52 -26.09
N TYR B 746 -2.78 44.66 -26.41
CA TYR B 746 -1.43 45.12 -26.65
C TYR B 746 -0.74 44.27 -27.70
N ALA B 747 -1.06 44.55 -28.95
CA ALA B 747 -0.49 43.84 -30.06
C ALA B 747 0.94 44.35 -30.24
N HIS B 748 1.84 43.51 -30.74
CA HIS B 748 3.20 43.98 -30.96
C HIS B 748 3.52 43.79 -32.43
N ASN B 749 3.68 42.55 -32.85
CA ASN B 749 3.88 42.29 -34.26
C ASN B 749 2.50 42.34 -34.90
N PRO B 750 2.41 42.53 -36.23
CA PRO B 750 1.18 42.57 -37.02
C PRO B 750 0.24 41.41 -36.80
N ALA B 751 0.70 40.21 -36.40
CA ALA B 751 -0.25 39.13 -36.23
C ALA B 751 -1.26 39.48 -35.16
N GLY B 752 -0.86 40.31 -34.18
CA GLY B 752 -1.78 40.65 -33.12
C GLY B 752 -2.75 41.74 -33.51
N TYR B 753 -2.48 42.42 -34.61
CA TYR B 753 -3.37 43.46 -35.04
C TYR B 753 -4.44 42.74 -35.83
N ARG B 754 -4.03 41.68 -36.53
CA ARG B 754 -4.98 40.88 -37.27
C ARG B 754 -5.84 40.06 -36.30
N ALA B 755 -5.22 39.45 -35.27
CA ALA B 755 -6.01 38.66 -34.34
C ALA B 755 -7.09 39.49 -33.66
N VAL B 756 -6.75 40.72 -33.27
CA VAL B 756 -7.75 41.57 -32.65
C VAL B 756 -8.76 42.00 -33.70
N GLY B 757 -8.31 42.32 -34.91
CA GLY B 757 -9.21 42.74 -35.96
C GLY B 757 -10.29 41.69 -36.24
N ASP B 758 -9.96 40.39 -36.15
CA ASP B 758 -10.99 39.37 -36.38
C ASP B 758 -12.04 39.40 -35.28
N PHE B 759 -11.62 39.66 -34.04
CA PHE B 759 -12.59 39.81 -32.96
C PHE B 759 -13.55 40.95 -33.29
N VAL B 760 -12.99 42.06 -33.74
CA VAL B 760 -13.78 43.25 -34.06
C VAL B 760 -14.79 42.98 -35.17
N LYS B 761 -14.36 42.28 -36.22
CA LYS B 761 -15.23 41.94 -37.35
C LYS B 761 -16.47 41.20 -36.87
N ASN B 762 -16.31 40.39 -35.83
CA ASN B 762 -17.39 39.59 -35.29
C ASN B 762 -18.20 40.31 -34.21
N TRP B 763 -17.93 41.59 -33.96
CA TRP B 763 -18.67 42.31 -32.93
C TRP B 763 -20.12 42.50 -33.31
N GLN B 764 -21.01 42.05 -32.43
CA GLN B 764 -22.44 42.10 -32.71
C GLN B 764 -23.05 43.40 -32.20
N GLY B 765 -22.72 44.47 -32.89
CA GLY B 765 -23.13 45.81 -32.49
C GLY B 765 -23.13 46.75 -33.67
N GLN B 766 -22.64 47.98 -33.46
CA GLN B 766 -22.67 48.96 -34.54
C GLN B 766 -21.31 49.32 -35.15
N ARG B 767 -20.80 50.53 -34.88
CA ARG B 767 -19.57 50.98 -35.53
C ARG B 767 -18.33 50.37 -34.92
N PHE B 768 -17.30 50.19 -35.76
CA PHE B 768 -16.03 49.64 -35.35
C PHE B 768 -14.96 50.74 -35.39
N GLY B 769 -14.42 51.10 -34.24
CA GLY B 769 -13.41 52.15 -34.25
C GLY B 769 -12.10 51.69 -33.68
N VAL B 770 -11.03 52.34 -34.11
CA VAL B 770 -9.70 52.05 -33.59
C VAL B 770 -9.07 53.34 -33.09
N VAL B 771 -8.50 53.22 -31.91
CA VAL B 771 -7.89 54.30 -31.17
C VAL B 771 -6.52 53.93 -30.60
N GLY B 772 -5.64 53.47 -31.47
CA GLY B 772 -4.30 53.08 -31.07
C GLY B 772 -3.46 52.75 -32.29
N GLY B 773 -2.25 52.25 -32.04
CA GLY B 773 -1.30 51.95 -33.11
C GLY B 773 0.11 51.68 -32.56
N PRO B 774 1.07 51.39 -33.45
CA PRO B 774 2.46 51.08 -33.18
C PRO B 774 3.26 52.26 -32.69
N GLY B 775 4.35 51.98 -31.99
CA GLY B 775 5.29 53.01 -31.58
C GLY B 775 6.41 53.11 -32.61
N ASP B 776 7.52 53.74 -32.26
CA ASP B 776 8.60 53.96 -33.23
C ASP B 776 9.67 52.87 -33.19
N ARG B 777 9.43 51.82 -32.42
CA ARG B 777 10.37 50.71 -32.27
C ARG B 777 10.21 49.63 -33.34
N ARG B 778 9.23 49.83 -34.21
CA ARG B 778 8.96 48.89 -35.27
C ARG B 778 9.80 49.10 -36.52
N ASP B 779 9.88 48.05 -37.33
CA ASP B 779 10.56 48.02 -38.61
C ASP B 779 9.58 48.62 -39.60
N SER B 780 9.93 48.71 -40.86
CA SER B 780 9.05 49.39 -41.82
C SER B 780 7.81 48.56 -42.20
N ASP B 781 6.92 48.40 -41.21
CA ASP B 781 5.67 47.64 -41.32
C ASP B 781 4.47 48.52 -40.98
N LEU B 782 4.69 49.84 -40.97
CA LEU B 782 3.63 50.77 -40.63
C LEU B 782 2.55 50.75 -41.68
N ILE B 783 2.94 50.59 -42.95
CA ILE B 783 1.94 50.56 -44.00
C ILE B 783 1.11 49.31 -43.83
N GLU B 784 1.77 48.17 -43.52
CA GLU B 784 1.03 46.92 -43.30
C GLU B 784 0.02 47.07 -42.18
N LEU B 785 0.42 47.72 -41.08
CA LEU B 785 -0.47 47.93 -39.95
C LEU B 785 -1.62 48.83 -40.35
N GLY B 786 -1.34 49.84 -41.17
CA GLY B 786 -2.37 50.72 -41.69
C GLY B 786 -3.35 49.93 -42.57
N GLN B 787 -2.82 49.04 -43.41
CA GLN B 787 -3.66 48.24 -44.29
C GLN B 787 -4.57 47.34 -43.46
N ILE B 788 -4.07 46.82 -42.34
CA ILE B 788 -4.92 45.98 -41.49
C ILE B 788 -6.08 46.80 -40.92
N ALA B 789 -5.81 47.99 -40.38
CA ALA B 789 -6.89 48.78 -39.78
C ALA B 789 -7.98 49.12 -40.80
N ALA B 790 -7.56 49.40 -42.02
CA ALA B 790 -8.44 49.77 -43.13
C ALA B 790 -9.38 48.64 -43.55
N GLN B 791 -9.06 47.41 -43.18
CA GLN B 791 -9.86 46.26 -43.57
C GLN B 791 -10.86 45.89 -42.49
N VAL B 792 -10.75 46.54 -41.33
CA VAL B 792 -11.57 46.18 -40.19
C VAL B 792 -12.48 47.28 -39.69
N PHE B 793 -11.94 48.49 -39.54
CA PHE B 793 -12.66 49.56 -38.85
C PHE B 793 -13.28 50.62 -39.78
N ASP B 794 -14.39 51.25 -39.35
CA ASP B 794 -15.00 52.36 -40.09
C ASP B 794 -14.79 53.73 -39.41
N ARG B 795 -14.13 53.71 -38.26
CA ARG B 795 -13.70 54.91 -37.54
C ARG B 795 -12.21 54.78 -37.24
N ILE B 796 -11.38 55.24 -38.15
CA ILE B 796 -9.95 55.08 -37.91
C ILE B 796 -9.29 56.40 -37.64
N ILE B 797 -8.83 56.60 -36.41
CA ILE B 797 -8.20 57.87 -36.10
C ILE B 797 -6.72 57.62 -35.82
N VAL B 798 -5.87 58.34 -36.52
CA VAL B 798 -4.42 58.14 -36.40
C VAL B 798 -3.83 58.94 -35.22
N LYS B 799 -3.01 58.24 -34.42
CA LYS B 799 -2.45 58.79 -33.19
C LYS B 799 -0.92 58.86 -33.07
N GLU B 800 -0.18 58.40 -34.04
CA GLU B 800 1.26 58.20 -33.84
C GLU B 800 2.22 59.41 -33.89
N ASP B 801 2.08 60.21 -32.83
CA ASP B 801 2.90 61.38 -32.45
C ASP B 801 2.62 61.49 -30.94
N ASP B 802 3.28 60.60 -30.21
CA ASP B 802 3.06 60.30 -28.80
C ASP B 802 3.97 61.07 -27.85
N ASP B 803 4.08 60.59 -26.60
CA ASP B 803 4.90 61.26 -25.60
C ASP B 803 6.38 60.85 -25.73
N LYS B 804 6.64 59.61 -26.19
CA LYS B 804 8.01 59.11 -26.30
C LYS B 804 8.75 59.68 -27.51
N ARG B 805 8.09 59.73 -28.67
CA ARG B 805 8.68 60.27 -29.89
C ARG B 805 10.07 59.74 -30.15
N GLY B 806 10.19 58.41 -30.24
CA GLY B 806 11.49 57.79 -30.43
C GLY B 806 12.18 58.31 -31.69
N ARG B 807 11.40 58.61 -32.73
CA ARG B 807 12.00 59.18 -33.93
C ARG B 807 11.23 60.41 -34.40
N SER B 808 11.92 61.54 -34.43
CA SER B 808 11.36 62.82 -34.85
C SER B 808 10.04 63.17 -34.14
N GLU B 809 8.96 63.40 -34.92
CA GLU B 809 7.67 63.79 -34.37
C GLU B 809 6.51 62.92 -34.90
N GLY B 810 5.76 63.46 -35.87
CA GLY B 810 4.55 62.82 -36.41
C GLY B 810 4.70 61.98 -37.67
N GLU B 811 5.92 61.70 -38.12
CA GLU B 811 6.13 60.94 -39.35
C GLU B 811 5.52 59.54 -39.28
N THR B 812 5.52 58.91 -38.10
CA THR B 812 4.94 57.58 -37.98
C THR B 812 3.45 57.67 -38.32
N ALA B 813 2.76 58.68 -37.77
CA ALA B 813 1.35 58.90 -38.09
C ALA B 813 1.14 59.13 -39.57
N ASP B 814 2.05 59.86 -40.24
CA ASP B 814 1.85 60.10 -41.66
C ASP B 814 1.99 58.80 -42.47
N LEU B 815 2.90 57.92 -42.06
CA LEU B 815 3.08 56.64 -42.74
C LEU B 815 1.87 55.75 -42.55
N ILE B 816 1.25 55.80 -41.37
CA ILE B 816 0.03 55.03 -41.15
C ILE B 816 -1.04 55.57 -42.08
N VAL B 817 -1.14 56.91 -42.20
CA VAL B 817 -2.12 57.51 -43.08
C VAL B 817 -1.92 57.05 -44.52
N LYS B 818 -0.67 57.01 -44.99
CA LYS B 818 -0.47 56.53 -46.34
C LYS B 818 -1.01 55.12 -46.52
N GLY B 819 -0.76 54.23 -45.53
CA GLY B 819 -1.25 52.86 -45.60
C GLY B 819 -2.78 52.74 -45.57
N ILE B 820 -3.42 53.41 -44.62
CA ILE B 820 -4.87 53.25 -44.43
C ILE B 820 -5.67 53.83 -45.62
N LEU B 821 -5.16 54.89 -46.24
CA LEU B 821 -5.86 55.48 -47.38
C LEU B 821 -5.54 54.76 -48.68
N GLN B 822 -4.61 53.82 -48.65
CA GLN B 822 -4.20 53.09 -49.83
C GLN B 822 -5.17 51.94 -49.98
N GLU B 823 -5.43 51.29 -48.86
CA GLU B 823 -6.29 50.13 -48.82
C GLU B 823 -7.78 50.46 -48.90
N ASN B 824 -8.22 51.52 -48.18
CA ASN B 824 -9.63 51.83 -48.15
C ASN B 824 -9.94 53.23 -47.64
N PRO B 825 -9.96 54.29 -48.47
CA PRO B 825 -10.14 55.69 -48.06
C PRO B 825 -11.63 56.02 -47.78
N GLY B 826 -12.21 55.31 -46.80
CA GLY B 826 -13.63 55.45 -46.43
C GLY B 826 -13.97 55.23 -44.94
N ALA B 827 -13.05 55.55 -44.01
CA ALA B 827 -13.28 55.33 -42.56
C ALA B 827 -13.07 56.59 -41.72
N SER B 828 -13.55 57.75 -42.20
CA SER B 828 -13.42 59.00 -41.45
C SER B 828 -12.01 59.20 -40.93
N TYR B 829 -11.04 59.19 -41.84
CA TYR B 829 -9.63 59.18 -41.47
C TYR B 829 -9.00 60.44 -40.95
N GLU B 830 -9.39 60.77 -39.75
CA GLU B 830 -8.88 61.88 -38.98
C GLU B 830 -7.55 61.49 -38.36
N VAL B 831 -6.66 62.45 -38.24
CA VAL B 831 -5.43 62.23 -37.49
C VAL B 831 -5.60 63.17 -36.30
N ILE B 832 -5.44 62.66 -35.10
CA ILE B 832 -5.70 63.47 -33.92
C ILE B 832 -4.45 63.65 -33.06
N LEU B 833 -3.62 62.60 -33.01
CA LEU B 833 -2.35 62.51 -32.26
C LEU B 833 -2.49 62.48 -30.72
N ASP B 834 -3.41 63.23 -30.15
CA ASP B 834 -3.54 63.17 -28.70
C ASP B 834 -4.39 61.98 -28.28
N GLU B 835 -3.68 60.89 -27.99
CA GLU B 835 -4.23 59.59 -27.63
C GLU B 835 -4.84 59.52 -26.23
N THR B 836 -4.59 60.54 -25.39
CA THR B 836 -5.05 60.44 -24.00
C THR B 836 -6.26 61.29 -23.65
N ILE B 837 -6.36 62.52 -24.17
CA ILE B 837 -7.53 63.33 -23.80
C ILE B 837 -8.41 63.71 -24.98
N ALA B 838 -8.28 62.98 -26.08
CA ALA B 838 -9.09 63.25 -27.26
C ALA B 838 -9.51 61.96 -27.94
N LEU B 839 -8.53 61.21 -28.46
CA LEU B 839 -8.79 60.01 -29.24
C LEU B 839 -9.66 59.00 -28.52
N ASN B 840 -9.32 58.80 -27.25
CA ASN B 840 -9.95 57.86 -26.36
C ASN B 840 -10.90 58.52 -25.39
N LYS B 841 -11.26 59.78 -25.65
CA LYS B 841 -12.19 60.46 -24.79
C LYS B 841 -13.48 60.73 -25.56
N ALA B 842 -13.38 61.15 -26.83
CA ALA B 842 -14.58 61.43 -27.63
C ALA B 842 -15.13 60.13 -28.23
N LEU B 843 -15.55 59.25 -27.36
CA LEU B 843 -15.97 57.94 -27.80
C LEU B 843 -17.43 57.85 -28.20
N ASP B 844 -18.16 58.93 -27.99
CA ASP B 844 -19.57 58.96 -28.32
C ASP B 844 -19.78 59.33 -29.77
N GLN B 845 -18.66 59.38 -30.53
CA GLN B 845 -18.70 59.57 -31.97
C GLN B 845 -19.17 58.25 -32.60
N VAL B 846 -19.07 57.19 -31.80
CA VAL B 846 -19.41 55.82 -32.12
C VAL B 846 -20.89 55.58 -31.80
N GLU B 847 -21.58 54.91 -32.71
CA GLU B 847 -23.00 54.59 -32.58
C GLU B 847 -23.22 53.64 -31.42
N GLU B 848 -24.44 53.66 -30.88
CA GLU B 848 -24.78 52.85 -29.72
C GLU B 848 -24.44 51.40 -29.94
N LYS B 849 -23.76 50.86 -28.94
CA LYS B 849 -23.26 49.50 -28.89
C LYS B 849 -22.18 49.23 -29.96
N GLY B 850 -21.44 50.26 -30.35
CA GLY B 850 -20.32 50.02 -31.25
C GLY B 850 -19.14 49.57 -30.39
N LEU B 851 -18.02 49.31 -31.04
CA LEU B 851 -16.83 48.84 -30.36
C LEU B 851 -15.60 49.62 -30.72
N VAL B 852 -14.88 50.08 -29.70
CA VAL B 852 -13.62 50.76 -29.90
C VAL B 852 -12.42 49.98 -29.39
N VAL B 853 -11.43 49.79 -30.26
CA VAL B 853 -10.24 49.04 -29.89
C VAL B 853 -9.03 49.90 -29.64
N VAL B 854 -8.46 49.75 -28.46
CA VAL B 854 -7.34 50.52 -28.02
C VAL B 854 -6.08 49.69 -28.12
N PHE B 855 -5.09 50.24 -28.81
CA PHE B 855 -3.75 49.63 -28.98
C PHE B 855 -2.79 50.73 -28.49
N PRO B 856 -2.68 50.94 -27.17
CA PRO B 856 -2.02 52.03 -26.50
C PRO B 856 -0.54 51.80 -26.48
N GLU B 857 0.25 52.83 -26.19
CA GLU B 857 1.66 52.59 -25.92
C GLU B 857 1.79 51.89 -24.56
N SER B 858 0.91 52.28 -23.62
CA SER B 858 0.88 51.72 -22.28
C SER B 858 -0.53 51.38 -21.84
N VAL B 859 -0.74 50.09 -21.52
CA VAL B 859 -2.06 49.60 -21.13
C VAL B 859 -2.43 50.13 -19.75
N THR B 860 -1.44 50.37 -18.89
CA THR B 860 -1.69 50.89 -17.57
C THR B 860 -2.47 52.19 -17.67
N ARG B 861 -2.10 53.04 -18.63
CA ARG B 861 -2.83 54.29 -18.81
C ARG B 861 -4.16 53.99 -19.48
N ALA B 862 -4.17 53.13 -20.51
CA ALA B 862 -5.41 52.87 -21.24
C ALA B 862 -6.53 52.36 -20.34
N ILE B 863 -6.21 51.54 -19.35
CA ILE B 863 -7.26 51.01 -18.49
C ILE B 863 -7.64 52.00 -17.40
N ASP B 864 -6.86 53.08 -17.21
CA ASP B 864 -7.16 54.08 -16.21
C ASP B 864 -8.07 55.12 -16.87
N LEU B 865 -7.81 55.37 -18.15
CA LEU B 865 -8.57 56.31 -18.97
C LEU B 865 -9.91 55.75 -19.38
N ILE B 866 -9.99 54.48 -19.73
CA ILE B 866 -11.27 53.92 -20.20
C ILE B 866 -12.32 54.07 -19.09
N LYS B 867 -11.86 53.97 -17.84
CA LYS B 867 -12.66 54.05 -16.64
C LYS B 867 -13.36 55.40 -16.41
N VAL B 868 -12.98 56.45 -17.13
CA VAL B 868 -13.60 57.76 -16.93
C VAL B 868 -15.07 57.74 -17.35
N ARG B 869 -15.47 56.73 -18.12
CA ARG B 869 -16.85 56.58 -18.55
C ARG B 869 -17.68 55.72 -17.60
N ASN B 870 -17.13 55.32 -16.45
CA ASN B 870 -17.86 54.50 -15.49
C ASN B 870 -18.30 53.14 -16.04
N PRO B 871 -17.36 52.20 -16.28
CA PRO B 871 -17.62 50.88 -16.81
C PRO B 871 -18.40 50.05 -15.80
N ILE B 872 -19.18 49.13 -16.34
CA ILE B 872 -19.98 48.20 -15.59
C ILE B 872 -19.16 47.00 -15.11
N MET C 1 -60.33 -12.17 30.16
CA MET C 1 -59.07 -11.53 29.84
C MET C 1 -58.99 -11.18 28.38
N LYS C 2 -58.78 -9.91 28.09
CA LYS C 2 -58.65 -9.48 26.70
C LYS C 2 -57.28 -8.92 26.38
N ILE C 3 -56.81 -9.14 25.16
CA ILE C 3 -55.56 -8.53 24.74
C ILE C 3 -55.89 -7.27 23.97
N LEU C 4 -55.36 -6.15 24.44
CA LEU C 4 -55.66 -4.86 23.85
C LEU C 4 -54.63 -4.47 22.81
N LYS C 5 -53.38 -4.78 23.09
CA LYS C 5 -52.29 -4.38 22.19
C LYS C 5 -51.09 -5.32 22.22
N THR C 6 -50.46 -5.53 21.06
CA THR C 6 -49.23 -6.34 21.06
C THR C 6 -48.08 -5.65 20.32
N LEU C 7 -46.90 -5.61 20.95
CA LEU C 7 -45.68 -5.07 20.33
C LEU C 7 -44.60 -6.13 20.23
N THR C 8 -43.85 -6.10 19.13
CA THR C 8 -42.73 -7.01 18.99
C THR C 8 -41.46 -6.19 18.97
N LEU C 9 -40.55 -6.47 19.88
CA LEU C 9 -39.32 -5.72 19.98
C LEU C 9 -38.19 -6.51 19.38
N ARG C 10 -37.37 -5.84 18.60
CA ARG C 10 -36.23 -6.44 17.94
C ARG C 10 -34.95 -5.63 18.07
N GLY C 11 -34.35 -5.64 19.22
CA GLY C 11 -33.16 -4.83 19.47
C GLY C 11 -33.20 -4.32 20.89
N PRO C 12 -32.13 -3.67 21.39
CA PRO C 12 -32.00 -3.13 22.73
C PRO C 12 -33.17 -2.25 23.01
N ASN C 13 -33.70 -2.36 24.19
CA ASN C 13 -34.90 -1.66 24.53
C ASN C 13 -35.01 -1.31 25.99
N TYR C 14 -36.14 -0.75 26.32
CA TYR C 14 -36.52 -0.34 27.66
C TYR C 14 -36.51 -1.46 28.69
N TRP C 15 -36.99 -2.65 28.32
CA TRP C 15 -37.09 -3.74 29.27
C TRP C 15 -35.76 -4.43 29.49
N SER C 16 -34.96 -4.52 28.45
CA SER C 16 -33.65 -5.12 28.52
C SER C 16 -32.72 -4.73 27.38
N ILE C 17 -31.44 -4.59 27.68
CA ILE C 17 -30.46 -4.31 26.64
C ILE C 17 -30.07 -5.60 25.93
N ARG C 18 -29.83 -6.64 26.70
CA ARG C 18 -29.46 -7.95 26.20
C ARG C 18 -30.63 -8.76 25.62
N ARG C 19 -31.82 -8.63 26.18
CA ARG C 19 -32.92 -9.43 25.68
C ARG C 19 -33.58 -8.65 24.56
N LYS C 20 -33.05 -8.89 23.38
CA LYS C 20 -33.43 -8.20 22.16
C LYS C 20 -34.76 -8.64 21.60
N LYS C 21 -35.11 -9.91 21.78
CA LYS C 21 -36.34 -10.48 21.24
C LYS C 21 -37.45 -10.65 22.25
N LEU C 22 -38.34 -9.66 22.33
CA LEU C 22 -39.39 -9.65 23.32
C LEU C 22 -40.76 -9.33 22.75
N ILE C 23 -41.78 -9.90 23.35
CA ILE C 23 -43.15 -9.57 23.03
C ILE C 23 -43.78 -8.92 24.22
N VAL C 24 -44.37 -7.75 23.96
CA VAL C 24 -45.02 -7.01 25.00
C VAL C 24 -46.51 -7.03 24.73
N MET C 25 -47.24 -7.63 25.65
CA MET C 25 -48.67 -7.76 25.51
C MET C 25 -49.39 -6.90 26.53
N ARG C 26 -50.35 -6.12 26.07
CA ARG C 26 -51.14 -5.28 26.97
C ARG C 26 -52.43 -6.02 27.26
N LEU C 27 -52.52 -6.55 28.47
CA LEU C 27 -53.59 -7.45 28.88
C LEU C 27 -54.57 -6.83 29.88
N ASP C 28 -55.85 -6.87 29.53
CA ASP C 28 -56.93 -6.32 30.32
C ASP C 28 -57.67 -7.36 31.17
N LEU C 29 -57.41 -7.40 32.48
CA LEU C 29 -58.03 -8.40 33.31
C LEU C 29 -59.40 -7.89 33.73
N GLU C 30 -60.39 -8.04 32.83
CA GLU C 30 -61.73 -7.50 33.07
C GLU C 30 -62.35 -8.14 34.32
N ASP C 31 -62.10 -9.42 34.44
CA ASP C 31 -62.41 -10.31 35.55
C ASP C 31 -61.07 -10.56 36.17
N LEU C 32 -60.99 -11.33 37.22
CA LEU C 32 -59.71 -11.79 37.77
C LEU C 32 -58.84 -10.73 38.44
N ALA C 33 -58.93 -9.47 38.05
CA ALA C 33 -58.20 -8.37 38.69
C ALA C 33 -58.55 -8.29 40.18
N GLU C 34 -59.77 -8.73 40.47
CA GLU C 34 -60.34 -8.76 41.80
C GLU C 34 -60.35 -10.17 42.42
N ARG C 35 -59.76 -11.16 41.74
CA ARG C 35 -59.79 -12.54 42.20
C ARG C 35 -58.40 -13.19 42.19
N PRO C 36 -57.57 -12.99 43.21
CA PRO C 36 -56.18 -13.40 43.28
C PRO C 36 -55.96 -14.88 43.55
N SER C 37 -56.32 -15.72 42.58
CA SER C 37 -56.13 -17.19 42.59
C SER C 37 -57.01 -17.98 43.56
N ASN C 38 -56.96 -17.61 44.83
CA ASN C 38 -57.68 -18.30 45.89
C ASN C 38 -59.17 -18.01 45.87
N SER C 39 -59.55 -17.05 45.05
CA SER C 39 -60.92 -16.63 44.86
C SER C 39 -61.50 -17.27 43.60
N ILE C 40 -60.73 -18.19 43.00
CA ILE C 40 -61.11 -18.90 41.81
C ILE C 40 -61.06 -20.40 42.13
N PRO C 41 -62.16 -21.03 42.56
CA PRO C 41 -62.17 -22.40 43.01
C PRO C 41 -61.61 -23.32 41.94
N GLY C 42 -60.70 -24.20 42.33
CA GLY C 42 -60.11 -25.17 41.40
C GLY C 42 -58.87 -24.68 40.64
N PHE C 43 -58.51 -23.38 40.76
CA PHE C 43 -57.37 -22.88 40.01
C PHE C 43 -56.02 -23.10 40.67
N TYR C 44 -55.64 -24.34 40.75
CA TYR C 44 -54.35 -24.75 41.24
C TYR C 44 -54.14 -26.13 40.70
N GLU C 45 -55.09 -26.99 41.01
CA GLU C 45 -55.05 -28.35 40.54
C GLU C 45 -55.25 -28.36 39.03
N GLY C 46 -56.18 -27.55 38.51
CA GLY C 46 -56.38 -27.50 37.08
C GLY C 46 -55.13 -26.99 36.37
N LEU C 47 -54.46 -26.01 36.97
CA LEU C 47 -53.28 -25.49 36.30
C LEU C 47 -52.15 -26.51 36.26
N ILE C 48 -51.88 -27.19 37.39
CA ILE C 48 -50.80 -28.16 37.40
C ILE C 48 -51.11 -29.43 36.62
N LYS C 49 -52.38 -29.85 36.51
CA LYS C 49 -52.61 -31.05 35.73
C LYS C 49 -52.59 -30.76 34.23
N VAL C 50 -52.99 -29.56 33.80
CA VAL C 50 -52.95 -29.25 32.37
C VAL C 50 -51.50 -29.04 31.95
N LEU C 51 -50.75 -28.29 32.76
CA LEU C 51 -49.37 -28.02 32.45
C LEU C 51 -48.45 -28.47 33.59
N PRO C 52 -48.22 -29.79 33.78
CA PRO C 52 -47.46 -30.41 34.87
C PRO C 52 -46.00 -30.04 34.86
N SER C 53 -45.57 -29.49 33.74
CA SER C 53 -44.22 -29.05 33.51
C SER C 53 -43.93 -27.66 34.13
N LEU C 54 -44.94 -26.93 34.66
CA LEU C 54 -44.68 -25.60 35.27
C LEU C 54 -44.12 -25.75 36.65
N VAL C 55 -42.95 -26.36 36.74
CA VAL C 55 -42.33 -26.68 38.00
C VAL C 55 -41.00 -25.98 38.21
N GLU C 56 -40.15 -25.99 37.20
CA GLU C 56 -38.81 -25.43 37.29
C GLU C 56 -38.76 -23.91 37.41
N HIS C 57 -39.88 -23.24 37.15
CA HIS C 57 -39.96 -21.77 37.15
C HIS C 57 -39.75 -21.19 38.57
N PHE C 58 -38.73 -20.35 38.80
CA PHE C 58 -38.43 -19.81 40.12
C PHE C 58 -39.27 -18.60 40.45
N CYS C 59 -39.71 -17.87 39.44
CA CYS C 59 -40.43 -16.63 39.65
C CYS C 59 -39.54 -15.75 40.54
N SER C 60 -40.11 -15.08 41.54
CA SER C 60 -39.33 -14.22 42.43
C SER C 60 -38.67 -14.92 43.65
N PRO C 61 -39.17 -16.01 44.29
CA PRO C 61 -38.49 -16.58 45.50
C PRO C 61 -37.03 -17.05 45.35
N GLY C 62 -36.54 -17.27 44.13
CA GLY C 62 -35.18 -17.73 43.73
C GLY C 62 -34.76 -19.23 43.71
N TYR C 63 -35.64 -20.15 44.03
CA TYR C 63 -35.36 -21.58 44.01
C TYR C 63 -36.43 -22.36 43.21
N GLN C 64 -36.18 -23.64 42.98
CA GLN C 64 -37.03 -24.50 42.15
C GLN C 64 -38.46 -24.69 42.62
N GLY C 65 -38.75 -24.30 43.83
CA GLY C 65 -40.11 -24.39 44.35
C GLY C 65 -40.75 -23.01 44.34
N GLY C 66 -40.11 -22.05 43.67
CA GLY C 66 -40.53 -20.66 43.62
C GLY C 66 -41.89 -20.39 42.99
N PHE C 67 -42.13 -20.86 41.76
CA PHE C 67 -43.45 -20.60 41.21
C PHE C 67 -44.35 -21.68 41.80
N LEU C 68 -45.63 -21.69 41.48
CA LEU C 68 -46.64 -22.61 42.06
C LEU C 68 -46.93 -22.24 43.52
N GLU C 69 -45.89 -22.05 44.34
CA GLU C 69 -46.06 -21.58 45.71
C GLU C 69 -46.81 -20.25 45.63
N ARG C 70 -46.50 -19.47 44.61
CA ARG C 70 -47.11 -18.18 44.41
C ARG C 70 -48.54 -18.28 43.86
N VAL C 71 -48.99 -19.48 43.48
CA VAL C 71 -50.33 -19.67 42.95
C VAL C 71 -51.19 -20.00 44.16
N LYS C 72 -50.60 -20.76 45.12
CA LYS C 72 -51.28 -21.05 46.40
C LYS C 72 -51.54 -19.74 47.16
N GLU C 73 -50.59 -18.80 47.03
CA GLU C 73 -50.65 -17.45 47.58
C GLU C 73 -51.49 -16.61 46.62
N GLY C 74 -51.97 -15.47 47.06
CA GLY C 74 -52.84 -14.67 46.20
C GLY C 74 -52.19 -13.91 45.01
N THR C 75 -51.69 -14.65 44.03
CA THR C 75 -51.15 -14.08 42.79
C THR C 75 -52.24 -13.89 41.74
N TYR C 76 -52.21 -12.76 41.08
CA TYR C 76 -53.19 -12.39 40.06
C TYR C 76 -52.84 -13.00 38.72
N MET C 77 -53.86 -13.22 37.92
CA MET C 77 -53.74 -13.92 36.65
C MET C 77 -52.82 -13.30 35.62
N GLY C 78 -52.60 -12.01 35.65
CA GLY C 78 -51.72 -11.41 34.67
C GLY C 78 -50.27 -11.88 34.86
N HIS C 79 -49.91 -12.39 36.03
CA HIS C 79 -48.55 -12.90 36.30
C HIS C 79 -48.43 -14.38 35.96
N ILE C 80 -49.54 -15.05 35.71
CA ILE C 80 -49.61 -16.46 35.43
C ILE C 80 -49.58 -16.72 33.92
N VAL C 81 -50.30 -15.92 33.12
CA VAL C 81 -50.31 -16.15 31.67
C VAL C 81 -48.90 -15.99 31.13
N GLU C 82 -48.09 -15.27 31.86
CA GLU C 82 -46.69 -15.01 31.48
C GLU C 82 -45.86 -16.26 31.62
N HIS C 83 -46.20 -17.16 32.55
CA HIS C 83 -45.37 -18.35 32.82
C HIS C 83 -45.92 -19.46 31.92
N VAL C 84 -47.16 -19.31 31.44
CA VAL C 84 -47.74 -20.24 30.52
C VAL C 84 -47.21 -19.95 29.12
N ALA C 85 -47.13 -18.67 28.69
CA ALA C 85 -46.59 -18.42 27.36
C ALA C 85 -45.16 -18.92 27.25
N LEU C 86 -44.35 -18.76 28.31
CA LEU C 86 -43.00 -19.26 28.22
C LEU C 86 -42.96 -20.77 28.15
N GLU C 87 -43.83 -21.43 28.92
CA GLU C 87 -43.85 -22.89 28.96
C GLU C 87 -44.34 -23.51 27.67
N LEU C 88 -45.33 -22.90 27.04
CA LEU C 88 -45.82 -23.46 25.81
C LEU C 88 -44.73 -23.45 24.75
N GLN C 89 -43.84 -22.45 24.77
CA GLN C 89 -42.75 -22.46 23.80
C GLN C 89 -41.69 -23.52 24.16
N GLU C 90 -41.44 -23.71 25.46
CA GLU C 90 -40.45 -24.69 25.93
C GLU C 90 -40.88 -26.12 25.56
N LEU C 91 -42.18 -26.38 25.60
CA LEU C 91 -42.74 -27.70 25.30
C LEU C 91 -42.54 -28.15 23.86
N VAL C 92 -42.20 -27.23 22.98
CA VAL C 92 -41.97 -27.57 21.59
C VAL C 92 -40.51 -27.35 21.20
N GLY C 93 -39.64 -27.20 22.19
CA GLY C 93 -38.21 -27.06 21.96
C GLY C 93 -37.65 -25.66 21.73
N MET C 94 -38.44 -24.60 21.91
CA MET C 94 -37.92 -23.26 21.71
C MET C 94 -37.63 -22.72 23.07
N THR C 95 -36.38 -22.40 23.34
CA THR C 95 -36.04 -21.99 24.68
C THR C 95 -36.13 -20.50 24.87
N ALA C 96 -36.90 -20.13 25.88
CA ALA C 96 -37.12 -18.75 26.29
C ALA C 96 -37.33 -18.78 27.78
N GLY C 97 -36.79 -17.82 28.52
CA GLY C 97 -36.98 -17.84 29.97
C GLY C 97 -37.24 -16.49 30.61
N PHE C 98 -36.93 -15.41 29.93
CA PHE C 98 -37.16 -14.09 30.48
C PHE C 98 -38.60 -13.66 30.43
N GLY C 99 -39.03 -13.02 31.50
CA GLY C 99 -40.32 -12.38 31.51
C GLY C 99 -40.54 -11.53 32.74
N ARG C 100 -41.44 -10.56 32.58
CA ARG C 100 -41.81 -9.57 33.59
C ARG C 100 -43.25 -9.11 33.49
N THR C 101 -43.79 -8.63 34.61
CA THR C 101 -45.10 -7.98 34.61
C THR C 101 -45.10 -6.64 35.34
N ARG C 102 -45.91 -5.72 34.83
CA ARG C 102 -46.14 -4.40 35.43
C ARG C 102 -47.58 -3.93 35.32
N GLU C 103 -48.11 -3.32 36.37
CA GLU C 103 -49.46 -2.78 36.24
C GLU C 103 -49.39 -1.39 35.65
N THR C 104 -50.28 -1.10 34.71
CA THR C 104 -50.38 0.19 34.06
C THR C 104 -51.79 0.72 34.02
N SER C 105 -51.96 1.89 33.40
CA SER C 105 -53.27 2.53 33.21
C SER C 105 -54.13 2.51 34.45
N THR C 106 -55.40 2.16 34.26
CA THR C 106 -56.28 2.01 35.37
C THR C 106 -55.98 0.63 35.94
N PRO C 107 -56.37 0.35 37.18
CA PRO C 107 -56.13 -0.93 37.80
C PRO C 107 -56.72 -2.03 36.94
N GLY C 108 -56.00 -3.13 36.86
CA GLY C 108 -56.42 -4.29 36.07
C GLY C 108 -55.74 -4.41 34.70
N VAL C 109 -55.08 -3.36 34.21
CA VAL C 109 -54.41 -3.51 32.92
C VAL C 109 -52.92 -3.72 33.15
N TYR C 110 -52.39 -4.79 32.60
CA TYR C 110 -51.00 -5.14 32.80
C TYR C 110 -50.18 -5.29 31.54
N ASN C 111 -48.91 -4.97 31.67
CA ASN C 111 -47.97 -5.25 30.61
C ASN C 111 -47.27 -6.55 30.91
N VAL C 112 -47.46 -7.51 30.01
CA VAL C 112 -46.89 -8.84 30.13
C VAL C 112 -45.77 -8.94 29.12
N VAL C 113 -44.56 -9.13 29.59
CA VAL C 113 -43.42 -9.16 28.71
C VAL C 113 -42.75 -10.49 28.73
N TYR C 114 -42.56 -11.10 27.56
CA TYR C 114 -41.87 -12.38 27.53
C TYR C 114 -40.97 -12.54 26.32
N GLU C 115 -39.97 -13.37 26.47
CA GLU C 115 -38.98 -13.74 25.46
C GLU C 115 -39.48 -14.70 24.39
N TYR C 116 -39.03 -14.48 23.14
CA TYR C 116 -39.36 -15.36 22.03
C TYR C 116 -38.14 -15.77 21.25
N VAL C 117 -38.27 -16.87 20.50
CA VAL C 117 -37.22 -17.34 19.61
C VAL C 117 -37.65 -17.05 18.16
N ASP C 118 -38.84 -17.52 17.82
CA ASP C 118 -39.50 -17.27 16.54
C ASP C 118 -40.61 -16.29 16.76
N GLU C 119 -40.68 -15.29 15.93
CA GLU C 119 -41.65 -14.22 16.05
C GLU C 119 -43.11 -14.64 15.99
N GLN C 120 -43.49 -15.57 15.11
CA GLN C 120 -44.90 -15.89 15.01
C GLN C 120 -45.28 -16.88 16.05
N ALA C 121 -44.34 -17.76 16.37
CA ALA C 121 -44.59 -18.73 17.41
C ALA C 121 -44.75 -18.02 18.75
N GLY C 122 -43.96 -16.95 18.97
CA GLY C 122 -44.02 -16.18 20.19
C GLY C 122 -45.39 -15.55 20.37
N ARG C 123 -45.88 -14.88 19.33
CA ARG C 123 -47.18 -14.25 19.46
C ARG C 123 -48.28 -15.31 19.65
N TYR C 124 -48.15 -16.45 18.98
CA TYR C 124 -49.12 -17.53 19.08
C TYR C 124 -49.21 -18.04 20.52
N ALA C 125 -48.04 -18.28 21.14
CA ALA C 125 -47.98 -18.81 22.50
C ALA C 125 -48.64 -17.86 23.48
N GLY C 126 -48.51 -16.56 23.25
CA GLY C 126 -49.14 -15.58 24.11
C GLY C 126 -50.64 -15.71 24.08
N ARG C 127 -51.21 -15.77 22.88
CA ARG C 127 -52.65 -15.88 22.76
C ARG C 127 -53.17 -17.19 23.36
N ALA C 128 -52.41 -18.27 23.14
CA ALA C 128 -52.77 -19.56 23.65
C ALA C 128 -52.74 -19.58 25.18
N ALA C 129 -51.77 -18.91 25.80
CA ALA C 129 -51.66 -18.85 27.26
C ALA C 129 -52.88 -18.20 27.87
N VAL C 130 -53.41 -17.21 27.19
CA VAL C 130 -54.58 -16.53 27.69
C VAL C 130 -55.78 -17.47 27.63
N ARG C 131 -55.97 -18.19 26.51
CA ARG C 131 -57.11 -19.11 26.40
C ARG C 131 -57.05 -20.25 27.42
N LEU C 132 -55.86 -20.79 27.64
CA LEU C 132 -55.72 -21.87 28.58
C LEU C 132 -56.09 -21.40 29.97
N CYS C 133 -55.53 -20.26 30.37
CA CYS C 133 -55.79 -19.72 31.68
C CYS C 133 -57.22 -19.28 31.85
N ARG C 134 -57.86 -18.78 30.79
CA ARG C 134 -59.23 -18.35 30.98
C ARG C 134 -60.15 -19.55 31.18
N SER C 135 -59.95 -20.65 30.45
CA SER C 135 -60.84 -21.79 30.64
C SER C 135 -60.71 -22.34 32.06
N LEU C 136 -59.52 -22.34 32.62
CA LEU C 136 -59.31 -22.87 33.95
C LEU C 136 -59.84 -22.00 35.10
N VAL C 137 -60.33 -20.79 34.82
CA VAL C 137 -60.85 -19.95 35.90
C VAL C 137 -62.35 -19.82 35.73
N ASP C 138 -62.87 -20.66 34.85
CA ASP C 138 -64.27 -20.80 34.50
C ASP C 138 -64.65 -22.22 34.91
N THR C 139 -64.01 -23.19 34.26
CA THR C 139 -64.16 -24.60 34.57
C THR C 139 -62.89 -25.02 35.28
N GLY C 140 -62.77 -26.31 35.62
CA GLY C 140 -61.59 -26.74 36.39
C GLY C 140 -60.49 -27.43 35.59
N ASP C 141 -60.63 -27.48 34.26
CA ASP C 141 -59.70 -28.22 33.42
C ASP C 141 -59.60 -27.63 32.01
N TYR C 142 -58.77 -28.24 31.17
CA TYR C 142 -58.56 -27.81 29.79
C TYR C 142 -58.40 -29.10 28.96
N PRO C 143 -59.20 -29.34 27.92
CA PRO C 143 -59.17 -30.57 27.15
C PRO C 143 -57.80 -30.88 26.63
N ARG C 144 -57.41 -32.15 26.69
CA ARG C 144 -56.08 -32.50 26.24
C ARG C 144 -55.90 -32.23 24.76
N LEU C 145 -56.95 -32.43 23.98
CA LEU C 145 -56.82 -32.25 22.54
C LEU C 145 -56.67 -30.79 22.15
N GLU C 146 -57.03 -29.88 23.07
CA GLU C 146 -56.95 -28.46 22.79
C GLU C 146 -55.58 -27.95 23.22
N LEU C 147 -54.77 -28.84 23.80
CA LEU C 147 -53.42 -28.50 24.18
C LEU C 147 -52.52 -29.07 23.11
N GLU C 148 -52.81 -30.31 22.69
CA GLU C 148 -51.98 -30.96 21.69
C GLU C 148 -52.07 -30.25 20.36
N LYS C 149 -53.25 -29.74 19.96
CA LYS C 149 -53.30 -29.07 18.67
C LYS C 149 -52.52 -27.75 18.69
N ASP C 150 -52.42 -27.09 19.85
CA ASP C 150 -51.70 -25.83 19.91
C ASP C 150 -50.22 -26.11 19.88
N LEU C 151 -49.80 -27.19 20.52
CA LEU C 151 -48.39 -27.52 20.49
C LEU C 151 -48.01 -27.89 19.05
N GLU C 152 -48.92 -28.55 18.31
CA GLU C 152 -48.63 -28.85 16.92
C GLU C 152 -48.48 -27.58 16.08
N ASP C 153 -49.32 -26.56 16.32
CA ASP C 153 -49.16 -25.32 15.56
C ASP C 153 -47.86 -24.62 15.90
N LEU C 154 -47.44 -24.65 17.16
CA LEU C 154 -46.18 -24.02 17.49
C LEU C 154 -45.01 -24.73 16.81
N ARG C 155 -45.06 -26.07 16.73
CA ARG C 155 -43.98 -26.80 16.06
C ARG C 155 -43.91 -26.43 14.59
N ASP C 156 -45.04 -26.25 13.92
CA ASP C 156 -44.96 -25.87 12.52
C ASP C 156 -44.47 -24.45 12.33
N LEU C 157 -44.91 -23.52 13.18
CA LEU C 157 -44.48 -22.13 13.03
C LEU C 157 -42.99 -21.99 13.20
N GLY C 158 -42.41 -22.75 14.12
CA GLY C 158 -40.99 -22.68 14.35
C GLY C 158 -40.15 -23.45 13.32
N ALA C 159 -40.81 -24.20 12.44
CA ALA C 159 -40.09 -24.98 11.43
C ALA C 159 -40.03 -24.20 10.15
N ASN C 160 -41.12 -23.50 9.85
CA ASN C 160 -41.24 -22.76 8.61
C ASN C 160 -40.25 -21.62 8.49
N SER C 161 -39.85 -21.05 9.62
CA SER C 161 -38.93 -19.93 9.67
C SER C 161 -37.47 -20.32 9.81
N ALA C 162 -37.18 -21.60 9.90
CA ALA C 162 -35.81 -22.03 10.13
C ALA C 162 -34.89 -21.76 8.94
N LEU C 163 -33.64 -21.43 9.23
CA LEU C 163 -32.62 -21.28 8.20
C LEU C 163 -32.09 -22.66 7.90
N GLY C 164 -31.65 -22.93 6.67
CA GLY C 164 -31.08 -24.24 6.44
C GLY C 164 -29.76 -24.31 7.18
N PRO C 165 -29.23 -25.52 7.41
CA PRO C 165 -28.01 -25.80 8.16
C PRO C 165 -26.73 -25.21 7.60
N SER C 166 -26.68 -24.92 6.29
CA SER C 166 -25.48 -24.32 5.77
C SER C 166 -25.44 -22.84 6.08
N THR C 167 -26.61 -22.24 6.31
CA THR C 167 -26.67 -20.83 6.60
C THR C 167 -26.50 -20.68 8.08
N GLU C 168 -26.98 -21.65 8.85
CA GLU C 168 -26.84 -21.59 10.29
C GLU C 168 -25.38 -21.65 10.67
N THR C 169 -24.62 -22.45 9.93
CA THR C 169 -23.19 -22.63 10.15
C THR C 169 -22.43 -21.32 9.93
N ILE C 170 -22.73 -20.60 8.85
CA ILE C 170 -22.05 -19.33 8.58
C ILE C 170 -22.48 -18.25 9.55
N VAL C 171 -23.77 -18.17 9.83
CA VAL C 171 -24.28 -17.17 10.74
C VAL C 171 -23.73 -17.31 12.15
N THR C 172 -23.63 -18.52 12.67
CA THR C 172 -23.08 -18.76 13.99
C THR C 172 -21.64 -18.27 14.10
N GLU C 173 -20.81 -18.55 13.11
CA GLU C 173 -19.44 -18.08 13.16
C GLU C 173 -19.39 -16.55 13.04
N ALA C 174 -20.26 -15.98 12.21
CA ALA C 174 -20.29 -14.53 12.07
C ALA C 174 -20.58 -13.86 13.38
N GLU C 175 -21.48 -14.43 14.19
CA GLU C 175 -21.80 -13.86 15.49
C GLU C 175 -20.61 -13.94 16.46
N ALA C 176 -19.87 -15.03 16.41
CA ALA C 176 -18.69 -15.21 17.25
C ALA C 176 -17.64 -14.12 17.00
N ARG C 177 -17.54 -13.68 15.75
CA ARG C 177 -16.62 -12.66 15.27
C ARG C 177 -17.17 -11.23 15.30
N LYS C 178 -18.37 -11.07 15.86
CA LYS C 178 -19.08 -9.81 15.96
C LYS C 178 -19.42 -9.14 14.63
N ILE C 179 -19.83 -9.91 13.63
CA ILE C 179 -20.24 -9.37 12.35
C ILE C 179 -21.76 -9.30 12.37
N PRO C 180 -22.40 -8.14 12.16
CA PRO C 180 -23.84 -8.00 12.20
C PRO C 180 -24.48 -8.71 11.02
N TRP C 181 -25.68 -9.25 11.18
CA TRP C 181 -26.34 -9.87 10.05
C TRP C 181 -27.82 -9.59 10.02
N MET C 182 -28.39 -9.62 8.81
CA MET C 182 -29.79 -9.34 8.52
C MET C 182 -30.39 -10.25 7.48
N LEU C 183 -31.68 -10.54 7.57
CA LEU C 183 -32.29 -11.24 6.44
C LEU C 183 -32.80 -10.21 5.47
N LEU C 184 -32.74 -10.51 4.19
CA LEU C 184 -33.27 -9.62 3.18
C LEU C 184 -34.61 -10.10 2.70
N SER C 185 -35.38 -9.18 2.12
CA SER C 185 -36.71 -9.44 1.61
C SER C 185 -36.80 -10.31 0.37
N ALA C 186 -35.68 -10.55 -0.32
CA ALA C 186 -35.77 -11.33 -1.53
C ALA C 186 -34.81 -12.49 -1.57
N ARG C 187 -35.31 -13.56 -2.18
CA ARG C 187 -34.62 -14.79 -2.54
C ARG C 187 -33.86 -15.46 -1.40
N ALA C 188 -34.38 -15.36 -0.19
CA ALA C 188 -33.74 -15.95 0.97
C ALA C 188 -32.27 -15.55 1.15
N MET C 189 -31.92 -14.30 0.85
CA MET C 189 -30.56 -13.84 1.04
C MET C 189 -30.31 -13.25 2.40
N VAL C 190 -29.06 -13.35 2.84
CA VAL C 190 -28.60 -12.78 4.11
C VAL C 190 -27.49 -11.76 3.91
N GLN C 191 -27.63 -10.61 4.53
CA GLN C 191 -26.62 -9.57 4.47
C GLN C 191 -25.71 -9.60 5.68
N LEU C 192 -24.41 -9.50 5.44
CA LEU C 192 -23.41 -9.46 6.49
C LEU C 192 -22.63 -8.15 6.46
N GLY C 193 -22.59 -7.44 7.57
CA GLY C 193 -21.88 -6.14 7.65
C GLY C 193 -22.76 -4.95 7.29
N TYR C 194 -22.24 -3.73 7.49
CA TYR C 194 -22.98 -2.47 7.21
C TYR C 194 -22.39 -1.57 6.15
N GLY C 195 -23.25 -0.82 5.45
CA GLY C 195 -22.84 0.21 4.50
C GLY C 195 -21.96 -0.31 3.39
N VAL C 196 -20.87 0.38 3.15
CA VAL C 196 -19.89 -0.01 2.14
C VAL C 196 -19.16 -1.33 2.40
N TYR C 197 -19.29 -1.94 3.56
CA TYR C 197 -18.59 -3.19 3.82
C TYR C 197 -19.47 -4.41 3.73
N GLN C 198 -20.70 -4.25 3.33
CA GLN C 198 -21.62 -5.36 3.26
C GLN C 198 -21.28 -6.42 2.23
N GLN C 199 -21.60 -7.66 2.58
CA GLN C 199 -21.49 -8.86 1.74
C GLN C 199 -22.81 -9.59 1.78
N ARG C 200 -23.08 -10.40 0.78
CA ARG C 200 -24.30 -11.21 0.79
C ARG C 200 -24.01 -12.67 0.58
N ILE C 201 -24.82 -13.50 1.21
CA ILE C 201 -24.76 -14.94 0.99
C ILE C 201 -26.15 -15.52 0.73
N GLN C 202 -26.17 -16.67 0.09
CA GLN C 202 -27.37 -17.46 -0.10
C GLN C 202 -26.94 -18.90 0.04
N ALA C 203 -27.23 -19.53 1.15
CA ALA C 203 -26.72 -20.88 1.39
C ALA C 203 -25.20 -20.90 1.21
N THR C 204 -24.70 -21.65 0.23
CA THR C 204 -23.30 -21.85 -0.05
C THR C 204 -22.74 -21.04 -1.23
N LEU C 205 -23.53 -20.11 -1.76
CA LEU C 205 -23.09 -19.17 -2.79
C LEU C 205 -22.88 -17.83 -2.15
N SER C 206 -21.95 -17.04 -2.65
CA SER C 206 -21.72 -15.73 -2.07
C SER C 206 -21.52 -14.67 -3.11
N SER C 207 -21.33 -13.46 -2.62
CA SER C 207 -21.05 -12.27 -3.40
C SER C 207 -19.75 -12.35 -4.20
N HIS C 208 -18.90 -13.35 -3.91
CA HIS C 208 -17.66 -13.56 -4.65
C HIS C 208 -17.74 -14.71 -5.66
N SER C 209 -18.90 -15.35 -5.80
CA SER C 209 -19.04 -16.47 -6.71
C SER C 209 -19.45 -15.96 -8.08
N GLY C 210 -18.62 -16.20 -9.09
CA GLY C 210 -18.91 -15.70 -10.41
C GLY C 210 -19.86 -16.57 -11.17
N ILE C 211 -20.58 -15.99 -12.09
CA ILE C 211 -21.52 -16.72 -12.90
C ILE C 211 -20.88 -17.64 -13.92
N LEU C 212 -19.75 -17.26 -14.49
CA LEU C 212 -19.19 -18.12 -15.51
C LEU C 212 -18.67 -19.40 -14.90
N GLY C 213 -18.08 -19.32 -13.71
CA GLY C 213 -17.56 -20.49 -13.00
C GLY C 213 -18.69 -21.42 -12.60
N VAL C 214 -19.78 -20.84 -12.09
CA VAL C 214 -20.91 -21.62 -11.65
C VAL C 214 -21.60 -22.31 -12.81
N GLU C 215 -21.79 -21.62 -13.94
CA GLU C 215 -22.40 -22.27 -15.09
C GLU C 215 -21.51 -23.33 -15.71
N LEU C 216 -20.19 -23.11 -15.77
CA LEU C 216 -19.30 -24.12 -16.33
C LEU C 216 -19.32 -25.38 -15.51
N ALA C 217 -19.35 -25.25 -14.19
CA ALA C 217 -19.36 -26.37 -13.27
C ALA C 217 -20.63 -27.21 -13.38
N CYS C 218 -21.69 -26.70 -13.99
CA CYS C 218 -22.94 -27.42 -14.08
C CYS C 218 -23.09 -28.11 -15.43
N ASP C 219 -22.11 -27.88 -16.31
CA ASP C 219 -22.06 -28.43 -17.64
C ASP C 219 -21.06 -29.57 -17.63
N LYS C 220 -21.54 -30.80 -17.54
CA LYS C 220 -20.59 -31.88 -17.36
C LYS C 220 -19.63 -32.06 -18.51
N GLU C 221 -20.09 -31.84 -19.74
CA GLU C 221 -19.23 -32.03 -20.90
C GLU C 221 -18.25 -30.87 -21.03
N GLY C 222 -18.71 -29.68 -20.68
CA GLY C 222 -17.86 -28.50 -20.71
C GLY C 222 -16.75 -28.62 -19.70
N THR C 223 -17.09 -29.08 -18.49
CA THR C 223 -16.12 -29.24 -17.43
C THR C 223 -15.06 -30.24 -17.79
N LYS C 224 -15.45 -31.38 -18.34
CA LYS C 224 -14.51 -32.40 -18.73
C LYS C 224 -13.53 -31.90 -19.78
N THR C 225 -14.02 -31.17 -20.78
CA THR C 225 -13.16 -30.66 -21.84
C THR C 225 -12.12 -29.70 -21.31
N ILE C 226 -12.53 -28.77 -20.46
CA ILE C 226 -11.63 -27.78 -19.89
C ILE C 226 -10.58 -28.43 -19.04
N LEU C 227 -10.94 -29.41 -18.23
CA LEU C 227 -9.95 -30.03 -17.40
C LEU C 227 -8.99 -30.92 -18.14
N GLN C 228 -9.43 -31.67 -19.14
CA GLN C 228 -8.44 -32.53 -19.77
C GLN C 228 -7.45 -31.73 -20.61
N ASP C 229 -7.83 -30.55 -21.05
CA ASP C 229 -6.91 -29.68 -21.78
C ASP C 229 -5.83 -29.09 -20.88
N ALA C 230 -6.03 -29.16 -19.57
CA ALA C 230 -5.13 -28.62 -18.57
C ALA C 230 -4.23 -29.72 -18.02
N GLY C 231 -4.39 -30.95 -18.53
CA GLY C 231 -3.63 -32.08 -18.06
C GLY C 231 -4.16 -32.73 -16.77
N ILE C 232 -5.44 -32.57 -16.46
CA ILE C 232 -6.03 -33.12 -15.26
C ILE C 232 -6.73 -34.45 -15.58
N PRO C 233 -6.48 -35.57 -14.83
CA PRO C 233 -7.08 -36.88 -15.06
C PRO C 233 -8.58 -36.94 -14.83
N VAL C 234 -9.30 -37.35 -15.85
CA VAL C 234 -10.75 -37.45 -15.85
C VAL C 234 -11.09 -38.80 -16.47
N PRO C 235 -12.30 -39.36 -16.29
CA PRO C 235 -12.72 -40.60 -16.88
C PRO C 235 -12.76 -40.59 -18.40
N ARG C 236 -12.43 -41.72 -19.00
CA ARG C 236 -12.55 -41.90 -20.44
C ARG C 236 -14.01 -42.19 -20.81
N GLY C 237 -14.57 -41.53 -21.83
CA GLY C 237 -15.96 -41.81 -22.17
C GLY C 237 -16.53 -40.98 -23.31
N THR C 238 -17.74 -41.36 -23.74
CA THR C 238 -18.45 -40.75 -24.89
C THR C 238 -19.93 -40.38 -24.77
N THR C 239 -20.52 -39.88 -25.85
CA THR C 239 -21.95 -39.56 -25.81
C THR C 239 -22.74 -40.15 -26.98
N ILE C 240 -24.00 -40.50 -26.71
CA ILE C 240 -24.96 -41.02 -27.68
C ILE C 240 -26.28 -40.25 -27.61
N GLN C 241 -26.84 -39.75 -28.72
CA GLN C 241 -28.15 -39.05 -28.60
C GLN C 241 -29.35 -40.00 -28.61
N TYR C 242 -29.39 -40.86 -27.62
CA TYR C 242 -30.40 -41.87 -27.40
C TYR C 242 -30.72 -42.75 -28.62
N PHE C 243 -29.68 -43.22 -29.26
CA PHE C 243 -29.77 -44.15 -30.35
C PHE C 243 -29.29 -45.44 -29.74
N ASP C 244 -29.68 -46.58 -30.27
CA ASP C 244 -29.16 -47.79 -29.65
C ASP C 244 -27.75 -48.07 -30.20
N ASP C 245 -26.80 -47.23 -29.78
CA ASP C 245 -25.39 -47.26 -30.18
C ASP C 245 -24.45 -47.76 -29.07
N LEU C 246 -25.00 -48.29 -27.98
CA LEU C 246 -24.13 -48.73 -26.89
C LEU C 246 -23.18 -49.82 -27.30
N GLU C 247 -23.63 -50.69 -28.18
CA GLU C 247 -22.79 -51.80 -28.59
C GLU C 247 -21.50 -51.31 -29.23
N GLU C 248 -21.51 -50.09 -29.79
CA GLU C 248 -20.32 -49.57 -30.41
C GLU C 248 -19.55 -48.71 -29.41
N ALA C 249 -20.26 -47.92 -28.60
CA ALA C 249 -19.62 -46.99 -27.67
C ALA C 249 -18.68 -47.67 -26.69
N ILE C 250 -19.05 -48.87 -26.30
CA ILE C 250 -18.27 -49.67 -25.36
C ILE C 250 -16.87 -49.96 -25.92
N ASN C 251 -16.74 -49.96 -27.26
CA ASN C 251 -15.47 -50.22 -27.94
C ASN C 251 -14.49 -49.06 -27.80
N ASP C 252 -14.99 -47.82 -27.62
CA ASP C 252 -14.07 -46.68 -27.55
C ASP C 252 -13.57 -46.57 -26.15
N VAL C 253 -14.42 -46.96 -25.23
CA VAL C 253 -14.08 -46.97 -23.83
C VAL C 253 -13.06 -48.06 -23.54
N GLY C 254 -13.19 -49.21 -24.19
CA GLY C 254 -12.20 -50.27 -24.02
C GLY C 254 -12.69 -51.55 -23.35
N GLY C 255 -13.99 -51.74 -23.26
CA GLY C 255 -14.47 -52.98 -22.64
C GLY C 255 -15.72 -52.79 -21.82
N TYR C 256 -16.29 -53.89 -21.34
CA TYR C 256 -17.62 -53.79 -20.67
C TYR C 256 -17.70 -53.10 -19.30
N PRO C 257 -16.65 -53.01 -18.45
CA PRO C 257 -16.85 -52.41 -17.14
C PRO C 257 -17.05 -50.94 -17.42
N VAL C 258 -18.32 -50.57 -17.61
CA VAL C 258 -18.70 -49.21 -17.95
C VAL C 258 -19.78 -48.65 -17.05
N VAL C 259 -19.91 -47.34 -17.12
CA VAL C 259 -20.90 -46.60 -16.39
C VAL C 259 -21.86 -45.92 -17.35
N ILE C 260 -23.15 -46.09 -17.13
CA ILE C 260 -24.20 -45.47 -17.94
C ILE C 260 -25.02 -44.49 -17.13
N LYS C 261 -24.94 -43.21 -17.49
CA LYS C 261 -25.65 -42.18 -16.78
C LYS C 261 -26.74 -41.65 -17.68
N PRO C 262 -27.77 -40.95 -17.16
CA PRO C 262 -28.77 -40.28 -17.91
C PRO C 262 -27.99 -39.24 -18.58
N LEU C 263 -28.44 -38.69 -19.67
CA LEU C 263 -27.58 -37.75 -20.32
C LEU C 263 -27.68 -36.35 -19.75
N ASP C 264 -28.48 -36.18 -18.71
CA ASP C 264 -28.66 -34.90 -18.01
C ASP C 264 -28.96 -35.25 -16.56
N GLY C 265 -29.12 -34.26 -15.70
CA GLY C 265 -29.38 -34.57 -14.30
C GLY C 265 -30.85 -34.59 -13.91
N ASN C 266 -31.17 -35.33 -12.85
CA ASN C 266 -32.48 -35.37 -12.24
C ASN C 266 -32.23 -35.95 -10.90
N HIS C 267 -31.44 -35.22 -10.12
CA HIS C 267 -30.91 -35.70 -8.86
C HIS C 267 -30.03 -36.90 -9.19
N GLY C 268 -29.68 -37.68 -8.19
CA GLY C 268 -28.85 -38.87 -8.35
C GLY C 268 -29.66 -40.06 -8.82
N ARG C 269 -30.23 -39.95 -10.00
CA ARG C 269 -31.14 -40.96 -10.48
C ARG C 269 -30.82 -41.44 -11.87
N GLY C 270 -31.15 -42.70 -12.14
CA GLY C 270 -30.99 -43.31 -13.46
C GLY C 270 -29.58 -43.75 -13.81
N ILE C 271 -28.76 -44.02 -12.80
CA ILE C 271 -27.36 -44.38 -13.04
C ILE C 271 -26.99 -45.82 -12.71
N THR C 272 -26.37 -46.50 -13.68
CA THR C 272 -25.88 -47.85 -13.46
C THR C 272 -24.35 -47.78 -13.38
N ILE C 273 -23.80 -48.24 -12.25
CA ILE C 273 -22.37 -48.13 -11.96
C ILE C 273 -21.46 -49.17 -12.55
N ASN C 274 -21.79 -50.43 -12.55
CA ASN C 274 -20.81 -51.35 -13.11
C ASN C 274 -21.50 -52.36 -13.99
N VAL C 275 -21.48 -52.07 -15.28
CA VAL C 275 -22.11 -52.90 -16.28
C VAL C 275 -21.04 -53.88 -16.66
N ARG C 276 -21.40 -55.15 -16.82
CA ARG C 276 -20.44 -56.18 -17.17
C ARG C 276 -20.93 -56.96 -18.38
N HIS C 277 -22.24 -56.92 -18.64
CA HIS C 277 -22.83 -57.69 -19.73
C HIS C 277 -23.70 -56.86 -20.65
N TRP C 278 -23.91 -57.35 -21.87
CA TRP C 278 -24.75 -56.66 -22.84
C TRP C 278 -26.18 -56.48 -22.39
N GLN C 279 -26.73 -57.48 -21.76
CA GLN C 279 -28.10 -57.41 -21.34
C GLN C 279 -28.27 -56.36 -20.24
N GLU C 280 -27.24 -56.21 -19.41
CA GLU C 280 -27.24 -55.22 -18.36
C GLU C 280 -27.16 -53.84 -18.98
N ALA C 281 -26.36 -53.72 -20.06
CA ALA C 281 -26.21 -52.46 -20.76
C ALA C 281 -27.55 -52.02 -21.33
N ILE C 282 -28.34 -52.99 -21.82
CA ILE C 282 -29.65 -52.65 -22.35
C ILE C 282 -30.56 -52.15 -21.25
N ALA C 283 -30.59 -52.84 -20.12
CA ALA C 283 -31.45 -52.37 -19.05
C ALA C 283 -31.05 -50.98 -18.58
N ALA C 284 -29.72 -50.74 -18.50
CA ALA C 284 -29.20 -49.46 -18.08
C ALA C 284 -29.60 -48.39 -19.05
N TYR C 285 -29.63 -48.71 -20.34
CA TYR C 285 -30.02 -47.76 -21.34
C TYR C 285 -31.44 -47.31 -21.16
N ASP C 286 -32.36 -48.28 -21.01
CA ASP C 286 -33.76 -47.91 -20.91
C ASP C 286 -34.03 -47.01 -19.73
N LEU C 287 -33.30 -47.22 -18.65
CA LEU C 287 -33.46 -46.34 -17.50
C LEU C 287 -32.82 -44.96 -17.77
N ALA C 288 -31.61 -44.92 -18.32
CA ALA C 288 -30.93 -43.66 -18.58
C ALA C 288 -31.75 -42.80 -19.55
N ALA C 289 -32.41 -43.48 -20.49
CA ALA C 289 -33.21 -42.92 -21.58
C ALA C 289 -34.41 -42.11 -21.11
N GLU C 290 -34.77 -42.22 -19.84
CA GLU C 290 -35.89 -41.45 -19.31
C GLU C 290 -35.63 -39.93 -19.29
N GLU C 291 -34.36 -39.48 -19.20
CA GLU C 291 -34.08 -38.04 -19.09
C GLU C 291 -33.72 -37.36 -20.43
N SER C 292 -33.49 -36.04 -20.41
CA SER C 292 -33.13 -35.23 -21.59
C SER C 292 -31.75 -35.62 -22.14
N LYS C 293 -31.50 -35.32 -23.43
CA LYS C 293 -30.24 -35.75 -24.07
C LYS C 293 -29.05 -34.77 -24.16
N ILE C 297 -22.19 -38.04 -20.08
CA ILE C 297 -21.72 -39.29 -20.68
C ILE C 297 -22.47 -40.57 -20.45
N ILE C 298 -22.57 -41.40 -21.50
CA ILE C 298 -23.40 -42.65 -21.41
C ILE C 298 -22.58 -43.93 -21.14
N VAL C 299 -21.38 -43.99 -21.70
CA VAL C 299 -20.48 -45.18 -21.55
C VAL C 299 -19.12 -44.65 -21.14
N GLU C 300 -18.88 -44.54 -19.83
CA GLU C 300 -17.58 -44.09 -19.32
C GLU C 300 -16.90 -45.35 -18.89
N ARG C 301 -15.61 -45.34 -18.83
CA ARG C 301 -14.92 -46.45 -18.24
C ARG C 301 -15.23 -46.44 -16.73
N TYR C 302 -15.39 -47.62 -16.17
CA TYR C 302 -15.56 -47.76 -14.73
C TYR C 302 -14.21 -47.84 -14.03
N TYR C 303 -14.02 -47.05 -12.98
CA TYR C 303 -12.78 -47.05 -12.21
C TYR C 303 -13.02 -47.57 -10.81
N GLU C 304 -12.05 -48.29 -10.25
CA GLU C 304 -12.17 -48.78 -8.89
C GLU C 304 -11.67 -47.79 -7.86
N GLY C 305 -12.24 -47.82 -6.67
CA GLY C 305 -11.79 -46.98 -5.58
C GLY C 305 -12.95 -46.50 -4.74
N SER C 306 -12.66 -45.63 -3.77
CA SER C 306 -13.67 -45.10 -2.88
C SER C 306 -14.03 -43.72 -3.35
N ASP C 307 -15.17 -43.24 -2.90
CA ASP C 307 -15.68 -41.92 -3.22
C ASP C 307 -15.27 -40.86 -2.19
N HIS C 308 -14.39 -39.95 -2.58
CA HIS C 308 -13.89 -38.93 -1.67
C HIS C 308 -14.38 -37.54 -2.05
N ARG C 309 -14.76 -36.77 -1.06
CA ARG C 309 -15.16 -35.39 -1.27
C ARG C 309 -14.14 -34.43 -0.71
N VAL C 310 -13.65 -33.55 -1.57
CA VAL C 310 -12.67 -32.56 -1.20
C VAL C 310 -13.24 -31.15 -1.25
N LEU C 311 -13.11 -30.41 -0.16
CA LEU C 311 -13.61 -29.03 -0.09
C LEU C 311 -12.49 -28.00 -0.18
N VAL C 312 -12.57 -27.11 -1.16
CA VAL C 312 -11.61 -26.04 -1.43
C VAL C 312 -12.35 -24.68 -1.32
N VAL C 313 -11.83 -23.73 -0.53
CA VAL C 313 -12.55 -22.45 -0.31
C VAL C 313 -12.00 -21.20 -0.99
N ASN C 314 -10.73 -20.94 -0.97
CA ASN C 314 -10.29 -19.74 -1.67
C ASN C 314 -9.02 -20.07 -2.39
N GLY C 315 -9.08 -21.15 -3.16
CA GLY C 315 -7.92 -21.66 -3.84
C GLY C 315 -7.04 -22.43 -2.88
N LYS C 316 -7.61 -22.79 -1.73
CA LYS C 316 -6.93 -23.52 -0.66
C LYS C 316 -7.79 -24.62 -0.09
N LEU C 317 -7.18 -25.77 0.16
CA LEU C 317 -7.88 -26.92 0.73
C LEU C 317 -8.31 -26.75 2.19
N VAL C 318 -9.57 -27.09 2.46
CA VAL C 318 -10.14 -27.02 3.79
C VAL C 318 -10.42 -28.40 4.41
N ALA C 319 -11.07 -29.30 3.68
CA ALA C 319 -11.43 -30.58 4.28
C ALA C 319 -11.56 -31.74 3.29
N VAL C 320 -11.31 -32.97 3.75
CA VAL C 320 -11.48 -34.17 2.93
C VAL C 320 -12.31 -35.22 3.66
N ALA C 321 -13.32 -35.80 3.01
CA ALA C 321 -14.11 -36.88 3.64
C ALA C 321 -14.35 -38.05 2.72
N GLU C 322 -14.26 -39.24 3.27
CA GLU C 322 -14.54 -40.47 2.54
C GLU C 322 -15.96 -40.92 2.76
N ARG C 323 -16.68 -41.16 1.67
CA ARG C 323 -18.07 -41.52 1.78
C ARG C 323 -18.35 -42.95 1.37
N ILE C 324 -19.13 -43.63 2.20
CA ILE C 324 -19.50 -45.02 2.02
C ILE C 324 -21.03 -45.18 2.07
N PRO C 325 -21.67 -45.90 1.13
CA PRO C 325 -23.10 -46.18 1.08
C PRO C 325 -23.59 -47.08 2.18
N ALA C 326 -24.88 -47.00 2.46
CA ALA C 326 -25.53 -47.82 3.49
C ALA C 326 -25.23 -49.28 3.28
N HIS C 327 -24.88 -49.97 4.36
CA HIS C 327 -24.51 -51.36 4.28
C HIS C 327 -24.65 -52.08 5.60
N VAL C 328 -24.61 -53.41 5.52
CA VAL C 328 -24.53 -54.28 6.68
C VAL C 328 -23.39 -55.26 6.47
N THR C 329 -22.89 -55.85 7.54
CA THR C 329 -21.84 -56.84 7.33
C THR C 329 -22.05 -58.10 8.11
N GLY C 330 -21.19 -59.09 7.83
CA GLY C 330 -21.19 -60.41 8.45
C GLY C 330 -20.71 -60.39 9.90
N ASP C 331 -21.47 -59.67 10.71
CA ASP C 331 -21.28 -59.44 12.13
C ASP C 331 -21.91 -60.63 12.84
N GLY C 332 -21.30 -61.78 12.66
CA GLY C 332 -21.82 -63.04 13.17
C GLY C 332 -22.70 -63.71 12.12
N SER C 333 -23.09 -64.95 12.35
CA SER C 333 -23.87 -65.72 11.38
C SER C 333 -25.37 -65.42 11.42
N SER C 334 -25.70 -64.19 11.05
CA SER C 334 -27.07 -63.65 11.02
C SER C 334 -27.51 -63.36 9.59
N THR C 335 -28.83 -63.23 9.38
CA THR C 335 -29.32 -62.91 8.05
C THR C 335 -29.26 -61.44 7.79
N ILE C 336 -29.42 -61.05 6.53
CA ILE C 336 -29.45 -59.64 6.21
C ILE C 336 -30.62 -58.94 6.88
N SER C 337 -31.81 -59.52 6.90
CA SER C 337 -32.89 -58.82 7.56
C SER C 337 -32.64 -58.62 9.06
N GLU C 338 -31.96 -59.56 9.70
CA GLU C 338 -31.63 -59.45 11.12
C GLU C 338 -30.58 -58.39 11.35
N LEU C 339 -29.60 -58.32 10.46
CA LEU C 339 -28.52 -57.36 10.55
C LEU C 339 -29.03 -55.95 10.37
N ILE C 340 -29.99 -55.76 9.48
CA ILE C 340 -30.52 -54.42 9.30
C ILE C 340 -31.22 -54.00 10.56
N GLU C 341 -32.04 -54.87 11.16
CA GLU C 341 -32.72 -54.47 12.38
C GLU C 341 -31.75 -54.25 13.53
N LYS C 342 -30.67 -55.01 13.59
CA LYS C 342 -29.65 -54.84 14.62
C LYS C 342 -28.97 -53.48 14.57
N THR C 343 -28.58 -53.03 13.38
CA THR C 343 -27.83 -51.77 13.30
C THR C 343 -28.73 -50.55 13.19
N ASN C 344 -29.98 -50.73 12.84
CA ASN C 344 -30.87 -49.59 12.68
C ASN C 344 -31.41 -49.12 14.03
N GLN C 345 -30.98 -49.81 15.11
CA GLN C 345 -31.32 -49.48 16.49
C GLN C 345 -30.25 -48.61 17.15
N ASP C 346 -29.17 -48.33 16.43
CA ASP C 346 -28.07 -47.54 16.94
C ASP C 346 -28.57 -46.15 17.35
N PRO C 347 -28.24 -45.64 18.55
CA PRO C 347 -28.69 -44.37 19.10
C PRO C 347 -28.26 -43.15 18.30
N ASN C 348 -27.32 -43.33 17.36
CA ASN C 348 -26.85 -42.23 16.54
C ASN C 348 -27.64 -42.13 15.26
N ARG C 349 -28.65 -42.99 15.08
CA ARG C 349 -29.45 -42.96 13.88
C ARG C 349 -30.88 -42.52 14.10
N GLY C 350 -31.35 -41.65 13.22
CA GLY C 350 -32.74 -41.25 13.22
C GLY C 350 -33.03 -39.94 12.52
N ASP C 351 -34.23 -39.87 11.95
CA ASP C 351 -34.78 -38.69 11.29
C ASP C 351 -33.78 -38.05 10.31
N GLY C 352 -33.42 -36.76 10.50
CA GLY C 352 -32.50 -36.13 9.56
C GLY C 352 -32.14 -34.71 9.97
N HIS C 353 -30.83 -34.51 10.21
CA HIS C 353 -30.20 -33.30 10.78
C HIS C 353 -30.54 -33.15 12.27
N ASP C 354 -31.13 -34.21 12.81
CA ASP C 354 -31.50 -34.38 14.20
C ASP C 354 -30.41 -35.14 14.95
N ASN C 355 -29.68 -35.95 14.20
CA ASN C 355 -28.68 -36.85 14.72
C ASN C 355 -27.59 -36.98 13.66
N ILE C 356 -26.57 -37.75 13.94
CA ILE C 356 -25.47 -37.87 12.98
C ILE C 356 -25.85 -38.70 11.77
N LEU C 357 -26.47 -39.85 11.99
CA LEU C 357 -26.86 -40.76 10.95
C LEU C 357 -28.35 -40.87 10.80
N THR C 358 -28.82 -41.40 9.68
CA THR C 358 -30.24 -41.65 9.52
C THR C 358 -30.48 -43.15 9.47
N LYS C 359 -31.73 -43.52 9.32
CA LYS C 359 -32.15 -44.91 9.27
C LYS C 359 -31.97 -45.57 7.91
N ILE C 360 -31.72 -46.86 7.94
CA ILE C 360 -31.64 -47.66 6.74
C ILE C 360 -33.02 -48.16 6.41
N VAL C 361 -33.44 -47.92 5.19
CA VAL C 361 -34.76 -48.31 4.76
C VAL C 361 -34.69 -49.34 3.65
N VAL C 362 -35.41 -50.43 3.85
CA VAL C 362 -35.50 -51.45 2.83
C VAL C 362 -36.70 -51.13 1.97
N ASN C 363 -36.45 -51.08 0.69
CA ASN C 363 -37.39 -50.73 -0.35
C ASN C 363 -36.99 -51.54 -1.57
N LYS C 364 -37.72 -51.39 -2.67
CA LYS C 364 -37.42 -52.14 -3.88
C LYS C 364 -36.03 -51.87 -4.42
N THR C 365 -35.48 -50.70 -4.12
CA THR C 365 -34.17 -50.34 -4.60
C THR C 365 -33.08 -51.01 -3.77
N ALA C 366 -33.38 -51.38 -2.52
CA ALA C 366 -32.40 -52.07 -1.71
C ALA C 366 -32.36 -53.49 -2.18
N ILE C 367 -33.51 -53.98 -2.60
CA ILE C 367 -33.61 -55.35 -3.03
C ILE C 367 -32.87 -55.48 -4.34
N ASP C 368 -33.06 -54.52 -5.24
CA ASP C 368 -32.41 -54.51 -6.54
C ASP C 368 -30.86 -54.47 -6.38
N VAL C 369 -30.36 -53.63 -5.45
CA VAL C 369 -28.93 -53.55 -5.22
C VAL C 369 -28.41 -54.89 -4.66
N MET C 370 -29.12 -55.51 -3.72
CA MET C 370 -28.70 -56.81 -3.20
C MET C 370 -28.75 -57.93 -4.22
N GLU C 371 -29.74 -57.94 -5.11
CA GLU C 371 -29.81 -59.01 -6.09
C GLU C 371 -28.56 -59.06 -6.95
N ARG C 372 -28.02 -57.90 -7.30
CA ARG C 372 -26.82 -57.84 -8.11
C ARG C 372 -25.58 -58.41 -7.42
N GLN C 373 -25.62 -58.51 -6.09
CA GLN C 373 -24.52 -59.00 -5.29
C GLN C 373 -24.69 -60.48 -4.96
N GLY C 374 -25.82 -61.08 -5.40
CA GLY C 374 -26.12 -62.47 -5.09
C GLY C 374 -26.80 -62.70 -3.73
N TYR C 375 -27.44 -61.67 -3.17
CA TYR C 375 -28.08 -61.80 -1.86
C TYR C 375 -29.51 -61.33 -1.79
N ASN C 376 -30.21 -61.77 -0.76
CA ASN C 376 -31.55 -61.27 -0.47
C ASN C 376 -31.68 -61.26 1.05
N LEU C 377 -32.82 -60.83 1.54
CA LEU C 377 -33.02 -60.64 2.97
C LEU C 377 -32.86 -61.87 3.86
N ASP C 378 -33.09 -63.07 3.32
CA ASP C 378 -33.03 -64.23 4.17
C ASP C 378 -31.67 -64.92 4.16
N SER C 379 -30.71 -64.37 3.43
CA SER C 379 -29.39 -64.98 3.35
C SER C 379 -28.51 -64.66 4.53
N VAL C 380 -27.75 -65.66 4.98
CA VAL C 380 -26.80 -65.50 6.07
C VAL C 380 -25.44 -65.14 5.53
N LEU C 381 -24.85 -64.08 6.08
CA LEU C 381 -23.57 -63.69 5.52
C LEU C 381 -22.40 -64.42 6.16
N PRO C 382 -21.35 -64.73 5.39
CA PRO C 382 -20.07 -65.23 5.84
C PRO C 382 -19.42 -64.18 6.71
N LYS C 383 -18.60 -64.61 7.65
CA LYS C 383 -17.91 -63.66 8.49
C LYS C 383 -17.19 -62.61 7.67
N ASP C 384 -17.41 -61.34 8.05
CA ASP C 384 -16.81 -60.12 7.47
C ASP C 384 -17.22 -59.78 6.03
N GLU C 385 -18.25 -60.42 5.50
CA GLU C 385 -18.78 -60.09 4.18
C GLU C 385 -19.53 -58.76 4.23
N VAL C 386 -19.37 -57.89 3.23
CA VAL C 386 -20.13 -56.63 3.24
C VAL C 386 -21.13 -56.53 2.11
N VAL C 387 -22.36 -56.23 2.47
CA VAL C 387 -23.43 -56.09 1.51
C VAL C 387 -23.97 -54.67 1.50
N TYR C 388 -24.02 -54.10 0.31
CA TYR C 388 -24.49 -52.74 0.16
C TYR C 388 -25.96 -52.71 -0.12
N LEU C 389 -26.64 -51.75 0.48
CA LEU C 389 -28.07 -51.58 0.30
C LEU C 389 -28.42 -50.40 -0.60
N ARG C 390 -27.40 -49.68 -1.05
CA ARG C 390 -27.53 -48.50 -1.89
C ARG C 390 -26.44 -48.44 -2.92
N ALA C 391 -26.76 -47.89 -4.09
CA ALA C 391 -25.78 -47.70 -5.16
C ALA C 391 -24.77 -46.59 -4.92
N THR C 392 -25.18 -45.52 -4.23
CA THR C 392 -24.30 -44.38 -3.98
C THR C 392 -24.27 -43.99 -2.53
N ALA C 393 -23.22 -43.28 -2.12
CA ALA C 393 -23.10 -42.80 -0.76
C ALA C 393 -23.85 -41.53 -0.53
N ASN C 394 -24.49 -41.42 0.62
CA ASN C 394 -25.18 -40.22 1.03
C ASN C 394 -25.57 -40.37 2.50
N LEU C 395 -25.28 -39.37 3.32
CA LEU C 395 -25.64 -39.46 4.72
C LEU C 395 -27.14 -39.54 4.91
N SER C 396 -27.89 -38.89 4.02
CA SER C 396 -29.35 -38.84 4.10
C SER C 396 -30.02 -40.16 3.77
N THR C 397 -29.28 -41.12 3.23
CA THR C 397 -29.85 -42.41 2.88
C THR C 397 -29.33 -43.50 3.80
N GLY C 398 -28.57 -43.13 4.83
CA GLY C 398 -28.05 -44.12 5.76
C GLY C 398 -26.57 -44.46 5.62
N GLY C 399 -25.80 -43.72 4.82
CA GLY C 399 -24.37 -44.00 4.67
C GLY C 399 -23.57 -43.32 5.75
N ILE C 400 -22.25 -43.37 5.61
CA ILE C 400 -21.33 -42.80 6.58
C ILE C 400 -20.30 -41.88 5.94
N ALA C 401 -19.64 -41.06 6.76
CA ALA C 401 -18.59 -40.15 6.29
C ALA C 401 -17.45 -40.14 7.27
N ILE C 402 -16.25 -40.37 6.75
CA ILE C 402 -15.04 -40.45 7.54
C ILE C 402 -14.06 -39.32 7.23
N ASP C 403 -13.64 -38.59 8.24
CA ASP C 403 -12.68 -37.51 8.02
C ASP C 403 -11.30 -38.04 7.65
N ARG C 404 -10.76 -37.61 6.52
CA ARG C 404 -9.45 -38.03 6.02
C ARG C 404 -8.60 -36.81 5.73
N THR C 405 -8.85 -35.71 6.40
CA THR C 405 -8.21 -34.45 6.03
C THR C 405 -6.71 -34.45 6.20
N ASP C 406 -6.21 -35.16 7.19
CA ASP C 406 -4.79 -35.14 7.46
C ASP C 406 -4.03 -36.25 6.74
N ASP C 407 -4.72 -37.07 5.94
CA ASP C 407 -4.10 -38.19 5.25
C ASP C 407 -3.84 -37.96 3.77
N ILE C 408 -4.08 -36.75 3.29
CA ILE C 408 -3.95 -36.47 1.86
C ILE C 408 -2.52 -36.05 1.49
N HIS C 409 -2.01 -36.69 0.44
CA HIS C 409 -0.67 -36.47 -0.08
C HIS C 409 -0.48 -35.03 -0.61
N PRO C 410 0.67 -34.36 -0.37
CA PRO C 410 1.02 -33.03 -0.88
C PRO C 410 0.84 -32.80 -2.37
N GLU C 411 1.01 -33.83 -3.20
CA GLU C 411 0.83 -33.63 -4.61
C GLU C 411 -0.64 -33.59 -4.94
N ASN C 412 -1.44 -34.37 -4.20
CA ASN C 412 -2.86 -34.39 -4.44
C ASN C 412 -3.46 -33.07 -3.97
N ILE C 413 -2.86 -32.44 -2.95
CA ILE C 413 -3.36 -31.17 -2.49
C ILE C 413 -3.18 -30.13 -3.59
N TRP C 414 -2.00 -30.12 -4.21
CA TRP C 414 -1.70 -29.21 -5.30
C TRP C 414 -2.66 -29.38 -6.47
N LEU C 415 -2.94 -30.61 -6.85
CA LEU C 415 -3.83 -30.85 -7.95
C LEU C 415 -5.25 -30.36 -7.68
N MET C 416 -5.78 -30.57 -6.48
CA MET C 416 -7.14 -30.13 -6.17
C MET C 416 -7.31 -28.63 -6.21
N GLU C 417 -6.32 -27.91 -5.75
CA GLU C 417 -6.37 -26.47 -5.77
C GLU C 417 -6.32 -25.96 -7.20
N ARG C 418 -5.52 -26.63 -8.05
CA ARG C 418 -5.42 -26.25 -9.45
C ARG C 418 -6.76 -26.47 -10.15
N VAL C 419 -7.49 -27.53 -9.84
CA VAL C 419 -8.80 -27.80 -10.44
C VAL C 419 -9.79 -26.70 -10.15
N ALA C 420 -9.86 -26.25 -8.91
CA ALA C 420 -10.79 -25.19 -8.55
C ALA C 420 -10.53 -23.89 -9.29
N LYS C 421 -9.24 -23.55 -9.48
CA LYS C 421 -8.83 -22.34 -10.18
C LYS C 421 -9.08 -22.40 -11.68
N VAL C 422 -8.90 -23.58 -12.28
CA VAL C 422 -9.16 -23.77 -13.69
C VAL C 422 -10.63 -23.57 -14.02
N ILE C 423 -11.54 -24.10 -13.19
CA ILE C 423 -12.97 -23.91 -13.41
C ILE C 423 -13.38 -22.48 -13.06
N GLY C 424 -12.86 -21.91 -11.98
CA GLY C 424 -13.22 -20.55 -11.61
C GLY C 424 -14.17 -20.43 -10.44
N LEU C 425 -14.14 -21.39 -9.52
CA LEU C 425 -15.03 -21.34 -8.36
C LEU C 425 -14.32 -20.90 -7.10
N ASP C 426 -15.01 -20.15 -6.22
CA ASP C 426 -14.39 -19.82 -4.93
C ASP C 426 -14.62 -20.97 -3.97
N ILE C 427 -15.87 -21.32 -3.73
CA ILE C 427 -16.15 -22.46 -2.87
C ILE C 427 -16.54 -23.61 -3.75
N ALA C 428 -15.80 -24.71 -3.67
CA ALA C 428 -16.09 -25.84 -4.53
C ALA C 428 -15.91 -27.19 -3.89
N GLY C 429 -16.78 -28.11 -4.29
CA GLY C 429 -16.61 -29.49 -3.89
C GLY C 429 -16.07 -30.29 -5.04
N ILE C 430 -15.13 -31.16 -4.80
CA ILE C 430 -14.57 -31.98 -5.86
C ILE C 430 -14.75 -33.46 -5.53
N ASP C 431 -15.32 -34.20 -6.47
CA ASP C 431 -15.56 -35.64 -6.33
C ASP C 431 -14.45 -36.45 -6.97
N VAL C 432 -13.74 -37.20 -6.14
CA VAL C 432 -12.58 -37.98 -6.53
C VAL C 432 -12.74 -39.49 -6.29
N VAL C 433 -12.40 -40.30 -7.28
CA VAL C 433 -12.44 -41.75 -7.08
C VAL C 433 -11.03 -42.29 -7.05
N THR C 434 -10.69 -42.88 -5.92
CA THR C 434 -9.35 -43.40 -5.70
C THR C 434 -9.32 -44.48 -4.66
N SER C 435 -8.40 -45.40 -4.81
CA SER C 435 -8.22 -46.43 -3.82
C SER C 435 -7.40 -45.99 -2.61
N ASP C 436 -6.61 -44.93 -2.75
CA ASP C 436 -5.77 -44.48 -1.65
C ASP C 436 -5.44 -42.99 -1.74
N ILE C 437 -6.06 -42.17 -0.90
CA ILE C 437 -5.90 -40.71 -0.94
C ILE C 437 -4.50 -40.26 -0.47
N SER C 438 -3.74 -41.18 0.12
CA SER C 438 -2.41 -40.92 0.64
C SER C 438 -1.31 -41.13 -0.39
N LYS C 439 -1.67 -41.55 -1.59
CA LYS C 439 -0.73 -41.75 -2.67
C LYS C 439 -1.16 -40.83 -3.82
N PRO C 440 -0.28 -40.40 -4.73
CA PRO C 440 -0.62 -39.60 -5.88
C PRO C 440 -1.65 -40.28 -6.76
N LEU C 441 -2.56 -39.50 -7.34
CA LEU C 441 -3.58 -40.11 -8.18
C LEU C 441 -2.99 -40.82 -9.39
N ARG C 442 -1.83 -40.39 -9.88
CA ARG C 442 -1.26 -41.06 -11.05
C ARG C 442 -0.76 -42.47 -10.73
N GLU C 443 -0.52 -42.79 -9.46
CA GLU C 443 0.03 -44.08 -9.08
C GLU C 443 -1.06 -45.07 -8.75
N THR C 444 -2.19 -44.57 -8.28
CA THR C 444 -3.32 -45.40 -7.90
C THR C 444 -4.33 -45.51 -9.05
N ASN C 445 -4.03 -44.83 -10.14
CA ASN C 445 -4.88 -44.69 -11.32
C ASN C 445 -6.26 -44.10 -11.00
N GLY C 446 -6.28 -43.06 -10.18
CA GLY C 446 -7.54 -42.42 -9.79
C GLY C 446 -7.95 -41.34 -10.76
N VAL C 447 -9.22 -40.92 -10.66
CA VAL C 447 -9.77 -39.86 -11.50
C VAL C 447 -10.60 -38.83 -10.76
N ILE C 448 -10.76 -37.68 -11.39
CA ILE C 448 -11.65 -36.66 -10.89
C ILE C 448 -12.92 -36.78 -11.67
N VAL C 449 -14.00 -37.05 -10.97
CA VAL C 449 -15.27 -37.32 -11.57
C VAL C 449 -16.14 -36.09 -11.74
N GLU C 450 -16.17 -35.23 -10.74
CA GLU C 450 -17.04 -34.07 -10.81
C GLU C 450 -16.63 -32.84 -10.01
N VAL C 451 -17.02 -31.66 -10.49
CA VAL C 451 -16.87 -30.42 -9.75
C VAL C 451 -18.29 -29.85 -9.41
N ASN C 452 -18.45 -29.39 -8.16
CA ASN C 452 -19.72 -28.83 -7.68
C ASN C 452 -19.68 -27.44 -7.09
N ALA C 453 -20.49 -26.58 -7.67
CA ALA C 453 -20.64 -25.24 -7.16
C ALA C 453 -21.61 -25.35 -5.99
N ALA C 454 -21.46 -24.48 -5.01
CA ALA C 454 -22.35 -24.46 -3.84
C ALA C 454 -22.53 -25.79 -3.10
N PRO C 455 -21.47 -26.49 -2.67
CA PRO C 455 -21.49 -27.78 -2.01
C PRO C 455 -22.06 -27.66 -0.60
N GLY C 456 -22.61 -28.73 -0.04
CA GLY C 456 -23.05 -28.66 1.35
C GLY C 456 -21.92 -28.93 2.34
N PHE C 457 -22.17 -28.67 3.62
CA PHE C 457 -21.14 -28.86 4.66
C PHE C 457 -21.33 -29.97 5.69
N ARG C 458 -22.49 -30.62 5.74
CA ARG C 458 -22.79 -31.60 6.78
C ARG C 458 -21.77 -32.69 7.01
N MET C 459 -21.18 -33.20 5.96
CA MET C 459 -20.25 -34.30 6.12
C MET C 459 -18.92 -33.86 6.72
N HIS C 460 -18.66 -32.55 6.74
CA HIS C 460 -17.43 -32.02 7.23
C HIS C 460 -17.60 -31.44 8.63
N VAL C 461 -18.80 -30.97 8.94
CA VAL C 461 -19.04 -30.39 10.24
C VAL C 461 -19.66 -31.41 11.20
N ALA C 462 -20.17 -32.52 10.67
CA ALA C 462 -20.74 -33.57 11.47
C ALA C 462 -20.44 -34.96 10.88
N PRO C 463 -19.17 -35.38 10.80
CA PRO C 463 -18.74 -36.65 10.26
C PRO C 463 -19.16 -37.75 11.20
N SER C 464 -19.29 -38.98 10.71
CA SER C 464 -19.63 -40.04 11.63
C SER C 464 -18.38 -40.61 12.28
N GLN C 465 -17.24 -40.44 11.64
CA GLN C 465 -15.97 -40.83 12.22
C GLN C 465 -14.98 -39.71 12.04
N GLY C 466 -14.14 -39.50 13.04
CA GLY C 466 -13.14 -38.47 12.96
C GLY C 466 -13.62 -37.18 13.60
N LEU C 467 -12.80 -36.14 13.46
CA LEU C 467 -13.02 -34.87 14.10
C LEU C 467 -13.79 -33.86 13.22
N PRO C 468 -14.83 -33.16 13.72
CA PRO C 468 -15.53 -32.09 13.05
C PRO C 468 -14.63 -30.92 12.68
N ARG C 469 -14.89 -30.27 11.54
CA ARG C 469 -14.06 -29.14 11.11
C ARG C 469 -14.83 -27.83 11.03
N ASN C 470 -14.18 -26.74 11.40
CA ASN C 470 -14.85 -25.45 11.29
C ASN C 470 -14.66 -24.89 9.90
N VAL C 471 -15.60 -25.24 9.06
CA VAL C 471 -15.66 -24.90 7.66
C VAL C 471 -15.97 -23.43 7.43
N ALA C 472 -16.86 -22.85 8.24
CA ALA C 472 -17.25 -21.45 8.10
C ALA C 472 -16.11 -20.48 8.31
N ALA C 473 -15.18 -20.77 9.20
CA ALA C 473 -14.14 -19.79 9.47
C ALA C 473 -13.37 -19.37 8.19
N PRO C 474 -12.89 -20.26 7.28
CA PRO C 474 -12.30 -19.93 6.01
C PRO C 474 -13.20 -19.17 5.03
N VAL C 475 -14.52 -19.21 5.23
CA VAL C 475 -15.41 -18.52 4.33
C VAL C 475 -15.46 -17.08 4.76
N LEU C 476 -15.62 -16.85 6.06
CA LEU C 476 -15.67 -15.49 6.58
C LEU C 476 -14.35 -14.79 6.41
N ASP C 477 -13.26 -15.52 6.43
CA ASP C 477 -11.95 -14.92 6.19
C ASP C 477 -11.80 -14.40 4.76
N MET C 478 -12.51 -14.94 3.76
CA MET C 478 -12.30 -14.37 2.43
C MET C 478 -13.24 -13.20 2.26
N LEU C 479 -14.41 -13.25 2.89
CA LEU C 479 -15.38 -12.18 2.76
C LEU C 479 -14.96 -10.95 3.53
N PHE C 480 -14.38 -11.14 4.70
CA PHE C 480 -13.92 -10.08 5.56
C PHE C 480 -12.48 -10.34 5.98
N PRO C 481 -11.48 -10.08 5.12
CA PRO C 481 -10.10 -10.42 5.33
C PRO C 481 -9.61 -9.85 6.64
N PRO C 482 -8.66 -10.48 7.33
CA PRO C 482 -8.13 -10.04 8.59
C PRO C 482 -7.64 -8.63 8.47
N GLY C 483 -7.97 -7.83 9.47
CA GLY C 483 -7.56 -6.44 9.51
C GLY C 483 -8.58 -5.48 8.90
N THR C 484 -9.61 -5.99 8.22
CA THR C 484 -10.57 -5.07 7.64
C THR C 484 -11.81 -4.98 8.53
N PRO C 485 -12.56 -3.86 8.50
CA PRO C 485 -13.83 -3.63 9.16
C PRO C 485 -15.00 -4.31 8.47
N SER C 486 -16.04 -4.59 9.25
CA SER C 486 -17.32 -5.08 8.77
C SER C 486 -18.44 -4.07 9.04
N ARG C 487 -18.10 -2.99 9.72
CA ARG C 487 -19.00 -1.94 10.15
C ARG C 487 -18.55 -0.56 9.76
N ILE C 488 -19.49 0.36 9.69
CA ILE C 488 -19.19 1.74 9.45
C ILE C 488 -19.50 2.47 10.75
N PRO C 489 -18.92 3.64 11.04
CA PRO C 489 -19.22 4.43 12.22
C PRO C 489 -20.67 4.83 12.34
N ILE C 490 -21.18 4.70 13.55
CA ILE C 490 -22.55 5.10 13.86
C ILE C 490 -22.56 6.09 15.00
N LEU C 491 -23.19 7.23 14.75
CA LEU C 491 -23.33 8.28 15.72
C LEU C 491 -24.81 8.48 16.01
N ALA C 492 -25.22 8.10 17.21
CA ALA C 492 -26.62 8.12 17.61
C ALA C 492 -26.93 9.30 18.53
N VAL C 493 -27.92 10.11 18.17
CA VAL C 493 -28.25 11.30 18.95
C VAL C 493 -29.63 11.27 19.59
N THR C 494 -29.72 11.42 20.90
CA THR C 494 -31.04 11.45 21.52
C THR C 494 -31.15 12.56 22.58
N GLY C 495 -32.32 12.68 23.18
CA GLY C 495 -32.63 13.69 24.20
C GLY C 495 -33.99 14.31 23.94
N THR C 496 -34.58 14.98 24.92
CA THR C 496 -35.91 15.56 24.75
C THR C 496 -36.01 16.67 23.71
N ASN C 497 -35.07 17.63 23.71
CA ASN C 497 -35.08 18.75 22.74
C ASN C 497 -33.70 18.95 22.10
N GLY C 498 -33.67 19.35 20.82
CA GLY C 498 -32.43 19.70 20.11
C GLY C 498 -31.80 18.64 19.17
N LYS C 499 -32.39 17.46 19.10
CA LYS C 499 -31.90 16.36 18.27
C LYS C 499 -31.72 16.64 16.79
N THR C 500 -32.72 17.25 16.14
CA THR C 500 -32.66 17.50 14.72
C THR C 500 -31.57 18.48 14.34
N THR C 501 -31.42 19.53 15.12
CA THR C 501 -30.40 20.55 14.88
C THR C 501 -29.01 19.97 15.05
N THR C 502 -28.81 19.18 16.10
CA THR C 502 -27.52 18.57 16.40
C THR C 502 -27.15 17.57 15.31
N THR C 503 -28.12 16.79 14.83
CA THR C 503 -27.96 15.78 13.79
C THR C 503 -27.53 16.40 12.47
N ARG C 504 -28.17 17.50 12.05
CA ARG C 504 -27.79 18.15 10.81
C ARG C 504 -26.42 18.80 10.87
N LEU C 505 -26.04 19.39 12.00
CA LEU C 505 -24.72 19.98 12.12
C LEU C 505 -23.64 18.93 12.10
N LEU C 506 -23.85 17.84 12.82
CA LEU C 506 -22.85 16.82 12.89
C LEU C 506 -22.65 16.16 11.53
N ALA C 507 -23.73 15.93 10.78
CA ALA C 507 -23.61 15.37 9.45
C ALA C 507 -22.84 16.32 8.51
N HIS C 508 -23.07 17.63 8.65
CA HIS C 508 -22.39 18.67 7.88
C HIS C 508 -20.88 18.67 8.14
N ILE C 509 -20.47 18.47 9.39
CA ILE C 509 -19.06 18.42 9.75
C ILE C 509 -18.38 17.19 9.12
N TYR C 510 -18.99 16.01 9.19
CA TYR C 510 -18.35 14.82 8.61
C TYR C 510 -18.26 14.89 7.12
N ARG C 511 -19.18 15.57 6.51
CA ARG C 511 -19.24 15.76 5.10
C ARG C 511 -18.03 16.57 4.58
N GLN C 512 -17.36 17.33 5.44
CA GLN C 512 -16.26 18.19 5.01
C GLN C 512 -15.00 17.38 4.81
N THR C 513 -15.06 16.09 5.14
CA THR C 513 -13.93 15.20 4.98
C THR C 513 -14.01 14.51 3.62
N GLY C 514 -15.10 14.72 2.86
CA GLY C 514 -15.26 14.11 1.55
C GLY C 514 -15.90 12.71 1.50
N LYS C 515 -16.43 12.23 2.61
CA LYS C 515 -17.07 10.93 2.69
C LYS C 515 -18.55 10.96 2.42
N THR C 516 -19.13 9.81 2.10
CA THR C 516 -20.58 9.75 1.94
C THR C 516 -21.24 9.56 3.28
N VAL C 517 -22.08 10.53 3.59
CA VAL C 517 -22.72 10.57 4.87
C VAL C 517 -24.21 10.45 4.72
N GLY C 518 -24.78 9.48 5.41
CA GLY C 518 -26.20 9.31 5.38
C GLY C 518 -26.76 9.68 6.72
N TYR C 519 -27.96 10.23 6.75
CA TYR C 519 -28.56 10.54 8.02
C TYR C 519 -30.06 10.53 7.99
N THR C 520 -30.65 10.35 9.16
CA THR C 520 -32.09 10.37 9.24
C THR C 520 -32.54 11.36 10.27
N SER C 521 -33.65 12.01 9.98
CA SER C 521 -34.24 12.97 10.88
C SER C 521 -35.75 12.94 10.77
N THR C 522 -36.37 13.80 11.54
CA THR C 522 -37.82 13.95 11.50
C THR C 522 -38.35 14.66 10.23
N ASP C 523 -37.47 15.20 9.38
CA ASP C 523 -37.96 15.84 8.17
C ASP C 523 -37.87 14.91 6.93
N ALA C 524 -36.79 14.11 6.85
CA ALA C 524 -36.43 13.27 5.69
C ALA C 524 -35.23 12.34 5.95
N ILE C 525 -34.98 11.44 4.98
CA ILE C 525 -33.75 10.63 4.92
C ILE C 525 -32.89 11.17 3.81
N TYR C 526 -31.63 11.50 4.12
CA TYR C 526 -30.69 12.04 3.14
C TYR C 526 -29.38 11.31 2.99
N ILE C 527 -28.85 11.33 1.78
CA ILE C 527 -27.48 10.89 1.53
C ILE C 527 -26.73 11.96 0.75
N ASN C 528 -25.68 12.55 1.35
CA ASN C 528 -24.91 13.60 0.67
C ASN C 528 -25.72 14.69 0.02
N GLU C 529 -26.68 15.23 0.74
CA GLU C 529 -27.56 16.30 0.26
C GLU C 529 -28.62 15.92 -0.78
N TYR C 530 -28.82 14.64 -1.04
CA TYR C 530 -29.94 14.23 -1.87
C TYR C 530 -30.98 13.61 -0.99
N CYS C 531 -32.23 13.91 -1.26
CA CYS C 531 -33.28 13.34 -0.44
C CYS C 531 -33.71 12.00 -0.97
N VAL C 532 -33.77 11.01 -0.08
CA VAL C 532 -34.16 9.66 -0.43
C VAL C 532 -35.65 9.48 -0.14
N GLU C 533 -36.08 9.88 1.05
CA GLU C 533 -37.49 9.79 1.44
C GLU C 533 -37.86 11.03 2.23
N LYS C 534 -39.13 11.43 2.22
CA LYS C 534 -39.58 12.58 3.02
C LYS C 534 -40.54 12.16 4.13
N GLY C 535 -40.65 12.97 5.18
CA GLY C 535 -41.57 12.70 6.29
C GLY C 535 -40.81 12.30 7.54
N ASP C 536 -41.53 11.94 8.60
CA ASP C 536 -40.86 11.61 9.83
C ASP C 536 -40.20 10.30 9.67
N ASN C 537 -38.89 10.34 9.58
CA ASN C 537 -38.13 9.18 9.31
C ASN C 537 -37.29 8.73 10.46
N THR C 538 -37.70 9.06 11.66
CA THR C 538 -36.98 8.52 12.78
C THR C 538 -37.51 7.12 13.01
N GLY C 539 -36.80 6.32 13.80
CA GLY C 539 -37.23 4.96 14.08
C GLY C 539 -36.37 3.95 13.33
N PRO C 540 -36.43 2.68 13.75
CA PRO C 540 -35.65 1.56 13.26
C PRO C 540 -35.86 1.17 11.81
N GLN C 541 -36.98 1.55 11.23
CA GLN C 541 -37.19 1.22 9.84
C GLN C 541 -36.40 2.13 8.93
N SER C 542 -36.10 3.34 9.37
CA SER C 542 -35.33 4.25 8.55
C SER C 542 -33.88 4.03 8.75
N ALA C 543 -33.50 3.66 9.97
CA ALA C 543 -32.11 3.40 10.26
C ALA C 543 -31.64 2.29 9.37
N GLY C 544 -32.52 1.32 9.10
CA GLY C 544 -32.23 0.19 8.25
C GLY C 544 -32.03 0.56 6.77
N VAL C 545 -32.54 1.70 6.33
CA VAL C 545 -32.37 2.11 4.96
C VAL C 545 -30.95 2.57 4.80
N ILE C 546 -30.47 3.34 5.76
CA ILE C 546 -29.09 3.82 5.73
C ILE C 546 -28.10 2.68 5.93
N LEU C 547 -28.33 1.79 6.87
CA LEU C 547 -27.37 0.73 7.13
C LEU C 547 -27.27 -0.29 6.00
N ARG C 548 -28.33 -0.51 5.26
CA ARG C 548 -28.28 -1.42 4.14
C ARG C 548 -27.76 -0.78 2.85
N ASP C 549 -27.54 0.54 2.84
CA ASP C 549 -27.14 1.26 1.64
C ASP C 549 -25.65 1.06 1.32
N PRO C 550 -25.28 0.49 0.16
CA PRO C 550 -23.94 0.12 -0.26
C PRO C 550 -22.97 1.26 -0.46
N THR C 551 -23.45 2.50 -0.43
CA THR C 551 -22.57 3.63 -0.63
C THR C 551 -22.21 4.38 0.66
N VAL C 552 -22.91 4.13 1.76
CA VAL C 552 -22.71 4.94 2.96
C VAL C 552 -21.49 4.57 3.78
N GLU C 553 -20.70 5.60 4.12
CA GLU C 553 -19.49 5.45 4.90
C GLU C 553 -19.66 5.87 6.35
N VAL C 554 -20.52 6.85 6.62
CA VAL C 554 -20.82 7.33 7.98
C VAL C 554 -22.32 7.43 8.19
N ALA C 555 -22.84 6.93 9.32
CA ALA C 555 -24.27 7.07 9.60
C ALA C 555 -24.55 7.94 10.83
N VAL C 556 -25.38 8.97 10.66
CA VAL C 556 -25.75 9.84 11.79
C VAL C 556 -27.29 9.72 11.97
N LEU C 557 -27.73 9.21 13.11
CA LEU C 557 -29.16 8.92 13.27
C LEU C 557 -29.87 9.61 14.44
N GLU C 558 -30.91 10.45 14.21
CA GLU C 558 -31.56 11.00 15.42
C GLU C 558 -32.47 9.89 15.94
N THR C 559 -32.48 9.66 17.25
CA THR C 559 -33.28 8.60 17.85
C THR C 559 -34.33 9.10 18.84
N ALA C 560 -35.56 8.76 18.56
CA ALA C 560 -36.71 9.17 19.35
C ALA C 560 -37.24 8.04 20.24
N ARG C 561 -37.93 8.44 21.31
CA ARG C 561 -38.57 7.52 22.25
C ARG C 561 -39.67 6.70 21.63
N GLY C 562 -40.34 7.23 20.60
CA GLY C 562 -41.41 6.50 19.99
C GLY C 562 -40.88 5.22 19.40
N GLY C 563 -39.80 5.34 18.65
CA GLY C 563 -39.19 4.19 18.03
C GLY C 563 -38.65 3.21 19.04
N ILE C 564 -38.03 3.69 20.12
CA ILE C 564 -37.47 2.75 21.07
C ILE C 564 -38.56 1.97 21.78
N LEU C 565 -39.59 2.66 22.24
CA LEU C 565 -40.66 1.99 22.96
C LEU C 565 -41.49 1.06 22.10
N ARG C 566 -41.68 1.40 20.83
CA ARG C 566 -42.44 0.59 19.93
C ARG C 566 -41.70 -0.63 19.38
N ALA C 567 -40.41 -0.50 19.00
CA ALA C 567 -39.74 -1.66 18.41
C ALA C 567 -38.25 -1.88 18.74
N GLY C 568 -37.64 -1.15 19.68
CA GLY C 568 -36.21 -1.31 19.99
C GLY C 568 -35.28 -0.55 19.03
N LEU C 569 -33.98 -0.59 19.27
CA LEU C 569 -33.02 0.06 18.36
C LEU C 569 -32.65 -0.84 17.18
N ALA C 570 -32.38 -0.24 16.02
CA ALA C 570 -31.99 -1.00 14.82
C ALA C 570 -30.56 -1.50 14.73
N PHE C 571 -29.65 -0.95 15.50
CA PHE C 571 -28.24 -1.27 15.31
C PHE C 571 -27.45 -2.04 16.35
N ASP C 572 -28.00 -2.41 17.50
CA ASP C 572 -27.28 -3.12 18.58
C ASP C 572 -26.16 -2.37 19.31
N SER C 573 -25.20 -1.82 18.58
CA SER C 573 -24.13 -1.04 19.20
C SER C 573 -23.68 0.10 18.33
N CYS C 574 -23.05 1.10 18.95
CA CYS C 574 -22.57 2.27 18.22
C CYS C 574 -21.27 2.84 18.78
N ASP C 575 -20.67 3.78 18.04
CA ASP C 575 -19.39 4.36 18.43
C ASP C 575 -19.53 5.57 19.30
N VAL C 576 -20.52 6.39 19.00
CA VAL C 576 -20.76 7.57 19.80
C VAL C 576 -22.22 7.63 20.14
N GLY C 577 -22.52 7.83 21.41
CA GLY C 577 -23.89 8.00 21.86
C GLY C 577 -24.01 9.35 22.53
N VAL C 578 -24.86 10.22 22.00
CA VAL C 578 -25.01 11.57 22.54
C VAL C 578 -26.36 11.76 23.23
N VAL C 579 -26.35 12.15 24.49
CA VAL C 579 -27.61 12.40 25.19
C VAL C 579 -27.63 13.88 25.55
N LEU C 580 -28.57 14.61 25.00
CA LEU C 580 -28.58 16.04 25.16
C LEU C 580 -29.29 16.59 26.39
N ASN C 581 -30.39 15.98 26.80
CA ASN C 581 -31.18 16.48 27.94
C ASN C 581 -32.37 15.58 28.25
N VAL C 582 -32.86 15.62 29.48
CA VAL C 582 -34.11 14.93 29.81
C VAL C 582 -35.11 15.96 30.33
N ALA C 583 -36.30 15.99 29.76
CA ALA C 583 -37.30 16.96 30.21
C ALA C 583 -38.68 16.35 30.10
N ALA C 584 -39.64 16.91 30.82
CA ALA C 584 -40.97 16.34 30.92
C ALA C 584 -41.91 16.58 29.76
N ASP C 585 -41.57 16.03 28.61
CA ASP C 585 -42.47 16.08 27.46
C ASP C 585 -42.91 14.65 27.24
N HIS C 586 -44.03 14.49 26.57
CA HIS C 586 -44.57 13.18 26.23
C HIS C 586 -44.85 12.31 27.45
N LEU C 587 -45.19 12.90 28.59
CA LEU C 587 -45.44 12.03 29.72
C LEU C 587 -46.85 11.56 29.66
N GLY C 588 -47.05 10.34 30.09
CA GLY C 588 -48.34 9.69 30.11
C GLY C 588 -48.51 8.81 28.88
N LEU C 589 -47.62 8.93 27.90
CA LEU C 589 -47.73 8.12 26.71
C LEU C 589 -46.81 6.93 26.80
N GLY C 590 -47.22 5.79 26.27
CA GLY C 590 -46.33 4.64 26.19
C GLY C 590 -46.04 4.04 27.55
N ASP C 591 -46.93 4.27 28.51
CA ASP C 591 -46.77 3.83 29.89
C ASP C 591 -45.61 4.50 30.64
N ILE C 592 -45.10 5.63 30.12
CA ILE C 592 -44.07 6.38 30.84
C ILE C 592 -44.72 7.59 31.49
N ASP C 593 -44.90 7.54 32.79
CA ASP C 593 -45.58 8.58 33.53
C ASP C 593 -44.66 9.56 34.26
N THR C 594 -43.46 9.14 34.62
CA THR C 594 -42.59 9.99 35.42
C THR C 594 -41.32 10.39 34.69
N ILE C 595 -40.60 11.36 35.27
CA ILE C 595 -39.35 11.81 34.67
C ILE C 595 -38.25 10.77 34.88
N GLU C 596 -38.29 10.06 36.01
CA GLU C 596 -37.33 9.02 36.28
C GLU C 596 -37.45 7.89 35.27
N GLN C 597 -38.69 7.62 34.82
CA GLN C 597 -38.89 6.62 33.79
C GLN C 597 -38.40 7.12 32.44
N MET C 598 -38.64 8.40 32.13
CA MET C 598 -38.21 8.93 30.85
C MET C 598 -36.70 8.87 30.74
N ALA C 599 -36.01 9.06 31.86
CA ALA C 599 -34.57 8.97 31.89
C ALA C 599 -34.08 7.56 31.54
N LYS C 600 -34.86 6.50 31.85
CA LYS C 600 -34.48 5.11 31.56
C LYS C 600 -34.65 4.81 30.09
N VAL C 601 -35.56 5.52 29.45
CA VAL C 601 -35.75 5.35 28.04
C VAL C 601 -34.55 5.99 27.33
N LYS C 602 -34.15 7.20 27.75
CA LYS C 602 -33.04 7.88 27.07
C LYS C 602 -31.70 7.21 27.30
N SER C 603 -31.52 6.59 28.46
CA SER C 603 -30.28 5.94 28.81
C SER C 603 -29.96 4.73 27.96
N VAL C 604 -30.92 4.25 27.16
CA VAL C 604 -30.68 3.10 26.30
C VAL C 604 -29.54 3.42 25.36
N ILE C 605 -29.45 4.65 24.85
CA ILE C 605 -28.37 4.97 23.94
C ILE C 605 -27.01 4.91 24.62
N ALA C 606 -26.89 5.47 25.80
CA ALA C 606 -25.62 5.46 26.51
C ALA C 606 -25.14 4.04 26.81
N GLU C 607 -26.07 3.14 27.08
CA GLU C 607 -25.75 1.76 27.44
C GLU C 607 -25.45 0.83 26.27
N VAL C 608 -25.56 1.30 25.02
CA VAL C 608 -25.24 0.44 23.88
C VAL C 608 -23.99 0.92 23.20
N VAL C 609 -23.29 1.86 23.80
CA VAL C 609 -22.06 2.30 23.17
C VAL C 609 -20.99 1.26 23.43
N ASP C 610 -20.29 0.87 22.38
CA ASP C 610 -19.22 -0.11 22.44
C ASP C 610 -18.17 0.35 23.44
N PRO C 611 -17.55 -0.53 24.27
CA PRO C 611 -16.53 -0.17 25.24
C PRO C 611 -15.36 0.64 24.68
N SER C 612 -15.08 0.53 23.38
CA SER C 612 -13.99 1.29 22.78
C SER C 612 -14.41 2.71 22.36
N GLY C 613 -15.70 3.00 22.46
CA GLY C 613 -16.30 4.26 22.07
C GLY C 613 -16.58 5.19 23.23
N TYR C 614 -17.41 6.20 22.96
CA TYR C 614 -17.76 7.25 23.91
C TYR C 614 -19.22 7.59 24.07
N ALA C 615 -19.55 7.97 25.27
CA ALA C 615 -20.84 8.54 25.57
C ALA C 615 -20.62 10.02 25.81
N VAL C 616 -21.44 10.87 25.23
CA VAL C 616 -21.34 12.30 25.41
C VAL C 616 -22.51 12.79 26.23
N LEU C 617 -22.22 13.27 27.43
CA LEU C 617 -23.24 13.65 28.37
C LEU C 617 -23.25 15.13 28.69
N ASN C 618 -24.42 15.63 29.03
CA ASN C 618 -24.63 17.01 29.45
C ASN C 618 -24.41 17.15 30.95
N ALA C 619 -23.32 17.81 31.36
CA ALA C 619 -22.96 17.92 32.78
C ALA C 619 -23.82 18.91 33.53
N ASP C 620 -24.62 19.68 32.81
CA ASP C 620 -25.50 20.67 33.41
C ASP C 620 -26.90 20.10 33.65
N ASP C 621 -27.10 18.81 33.34
CA ASP C 621 -28.37 18.12 33.49
C ASP C 621 -28.25 16.98 34.50
N PRO C 622 -28.81 17.08 35.71
CA PRO C 622 -28.73 16.10 36.79
C PRO C 622 -29.18 14.68 36.46
N LEU C 623 -30.07 14.48 35.49
CA LEU C 623 -30.48 13.12 35.19
C LEU C 623 -29.56 12.52 34.18
N VAL C 624 -29.03 13.37 33.30
CA VAL C 624 -28.14 12.91 32.26
C VAL C 624 -26.75 12.62 32.80
N ALA C 625 -26.21 13.49 33.64
CA ALA C 625 -24.88 13.28 34.20
C ALA C 625 -24.80 11.96 34.98
N ALA C 626 -25.89 11.60 35.62
CA ALA C 626 -26.04 10.41 36.45
C ALA C 626 -25.94 9.11 35.64
N MET C 627 -26.09 9.18 34.32
CA MET C 627 -26.06 8.00 33.47
C MET C 627 -24.65 7.47 33.35
N ALA C 628 -23.67 8.28 33.77
CA ALA C 628 -22.27 7.93 33.66
C ALA C 628 -21.93 6.67 34.43
N ASP C 629 -22.74 6.30 35.41
CA ASP C 629 -22.47 5.13 36.24
C ASP C 629 -23.04 3.84 35.65
N LYS C 630 -23.72 3.94 34.51
CA LYS C 630 -24.28 2.78 33.83
C LYS C 630 -23.44 2.46 32.60
N VAL C 631 -22.77 3.47 32.08
CA VAL C 631 -21.97 3.38 30.88
C VAL C 631 -20.70 2.54 31.02
N LYS C 632 -20.52 1.61 30.07
CA LYS C 632 -19.36 0.71 29.96
C LYS C 632 -18.25 1.30 29.07
N ALA C 633 -18.61 2.36 28.39
CA ALA C 633 -17.83 3.13 27.43
C ALA C 633 -17.13 4.28 28.14
N LYS C 634 -16.34 5.03 27.40
CA LYS C 634 -15.65 6.18 27.95
C LYS C 634 -16.65 7.33 28.03
N VAL C 635 -16.46 8.25 28.95
CA VAL C 635 -17.39 9.38 29.06
C VAL C 635 -16.74 10.71 28.81
N ALA C 636 -17.38 11.53 27.99
CA ALA C 636 -16.98 12.89 27.70
C ALA C 636 -18.12 13.79 28.14
N TYR C 637 -17.82 15.00 28.59
CA TYR C 637 -18.88 15.92 29.02
C TYR C 637 -18.89 17.25 28.37
N PHE C 638 -20.06 17.86 28.28
CA PHE C 638 -20.10 19.23 27.81
C PHE C 638 -20.91 20.09 28.76
N SER C 639 -20.60 21.38 28.80
CA SER C 639 -21.32 22.34 29.63
C SER C 639 -21.24 23.78 29.18
N MET C 640 -22.13 24.61 29.69
CA MET C 640 -22.16 26.04 29.41
C MET C 640 -21.53 26.86 30.52
N ASN C 641 -20.93 26.16 31.46
CA ASN C 641 -20.32 26.75 32.62
C ASN C 641 -19.02 26.04 32.95
N PRO C 642 -17.85 26.63 32.67
CA PRO C 642 -16.53 26.09 32.86
C PRO C 642 -16.20 25.69 34.28
N ASP C 643 -16.96 26.21 35.25
CA ASP C 643 -16.70 25.93 36.64
C ASP C 643 -17.54 24.79 37.20
N ASN C 644 -18.30 24.12 36.35
CA ASN C 644 -19.09 23.00 36.79
C ASN C 644 -18.15 21.97 37.43
N PRO C 645 -18.32 21.61 38.72
CA PRO C 645 -17.49 20.68 39.47
C PRO C 645 -17.24 19.35 38.80
N ILE C 646 -18.17 18.90 37.95
CA ILE C 646 -18.03 17.64 37.26
C ILE C 646 -16.92 17.73 36.24
N ILE C 647 -16.89 18.85 35.54
CA ILE C 647 -15.94 19.08 34.49
C ILE C 647 -14.58 19.18 35.09
N GLN C 648 -14.48 19.88 36.21
CA GLN C 648 -13.18 20.05 36.82
C GLN C 648 -12.63 18.73 37.35
N ALA C 649 -13.48 17.93 37.99
CA ALA C 649 -13.02 16.67 38.52
C ALA C 649 -12.56 15.74 37.42
N HIS C 650 -13.26 15.78 36.29
CA HIS C 650 -13.02 14.96 35.11
C HIS C 650 -11.74 15.32 34.37
N VAL C 651 -11.49 16.60 34.11
CA VAL C 651 -10.27 16.92 33.37
C VAL C 651 -9.02 16.64 34.23
N ARG C 652 -9.14 16.70 35.56
CA ARG C 652 -8.05 16.40 36.46
C ARG C 652 -7.61 14.92 36.41
N ARG C 653 -8.44 14.07 35.82
CA ARG C 653 -8.17 12.64 35.66
C ARG C 653 -7.85 12.36 34.20
N ASN C 654 -7.53 13.42 33.47
CA ASN C 654 -7.22 13.47 32.06
C ASN C 654 -8.38 13.08 31.12
N GLY C 655 -9.60 13.51 31.45
CA GLY C 655 -10.72 13.30 30.57
C GLY C 655 -10.82 14.44 29.56
N ILE C 656 -11.89 14.39 28.77
CA ILE C 656 -12.18 15.34 27.71
C ILE C 656 -13.51 16.03 27.96
N ALA C 657 -13.55 17.32 27.77
CA ALA C 657 -14.77 18.06 27.94
C ALA C 657 -14.86 19.23 26.99
N ALA C 658 -16.05 19.67 26.71
CA ALA C 658 -16.21 20.87 25.90
C ALA C 658 -16.97 21.90 26.68
N VAL C 659 -16.45 23.11 26.70
CA VAL C 659 -17.09 24.18 27.44
C VAL C 659 -17.23 25.45 26.65
N TYR C 660 -18.15 26.28 27.09
CA TYR C 660 -18.23 27.62 26.55
C TYR C 660 -17.54 28.59 27.49
N GLU C 661 -16.49 29.26 27.02
CA GLU C 661 -15.72 30.18 27.86
C GLU C 661 -15.16 31.35 27.08
N SER C 662 -15.14 32.53 27.69
CA SER C 662 -14.55 33.73 27.09
C SER C 662 -15.04 34.04 25.68
N GLY C 663 -16.28 33.71 25.36
CA GLY C 663 -16.81 33.95 24.02
C GLY C 663 -16.48 32.86 23.01
N TYR C 664 -15.73 31.86 23.44
CA TYR C 664 -15.28 30.74 22.61
C TYR C 664 -15.85 29.40 22.94
N LEU C 665 -15.96 28.60 21.92
CA LEU C 665 -16.30 27.22 22.09
C LEU C 665 -14.96 26.50 22.07
N SER C 666 -14.65 25.79 23.16
CA SER C 666 -13.35 25.16 23.28
C SER C 666 -13.38 23.77 23.90
N ILE C 667 -12.34 23.01 23.60
CA ILE C 667 -12.16 21.66 24.09
C ILE C 667 -11.04 21.56 25.11
N LEU C 668 -11.38 20.98 26.23
CA LEU C 668 -10.44 20.79 27.31
C LEU C 668 -9.95 19.37 27.27
N GLU C 669 -8.69 19.20 26.98
CA GLU C 669 -8.15 17.87 26.89
C GLU C 669 -7.01 17.75 27.87
N GLY C 670 -7.26 17.13 28.99
CA GLY C 670 -6.24 17.15 30.02
C GLY C 670 -6.00 18.58 30.44
N SER C 671 -4.74 19.01 30.48
CA SER C 671 -4.35 20.36 30.87
C SER C 671 -4.37 21.39 29.76
N TRP C 672 -4.61 20.97 28.52
CA TRP C 672 -4.55 21.87 27.38
C TRP C 672 -5.91 22.37 26.93
N THR C 673 -5.98 23.61 26.47
CA THR C 673 -7.23 24.14 25.94
C THR C 673 -7.15 24.39 24.45
N LEU C 674 -8.07 23.83 23.70
CA LEU C 674 -8.13 23.99 22.26
C LEU C 674 -9.31 24.86 21.87
N ARG C 675 -9.06 26.04 21.34
CA ARG C 675 -10.20 26.87 20.96
C ARG C 675 -10.63 26.53 19.56
N VAL C 676 -11.94 26.36 19.35
CA VAL C 676 -12.42 26.04 18.02
C VAL C 676 -12.81 27.31 17.33
N GLU C 677 -13.77 28.03 17.88
CA GLU C 677 -14.20 29.28 17.25
C GLU C 677 -14.95 30.18 18.24
N GLN C 678 -15.33 31.38 17.82
CA GLN C 678 -16.13 32.29 18.63
C GLN C 678 -17.60 32.09 18.39
N ALA C 679 -18.42 32.21 19.42
CA ALA C 679 -19.86 32.01 19.23
C ALA C 679 -20.46 32.99 18.23
N LYS C 680 -19.95 34.21 18.20
CA LYS C 680 -20.47 35.25 17.32
C LYS C 680 -20.21 34.99 15.85
N LEU C 681 -19.26 34.13 15.54
CA LEU C 681 -18.90 33.87 14.18
C LEU C 681 -19.48 32.57 13.65
N ILE C 682 -20.35 31.93 14.43
CA ILE C 682 -20.96 30.69 13.99
C ILE C 682 -22.42 30.99 13.71
N PRO C 683 -22.87 31.05 12.43
CA PRO C 683 -24.20 31.47 11.98
C PRO C 683 -25.42 30.81 12.62
N MET C 684 -25.32 29.57 13.10
CA MET C 684 -26.49 28.93 13.69
C MET C 684 -26.82 29.55 15.03
N THR C 685 -25.83 30.19 15.64
CA THR C 685 -26.01 30.80 16.92
C THR C 685 -26.38 32.21 16.54
N MET C 686 -27.45 32.73 17.07
CA MET C 686 -27.92 34.02 16.60
C MET C 686 -27.09 35.19 17.09
N GLY C 687 -25.85 35.30 16.62
CA GLY C 687 -24.93 36.36 17.01
C GLY C 687 -24.40 36.14 18.42
N GLY C 688 -24.52 34.93 18.91
CA GLY C 688 -24.14 34.59 20.26
C GLY C 688 -25.28 34.79 21.26
N MET C 689 -26.47 35.17 20.79
CA MET C 689 -27.60 35.47 21.66
C MET C 689 -28.60 34.35 21.93
N ALA C 690 -28.30 33.13 21.50
CA ALA C 690 -29.19 31.98 21.66
C ALA C 690 -28.47 30.80 22.33
N PRO C 691 -28.41 30.75 23.68
CA PRO C 691 -27.69 29.78 24.49
C PRO C 691 -27.97 28.32 24.18
N PHE C 692 -29.18 28.04 23.74
CA PHE C 692 -29.57 26.69 23.40
C PHE C 692 -28.93 26.23 22.09
N MET C 693 -28.56 27.18 21.23
CA MET C 693 -27.92 26.84 19.99
C MET C 693 -26.45 26.60 20.24
N ILE C 694 -25.92 27.30 21.25
CA ILE C 694 -24.52 27.15 21.62
C ILE C 694 -24.33 25.76 22.19
N ALA C 695 -25.25 25.34 23.06
CA ALA C 695 -25.17 24.03 23.66
C ALA C 695 -25.21 22.90 22.62
N ASN C 696 -25.98 23.06 21.55
CA ASN C 696 -26.03 22.04 20.51
C ASN C 696 -24.75 22.01 19.70
N ALA C 697 -24.17 23.19 19.46
CA ALA C 697 -22.91 23.26 18.76
C ALA C 697 -21.80 22.59 19.58
N LEU C 698 -21.84 22.72 20.90
CA LEU C 698 -20.82 22.08 21.72
C LEU C 698 -20.92 20.58 21.66
N ALA C 699 -22.13 20.04 21.69
CA ALA C 699 -22.32 18.60 21.62
C ALA C 699 -21.84 18.01 20.31
N ALA C 700 -22.12 18.70 19.18
CA ALA C 700 -21.68 18.22 17.88
C ALA C 700 -20.17 18.28 17.72
N CYS C 701 -19.54 19.33 18.24
CA CYS C 701 -18.10 19.47 18.13
C CYS C 701 -17.38 18.41 18.95
N LEU C 702 -17.90 18.13 20.14
CA LEU C 702 -17.28 17.15 20.99
C LEU C 702 -17.43 15.76 20.41
N ALA C 703 -18.60 15.41 19.84
CA ALA C 703 -18.76 14.09 19.24
C ALA C 703 -17.81 13.89 18.05
N ALA C 704 -17.63 14.93 17.23
CA ALA C 704 -16.72 14.85 16.09
C ALA C 704 -15.27 14.69 16.54
N PHE C 705 -14.90 15.38 17.62
CA PHE C 705 -13.56 15.33 18.18
C PHE C 705 -13.21 13.98 18.78
N VAL C 706 -14.09 13.42 19.61
CA VAL C 706 -13.77 12.16 20.26
C VAL C 706 -13.74 11.01 19.28
N ASN C 707 -14.40 11.15 18.14
CA ASN C 707 -14.37 10.12 17.13
C ASN C 707 -13.24 10.33 16.12
N GLY C 708 -12.30 11.24 16.39
CA GLY C 708 -11.13 11.40 15.55
C GLY C 708 -11.06 12.51 14.49
N LEU C 709 -12.02 13.43 14.39
CA LEU C 709 -11.80 14.45 13.36
C LEU C 709 -10.91 15.54 13.89
N ASP C 710 -10.16 16.16 12.98
CA ASP C 710 -9.27 17.27 13.32
C ASP C 710 -10.04 18.53 13.62
N VAL C 711 -9.42 19.43 14.37
CA VAL C 711 -10.03 20.68 14.77
C VAL C 711 -10.28 21.59 13.59
N GLU C 712 -9.38 21.61 12.62
CA GLU C 712 -9.56 22.48 11.49
C GLU C 712 -10.80 22.07 10.68
N VAL C 713 -11.07 20.76 10.61
CA VAL C 713 -12.25 20.26 9.90
C VAL C 713 -13.49 20.71 10.64
N ILE C 714 -13.44 20.63 11.97
CA ILE C 714 -14.56 21.03 12.79
C ILE C 714 -14.83 22.53 12.60
N ARG C 715 -13.79 23.38 12.56
CA ARG C 715 -13.98 24.81 12.33
C ARG C 715 -14.62 25.12 11.00
N GLN C 716 -14.19 24.44 9.96
CA GLN C 716 -14.76 24.66 8.66
C GLN C 716 -16.24 24.33 8.66
N GLY C 717 -16.60 23.21 9.30
CA GLY C 717 -17.97 22.79 9.39
C GLY C 717 -18.87 23.74 10.16
N VAL C 718 -18.43 24.29 11.30
CA VAL C 718 -19.34 25.17 12.01
C VAL C 718 -19.50 26.52 11.30
N ARG C 719 -18.45 27.02 10.67
CA ARG C 719 -18.47 28.29 9.97
C ARG C 719 -19.39 28.34 8.76
N THR C 720 -19.59 27.23 8.08
CA THR C 720 -20.42 27.22 6.88
C THR C 720 -21.80 26.60 7.06
N PHE C 721 -22.17 26.23 8.27
CA PHE C 721 -23.46 25.58 8.46
C PHE C 721 -24.60 26.56 8.61
N THR C 722 -25.67 26.37 7.85
CA THR C 722 -26.81 27.25 7.99
C THR C 722 -28.09 26.53 8.31
N THR C 723 -28.97 27.29 8.95
CA THR C 723 -30.32 26.90 9.34
C THR C 723 -31.24 28.01 8.87
N SER C 724 -31.29 28.25 7.56
CA SER C 724 -32.05 29.37 7.06
C SER C 724 -33.51 29.03 6.89
N ALA C 725 -34.29 30.06 6.63
CA ALA C 725 -35.66 29.83 6.29
C ALA C 725 -35.61 29.00 5.03
N GLU C 726 -36.60 28.14 4.89
CA GLU C 726 -36.75 27.21 3.77
C GLU C 726 -35.73 26.05 3.81
N GLN C 727 -34.92 25.95 4.87
CA GLN C 727 -34.04 24.80 5.08
C GLN C 727 -34.53 24.11 6.34
N THR C 728 -34.78 24.92 7.36
CA THR C 728 -35.25 24.45 8.64
C THR C 728 -36.48 25.25 9.06
N PRO C 729 -37.63 25.08 8.40
CA PRO C 729 -38.79 25.88 8.68
C PRO C 729 -39.23 25.61 10.08
N GLY C 730 -39.58 26.66 10.80
CA GLY C 730 -40.08 26.54 12.16
C GLY C 730 -38.98 26.43 13.21
N ARG C 731 -37.71 26.52 12.80
CA ARG C 731 -36.63 26.40 13.76
C ARG C 731 -35.74 27.64 13.68
N MET C 732 -36.02 28.65 14.52
CA MET C 732 -35.36 29.94 14.49
C MET C 732 -35.29 30.64 13.13
N ASN C 733 -36.43 30.93 12.50
CA ASN C 733 -36.38 31.62 11.21
C ASN C 733 -36.56 33.12 11.45
N LEU C 734 -35.47 33.89 11.41
CA LEU C 734 -35.59 35.32 11.73
C LEU C 734 -35.70 36.15 10.46
N PHE C 735 -36.76 36.95 10.39
CA PHE C 735 -37.03 37.79 9.23
C PHE C 735 -36.92 39.29 9.57
N ASN C 736 -36.21 40.01 8.70
CA ASN C 736 -35.99 41.47 8.76
C ASN C 736 -37.00 42.20 7.87
N LEU C 737 -38.02 42.86 8.44
CA LEU C 737 -39.11 43.41 7.62
C LEU C 737 -39.38 44.91 7.88
N GLY C 738 -38.54 45.77 7.29
CA GLY C 738 -38.59 47.22 7.57
C GLY C 738 -37.95 47.42 8.92
N GLN C 739 -38.31 48.47 9.66
CA GLN C 739 -37.65 48.66 10.96
C GLN C 739 -38.36 47.80 12.00
N HIS C 740 -38.28 46.51 11.80
CA HIS C 740 -38.97 45.52 12.58
C HIS C 740 -38.43 44.12 12.30
N HIS C 741 -38.34 43.30 13.33
CA HIS C 741 -37.97 41.92 13.10
C HIS C 741 -38.98 40.99 13.70
N ALA C 742 -39.09 39.82 13.10
CA ALA C 742 -39.97 38.82 13.65
C ALA C 742 -39.39 37.43 13.43
N LEU C 743 -39.62 36.59 14.41
CA LEU C 743 -39.06 35.25 14.45
C LEU C 743 -40.11 34.16 14.40
N VAL C 744 -39.96 33.21 13.49
CA VAL C 744 -40.90 32.10 13.46
C VAL C 744 -40.22 30.84 14.02
N ASP C 745 -40.86 30.24 15.02
CA ASP C 745 -40.32 29.02 15.64
C ASP C 745 -41.46 28.08 15.98
N TYR C 746 -41.17 26.94 16.57
CA TYR C 746 -42.23 26.00 16.88
C TYR C 746 -41.92 25.23 18.15
N ALA C 747 -42.17 25.87 19.27
CA ALA C 747 -41.94 25.28 20.56
C ALA C 747 -43.07 24.28 20.80
N HIS C 748 -42.81 23.23 21.56
CA HIS C 748 -43.86 22.27 21.86
C HIS C 748 -44.02 22.20 23.36
N ASN C 749 -43.06 21.61 24.03
CA ASN C 749 -43.09 21.60 25.47
C ASN C 749 -42.57 22.94 25.93
N PRO C 750 -42.85 23.38 27.18
CA PRO C 750 -42.43 24.62 27.78
C PRO C 750 -40.95 24.92 27.68
N ALA C 751 -40.06 23.90 27.59
CA ALA C 751 -38.65 24.24 27.52
C ALA C 751 -38.36 25.07 26.28
N GLY C 752 -39.15 24.89 25.21
CA GLY C 752 -38.91 25.64 24.01
C GLY C 752 -39.47 27.04 24.05
N TYR C 753 -40.33 27.32 25.02
CA TYR C 753 -40.88 28.64 25.13
C TYR C 753 -39.85 29.42 25.91
N ARG C 754 -39.19 28.73 26.85
CA ARG C 754 -38.14 29.36 27.61
C ARG C 754 -36.90 29.57 26.73
N ALA C 755 -36.53 28.58 25.91
CA ALA C 755 -35.36 28.74 25.07
C ALA C 755 -35.52 29.92 24.12
N VAL C 756 -36.70 30.07 23.54
CA VAL C 756 -36.92 31.19 22.65
C VAL C 756 -36.96 32.47 23.47
N GLY C 757 -37.60 32.45 24.64
CA GLY C 757 -37.67 33.63 25.47
C GLY C 757 -36.28 34.19 25.81
N ASP C 758 -35.29 33.32 26.02
CA ASP C 758 -33.93 33.82 26.32
C ASP C 758 -33.36 34.55 25.11
N PHE C 759 -33.62 34.05 23.91
CA PHE C 759 -33.18 34.76 22.71
C PHE C 759 -33.79 36.16 22.69
N VAL C 760 -35.08 36.24 22.99
CA VAL C 760 -35.79 37.52 22.96
C VAL C 760 -35.23 38.50 23.98
N LYS C 761 -34.93 38.02 25.19
CA LYS C 761 -34.37 38.86 26.25
C LYS C 761 -33.09 39.54 25.78
N ASN C 762 -32.33 38.84 24.94
CA ASN C 762 -31.07 39.35 24.44
C ASN C 762 -31.20 40.15 23.15
N TRP C 763 -32.42 40.42 22.69
CA TRP C 763 -32.60 41.18 21.46
C TRP C 763 -32.13 42.62 21.62
N GLN C 764 -31.22 43.04 20.75
CA GLN C 764 -30.65 44.37 20.83
C GLN C 764 -31.45 45.36 20.01
N GLY C 765 -32.63 45.67 20.51
CA GLY C 765 -33.57 46.54 19.81
C GLY C 765 -34.54 47.17 20.78
N GLN C 766 -35.81 47.23 20.40
CA GLN C 766 -36.80 47.89 21.25
C GLN C 766 -37.81 46.97 21.94
N ARG C 767 -39.07 47.00 21.50
CA ARG C 767 -40.12 46.23 22.21
C ARG C 767 -40.08 44.76 21.88
N PHE C 768 -40.49 43.94 22.85
CA PHE C 768 -40.55 42.50 22.71
C PHE C 768 -42.00 42.05 22.66
N GLY C 769 -42.44 41.50 21.54
CA GLY C 769 -43.82 41.06 21.46
C GLY C 769 -43.96 39.60 21.15
N VAL C 770 -45.07 39.04 21.58
CA VAL C 770 -45.37 37.65 21.29
C VAL C 770 -46.73 37.53 20.62
N VAL C 771 -46.74 36.76 19.56
CA VAL C 771 -47.88 36.54 18.71
C VAL C 771 -48.12 35.06 18.39
N GLY C 772 -48.23 34.27 19.43
CA GLY C 772 -48.45 32.84 19.28
C GLY C 772 -48.69 32.19 20.63
N GLY C 773 -48.78 30.86 20.64
CA GLY C 773 -49.08 30.11 21.84
C GLY C 773 -49.40 28.64 21.54
N PRO C 774 -49.72 27.85 22.58
CA PRO C 774 -50.04 26.43 22.54
C PRO C 774 -51.40 26.15 21.93
N GLY C 775 -51.57 24.92 21.43
CA GLY C 775 -52.85 24.47 20.94
C GLY C 775 -53.57 23.73 22.07
N ASP C 776 -54.60 22.95 21.73
CA ASP C 776 -55.40 22.28 22.77
C ASP C 776 -54.94 20.85 23.07
N ARG C 777 -53.81 20.47 22.49
CA ARG C 777 -53.25 19.13 22.68
C ARG C 777 -52.35 19.02 23.90
N ARG C 778 -52.18 20.13 24.60
CA ARG C 778 -51.34 20.17 25.78
C ARG C 778 -52.08 19.78 27.06
N ASP C 779 -51.28 19.39 28.05
CA ASP C 779 -51.72 19.04 29.39
C ASP C 779 -51.93 20.36 30.12
N SER C 780 -52.31 20.34 31.38
CA SER C 780 -52.61 21.59 32.08
C SER C 780 -51.36 22.41 32.45
N ASP C 781 -50.69 22.93 31.42
CA ASP C 781 -49.46 23.70 31.52
C ASP C 781 -49.65 25.08 30.87
N LEU C 782 -50.91 25.45 30.63
CA LEU C 782 -51.20 26.72 29.99
C LEU C 782 -50.81 27.87 30.89
N ILE C 783 -51.00 27.70 32.20
CA ILE C 783 -50.64 28.78 33.11
C ILE C 783 -49.13 28.93 33.08
N GLU C 784 -48.39 27.81 33.08
CA GLU C 784 -46.93 27.86 33.03
C GLU C 784 -46.47 28.60 31.78
N LEU C 785 -47.10 28.31 30.64
CA LEU C 785 -46.72 28.97 29.40
C LEU C 785 -47.04 30.46 29.47
N GLY C 786 -48.16 30.81 30.11
CA GLY C 786 -48.52 32.20 30.30
C GLY C 786 -47.49 32.88 31.21
N GLN C 787 -47.05 32.20 32.27
CA GLN C 787 -46.06 32.77 33.17
C GLN C 787 -44.76 33.02 32.43
N ILE C 788 -44.39 32.12 31.50
CA ILE C 788 -43.15 32.35 30.73
C ILE C 788 -43.27 33.61 29.89
N ALA C 789 -44.39 33.78 29.16
CA ALA C 789 -44.51 34.97 28.28
C ALA C 789 -44.43 36.26 29.07
N ALA C 790 -45.02 36.25 30.27
CA ALA C 790 -45.07 37.40 31.16
C ALA C 790 -43.71 37.83 31.69
N GLN C 791 -42.72 36.93 31.60
CA GLN C 791 -41.39 37.23 32.10
C GLN C 791 -40.47 37.72 31.00
N VAL C 792 -40.95 37.68 29.77
CA VAL C 792 -40.12 38.03 28.63
C VAL C 792 -40.62 39.22 27.82
N PHE C 793 -41.91 39.23 27.49
CA PHE C 793 -42.44 40.18 26.53
C PHE C 793 -43.20 41.37 27.16
N ASP C 794 -43.19 42.54 26.48
CA ASP C 794 -43.98 43.70 26.92
C ASP C 794 -45.20 43.98 26.01
N ARG C 795 -45.35 43.16 24.97
CA ARG C 795 -46.52 43.17 24.09
C ARG C 795 -47.04 41.75 24.00
N ILE C 796 -47.95 41.38 24.89
CA ILE C 796 -48.43 40.01 24.87
C ILE C 796 -49.86 39.95 24.43
N ILE C 797 -50.11 39.40 23.25
CA ILE C 797 -51.47 39.32 22.78
C ILE C 797 -51.89 37.86 22.73
N VAL C 798 -53.01 37.56 23.37
CA VAL C 798 -53.49 36.18 23.46
C VAL C 798 -54.32 35.77 22.23
N LYS C 799 -53.98 34.59 21.69
CA LYS C 799 -54.58 34.09 20.45
C LYS C 799 -55.33 32.75 20.50
N GLU C 800 -55.38 32.09 21.63
CA GLU C 800 -55.84 30.71 21.65
C GLU C 800 -57.35 30.39 21.57
N ASP C 801 -57.87 30.65 20.37
CA ASP C 801 -59.21 30.36 19.87
C ASP C 801 -59.01 30.35 18.35
N ASP C 802 -58.44 29.25 17.88
CA ASP C 802 -57.91 29.04 16.55
C ASP C 802 -58.90 28.38 15.59
N ASP C 803 -58.37 27.83 14.48
CA ASP C 803 -59.21 27.20 13.47
C ASP C 803 -59.55 25.75 13.86
N LYS C 804 -58.64 25.08 14.58
CA LYS C 804 -58.84 23.68 14.95
C LYS C 804 -59.82 23.51 16.11
N ARG C 805 -59.70 24.34 17.14
CA ARG C 805 -60.60 24.30 18.29
C ARG C 805 -60.80 22.89 18.82
N GLY C 806 -59.70 22.23 19.18
CA GLY C 806 -59.76 20.85 19.65
C GLY C 806 -60.70 20.71 20.85
N ARG C 807 -60.73 21.73 21.71
CA ARG C 807 -61.65 21.68 22.84
C ARG C 807 -62.43 22.99 22.96
N SER C 808 -63.74 22.87 22.86
CA SER C 808 -64.66 24.01 22.95
C SER C 808 -64.28 25.18 22.04
N GLU C 809 -64.08 26.38 22.61
CA GLU C 809 -63.76 27.58 21.84
C GLU C 809 -62.53 28.34 22.39
N GLY C 810 -62.77 29.41 23.15
CA GLY C 810 -61.73 30.31 23.64
C GLY C 810 -61.20 30.06 25.06
N GLU C 811 -61.57 28.95 25.69
CA GLU C 811 -61.15 28.68 27.06
C GLU C 811 -59.62 28.59 27.20
N THR C 812 -58.93 28.10 26.18
CA THR C 812 -57.49 28.00 26.23
C THR C 812 -56.91 29.41 26.38
N ALA C 813 -57.42 30.36 25.56
CA ALA C 813 -56.99 31.75 25.66
C ALA C 813 -57.29 32.32 27.04
N ASP C 814 -58.43 31.98 27.64
CA ASP C 814 -58.71 32.52 28.97
C ASP C 814 -57.73 32.00 30.02
N LEU C 815 -57.32 30.74 29.90
CA LEU C 815 -56.37 30.16 30.84
C LEU C 815 -55.00 30.80 30.68
N ILE C 816 -54.62 31.13 29.44
CA ILE C 816 -53.36 31.85 29.23
C ILE C 816 -53.46 33.20 29.90
N VAL C 817 -54.61 33.89 29.76
CA VAL C 817 -54.78 35.19 30.37
C VAL C 817 -54.64 35.08 31.89
N LYS C 818 -55.24 34.07 32.50
CA LYS C 818 -55.07 33.95 33.93
C LYS C 818 -53.60 33.83 34.31
N GLY C 819 -52.81 33.04 33.56
CA GLY C 819 -51.39 32.89 33.84
C GLY C 819 -50.58 34.19 33.65
N ILE C 820 -50.76 34.86 32.51
CA ILE C 820 -49.93 36.02 32.19
C ILE C 820 -50.21 37.20 33.12
N LEU C 821 -51.45 37.34 33.60
CA LEU C 821 -51.79 38.44 34.50
C LEU C 821 -51.46 38.11 35.95
N GLN C 822 -51.07 36.86 36.21
CA GLN C 822 -50.74 36.43 37.54
C GLN C 822 -49.31 36.81 37.81
N GLU C 823 -48.48 36.53 36.82
CA GLU C 823 -47.06 36.78 36.90
C GLU C 823 -46.69 38.25 36.73
N ASN C 824 -47.32 38.95 35.77
CA ASN C 824 -46.93 40.33 35.51
C ASN C 824 -47.97 41.11 34.69
N PRO C 825 -48.99 41.74 35.30
CA PRO C 825 -50.08 42.42 34.61
C PRO C 825 -49.67 43.81 34.08
N GLY C 826 -48.65 43.83 33.21
CA GLY C 826 -48.09 45.06 32.65
C GLY C 826 -47.56 44.99 31.20
N ALA C 827 -48.14 44.13 30.34
CA ALA C 827 -47.68 43.96 28.94
C ALA C 827 -48.78 44.15 27.90
N SER C 828 -49.64 45.16 28.10
CA SER C 828 -50.70 45.46 27.14
C SER C 828 -51.47 44.19 26.76
N TYR C 829 -52.01 43.52 27.77
CA TYR C 829 -52.60 42.20 27.58
C TYR C 829 -53.95 42.08 26.90
N GLU C 830 -53.92 42.34 25.61
CA GLU C 830 -55.04 42.21 24.72
C GLU C 830 -55.23 40.76 24.34
N VAL C 831 -56.47 40.36 24.15
CA VAL C 831 -56.76 39.04 23.61
C VAL C 831 -57.35 39.37 22.26
N ILE C 832 -56.83 38.77 21.20
CA ILE C 832 -57.29 39.12 19.86
C ILE C 832 -57.92 37.93 19.14
N LEU C 833 -57.37 36.73 19.40
CA LEU C 833 -57.78 35.43 18.83
C LEU C 833 -57.51 35.23 17.32
N ASP C 834 -57.69 36.27 16.51
CA ASP C 834 -57.39 36.06 15.10
C ASP C 834 -55.91 36.22 14.82
N GLU C 835 -55.24 35.06 14.83
CA GLU C 835 -53.80 34.92 14.67
C GLU C 835 -53.29 35.15 13.25
N THR C 836 -54.19 35.21 12.26
CA THR C 836 -53.73 35.29 10.88
C THR C 836 -53.89 36.67 10.22
N ILE C 837 -54.98 37.39 10.48
CA ILE C 837 -55.12 38.69 9.82
C ILE C 837 -55.18 39.86 10.79
N ALA C 838 -54.74 39.65 12.01
CA ALA C 838 -54.74 40.71 13.01
C ALA C 838 -53.49 40.65 13.88
N LEU C 839 -53.35 39.56 14.64
CA LEU C 839 -52.27 39.43 15.61
C LEU C 839 -50.89 39.61 14.99
N ASN C 840 -50.73 38.99 13.84
CA ASN C 840 -49.50 38.95 13.08
C ASN C 840 -49.53 39.89 11.89
N LYS C 841 -50.49 40.80 11.88
CA LYS C 841 -50.57 41.74 10.78
C LYS C 841 -50.29 43.15 11.31
N ALA C 842 -50.87 43.48 12.49
CA ALA C 842 -50.66 44.83 13.07
C ALA C 842 -49.34 44.87 13.84
N LEU C 843 -48.26 44.68 13.11
CA LEU C 843 -46.97 44.57 13.75
C LEU C 843 -46.28 45.88 13.97
N ASP C 844 -46.86 46.96 13.48
CA ASP C 844 -46.28 48.28 13.61
C ASP C 844 -46.68 48.91 14.94
N GLN C 845 -47.34 48.11 15.80
CA GLN C 845 -47.65 48.50 17.16
C GLN C 845 -46.36 48.46 17.98
N VAL C 846 -45.37 47.75 17.42
CA VAL C 846 -44.04 47.53 17.95
C VAL C 846 -43.11 48.66 17.50
N GLU C 847 -42.32 49.16 18.45
CA GLU C 847 -41.36 50.24 18.20
C GLU C 847 -40.28 49.80 17.23
N GLU C 848 -39.68 50.77 16.56
CA GLU C 848 -38.68 50.49 15.55
C GLU C 848 -37.58 49.62 16.08
N LYS C 849 -37.30 48.58 15.30
CA LYS C 849 -36.32 47.54 15.57
C LYS C 849 -36.72 46.68 16.79
N GLY C 850 -38.01 46.56 17.07
CA GLY C 850 -38.42 45.66 18.12
C GLY C 850 -38.46 44.26 17.52
N LEU C 851 -38.82 43.28 18.33
CA LEU C 851 -38.87 41.88 17.90
C LEU C 851 -40.17 41.21 18.25
N VAL C 852 -40.77 40.58 17.26
CA VAL C 852 -41.99 39.82 17.48
C VAL C 852 -41.79 38.30 17.28
N VAL C 853 -42.18 37.53 18.28
CA VAL C 853 -42.02 36.08 18.20
C VAL C 853 -43.31 35.33 17.94
N VAL C 854 -43.29 34.54 16.88
CA VAL C 854 -44.43 33.81 16.45
C VAL C 854 -44.29 32.35 16.86
N PHE C 855 -45.31 31.85 17.54
CA PHE C 855 -45.41 30.45 17.97
C PHE C 855 -46.76 29.98 17.41
N PRO C 856 -46.83 29.72 16.10
CA PRO C 856 -48.02 29.48 15.31
C PRO C 856 -48.50 28.07 15.52
N GLU C 857 -49.73 27.77 15.13
CA GLU C 857 -50.15 26.37 15.08
C GLU C 857 -49.42 25.69 13.91
N SER C 858 -49.25 26.44 12.82
CA SER C 858 -48.59 25.96 11.61
C SER C 858 -47.57 26.97 11.08
N VAL C 859 -46.31 26.53 11.00
CA VAL C 859 -45.23 27.41 10.54
C VAL C 859 -45.36 27.70 9.06
N THR C 860 -45.92 26.77 8.31
CA THR C 860 -46.11 26.96 6.88
C THR C 860 -46.91 28.23 6.64
N ARG C 861 -47.94 28.46 7.45
CA ARG C 861 -48.73 29.67 7.29
C ARG C 861 -47.94 30.84 7.85
N ALA C 862 -47.29 30.68 9.00
CA ALA C 862 -46.58 31.80 9.62
C ALA C 862 -45.51 32.39 8.71
N ILE C 863 -44.82 31.56 7.95
CA ILE C 863 -43.76 32.08 7.09
C ILE C 863 -44.32 32.63 5.78
N ASP C 864 -45.60 32.38 5.49
CA ASP C 864 -46.24 32.89 4.27
C ASP C 864 -46.82 34.26 4.60
N LEU C 865 -47.30 34.39 5.84
CA LEU C 865 -47.88 35.61 6.37
C LEU C 865 -46.82 36.64 6.71
N ILE C 866 -45.70 36.23 7.29
CA ILE C 866 -44.69 37.20 7.70
C ILE C 866 -44.20 37.97 6.46
N LYS C 867 -44.18 37.29 5.32
CA LYS C 867 -43.74 37.78 4.04
C LYS C 867 -44.58 38.94 3.47
N VAL C 868 -45.76 39.21 4.01
CA VAL C 868 -46.61 40.28 3.49
C VAL C 868 -45.96 41.64 3.71
N ARG C 869 -44.98 41.71 4.62
CA ARG C 869 -44.27 42.94 4.90
C ARG C 869 -43.02 43.13 4.04
N ASN C 870 -42.78 42.24 3.07
CA ASN C 870 -41.61 42.34 2.20
C ASN C 870 -40.27 42.24 2.95
N PRO C 871 -39.91 41.05 3.49
CA PRO C 871 -38.68 40.82 4.22
C PRO C 871 -37.48 40.94 3.32
N ILE C 872 -36.38 41.34 3.92
CA ILE C 872 -35.09 41.49 3.27
C ILE C 872 -34.36 40.16 3.14
N MET D 1 -3.05 -31.02 -61.11
CA MET D 1 -2.50 -30.43 -59.91
C MET D 1 -3.04 -31.09 -58.67
N LYS D 2 -2.15 -31.61 -57.85
CA LYS D 2 -2.58 -32.25 -56.61
C LYS D 2 -2.07 -31.53 -55.37
N ILE D 3 -2.86 -31.53 -54.31
CA ILE D 3 -2.40 -30.97 -53.05
C ILE D 3 -1.89 -32.11 -52.19
N LEU D 4 -0.63 -32.01 -51.79
CA LEU D 4 0.02 -33.06 -51.04
C LEU D 4 -0.09 -32.83 -49.55
N LYS D 5 0.04 -31.56 -49.16
CA LYS D 5 0.05 -31.23 -47.73
C LYS D 5 -0.48 -29.84 -47.42
N THR D 6 -1.21 -29.68 -46.31
CA THR D 6 -1.64 -28.33 -45.92
C THR D 6 -1.30 -28.01 -44.46
N LEU D 7 -0.71 -26.83 -44.22
CA LEU D 7 -0.41 -26.35 -42.87
C LEU D 7 -1.13 -25.05 -42.58
N THR D 8 -1.60 -24.89 -41.37
CA THR D 8 -2.22 -23.63 -40.96
C THR D 8 -1.35 -22.99 -39.90
N LEU D 9 -0.89 -21.77 -40.15
CA LEU D 9 -0.01 -21.10 -39.23
C LEU D 9 -0.79 -20.07 -38.45
N ARG D 10 -0.55 -20.02 -37.15
CA ARG D 10 -1.22 -19.08 -36.27
C ARG D 10 -0.27 -18.38 -35.31
N GLY D 11 0.49 -17.45 -35.81
CA GLY D 11 1.49 -16.76 -34.99
C GLY D 11 2.70 -16.47 -35.83
N PRO D 12 3.70 -15.72 -35.32
CA PRO D 12 4.92 -15.34 -36.01
C PRO D 12 5.58 -16.56 -36.53
N ASN D 13 6.08 -16.48 -37.74
CA ASN D 13 6.62 -17.64 -38.39
C ASN D 13 7.71 -17.30 -39.38
N TYR D 14 8.16 -18.34 -40.05
CA TYR D 14 9.18 -18.32 -41.06
C TYR D 14 8.88 -17.39 -42.23
N TRP D 15 7.63 -17.37 -42.72
CA TRP D 15 7.27 -16.59 -43.88
C TRP D 15 7.09 -15.12 -43.55
N SER D 16 6.56 -14.86 -42.36
CA SER D 16 6.36 -13.50 -41.91
C SER D 16 6.18 -13.38 -40.41
N ILE D 17 6.69 -12.30 -39.83
CA ILE D 17 6.48 -12.04 -38.40
C ILE D 17 5.12 -11.42 -38.17
N ARG D 18 4.77 -10.46 -39.01
CA ARG D 18 3.49 -9.76 -38.94
C ARG D 18 2.30 -10.56 -39.51
N ARG D 19 2.52 -11.35 -40.54
CA ARG D 19 1.39 -12.06 -41.12
C ARG D 19 1.27 -13.38 -40.39
N LYS D 20 0.49 -13.31 -39.32
CA LYS D 20 0.29 -14.39 -38.40
C LYS D 20 -0.62 -15.49 -38.93
N LYS D 21 -1.60 -15.11 -39.75
CA LYS D 21 -2.59 -16.06 -40.29
C LYS D 21 -2.33 -16.48 -41.72
N LEU D 22 -1.66 -17.60 -41.89
CA LEU D 22 -1.27 -18.07 -43.22
C LEU D 22 -1.57 -19.52 -43.45
N ILE D 23 -1.87 -19.85 -44.69
CA ILE D 23 -2.02 -21.22 -45.13
C ILE D 23 -0.93 -21.57 -46.08
N VAL D 24 -0.26 -22.66 -45.79
CA VAL D 24 0.81 -23.12 -46.62
C VAL D 24 0.39 -24.40 -47.29
N MET D 25 0.31 -24.36 -48.59
CA MET D 25 -0.13 -25.49 -49.36
C MET D 25 1.02 -26.07 -50.18
N ARG D 26 1.22 -27.37 -50.09
CA ARG D 26 2.26 -28.03 -50.86
C ARG D 26 1.61 -28.62 -52.10
N LEU D 27 1.85 -27.98 -53.24
CA LEU D 27 1.19 -28.26 -54.50
C LEU D 27 2.08 -28.94 -55.54
N ASP D 28 1.61 -30.08 -56.02
CA ASP D 28 2.32 -30.90 -57.00
C ASP D 28 1.84 -30.68 -58.44
N LEU D 29 2.61 -29.95 -59.25
CA LEU D 29 2.18 -29.66 -60.60
C LEU D 29 2.58 -30.83 -61.48
N GLU D 30 1.78 -31.90 -61.47
CA GLU D 30 2.11 -33.13 -62.19
C GLU D 30 2.20 -32.85 -63.69
N ASP D 31 1.29 -32.02 -64.14
CA ASP D 31 1.16 -31.43 -65.47
C ASP D 31 1.54 -30.01 -65.24
N LEU D 32 1.55 -29.18 -66.25
CA LEU D 32 1.72 -27.73 -66.09
C LEU D 32 3.11 -27.25 -65.68
N ALA D 33 3.88 -28.06 -64.95
CA ALA D 33 5.25 -27.71 -64.56
C ALA D 33 6.10 -27.46 -65.81
N GLU D 34 5.71 -28.12 -66.89
CA GLU D 34 6.35 -28.05 -68.18
C GLU D 34 5.57 -27.16 -69.18
N ARG D 35 4.49 -26.51 -68.74
CA ARG D 35 3.64 -25.72 -69.63
C ARG D 35 3.35 -24.33 -69.08
N PRO D 36 4.25 -23.35 -69.26
CA PRO D 36 4.21 -22.02 -68.69
C PRO D 36 3.21 -21.08 -69.33
N SER D 37 1.92 -21.36 -69.16
CA SER D 37 0.79 -20.53 -69.63
C SER D 37 0.56 -20.50 -71.14
N ASN D 38 1.59 -20.13 -71.88
CA ASN D 38 1.51 -19.98 -73.33
C ASN D 38 1.47 -21.31 -74.06
N SER D 39 1.71 -22.37 -73.32
CA SER D 39 1.68 -23.74 -73.79
C SER D 39 0.35 -24.40 -73.46
N ILE D 40 -0.59 -23.61 -72.94
CA ILE D 40 -1.91 -24.04 -72.59
C ILE D 40 -2.92 -23.20 -73.37
N PRO D 41 -3.37 -23.62 -74.56
CA PRO D 41 -4.21 -22.83 -75.42
C PRO D 41 -5.46 -22.39 -74.68
N GLY D 42 -5.79 -21.10 -74.79
CA GLY D 42 -6.99 -20.55 -74.16
C GLY D 42 -6.80 -20.08 -72.71
N PHE D 43 -5.64 -20.34 -72.09
CA PHE D 43 -5.47 -19.95 -70.69
C PHE D 43 -5.03 -18.50 -70.49
N TYR D 44 -5.91 -17.61 -70.81
CA TYR D 44 -5.73 -16.19 -70.58
C TYR D 44 -7.10 -15.60 -70.61
N GLU D 45 -7.79 -15.86 -71.71
CA GLU D 45 -9.14 -15.39 -71.88
C GLU D 45 -10.05 -16.13 -70.91
N GLY D 46 -9.85 -17.45 -70.76
CA GLY D 46 -10.67 -18.20 -69.81
C GLY D 46 -10.45 -17.69 -68.39
N LEU D 47 -9.21 -17.37 -68.06
CA LEU D 47 -8.96 -16.93 -66.70
C LEU D 47 -9.60 -15.57 -66.41
N ILE D 48 -9.45 -14.61 -67.34
CA ILE D 48 -10.03 -13.29 -67.11
C ILE D 48 -11.55 -13.28 -67.22
N LYS D 49 -12.17 -14.15 -68.03
CA LYS D 49 -13.62 -14.08 -68.07
C LYS D 49 -14.25 -14.79 -66.86
N VAL D 50 -13.60 -15.83 -66.31
CA VAL D 50 -14.16 -16.48 -65.13
C VAL D 50 -13.98 -15.59 -63.93
N LEU D 51 -12.79 -15.01 -63.79
CA LEU D 51 -12.50 -14.15 -62.67
C LEU D 51 -12.05 -12.76 -63.14
N PRO D 52 -12.95 -11.90 -63.66
CA PRO D 52 -12.69 -10.59 -64.25
C PRO D 52 -12.15 -9.59 -63.26
N SER D 53 -12.27 -9.93 -61.99
CA SER D 53 -11.81 -9.14 -60.88
C SER D 53 -10.30 -9.29 -60.62
N LEU D 54 -9.59 -10.22 -61.30
CA LEU D 54 -8.13 -10.39 -61.07
C LEU D 54 -7.36 -9.33 -61.80
N VAL D 55 -7.59 -8.09 -61.44
CA VAL D 55 -7.02 -6.94 -62.12
C VAL D 55 -6.11 -6.13 -61.24
N GLU D 56 -6.54 -5.83 -60.02
CA GLU D 56 -5.80 -4.98 -59.10
C GLU D 56 -4.51 -5.59 -58.57
N HIS D 57 -4.31 -6.89 -58.76
CA HIS D 57 -3.15 -7.62 -58.24
C HIS D 57 -1.85 -7.16 -58.91
N PHE D 58 -0.86 -6.64 -58.16
CA PHE D 58 0.39 -6.13 -58.74
C PHE D 58 1.40 -7.23 -58.99
N CYS D 59 1.32 -8.30 -58.23
CA CYS D 59 2.31 -9.35 -58.31
C CYS D 59 3.68 -8.71 -58.09
N SER D 60 4.69 -9.07 -58.88
CA SER D 60 6.03 -8.49 -58.74
C SER D 60 6.28 -7.16 -59.51
N PRO D 61 5.69 -6.82 -60.69
CA PRO D 61 6.04 -5.54 -61.39
C PRO D 61 5.84 -4.22 -60.63
N GLY D 62 5.05 -4.20 -59.56
CA GLY D 62 4.69 -3.06 -58.68
C GLY D 62 3.54 -2.05 -59.00
N TYR D 63 2.84 -2.21 -60.10
CA TYR D 63 1.74 -1.34 -60.48
C TYR D 63 0.47 -2.15 -60.82
N GLN D 64 -0.65 -1.46 -61.01
CA GLN D 64 -1.97 -2.08 -61.23
C GLN D 64 -2.10 -2.95 -62.46
N GLY D 65 -1.15 -2.89 -63.36
CA GLY D 65 -1.15 -3.74 -64.53
C GLY D 65 -0.16 -4.89 -64.36
N GLY D 66 0.32 -5.07 -63.14
CA GLY D 66 1.34 -6.06 -62.79
C GLY D 66 0.95 -7.52 -63.01
N PHE D 67 -0.17 -7.98 -62.46
CA PHE D 67 -0.51 -9.36 -62.70
C PHE D 67 -1.20 -9.35 -64.07
N LEU D 68 -1.61 -10.51 -64.58
CA LEU D 68 -2.19 -10.68 -65.93
C LEU D 68 -1.11 -10.49 -67.01
N GLU D 69 -0.30 -9.44 -66.93
CA GLU D 69 0.83 -9.26 -67.82
C GLU D 69 1.71 -10.49 -67.68
N ARG D 70 1.80 -10.99 -66.46
CA ARG D 70 2.62 -12.15 -66.18
C ARG D 70 1.97 -13.46 -66.62
N VAL D 71 0.72 -13.43 -67.08
CA VAL D 71 0.02 -14.62 -67.53
C VAL D 71 0.29 -14.68 -69.03
N LYS D 72 0.34 -13.50 -69.68
CA LYS D 72 0.72 -13.40 -71.10
C LYS D 72 2.17 -13.92 -71.29
N GLU D 73 3.01 -13.63 -70.29
CA GLU D 73 4.39 -14.08 -70.19
C GLU D 73 4.37 -15.51 -69.65
N GLY D 74 5.45 -16.24 -69.80
CA GLY D 74 5.46 -17.64 -69.36
C GLY D 74 5.49 -17.93 -67.84
N THR D 75 4.42 -17.57 -67.14
CA THR D 75 4.26 -17.88 -65.71
C THR D 75 3.63 -19.25 -65.52
N TYR D 76 4.16 -20.00 -64.58
CA TYR D 76 3.70 -21.34 -64.26
C TYR D 76 2.50 -21.31 -63.32
N MET D 77 1.69 -22.34 -63.41
CA MET D 77 0.42 -22.42 -62.70
C MET D 77 0.49 -22.35 -61.19
N GLY D 78 1.58 -22.77 -60.58
CA GLY D 78 1.66 -22.71 -59.13
C GLY D 78 1.64 -21.27 -58.64
N HIS D 79 1.97 -20.28 -59.47
CA HIS D 79 1.95 -18.85 -59.08
C HIS D 79 0.60 -18.23 -59.33
N ILE D 80 -0.28 -18.91 -60.06
CA ILE D 80 -1.59 -18.43 -60.45
C ILE D 80 -2.65 -18.88 -59.45
N VAL D 81 -2.59 -20.13 -58.97
CA VAL D 81 -3.62 -20.60 -58.02
C VAL D 81 -3.54 -19.75 -56.75
N GLU D 82 -2.40 -19.14 -56.54
CA GLU D 82 -2.17 -18.30 -55.36
C GLU D 82 -2.95 -17.01 -55.47
N HIS D 83 -3.18 -16.50 -56.68
CA HIS D 83 -3.84 -15.19 -56.87
C HIS D 83 -5.34 -15.48 -56.97
N VAL D 84 -5.71 -16.73 -57.28
CA VAL D 84 -7.09 -17.13 -57.31
C VAL D 84 -7.57 -17.38 -55.88
N ALA D 85 -6.78 -18.07 -55.04
CA ALA D 85 -7.23 -18.27 -53.66
C ALA D 85 -7.44 -16.93 -52.96
N LEU D 86 -6.58 -15.95 -53.19
CA LEU D 86 -6.79 -14.68 -52.55
C LEU D 86 -8.04 -13.99 -53.07
N GLU D 87 -8.27 -14.08 -54.38
CA GLU D 87 -9.41 -13.41 -55.00
C GLU D 87 -10.74 -14.03 -54.59
N LEU D 88 -10.79 -15.34 -54.46
CA LEU D 88 -12.03 -15.97 -54.07
C LEU D 88 -12.43 -15.51 -52.68
N GLN D 89 -11.47 -15.24 -51.79
CA GLN D 89 -11.84 -14.75 -50.47
C GLN D 89 -12.30 -13.28 -50.54
N GLU D 90 -11.66 -12.48 -51.41
CA GLU D 90 -12.00 -11.06 -51.56
C GLU D 90 -13.43 -10.90 -52.09
N LEU D 91 -13.85 -11.81 -52.97
CA LEU D 91 -15.17 -11.77 -53.59
C LEU D 91 -16.32 -11.96 -52.61
N VAL D 92 -16.04 -12.46 -51.42
CA VAL D 92 -17.06 -12.66 -50.43
C VAL D 92 -16.85 -11.75 -49.22
N GLY D 93 -15.99 -10.72 -49.38
CA GLY D 93 -15.77 -9.73 -48.33
C GLY D 93 -14.68 -10.01 -47.30
N MET D 94 -13.87 -11.05 -47.47
CA MET D 94 -12.83 -11.33 -46.52
C MET D 94 -11.56 -10.81 -47.11
N THR D 95 -10.93 -9.85 -46.46
CA THR D 95 -9.78 -9.24 -47.08
C THR D 95 -8.50 -9.91 -46.69
N ALA D 96 -7.75 -10.31 -47.71
CA ALA D 96 -6.45 -10.94 -47.59
C ALA D 96 -5.66 -10.52 -48.81
N GLY D 97 -4.37 -10.23 -48.65
CA GLY D 97 -3.58 -9.82 -49.81
C GLY D 97 -2.18 -10.39 -49.90
N PHE D 98 -1.66 -10.90 -48.81
CA PHE D 98 -0.32 -11.46 -48.83
C PHE D 98 -0.26 -12.83 -49.45
N GLY D 99 0.79 -13.05 -50.22
CA GLY D 99 1.07 -14.38 -50.72
C GLY D 99 2.43 -14.46 -51.39
N ARG D 100 2.95 -15.68 -51.42
CA ARG D 100 4.26 -16.03 -51.98
C ARG D 100 4.32 -17.44 -52.54
N THR D 101 5.25 -17.66 -53.48
CA THR D 101 5.53 -18.99 -53.96
C THR D 101 7.02 -19.32 -53.97
N ARG D 102 7.33 -20.59 -53.71
CA ARG D 102 8.69 -21.13 -53.76
C ARG D 102 8.75 -22.53 -54.33
N GLU D 103 9.74 -22.84 -55.14
CA GLU D 103 9.86 -24.21 -55.62
C GLU D 103 10.65 -25.03 -54.60
N THR D 104 10.19 -26.23 -54.33
CA THR D 104 10.83 -27.15 -53.42
C THR D 104 10.99 -28.54 -53.98
N SER D 105 11.54 -29.45 -53.18
CA SER D 105 11.70 -30.85 -53.54
C SER D 105 12.25 -31.05 -54.93
N THR D 106 11.65 -31.98 -55.65
CA THR D 106 11.99 -32.19 -57.02
C THR D 106 11.29 -31.10 -57.80
N PRO D 107 11.70 -30.79 -59.02
CA PRO D 107 11.06 -29.79 -59.84
C PRO D 107 9.59 -30.10 -59.98
N GLY D 108 8.78 -29.05 -59.94
CA GLY D 108 7.34 -29.16 -60.06
C GLY D 108 6.58 -29.10 -58.73
N VAL D 109 7.25 -29.25 -57.59
CA VAL D 109 6.52 -29.14 -56.33
C VAL D 109 6.73 -27.77 -55.73
N TYR D 110 5.65 -27.07 -55.45
CA TYR D 110 5.73 -25.71 -54.94
C TYR D 110 5.04 -25.48 -53.62
N ASN D 111 5.59 -24.57 -52.85
CA ASN D 111 4.92 -24.08 -51.67
C ASN D 111 4.18 -22.82 -51.98
N VAL D 112 2.87 -22.90 -51.83
CA VAL D 112 1.97 -21.78 -52.09
C VAL D 112 1.50 -21.23 -50.76
N VAL D 113 1.83 -19.99 -50.48
CA VAL D 113 1.51 -19.42 -49.20
C VAL D 113 0.57 -18.26 -49.37
N TYR D 114 -0.55 -18.28 -48.65
CA TYR D 114 -1.48 -17.16 -48.73
C TYR D 114 -2.14 -16.84 -47.40
N GLU D 115 -2.54 -15.60 -47.27
CA GLU D 115 -3.24 -15.05 -46.11
C GLU D 115 -4.71 -15.41 -45.99
N TYR D 116 -5.17 -15.65 -44.76
CA TYR D 116 -6.57 -15.95 -44.49
C TYR D 116 -7.14 -15.09 -43.39
N VAL D 117 -8.46 -14.99 -43.36
CA VAL D 117 -9.17 -14.28 -42.28
C VAL D 117 -9.83 -15.31 -41.37
N ASP D 118 -10.62 -16.19 -41.99
CA ASP D 118 -11.26 -17.32 -41.35
C ASP D 118 -10.55 -18.58 -41.77
N GLU D 119 -10.23 -19.41 -40.81
CA GLU D 119 -9.49 -20.63 -41.04
C GLU D 119 -10.10 -21.63 -42.00
N GLN D 120 -11.42 -21.86 -41.94
CA GLN D 120 -11.99 -22.88 -42.80
C GLN D 120 -12.25 -22.32 -44.15
N ALA D 121 -12.61 -21.05 -44.20
CA ALA D 121 -12.83 -20.40 -45.46
C ALA D 121 -11.52 -20.33 -46.23
N GLY D 122 -10.41 -20.11 -45.54
CA GLY D 122 -9.10 -20.02 -46.14
C GLY D 122 -8.73 -21.34 -46.81
N ARG D 123 -8.87 -22.44 -46.08
CA ARG D 123 -8.53 -23.72 -46.67
C ARG D 123 -9.45 -24.04 -47.86
N TYR D 124 -10.74 -23.68 -47.74
CA TYR D 124 -11.71 -23.93 -48.79
C TYR D 124 -11.31 -23.20 -50.07
N ALA D 125 -10.95 -21.92 -49.95
CA ALA D 125 -10.57 -21.10 -51.11
C ALA D 125 -9.37 -21.67 -51.82
N GLY D 126 -8.44 -22.25 -51.07
CA GLY D 126 -7.27 -22.87 -51.66
C GLY D 126 -7.66 -24.02 -52.57
N ARG D 127 -8.49 -24.92 -52.04
CA ARG D 127 -8.90 -26.07 -52.82
C ARG D 127 -9.70 -25.65 -54.06
N ALA D 128 -10.56 -24.64 -53.89
CA ALA D 128 -11.36 -24.14 -54.97
C ALA D 128 -10.50 -23.51 -56.06
N ALA D 129 -9.44 -22.80 -55.69
CA ALA D 129 -8.54 -22.18 -56.67
C ALA D 129 -7.88 -23.20 -57.55
N VAL D 130 -7.56 -24.35 -56.97
CA VAL D 130 -6.95 -25.40 -57.75
C VAL D 130 -7.94 -25.97 -58.75
N ARG D 131 -9.20 -26.21 -58.32
CA ARG D 131 -10.20 -26.75 -59.26
C ARG D 131 -10.50 -25.79 -60.40
N LEU D 132 -10.60 -24.51 -60.09
CA LEU D 132 -10.91 -23.53 -61.12
C LEU D 132 -9.80 -23.51 -62.15
N CYS D 133 -8.57 -23.42 -61.67
CA CYS D 133 -7.42 -23.36 -62.55
C CYS D 133 -7.23 -24.64 -63.32
N ARG D 134 -7.54 -25.79 -62.73
CA ARG D 134 -7.34 -27.01 -63.47
C ARG D 134 -8.34 -27.13 -64.62
N SER D 135 -9.61 -26.75 -64.41
CA SER D 135 -10.57 -26.86 -65.50
C SER D 135 -10.18 -25.96 -66.66
N LEU D 136 -9.65 -24.79 -66.39
CA LEU D 136 -9.27 -23.87 -67.44
C LEU D 136 -8.02 -24.23 -68.23
N VAL D 137 -7.29 -25.28 -67.84
CA VAL D 137 -6.08 -25.66 -68.58
C VAL D 137 -6.35 -26.99 -69.27
N ASP D 138 -7.61 -27.36 -69.26
CA ASP D 138 -8.16 -28.56 -69.86
C ASP D 138 -9.14 -28.06 -70.93
N THR D 139 -10.18 -27.37 -70.47
CA THR D 139 -11.15 -26.72 -71.33
C THR D 139 -10.87 -25.23 -71.29
N GLY D 140 -11.67 -24.42 -71.96
CA GLY D 140 -11.37 -22.98 -72.00
C GLY D 140 -12.19 -22.10 -71.07
N ASP D 141 -13.02 -22.70 -70.22
CA ASP D 141 -13.93 -21.95 -69.36
C ASP D 141 -14.25 -22.68 -68.04
N TYR D 142 -15.07 -22.07 -67.21
CA TYR D 142 -15.48 -22.63 -65.93
C TYR D 142 -16.95 -22.24 -65.74
N PRO D 143 -17.89 -23.19 -65.54
CA PRO D 143 -19.30 -22.91 -65.45
C PRO D 143 -19.61 -21.86 -64.41
N ARG D 144 -20.52 -20.95 -64.73
CA ARG D 144 -20.83 -19.90 -63.77
C ARG D 144 -21.43 -20.46 -62.50
N LEU D 145 -22.22 -21.50 -62.61
CA LEU D 145 -22.88 -22.04 -61.44
C LEU D 145 -21.90 -22.75 -60.50
N GLU D 146 -20.72 -23.09 -61.01
CA GLU D 146 -19.72 -23.77 -60.20
C GLU D 146 -18.83 -22.74 -59.54
N LEU D 147 -19.07 -21.47 -59.84
CA LEU D 147 -18.34 -20.40 -59.20
C LEU D 147 -19.25 -19.82 -58.15
N GLU D 148 -20.53 -19.67 -58.49
CA GLU D 148 -21.46 -19.09 -57.54
C GLU D 148 -21.69 -20.01 -56.36
N LYS D 149 -21.72 -21.34 -56.56
CA LYS D 149 -21.92 -22.19 -55.38
C LYS D 149 -20.72 -22.15 -54.44
N ASP D 150 -19.51 -21.93 -54.96
CA ASP D 150 -18.35 -21.90 -54.10
C ASP D 150 -18.31 -20.59 -53.34
N LEU D 151 -18.74 -19.52 -53.99
CA LEU D 151 -18.79 -18.25 -53.29
C LEU D 151 -19.83 -18.35 -52.17
N GLU D 152 -20.93 -19.06 -52.41
CA GLU D 152 -21.93 -19.22 -51.36
C GLU D 152 -21.36 -20.00 -50.18
N ASP D 153 -20.55 -21.05 -50.43
CA ASP D 153 -19.98 -21.80 -49.32
C ASP D 153 -18.99 -20.93 -48.54
N LEU D 154 -18.22 -20.09 -49.21
CA LEU D 154 -17.30 -19.24 -48.48
C LEU D 154 -18.05 -18.26 -47.61
N ARG D 155 -19.18 -17.71 -48.10
CA ARG D 155 -19.96 -16.78 -47.29
C ARG D 155 -20.50 -17.45 -46.04
N ASP D 156 -20.93 -18.71 -46.13
CA ASP D 156 -21.42 -19.36 -44.93
C ASP D 156 -20.30 -19.69 -43.96
N LEU D 157 -19.15 -20.13 -44.46
CA LEU D 157 -18.05 -20.48 -43.57
C LEU D 157 -17.57 -19.28 -42.77
N GLY D 158 -17.56 -18.11 -43.41
CA GLY D 158 -17.11 -16.92 -42.73
C GLY D 158 -18.18 -16.30 -41.81
N ALA D 159 -19.40 -16.83 -41.84
CA ALA D 159 -20.47 -16.30 -41.02
C ALA D 159 -20.56 -17.10 -39.74
N ASN D 160 -20.37 -18.40 -39.87
CA ASN D 160 -20.51 -19.31 -38.76
C ASN D 160 -19.48 -19.09 -37.67
N SER D 161 -18.32 -18.59 -38.03
CA SER D 161 -17.23 -18.34 -37.11
C SER D 161 -17.20 -16.94 -36.53
N ALA D 162 -18.12 -16.09 -36.92
CA ALA D 162 -18.10 -14.71 -36.47
C ALA D 162 -18.41 -14.57 -34.98
N LEU D 163 -17.76 -13.60 -34.34
CA LEU D 163 -18.05 -13.24 -32.96
C LEU D 163 -19.24 -12.31 -32.97
N GLY D 164 -20.07 -12.33 -31.95
CA GLY D 164 -21.14 -11.36 -31.97
C GLY D 164 -20.55 -9.98 -31.77
N PRO D 165 -21.29 -8.92 -32.10
CA PRO D 165 -20.87 -7.52 -32.05
C PRO D 165 -20.50 -6.98 -30.68
N SER D 166 -21.00 -7.59 -29.60
CA SER D 166 -20.62 -7.09 -28.30
C SER D 166 -19.25 -7.61 -27.93
N THR D 167 -18.84 -8.73 -28.52
CA THR D 167 -17.55 -9.30 -28.21
C THR D 167 -16.55 -8.67 -29.13
N GLU D 168 -16.98 -8.32 -30.34
CA GLU D 168 -16.07 -7.66 -31.28
C GLU D 168 -15.64 -6.32 -30.73
N THR D 169 -16.58 -5.63 -30.09
CA THR D 169 -16.35 -4.33 -29.50
C THR D 169 -15.28 -4.40 -28.40
N ILE D 170 -15.38 -5.39 -27.50
CA ILE D 170 -14.41 -5.53 -26.42
C ILE D 170 -13.06 -5.97 -26.95
N VAL D 171 -13.06 -6.93 -27.85
CA VAL D 171 -11.82 -7.45 -28.42
C VAL D 171 -11.04 -6.39 -29.17
N THR D 172 -11.70 -5.56 -29.96
CA THR D 172 -11.02 -4.51 -30.70
C THR D 172 -10.31 -3.52 -29.76
N GLU D 173 -10.97 -3.11 -28.68
CA GLU D 173 -10.32 -2.21 -27.75
C GLU D 173 -9.16 -2.91 -27.04
N ALA D 174 -9.31 -4.20 -26.72
CA ALA D 174 -8.26 -4.93 -26.05
C ALA D 174 -7.01 -4.95 -26.92
N GLU D 175 -7.16 -5.11 -28.23
CA GLU D 175 -6.02 -5.11 -29.14
C GLU D 175 -5.33 -3.76 -29.18
N ALA D 176 -6.09 -2.67 -29.15
CA ALA D 176 -5.55 -1.32 -29.15
C ALA D 176 -4.63 -1.07 -27.94
N ARG D 177 -4.97 -1.68 -26.81
CA ARG D 177 -4.27 -1.59 -25.53
C ARG D 177 -3.21 -2.67 -25.32
N LYS D 178 -2.98 -3.49 -26.34
CA LYS D 178 -2.03 -4.59 -26.33
C LYS D 178 -2.31 -5.69 -25.31
N ILE D 179 -3.57 -6.05 -25.13
CA ILE D 179 -3.95 -7.12 -24.22
C ILE D 179 -4.14 -8.37 -25.08
N PRO D 180 -3.45 -9.49 -24.85
CA PRO D 180 -3.57 -10.69 -25.65
C PRO D 180 -4.93 -11.34 -25.43
N TRP D 181 -5.47 -12.00 -26.46
CA TRP D 181 -6.74 -12.68 -26.25
C TRP D 181 -6.80 -14.01 -26.97
N MET D 182 -7.61 -14.92 -26.43
CA MET D 182 -7.80 -16.28 -26.92
C MET D 182 -9.22 -16.76 -26.85
N LEU D 183 -9.64 -17.62 -27.77
CA LEU D 183 -10.95 -18.23 -27.58
C LEU D 183 -10.77 -19.50 -26.77
N LEU D 184 -11.73 -19.81 -25.93
CA LEU D 184 -11.70 -21.03 -25.16
C LEU D 184 -12.59 -22.07 -25.77
N SER D 185 -12.32 -23.31 -25.43
CA SER D 185 -13.04 -24.48 -25.93
C SER D 185 -14.47 -24.64 -25.42
N ALA D 186 -14.86 -23.91 -24.39
CA ALA D 186 -16.20 -24.09 -23.87
C ALA D 186 -16.98 -22.80 -23.74
N ARG D 187 -18.27 -22.96 -24.00
CA ARG D 187 -19.34 -21.99 -23.83
C ARG D 187 -19.09 -20.63 -24.47
N ALA D 188 -18.41 -20.62 -25.61
CA ALA D 188 -18.11 -19.38 -26.31
C ALA D 188 -17.43 -18.33 -25.44
N MET D 189 -16.54 -18.73 -24.54
CA MET D 189 -15.82 -17.77 -23.71
C MET D 189 -14.52 -17.31 -24.33
N VAL D 190 -14.12 -16.09 -23.96
CA VAL D 190 -12.87 -15.49 -24.39
C VAL D 190 -11.97 -15.14 -23.21
N GLN D 191 -10.72 -15.54 -23.29
CA GLN D 191 -9.75 -15.22 -22.26
C GLN D 191 -8.92 -14.00 -22.63
N LEU D 192 -8.73 -13.11 -21.68
CA LEU D 192 -7.94 -11.91 -21.85
C LEU D 192 -6.76 -11.90 -20.88
N GLY D 193 -5.55 -11.75 -21.37
CA GLY D 193 -4.34 -11.74 -20.51
C GLY D 193 -3.75 -13.13 -20.30
N TYR D 194 -2.57 -13.20 -19.66
CA TYR D 194 -1.85 -14.46 -19.40
C TYR D 194 -1.62 -14.81 -17.93
N GLY D 195 -1.57 -16.11 -17.63
CA GLY D 195 -1.23 -16.63 -16.31
C GLY D 195 -2.13 -16.12 -15.22
N VAL D 196 -1.51 -15.65 -14.14
CA VAL D 196 -2.23 -15.08 -13.00
C VAL D 196 -3.01 -13.79 -13.28
N TYR D 197 -2.86 -13.17 -14.45
CA TYR D 197 -3.60 -11.95 -14.71
C TYR D 197 -4.78 -12.12 -15.64
N GLN D 198 -5.09 -13.35 -15.98
CA GLN D 198 -6.17 -13.60 -16.89
C GLN D 198 -7.57 -13.25 -16.36
N GLN D 199 -8.42 -12.80 -17.28
CA GLN D 199 -9.83 -12.49 -17.09
C GLN D 199 -10.63 -13.20 -18.15
N ARG D 200 -11.90 -13.45 -17.91
CA ARG D 200 -12.75 -14.05 -18.93
C ARG D 200 -13.99 -13.24 -19.17
N ILE D 201 -14.44 -13.26 -20.41
CA ILE D 201 -15.71 -12.65 -20.78
C ILE D 201 -16.57 -13.59 -21.62
N GLN D 202 -17.86 -13.34 -21.62
CA GLN D 202 -18.80 -14.02 -22.48
C GLN D 202 -19.81 -12.96 -22.89
N ALA D 203 -19.73 -12.47 -24.10
CA ALA D 203 -20.58 -11.36 -24.52
C ALA D 203 -20.43 -10.21 -23.53
N THR D 204 -21.51 -9.85 -22.83
CA THR D 204 -21.58 -8.74 -21.89
C THR D 204 -21.51 -9.11 -20.40
N LEU D 205 -21.21 -10.38 -20.11
CA LEU D 205 -20.96 -10.87 -18.75
C LEU D 205 -19.48 -11.05 -18.57
N SER D 206 -18.99 -10.86 -17.37
CA SER D 206 -17.56 -11.05 -17.14
C SER D 206 -17.26 -11.78 -15.87
N SER D 207 -15.98 -11.98 -15.64
CA SER D 207 -15.43 -12.61 -14.45
C SER D 207 -15.74 -11.83 -13.16
N HIS D 208 -16.20 -10.59 -13.28
CA HIS D 208 -16.58 -9.79 -12.11
C HIS D 208 -18.09 -9.72 -11.90
N SER D 209 -18.88 -10.42 -12.70
CA SER D 209 -20.34 -10.37 -12.56
C SER D 209 -20.78 -11.46 -11.60
N GLY D 210 -21.40 -11.09 -10.49
CA GLY D 210 -21.81 -12.06 -9.50
C GLY D 210 -23.12 -12.71 -9.85
N ILE D 211 -23.29 -13.93 -9.37
CA ILE D 211 -24.52 -14.66 -9.60
C ILE D 211 -25.72 -14.13 -8.86
N LEU D 212 -25.55 -13.62 -7.65
CA LEU D 212 -26.71 -13.18 -6.93
C LEU D 212 -27.31 -11.94 -7.57
N GLY D 213 -26.45 -11.03 -8.07
CA GLY D 213 -26.90 -9.81 -8.74
C GLY D 213 -27.60 -10.14 -10.04
N VAL D 214 -27.04 -11.07 -10.80
CA VAL D 214 -27.62 -11.46 -12.08
C VAL D 214 -28.95 -12.14 -11.89
N GLU D 215 -29.08 -13.05 -10.92
CA GLU D 215 -30.36 -13.69 -10.71
C GLU D 215 -31.41 -12.74 -10.16
N LEU D 216 -31.04 -11.81 -9.27
CA LEU D 216 -32.01 -10.86 -8.74
C LEU D 216 -32.56 -9.97 -9.84
N ALA D 217 -31.70 -9.55 -10.76
CA ALA D 217 -32.07 -8.68 -11.87
C ALA D 217 -33.03 -9.36 -12.85
N CYS D 218 -33.15 -10.68 -12.80
CA CYS D 218 -34.00 -11.39 -13.73
C CYS D 218 -35.36 -11.72 -13.12
N ASP D 219 -35.50 -11.39 -11.85
CA ASP D 219 -36.69 -11.61 -11.06
C ASP D 219 -37.42 -10.30 -10.95
N LYS D 220 -38.45 -10.08 -11.76
CA LYS D 220 -39.05 -8.77 -11.77
C LYS D 220 -39.68 -8.36 -10.46
N GLU D 221 -40.28 -9.31 -9.75
CA GLU D 221 -40.94 -8.98 -8.49
C GLU D 221 -39.93 -8.78 -7.39
N GLY D 222 -38.85 -9.55 -7.43
CA GLY D 222 -37.78 -9.42 -6.47
C GLY D 222 -37.09 -8.07 -6.62
N THR D 223 -36.83 -7.67 -7.86
CA THR D 223 -36.18 -6.41 -8.13
C THR D 223 -37.00 -5.24 -7.65
N LYS D 224 -38.30 -5.26 -7.92
CA LYS D 224 -39.17 -4.19 -7.50
C LYS D 224 -39.21 -4.04 -5.99
N THR D 225 -39.28 -5.16 -5.27
CA THR D 225 -39.32 -5.12 -3.81
C THR D 225 -38.06 -4.51 -3.22
N ILE D 226 -36.91 -4.93 -3.71
CA ILE D 226 -35.64 -4.44 -3.22
C ILE D 226 -35.49 -2.96 -3.48
N LEU D 227 -35.86 -2.50 -4.66
CA LEU D 227 -35.71 -1.10 -4.94
C LEU D 227 -36.68 -0.22 -4.19
N GLN D 228 -37.94 -0.62 -4.01
CA GLN D 228 -38.81 0.32 -3.32
C GLN D 228 -38.48 0.43 -1.85
N ASP D 229 -37.84 -0.59 -1.27
CA ASP D 229 -37.41 -0.53 0.12
C ASP D 229 -36.22 0.42 0.32
N ALA D 230 -35.56 0.80 -0.78
CA ALA D 230 -34.41 1.67 -0.78
C ALA D 230 -34.82 3.10 -1.09
N GLY D 231 -36.12 3.33 -1.28
CA GLY D 231 -36.62 4.64 -1.64
C GLY D 231 -36.51 5.02 -3.12
N ILE D 232 -36.41 4.04 -4.01
CA ILE D 232 -36.27 4.28 -5.44
C ILE D 232 -37.65 4.21 -6.13
N PRO D 233 -38.07 5.21 -6.96
CA PRO D 233 -39.36 5.23 -7.64
C PRO D 233 -39.53 4.15 -8.69
N VAL D 234 -40.58 3.35 -8.52
CA VAL D 234 -40.91 2.24 -9.40
C VAL D 234 -42.40 2.34 -9.68
N PRO D 235 -42.96 1.71 -10.71
CA PRO D 235 -44.37 1.70 -11.00
C PRO D 235 -45.23 1.06 -9.93
N ARG D 236 -46.43 1.60 -9.75
CA ARG D 236 -47.42 1.04 -8.85
C ARG D 236 -48.11 -0.14 -9.53
N GLY D 237 -48.27 -1.29 -8.86
CA GLY D 237 -48.93 -2.42 -9.53
C GLY D 237 -49.02 -3.70 -8.70
N THR D 238 -49.79 -4.65 -9.23
CA THR D 238 -50.08 -5.94 -8.56
C THR D 238 -49.98 -7.26 -9.36
N THR D 239 -50.30 -8.37 -8.73
CA THR D 239 -50.26 -9.65 -9.45
C THR D 239 -51.55 -10.47 -9.28
N ILE D 240 -51.89 -11.22 -10.33
CA ILE D 240 -53.03 -12.13 -10.38
C ILE D 240 -52.61 -13.50 -10.89
N GLN D 241 -52.95 -14.62 -10.22
CA GLN D 241 -52.55 -15.93 -10.79
C GLN D 241 -53.53 -16.47 -11.82
N TYR D 242 -53.66 -15.72 -12.90
CA TYR D 242 -54.52 -15.99 -14.03
C TYR D 242 -55.97 -16.32 -13.68
N PHE D 243 -56.53 -15.52 -12.81
CA PHE D 243 -57.92 -15.59 -12.44
C PHE D 243 -58.52 -14.40 -13.11
N ASP D 244 -59.81 -14.39 -13.39
CA ASP D 244 -60.33 -13.19 -14.01
C ASP D 244 -60.62 -12.14 -12.92
N ASP D 245 -59.53 -11.60 -12.35
CA ASP D 245 -59.55 -10.61 -11.26
C ASP D 245 -59.15 -9.21 -11.72
N LEU D 246 -59.04 -8.97 -13.03
CA LEU D 246 -58.61 -7.64 -13.48
C LEU D 246 -59.56 -6.56 -13.07
N GLU D 247 -60.83 -6.86 -13.03
CA GLU D 247 -61.81 -5.85 -12.69
C GLU D 247 -61.57 -5.28 -11.30
N GLU D 248 -60.90 -6.06 -10.43
CA GLU D 248 -60.64 -5.58 -9.10
C GLU D 248 -59.24 -4.97 -9.04
N ALA D 249 -58.27 -5.58 -9.73
CA ALA D 249 -56.87 -5.14 -9.66
C ALA D 249 -56.70 -3.70 -10.10
N ILE D 250 -57.50 -3.28 -11.06
CA ILE D 250 -57.46 -1.94 -11.61
C ILE D 250 -57.77 -0.91 -10.51
N ASN D 251 -58.51 -1.31 -9.47
CA ASN D 251 -58.88 -0.45 -8.36
C ASN D 251 -57.70 -0.14 -7.44
N ASP D 252 -56.70 -1.03 -7.37
CA ASP D 252 -55.59 -0.79 -6.45
C ASP D 252 -54.60 0.11 -7.13
N VAL D 253 -54.54 -0.03 -8.44
CA VAL D 253 -53.69 0.79 -9.25
C VAL D 253 -54.21 2.21 -9.30
N GLY D 254 -55.54 2.38 -9.36
CA GLY D 254 -56.11 3.71 -9.34
C GLY D 254 -56.83 4.16 -10.59
N GLY D 255 -57.17 3.25 -11.48
CA GLY D 255 -57.89 3.68 -12.68
C GLY D 255 -57.49 2.91 -13.91
N TYR D 256 -58.20 3.13 -15.02
CA TYR D 256 -57.96 2.27 -16.22
C TYR D 256 -56.64 2.44 -16.98
N PRO D 257 -55.89 3.58 -16.96
CA PRO D 257 -54.71 3.66 -17.80
C PRO D 257 -53.72 2.72 -17.13
N VAL D 258 -53.76 1.46 -17.57
CA VAL D 258 -52.93 0.40 -17.01
C VAL D 258 -52.16 -0.36 -18.06
N VAL D 259 -51.17 -1.09 -17.58
CA VAL D 259 -50.33 -1.94 -18.38
C VAL D 259 -50.50 -3.40 -17.97
N ILE D 260 -50.75 -4.26 -18.94
CA ILE D 260 -50.90 -5.69 -18.71
C ILE D 260 -49.79 -6.50 -19.38
N LYS D 261 -48.96 -7.14 -18.59
CA LYS D 261 -47.85 -7.91 -19.09
C LYS D 261 -48.14 -9.38 -18.85
N PRO D 262 -47.46 -10.30 -19.55
CA PRO D 262 -47.53 -11.71 -19.33
C PRO D 262 -46.93 -11.81 -17.99
N LEU D 263 -47.20 -12.85 -17.25
CA LEU D 263 -46.66 -12.85 -15.91
C LEU D 263 -45.24 -13.34 -15.84
N ASP D 264 -44.64 -13.65 -16.98
CA ASP D 264 -43.26 -14.10 -17.10
C ASP D 264 -42.75 -13.61 -18.44
N GLY D 265 -41.51 -13.86 -18.78
CA GLY D 265 -40.99 -13.38 -20.06
C GLY D 265 -41.05 -14.41 -21.19
N ASN D 266 -41.08 -13.90 -22.42
CA ASN D 266 -41.00 -14.71 -23.62
C ASN D 266 -40.66 -13.71 -24.68
N HIS D 267 -39.49 -13.11 -24.50
CA HIS D 267 -39.06 -11.98 -25.30
C HIS D 267 -40.05 -10.86 -25.02
N GLY D 268 -40.04 -9.83 -25.85
CA GLY D 268 -40.93 -8.68 -25.72
C GLY D 268 -42.30 -8.97 -26.31
N ARG D 269 -42.99 -9.94 -25.75
CA ARG D 269 -44.24 -10.41 -26.31
C ARG D 269 -45.36 -10.48 -25.31
N GLY D 270 -46.58 -10.26 -25.80
CA GLY D 270 -47.79 -10.38 -24.99
C GLY D 270 -48.10 -9.18 -24.11
N ILE D 271 -47.60 -8.00 -24.46
CA ILE D 271 -47.78 -6.81 -23.64
C ILE D 271 -48.67 -5.74 -24.22
N THR D 272 -49.66 -5.31 -23.43
CA THR D 272 -50.53 -4.22 -23.84
C THR D 272 -50.16 -3.00 -22.99
N ILE D 273 -49.78 -1.91 -23.67
CA ILE D 273 -49.28 -0.70 -23.02
C ILE D 273 -50.30 0.28 -22.46
N ASN D 274 -51.36 0.59 -23.15
CA ASN D 274 -52.24 1.57 -22.55
C ASN D 274 -53.67 1.14 -22.70
N VAL D 275 -54.18 0.50 -21.66
CA VAL D 275 -55.52 -0.01 -21.61
C VAL D 275 -56.35 1.15 -21.11
N ARG D 276 -57.51 1.37 -21.69
CA ARG D 276 -58.38 2.48 -21.29
C ARG D 276 -59.78 1.96 -21.01
N HIS D 277 -60.12 0.80 -21.55
CA HIS D 277 -61.47 0.26 -21.39
C HIS D 277 -61.48 -1.19 -20.91
N TRP D 278 -62.62 -1.60 -20.35
CA TRP D 278 -62.76 -2.96 -19.86
C TRP D 278 -62.61 -4.01 -20.93
N GLN D 279 -63.14 -3.75 -22.09
CA GLN D 279 -63.09 -4.72 -23.15
C GLN D 279 -61.66 -4.91 -23.63
N GLU D 280 -60.88 -3.83 -23.58
CA GLU D 280 -59.48 -3.86 -23.95
C GLU D 280 -58.72 -4.67 -22.92
N ALA D 281 -59.09 -4.51 -21.64
CA ALA D 281 -58.46 -5.24 -20.56
C ALA D 281 -58.67 -6.73 -20.74
N ILE D 282 -59.86 -7.11 -21.21
CA ILE D 282 -60.13 -8.52 -21.45
C ILE D 282 -59.26 -9.05 -22.57
N ALA D 283 -59.16 -8.32 -23.67
CA ALA D 283 -58.33 -8.80 -24.75
C ALA D 283 -56.88 -8.93 -24.32
N ALA D 284 -56.41 -7.95 -23.53
CA ALA D 284 -55.06 -7.94 -23.03
C ALA D 284 -54.81 -9.13 -22.13
N TYR D 285 -55.82 -9.52 -21.36
CA TYR D 285 -55.70 -10.65 -20.48
C TYR D 285 -55.48 -11.91 -21.25
N ASP D 286 -56.33 -12.15 -22.26
CA ASP D 286 -56.24 -13.41 -22.99
C ASP D 286 -54.88 -13.57 -23.64
N LEU D 287 -54.30 -12.47 -24.10
CA LEU D 287 -52.97 -12.55 -24.67
C LEU D 287 -51.91 -12.76 -23.58
N ALA D 288 -51.98 -12.02 -22.47
CA ALA D 288 -51.00 -12.17 -21.40
C ALA D 288 -51.00 -13.58 -20.82
N ALA D 289 -52.21 -14.18 -20.80
CA ALA D 289 -52.52 -15.49 -20.25
C ALA D 289 -51.81 -16.64 -20.96
N GLU D 290 -51.23 -16.38 -22.12
CA GLU D 290 -50.52 -17.42 -22.84
C GLU D 290 -49.24 -17.90 -22.12
N GLU D 291 -48.61 -17.06 -21.29
CA GLU D 291 -47.34 -17.44 -20.64
C GLU D 291 -47.50 -17.98 -19.20
N SER D 292 -46.39 -18.40 -18.58
CA SER D 292 -46.35 -18.93 -17.20
C SER D 292 -46.73 -17.86 -16.17
N LYS D 293 -47.19 -18.29 -14.97
CA LYS D 293 -47.69 -17.35 -13.96
C LYS D 293 -46.75 -16.87 -12.84
N ILE D 297 -45.82 -8.30 -13.12
CA ILE D 297 -47.07 -7.60 -12.90
C ILE D 297 -48.11 -7.53 -14.00
N ILE D 298 -49.39 -7.63 -13.63
CA ILE D 298 -50.48 -7.70 -14.65
C ILE D 298 -51.21 -6.35 -14.87
N VAL D 299 -51.37 -5.57 -13.79
CA VAL D 299 -52.07 -4.27 -13.87
C VAL D 299 -51.18 -3.24 -13.18
N GLU D 300 -50.30 -2.59 -13.94
CA GLU D 300 -49.42 -1.56 -13.39
C GLU D 300 -50.06 -0.28 -13.81
N ARG D 301 -49.79 0.77 -13.11
CA ARG D 301 -50.22 2.06 -13.57
C ARG D 301 -49.40 2.40 -14.83
N TYR D 302 -50.05 3.01 -15.79
CA TYR D 302 -49.38 3.51 -16.98
C TYR D 302 -48.81 4.90 -16.74
N TYR D 303 -47.53 5.11 -17.08
CA TYR D 303 -46.87 6.40 -16.93
C TYR D 303 -46.53 7.00 -18.28
N GLU D 304 -46.60 8.31 -18.40
CA GLU D 304 -46.25 8.97 -19.66
C GLU D 304 -44.78 9.32 -19.71
N GLY D 305 -44.22 9.33 -20.92
CA GLY D 305 -42.84 9.74 -21.11
C GLY D 305 -42.18 8.92 -22.20
N SER D 306 -40.89 9.13 -22.39
CA SER D 306 -40.12 8.44 -23.40
C SER D 306 -39.35 7.34 -22.73
N ASP D 307 -38.91 6.38 -23.52
CA ASP D 307 -38.13 5.25 -23.07
C ASP D 307 -36.61 5.49 -23.17
N HIS D 308 -35.95 5.64 -22.03
CA HIS D 308 -34.53 5.92 -22.00
C HIS D 308 -33.72 4.76 -21.46
N ARG D 309 -32.60 4.48 -22.09
CA ARG D 309 -31.69 3.46 -21.63
C ARG D 309 -30.42 4.05 -21.08
N VAL D 310 -30.12 3.71 -19.84
CA VAL D 310 -28.94 4.20 -19.15
C VAL D 310 -27.94 3.08 -18.91
N LEU D 311 -26.70 3.27 -19.31
CA LEU D 311 -25.66 2.27 -19.12
C LEU D 311 -24.67 2.67 -18.02
N VAL D 312 -24.54 1.80 -17.00
CA VAL D 312 -23.67 1.98 -15.84
C VAL D 312 -22.65 0.82 -15.83
N VAL D 313 -21.34 1.12 -15.72
CA VAL D 313 -20.32 0.04 -15.78
C VAL D 313 -19.61 -0.35 -14.49
N ASN D 314 -19.17 0.56 -13.69
CA ASN D 314 -18.53 0.08 -12.46
C ASN D 314 -18.98 0.98 -11.33
N GLY D 315 -20.29 1.11 -11.23
CA GLY D 315 -20.89 2.02 -10.28
C GLY D 315 -20.81 3.44 -10.77
N LYS D 316 -20.53 3.60 -12.07
CA LYS D 316 -20.39 4.89 -12.73
C LYS D 316 -21.09 4.92 -14.08
N LEU D 317 -21.77 6.03 -14.35
CA LEU D 317 -22.48 6.23 -15.60
C LEU D 317 -21.59 6.37 -16.83
N VAL D 318 -21.91 5.61 -17.89
CA VAL D 318 -21.21 5.65 -19.16
C VAL D 318 -22.01 6.29 -20.29
N ALA D 319 -23.26 5.89 -20.49
CA ALA D 319 -24.00 6.43 -21.64
C ALA D 319 -25.52 6.46 -21.44
N VAL D 320 -26.20 7.40 -22.11
CA VAL D 320 -27.66 7.48 -22.08
C VAL D 320 -28.23 7.59 -23.49
N ALA D 321 -29.25 6.79 -23.84
CA ALA D 321 -29.88 6.89 -25.15
C ALA D 321 -31.40 6.86 -25.09
N GLU D 322 -32.02 7.70 -25.89
CA GLU D 322 -33.47 7.75 -26.00
C GLU D 322 -33.96 6.90 -27.15
N ARG D 323 -34.89 6.01 -26.87
CA ARG D 323 -35.38 5.10 -27.89
C ARG D 323 -36.79 5.37 -28.31
N ILE D 324 -37.00 5.38 -29.62
CA ILE D 324 -38.29 5.64 -30.25
C ILE D 324 -38.66 4.51 -31.22
N PRO D 325 -39.89 3.96 -31.19
CA PRO D 325 -40.39 2.91 -32.08
C PRO D 325 -40.57 3.37 -33.50
N ALA D 326 -40.57 2.40 -34.42
CA ALA D 326 -40.75 2.66 -35.86
C ALA D 326 -41.98 3.48 -36.10
N HIS D 327 -41.85 4.48 -36.94
CA HIS D 327 -42.95 5.39 -37.22
C HIS D 327 -42.80 6.12 -38.53
N VAL D 328 -43.89 6.73 -38.96
CA VAL D 328 -43.92 7.64 -40.10
C VAL D 328 -44.61 8.91 -39.67
N THR D 329 -44.38 10.01 -40.39
CA THR D 329 -45.12 11.21 -40.03
C THR D 329 -45.73 11.92 -41.20
N GLY D 330 -46.52 12.94 -40.89
CA GLY D 330 -47.22 13.79 -41.85
C GLY D 330 -46.29 14.73 -42.61
N ASP D 331 -45.39 14.11 -43.36
CA ASP D 331 -44.36 14.71 -44.19
C ASP D 331 -45.02 15.02 -45.52
N GLY D 332 -45.93 15.97 -45.48
CA GLY D 332 -46.73 16.32 -46.64
C GLY D 332 -48.03 15.51 -46.64
N SER D 333 -48.96 15.85 -47.53
CA SER D 333 -50.27 15.19 -47.57
C SER D 333 -50.27 13.88 -48.33
N SER D 334 -49.56 12.91 -47.77
CA SER D 334 -49.38 11.56 -48.33
C SER D 334 -50.05 10.52 -47.44
N THR D 335 -50.29 9.32 -48.00
CA THR D 335 -50.89 8.26 -47.19
C THR D 335 -49.84 7.54 -46.40
N ILE D 336 -50.28 6.74 -45.43
CA ILE D 336 -49.34 5.94 -44.66
C ILE D 336 -48.61 4.96 -45.55
N SER D 337 -49.28 4.28 -46.46
CA SER D 337 -48.52 3.35 -47.30
C SER D 337 -47.45 4.04 -48.15
N GLU D 338 -47.73 5.27 -48.59
CA GLU D 338 -46.77 6.03 -49.38
C GLU D 338 -45.59 6.48 -48.53
N LEU D 339 -45.88 6.89 -47.30
CA LEU D 339 -44.86 7.35 -46.37
C LEU D 339 -43.94 6.23 -45.99
N ILE D 340 -44.46 5.03 -45.82
CA ILE D 340 -43.59 3.93 -45.47
C ILE D 340 -42.65 3.66 -46.62
N GLU D 341 -43.14 3.64 -47.86
CA GLU D 341 -42.25 3.39 -48.97
C GLU D 341 -41.23 4.51 -49.16
N LYS D 342 -41.62 5.75 -48.88
CA LYS D 342 -40.72 6.89 -48.98
C LYS D 342 -39.54 6.80 -48.02
N THR D 343 -39.78 6.44 -46.76
CA THR D 343 -38.70 6.43 -45.78
C THR D 343 -37.94 5.12 -45.74
N ASN D 344 -38.51 4.06 -46.28
CA ASN D 344 -37.84 2.77 -46.22
C ASN D 344 -36.79 2.65 -47.33
N GLN D 345 -36.65 3.72 -48.13
CA GLN D 345 -35.65 3.85 -49.19
C GLN D 345 -34.39 4.57 -48.71
N ASP D 346 -34.40 5.02 -47.47
CA ASP D 346 -33.27 5.74 -46.89
C ASP D 346 -32.01 4.87 -46.93
N PRO D 347 -30.85 5.37 -47.41
CA PRO D 347 -29.60 4.65 -47.57
C PRO D 347 -29.01 4.13 -46.27
N ASN D 348 -29.53 4.60 -45.12
CA ASN D 348 -29.02 4.15 -43.85
C ASN D 348 -29.82 2.97 -43.32
N ARG D 349 -30.78 2.48 -44.11
CA ARG D 349 -31.59 1.35 -43.69
C ARG D 349 -31.36 0.10 -44.49
N GLY D 350 -31.27 -1.02 -43.80
CA GLY D 350 -31.19 -2.31 -44.44
C GLY D 350 -30.59 -3.41 -43.59
N ASP D 351 -31.07 -4.64 -43.84
CA ASP D 351 -30.59 -5.85 -43.21
C ASP D 351 -30.47 -5.73 -41.69
N GLY D 352 -29.26 -5.96 -41.11
CA GLY D 352 -29.13 -5.87 -39.66
C GLY D 352 -27.70 -6.07 -39.19
N HIS D 353 -27.17 -5.02 -38.54
CA HIS D 353 -25.77 -4.84 -38.12
C HIS D 353 -24.86 -4.60 -39.33
N ASP D 354 -25.50 -4.38 -40.47
CA ASP D 354 -24.90 -4.06 -41.75
C ASP D 354 -24.89 -2.54 -41.96
N ASN D 355 -25.84 -1.89 -41.32
CA ASN D 355 -26.10 -0.48 -41.48
C ASN D 355 -26.60 0.04 -40.14
N ILE D 356 -26.88 1.32 -40.05
CA ILE D 356 -27.33 1.88 -38.78
C ILE D 356 -28.77 1.48 -38.45
N LEU D 357 -29.66 1.60 -39.41
CA LEU D 357 -31.05 1.29 -39.24
C LEU D 357 -31.50 0.08 -40.03
N THR D 358 -32.64 -0.49 -39.69
CA THR D 358 -33.18 -1.57 -40.49
C THR D 358 -34.44 -1.10 -41.17
N LYS D 359 -35.05 -1.98 -41.93
CA LYS D 359 -36.28 -1.71 -42.68
C LYS D 359 -37.54 -1.81 -41.85
N ILE D 360 -38.51 -1.00 -42.23
CA ILE D 360 -39.83 -1.04 -41.63
C ILE D 360 -40.67 -2.04 -42.38
N VAL D 361 -41.24 -2.98 -41.65
CA VAL D 361 -42.04 -4.01 -42.25
C VAL D 361 -43.49 -3.93 -41.80
N VAL D 362 -44.37 -3.94 -42.79
CA VAL D 362 -45.79 -3.93 -42.50
C VAL D 362 -46.23 -5.39 -42.44
N ASN D 363 -46.87 -5.70 -41.35
CA ASN D 363 -47.37 -7.02 -41.01
C ASN D 363 -48.64 -6.81 -40.20
N LYS D 364 -49.28 -7.89 -39.78
CA LYS D 364 -50.53 -7.77 -39.03
C LYS D 364 -50.37 -6.99 -37.73
N THR D 365 -49.15 -6.97 -37.18
CA THR D 365 -48.92 -6.27 -35.94
C THR D 365 -48.78 -4.78 -36.18
N ALA D 366 -48.42 -4.36 -37.40
CA ALA D 366 -48.33 -2.94 -37.68
C ALA D 366 -49.73 -2.44 -37.87
N ILE D 367 -50.57 -3.31 -38.43
CA ILE D 367 -51.93 -2.93 -38.71
C ILE D 367 -52.65 -2.79 -37.38
N ASP D 368 -52.43 -3.73 -36.47
CA ASP D 368 -53.06 -3.71 -35.16
C ASP D 368 -52.66 -2.44 -34.38
N VAL D 369 -51.36 -2.06 -34.43
CA VAL D 369 -50.91 -0.85 -33.75
C VAL D 369 -51.58 0.38 -34.37
N MET D 370 -51.66 0.45 -35.70
CA MET D 370 -52.32 1.59 -36.34
C MET D 370 -53.82 1.67 -36.07
N GLU D 371 -54.51 0.53 -36.00
CA GLU D 371 -55.95 0.58 -35.75
C GLU D 371 -56.26 1.27 -34.44
N ARG D 372 -55.43 1.04 -33.43
CA ARG D 372 -55.64 1.65 -32.13
C ARG D 372 -55.47 3.17 -32.13
N GLN D 373 -54.81 3.70 -33.16
CA GLN D 373 -54.54 5.12 -33.30
C GLN D 373 -55.57 5.78 -34.21
N GLY D 374 -56.50 4.98 -34.77
CA GLY D 374 -57.49 5.50 -35.71
C GLY D 374 -57.02 5.59 -37.17
N TYR D 375 -55.99 4.83 -37.54
CA TYR D 375 -55.45 4.89 -38.90
C TYR D 375 -55.29 3.55 -39.58
N ASN D 376 -55.17 3.60 -40.90
CA ASN D 376 -54.83 2.42 -41.68
C ASN D 376 -53.98 2.89 -42.84
N LEU D 377 -53.57 1.98 -43.69
CA LEU D 377 -52.62 2.28 -44.76
C LEU D 377 -53.08 3.31 -45.79
N ASP D 378 -54.38 3.46 -46.00
CA ASP D 378 -54.82 4.38 -47.02
C ASP D 378 -55.14 5.78 -46.51
N SER D 379 -54.94 6.01 -45.22
CA SER D 379 -55.24 7.30 -44.65
C SER D 379 -54.16 8.33 -44.88
N VAL D 380 -54.57 9.56 -45.15
CA VAL D 380 -53.65 10.69 -45.33
C VAL D 380 -53.43 11.40 -44.02
N LEU D 381 -52.17 11.61 -43.66
CA LEU D 381 -51.94 12.23 -42.37
C LEU D 381 -51.96 13.75 -42.46
N PRO D 382 -52.46 14.44 -41.42
CA PRO D 382 -52.37 15.86 -41.21
C PRO D 382 -50.93 16.25 -41.05
N LYS D 383 -50.59 17.45 -41.43
CA LYS D 383 -49.22 17.90 -41.27
C LYS D 383 -48.72 17.68 -39.85
N ASP D 384 -47.54 17.09 -39.76
CA ASP D 384 -46.79 16.78 -38.53
C ASP D 384 -47.41 15.74 -37.58
N GLU D 385 -48.40 15.00 -38.04
CA GLU D 385 -48.98 13.90 -37.27
C GLU D 385 -48.02 12.72 -37.21
N VAL D 386 -47.87 12.06 -36.07
CA VAL D 386 -46.99 10.89 -36.02
C VAL D 386 -47.74 9.61 -35.73
N VAL D 387 -47.51 8.63 -36.58
CA VAL D 387 -48.13 7.32 -36.45
C VAL D 387 -47.10 6.25 -36.19
N TYR D 388 -47.33 5.49 -35.14
CA TYR D 388 -46.40 4.44 -34.77
C TYR D 388 -46.80 3.13 -35.39
N LEU D 389 -45.81 2.39 -35.85
CA LEU D 389 -46.03 1.10 -36.46
C LEU D 389 -45.67 -0.08 -35.56
N ARG D 390 -45.16 0.24 -34.37
CA ARG D 390 -44.72 -0.74 -33.38
C ARG D 390 -45.07 -0.29 -31.97
N ALA D 391 -45.36 -1.25 -31.11
CA ALA D 391 -45.65 -0.97 -29.71
C ALA D 391 -44.43 -0.57 -28.87
N THR D 392 -43.26 -1.11 -29.19
CA THR D 392 -42.05 -0.83 -28.41
C THR D 392 -40.90 -0.42 -29.29
N ALA D 393 -39.91 0.26 -28.71
CA ALA D 393 -38.73 0.66 -29.44
C ALA D 393 -37.71 -0.43 -29.54
N ASN D 394 -37.08 -0.53 -30.69
CA ASN D 394 -36.00 -1.48 -30.91
C ASN D 394 -35.35 -1.15 -32.25
N LEU D 395 -34.03 -1.05 -32.29
CA LEU D 395 -33.37 -0.75 -33.54
C LEU D 395 -33.59 -1.85 -34.57
N SER D 396 -33.70 -3.09 -34.10
CA SER D 396 -33.87 -4.24 -34.98
C SER D 396 -35.24 -4.31 -35.63
N THR D 397 -36.19 -3.49 -35.20
CA THR D 397 -37.52 -3.49 -35.77
C THR D 397 -37.78 -2.22 -36.56
N GLY D 398 -36.75 -1.38 -36.73
CA GLY D 398 -36.92 -0.16 -37.48
C GLY D 398 -37.03 1.13 -36.67
N GLY D 399 -36.75 1.10 -35.36
CA GLY D 399 -36.82 2.30 -34.55
C GLY D 399 -35.50 3.06 -34.61
N ILE D 400 -35.40 4.08 -33.76
CA ILE D 400 -34.22 4.94 -33.72
C ILE D 400 -33.66 5.10 -32.31
N ALA D 401 -32.41 5.58 -32.21
CA ALA D 401 -31.78 5.82 -30.91
C ALA D 401 -31.00 7.11 -30.96
N ILE D 402 -31.28 7.97 -29.98
CA ILE D 402 -30.68 9.28 -29.89
C ILE D 402 -29.78 9.43 -28.67
N ASP D 403 -28.53 9.83 -28.88
CA ASP D 403 -27.63 10.03 -27.74
C ASP D 403 -28.03 11.24 -26.90
N ARG D 404 -28.23 11.02 -25.59
CA ARG D 404 -28.62 12.08 -24.66
C ARG D 404 -27.67 12.08 -23.47
N THR D 405 -26.44 11.64 -23.68
CA THR D 405 -25.54 11.44 -22.56
C THR D 405 -25.18 12.71 -21.83
N ASP D 406 -25.07 13.81 -22.53
CA ASP D 406 -24.67 15.05 -21.91
C ASP D 406 -25.83 15.89 -21.38
N ASP D 407 -27.07 15.38 -21.51
CA ASP D 407 -28.26 16.13 -21.10
C ASP D 407 -28.86 15.65 -19.78
N ILE D 408 -28.22 14.73 -19.12
CA ILE D 408 -28.78 14.15 -17.90
C ILE D 408 -28.41 14.96 -16.66
N HIS D 409 -29.43 15.25 -15.86
CA HIS D 409 -29.33 16.02 -14.62
C HIS D 409 -28.43 15.31 -13.57
N PRO D 410 -27.56 16.02 -12.81
CA PRO D 410 -26.73 15.49 -11.74
C PRO D 410 -27.43 14.65 -10.66
N GLU D 411 -28.70 14.94 -10.38
CA GLU D 411 -29.38 14.16 -9.39
C GLU D 411 -29.79 12.84 -9.97
N ASN D 412 -30.14 12.84 -11.26
CA ASN D 412 -30.53 11.62 -11.92
C ASN D 412 -29.32 10.72 -12.09
N ILE D 413 -28.13 11.32 -12.23
CA ILE D 413 -26.93 10.50 -12.36
C ILE D 413 -26.70 9.76 -11.06
N TRP D 414 -26.83 10.45 -9.93
CA TRP D 414 -26.68 9.85 -8.61
C TRP D 414 -27.65 8.71 -8.39
N LEU D 415 -28.91 8.90 -8.76
CA LEU D 415 -29.88 7.86 -8.57
C LEU D 415 -29.58 6.61 -9.38
N MET D 416 -29.16 6.75 -10.64
CA MET D 416 -28.87 5.58 -11.46
C MET D 416 -27.73 4.75 -10.93
N GLU D 417 -26.71 5.39 -10.43
CA GLU D 417 -25.57 4.69 -9.88
C GLU D 417 -25.98 3.94 -8.62
N ARG D 418 -26.85 4.54 -7.81
CA ARG D 418 -27.34 3.91 -6.59
C ARG D 418 -28.15 2.66 -6.94
N VAL D 419 -28.95 2.69 -8.01
CA VAL D 419 -29.75 1.52 -8.41
C VAL D 419 -28.87 0.35 -8.77
N ALA D 420 -27.81 0.57 -9.54
CA ALA D 420 -26.92 -0.52 -9.92
C ALA D 420 -26.25 -1.18 -8.71
N LYS D 421 -25.86 -0.38 -7.72
CA LYS D 421 -25.22 -0.87 -6.49
C LYS D 421 -26.18 -1.63 -5.59
N VAL D 422 -27.43 -1.19 -5.51
CA VAL D 422 -28.44 -1.88 -4.71
C VAL D 422 -28.72 -3.27 -5.24
N ILE D 423 -28.83 -3.42 -6.55
CA ILE D 423 -29.06 -4.73 -7.14
C ILE D 423 -27.79 -5.59 -7.08
N GLY D 424 -26.62 -5.00 -7.34
CA GLY D 424 -25.40 -5.76 -7.28
C GLY D 424 -24.78 -6.13 -8.62
N LEU D 425 -25.03 -5.31 -9.65
CA LEU D 425 -24.48 -5.59 -10.98
C LEU D 425 -23.27 -4.74 -11.30
N ASP D 426 -22.29 -5.27 -12.04
CA ASP D 426 -21.18 -4.44 -12.48
C ASP D 426 -21.59 -3.71 -13.75
N ILE D 427 -21.96 -4.46 -14.78
CA ILE D 427 -22.42 -3.84 -16.00
C ILE D 427 -23.92 -3.97 -16.04
N ALA D 428 -24.63 -2.85 -16.11
CA ALA D 428 -26.07 -2.90 -16.09
C ALA D 428 -26.75 -1.89 -16.97
N GLY D 429 -27.88 -2.32 -17.54
CA GLY D 429 -28.72 -1.41 -18.28
C GLY D 429 -29.93 -1.07 -17.44
N ILE D 430 -30.31 0.19 -17.42
CA ILE D 430 -31.48 0.59 -16.66
C ILE D 430 -32.51 1.25 -17.58
N ASP D 431 -33.74 0.76 -17.52
CA ASP D 431 -34.86 1.28 -18.31
C ASP D 431 -35.67 2.29 -17.52
N VAL D 432 -35.68 3.52 -18.02
CA VAL D 432 -36.32 4.65 -17.37
C VAL D 432 -37.42 5.30 -18.23
N VAL D 433 -38.57 5.56 -17.64
CA VAL D 433 -39.63 6.26 -18.36
C VAL D 433 -39.80 7.65 -17.79
N THR D 434 -39.56 8.63 -18.64
CA THR D 434 -39.63 10.03 -18.23
C THR D 434 -39.88 10.94 -19.38
N SER D 435 -40.54 12.04 -19.11
CA SER D 435 -40.77 13.04 -20.14
C SER D 435 -39.58 13.96 -20.36
N ASP D 436 -38.68 14.07 -19.39
CA ASP D 436 -37.53 14.97 -19.53
C ASP D 436 -36.33 14.52 -18.68
N ILE D 437 -35.32 13.97 -19.33
CA ILE D 437 -34.14 13.42 -18.65
C ILE D 437 -33.26 14.52 -18.00
N SER D 438 -33.53 15.78 -18.36
CA SER D 438 -32.78 16.93 -17.88
C SER D 438 -33.34 17.51 -16.59
N LYS D 439 -34.44 16.94 -16.08
CA LYS D 439 -35.05 17.35 -14.84
C LYS D 439 -35.04 16.15 -13.91
N PRO D 440 -35.06 16.31 -12.57
CA PRO D 440 -35.14 15.22 -11.63
C PRO D 440 -36.38 14.36 -11.84
N LEU D 441 -36.24 13.06 -11.64
CA LEU D 441 -37.40 12.17 -11.86
C LEU D 441 -38.55 12.50 -10.94
N ARG D 442 -38.29 13.05 -9.75
CA ARG D 442 -39.38 13.35 -8.84
C ARG D 442 -40.25 14.53 -9.32
N GLU D 443 -39.73 15.34 -10.23
CA GLU D 443 -40.45 16.52 -10.70
C GLU D 443 -41.25 16.23 -11.96
N THR D 444 -40.77 15.27 -12.73
CA THR D 444 -41.43 14.90 -13.98
C THR D 444 -42.34 13.70 -13.77
N ASN D 445 -42.36 13.20 -12.54
CA ASN D 445 -43.08 12.00 -12.12
C ASN D 445 -42.67 10.76 -12.92
N GLY D 446 -41.37 10.58 -13.12
CA GLY D 446 -40.87 9.44 -13.86
C GLY D 446 -40.62 8.23 -12.98
N VAL D 447 -40.45 7.08 -13.62
CA VAL D 447 -40.18 5.82 -12.91
C VAL D 447 -39.08 4.97 -13.52
N ILE D 448 -38.54 4.08 -12.70
CA ILE D 448 -37.60 3.09 -13.18
C ILE D 448 -38.37 1.82 -13.39
N VAL D 449 -38.37 1.36 -14.62
CA VAL D 449 -39.15 0.23 -15.02
C VAL D 449 -38.41 -1.09 -14.91
N GLU D 450 -37.16 -1.12 -15.32
CA GLU D 450 -36.42 -2.37 -15.32
C GLU D 450 -34.91 -2.27 -15.17
N VAL D 451 -34.31 -3.32 -14.59
CA VAL D 451 -32.87 -3.49 -14.56
C VAL D 451 -32.46 -4.74 -15.40
N ASN D 452 -31.41 -4.60 -16.22
CA ASN D 452 -30.91 -5.68 -17.07
C ASN D 452 -29.46 -6.05 -16.93
N ALA D 453 -29.24 -7.32 -16.63
CA ALA D 453 -27.90 -7.85 -16.57
C ALA D 453 -27.48 -8.11 -18.00
N ALA D 454 -26.21 -8.01 -18.30
CA ALA D 454 -25.67 -8.27 -19.63
C ALA D 454 -26.35 -7.53 -20.79
N PRO D 455 -26.47 -6.19 -20.76
CA PRO D 455 -27.13 -5.37 -21.76
C PRO D 455 -26.34 -5.32 -23.05
N GLY D 456 -26.97 -5.05 -24.19
CA GLY D 456 -26.19 -4.90 -25.42
C GLY D 456 -25.63 -3.49 -25.58
N PHE D 457 -24.74 -3.30 -26.56
CA PHE D 457 -24.12 -1.99 -26.79
C PHE D 457 -24.45 -1.24 -28.08
N ARG D 458 -25.15 -1.85 -29.03
CA ARG D 458 -25.39 -1.23 -30.34
C ARG D 458 -25.95 0.16 -30.33
N MET D 459 -26.86 0.47 -29.45
CA MET D 459 -27.49 1.77 -29.45
C MET D 459 -26.55 2.86 -28.95
N HIS D 460 -25.45 2.48 -28.31
CA HIS D 460 -24.53 3.43 -27.75
C HIS D 460 -23.29 3.56 -28.63
N VAL D 461 -22.95 2.50 -29.36
CA VAL D 461 -21.77 2.56 -30.22
C VAL D 461 -22.15 2.90 -31.65
N ALA D 462 -23.43 2.79 -32.00
CA ALA D 462 -23.93 3.13 -33.30
C ALA D 462 -25.32 3.77 -33.24
N PRO D 463 -25.47 4.95 -32.64
CA PRO D 463 -26.72 5.66 -32.49
C PRO D 463 -27.15 6.18 -33.84
N SER D 464 -28.43 6.45 -34.03
CA SER D 464 -28.82 7.03 -35.31
C SER D 464 -28.68 8.54 -35.29
N GLN D 465 -28.71 9.12 -34.10
CA GLN D 465 -28.47 10.54 -33.96
C GLN D 465 -27.50 10.77 -32.82
N GLY D 466 -26.61 11.73 -32.98
CA GLY D 466 -25.65 12.02 -31.93
C GLY D 466 -24.34 11.31 -32.17
N LEU D 467 -23.45 11.43 -31.21
CA LEU D 467 -22.10 10.94 -31.30
C LEU D 467 -21.93 9.51 -30.71
N PRO D 468 -21.26 8.55 -31.39
CA PRO D 468 -20.92 7.23 -30.89
C PRO D 468 -20.03 7.29 -29.66
N ARG D 469 -20.21 6.35 -28.72
CA ARG D 469 -19.41 6.32 -27.50
C ARG D 469 -18.54 5.08 -27.37
N ASN D 470 -17.34 5.24 -26.84
CA ASN D 470 -16.49 4.09 -26.64
C ASN D 470 -16.80 3.44 -25.31
N VAL D 471 -17.73 2.52 -25.39
CA VAL D 471 -18.27 1.77 -24.28
C VAL D 471 -17.27 0.76 -23.71
N ALA D 472 -16.51 0.10 -24.58
CA ALA D 472 -15.53 -0.89 -24.15
C ALA D 472 -14.44 -0.35 -23.27
N ALA D 473 -13.99 0.88 -23.49
CA ALA D 473 -12.88 1.37 -22.72
C ALA D 473 -13.14 1.29 -21.19
N PRO D 474 -14.28 1.73 -20.61
CA PRO D 474 -14.64 1.56 -19.22
C PRO D 474 -14.75 0.11 -18.74
N VAL D 475 -14.90 -0.84 -19.65
CA VAL D 475 -15.02 -2.24 -19.25
C VAL D 475 -13.62 -2.75 -19.02
N LEU D 476 -12.73 -2.49 -19.95
CA LEU D 476 -11.36 -2.94 -19.83
C LEU D 476 -10.65 -2.26 -18.68
N ASP D 477 -11.04 -1.05 -18.35
CA ASP D 477 -10.46 -0.37 -17.21
C ASP D 477 -10.84 -1.04 -15.87
N MET D 478 -11.97 -1.75 -15.77
CA MET D 478 -12.24 -2.37 -14.48
C MET D 478 -11.56 -3.72 -14.42
N LEU D 479 -11.44 -4.38 -15.58
CA LEU D 479 -10.84 -5.70 -15.62
C LEU D 479 -9.34 -5.63 -15.46
N PHE D 480 -8.71 -4.61 -16.05
CA PHE D 480 -7.29 -4.39 -15.99
C PHE D 480 -7.00 -2.95 -15.56
N PRO D 481 -7.12 -2.61 -14.27
CA PRO D 481 -7.03 -1.27 -13.76
C PRO D 481 -5.73 -0.62 -14.20
N PRO D 482 -5.69 0.69 -14.41
CA PRO D 482 -4.51 1.40 -14.84
C PRO D 482 -3.36 1.12 -13.93
N GLY D 483 -2.20 0.87 -14.53
CA GLY D 483 -1.01 0.58 -13.78
C GLY D 483 -0.76 -0.90 -13.54
N THR D 484 -1.74 -1.76 -13.84
CA THR D 484 -1.50 -3.17 -13.61
C THR D 484 -1.14 -3.87 -14.93
N PRO D 485 -0.39 -4.99 -14.89
CA PRO D 485 -0.05 -5.85 -16.01
C PRO D 485 -1.19 -6.75 -16.46
N SER D 486 -1.16 -7.14 -17.72
CA SER D 486 -2.05 -8.14 -18.29
C SER D 486 -1.28 -9.38 -18.74
N ARG D 487 0.03 -9.34 -18.61
CA ARG D 487 0.96 -10.38 -19.04
C ARG D 487 1.93 -10.78 -17.95
N ILE D 488 2.45 -11.99 -18.09
CA ILE D 488 3.48 -12.47 -17.20
C ILE D 488 4.75 -12.53 -18.03
N PRO D 489 5.96 -12.50 -17.45
CA PRO D 489 7.21 -12.64 -18.16
C PRO D 489 7.35 -13.92 -18.93
N ILE D 490 7.84 -13.81 -20.15
CA ILE D 490 8.10 -14.96 -21.00
C ILE D 490 9.54 -14.98 -21.44
N LEU D 491 10.20 -16.11 -21.17
CA LEU D 491 11.58 -16.31 -21.55
C LEU D 491 11.63 -17.47 -22.53
N ALA D 492 11.96 -17.15 -23.77
CA ALA D 492 11.95 -18.14 -24.84
C ALA D 492 13.37 -18.56 -25.23
N VAL D 493 13.64 -19.86 -25.23
CA VAL D 493 14.98 -20.37 -25.51
C VAL D 493 15.07 -21.21 -26.77
N THR D 494 15.93 -20.83 -27.72
CA THR D 494 16.08 -21.66 -28.90
C THR D 494 17.55 -21.85 -29.30
N GLY D 495 17.78 -22.61 -30.36
CA GLY D 495 19.13 -22.92 -30.88
C GLY D 495 19.24 -24.39 -31.23
N THR D 496 20.23 -24.78 -32.01
CA THR D 496 20.35 -26.18 -32.41
C THR D 496 20.63 -27.17 -31.28
N ASN D 497 21.57 -26.86 -30.38
CA ASN D 497 21.91 -27.75 -29.25
C ASN D 497 21.95 -26.99 -27.91
N GLY D 498 21.54 -27.65 -26.82
CA GLY D 498 21.63 -27.09 -25.46
C GLY D 498 20.36 -26.47 -24.84
N LYS D 499 19.26 -26.42 -25.58
CA LYS D 499 17.99 -25.86 -25.13
C LYS D 499 17.41 -26.42 -23.86
N THR D 500 17.35 -27.74 -23.73
CA THR D 500 16.74 -28.37 -22.56
C THR D 500 17.51 -28.09 -21.29
N THR D 501 18.83 -28.14 -21.35
CA THR D 501 19.67 -27.88 -20.21
C THR D 501 19.55 -26.44 -19.74
N THR D 502 19.55 -25.50 -20.70
CA THR D 502 19.47 -24.09 -20.42
C THR D 502 18.11 -23.75 -19.81
N THR D 503 17.04 -24.37 -20.33
CA THR D 503 15.67 -24.18 -19.88
C THR D 503 15.47 -24.64 -18.43
N ARG D 504 16.00 -25.81 -18.07
CA ARG D 504 15.88 -26.29 -16.70
C ARG D 504 16.67 -25.47 -15.70
N LEU D 505 17.86 -24.99 -16.08
CA LEU D 505 18.64 -24.15 -15.18
C LEU D 505 17.98 -22.82 -14.96
N LEU D 506 17.48 -22.20 -16.02
CA LEU D 506 16.87 -20.91 -15.90
C LEU D 506 15.61 -20.99 -15.06
N ALA D 507 14.80 -22.04 -15.23
CA ALA D 507 13.60 -22.20 -14.41
C ALA D 507 13.97 -22.38 -12.93
N HIS D 508 15.05 -23.11 -12.64
CA HIS D 508 15.57 -23.34 -11.29
C HIS D 508 15.98 -22.02 -10.63
N ILE D 509 16.61 -21.12 -11.37
CA ILE D 509 17.03 -19.84 -10.84
C ILE D 509 15.81 -18.97 -10.47
N TYR D 510 14.80 -18.90 -11.34
CA TYR D 510 13.62 -18.08 -11.02
C TYR D 510 12.83 -18.61 -9.86
N ARG D 511 12.87 -19.89 -9.69
CA ARG D 511 12.21 -20.58 -8.62
C ARG D 511 12.76 -20.20 -7.24
N GLN D 512 13.98 -19.65 -7.17
CA GLN D 512 14.63 -19.33 -5.91
C GLN D 512 14.08 -18.03 -5.36
N THR D 513 13.23 -17.37 -6.13
CA THR D 513 12.62 -16.13 -5.71
C THR D 513 11.27 -16.39 -5.05
N GLY D 514 10.81 -17.66 -5.05
CA GLY D 514 9.53 -18.03 -4.43
C GLY D 514 8.29 -17.93 -5.30
N LYS D 515 8.45 -17.70 -6.59
CA LYS D 515 7.33 -17.58 -7.53
C LYS D 515 6.95 -18.89 -8.17
N THR D 516 5.73 -18.96 -8.73
CA THR D 516 5.33 -20.16 -9.45
C THR D 516 5.85 -20.07 -10.86
N VAL D 517 6.64 -21.07 -11.19
CA VAL D 517 7.30 -21.10 -12.47
C VAL D 517 6.86 -22.29 -13.27
N GLY D 518 6.38 -22.04 -14.46
CA GLY D 518 5.98 -23.11 -15.33
C GLY D 518 6.95 -23.21 -16.48
N TYR D 519 7.19 -24.40 -16.96
CA TYR D 519 8.06 -24.53 -18.11
C TYR D 519 7.77 -25.74 -18.94
N THR D 520 8.18 -25.67 -20.18
CA THR D 520 8.00 -26.81 -21.08
C THR D 520 9.30 -27.21 -21.68
N SER D 521 9.45 -28.51 -21.85
CA SER D 521 10.63 -29.07 -22.46
C SER D 521 10.29 -30.31 -23.27
N THR D 522 11.31 -30.90 -23.83
CA THR D 522 11.14 -32.14 -24.57
C THR D 522 10.89 -33.38 -23.70
N ASP D 523 10.99 -33.25 -22.37
CA ASP D 523 10.73 -34.40 -21.53
C ASP D 523 9.29 -34.40 -20.94
N ALA D 524 8.79 -33.20 -20.57
CA ALA D 524 7.52 -32.98 -19.87
C ALA D 524 7.13 -31.50 -19.73
N ILE D 525 5.91 -31.27 -19.23
CA ILE D 525 5.44 -29.94 -18.81
C ILE D 525 5.39 -29.93 -17.30
N TYR D 526 6.04 -28.95 -16.67
CA TYR D 526 6.10 -28.82 -15.22
C TYR D 526 5.65 -27.50 -14.65
N ILE D 527 5.07 -27.55 -13.45
CA ILE D 527 4.81 -26.35 -12.67
C ILE D 527 5.36 -26.54 -11.26
N ASN D 528 6.35 -25.75 -10.85
CA ASN D 528 6.94 -25.87 -9.50
C ASN D 528 7.30 -27.27 -9.09
N GLU D 529 7.98 -27.99 -9.94
CA GLU D 529 8.40 -29.38 -9.69
C GLU D 529 7.31 -30.46 -9.69
N TYR D 530 6.10 -30.14 -10.11
CA TYR D 530 5.11 -31.17 -10.31
C TYR D 530 4.94 -31.39 -11.78
N CYS D 531 4.80 -32.62 -12.20
CA CYS D 531 4.64 -32.88 -13.61
C CYS D 531 3.17 -32.82 -14.00
N VAL D 532 2.87 -32.07 -15.05
CA VAL D 532 1.53 -31.90 -15.56
C VAL D 532 1.29 -32.90 -16.69
N GLU D 533 2.21 -32.97 -17.63
CA GLU D 533 2.12 -33.91 -18.76
C GLU D 533 3.50 -34.46 -19.06
N LYS D 534 3.59 -35.66 -19.62
CA LYS D 534 4.89 -36.24 -20.02
C LYS D 534 5.02 -36.39 -21.52
N GLY D 535 6.25 -36.42 -22.02
CA GLY D 535 6.50 -36.60 -23.45
C GLY D 535 7.04 -35.34 -24.09
N ASP D 536 7.22 -35.34 -25.39
CA ASP D 536 7.79 -34.16 -26.04
C ASP D 536 6.76 -33.10 -26.04
N ASN D 537 6.97 -32.10 -25.22
CA ASN D 537 6.02 -31.07 -25.04
C ASN D 537 6.46 -29.75 -25.56
N THR D 538 7.34 -29.76 -26.53
CA THR D 538 7.68 -28.50 -27.14
C THR D 538 6.59 -28.20 -28.16
N GLY D 539 6.54 -26.96 -28.63
CA GLY D 539 5.54 -26.57 -29.61
C GLY D 539 4.45 -25.71 -28.97
N PRO D 540 3.65 -25.03 -29.81
CA PRO D 540 2.62 -24.08 -29.43
C PRO D 540 1.44 -24.65 -28.66
N GLN D 541 1.21 -25.95 -28.74
CA GLN D 541 0.11 -26.51 -27.99
C GLN D 541 0.46 -26.62 -26.53
N SER D 542 1.74 -26.76 -26.19
CA SER D 542 2.13 -26.89 -24.81
C SER D 542 2.32 -25.54 -24.21
N ALA D 543 2.79 -24.61 -25.02
CA ALA D 543 3.00 -23.27 -24.54
C ALA D 543 1.68 -22.71 -24.06
N GLY D 544 0.59 -23.09 -24.74
CA GLY D 544 -0.76 -22.69 -24.40
C GLY D 544 -1.27 -23.26 -23.08
N VAL D 545 -0.70 -24.36 -22.61
CA VAL D 545 -1.12 -24.95 -21.35
C VAL D 545 -0.59 -24.08 -20.24
N ILE D 546 0.66 -23.66 -20.37
CA ILE D 546 1.26 -22.80 -19.37
C ILE D 546 0.64 -21.40 -19.39
N LEU D 547 0.44 -20.81 -20.55
CA LEU D 547 -0.10 -19.46 -20.60
C LEU D 547 -1.54 -19.36 -20.13
N ARG D 548 -2.33 -20.41 -20.29
CA ARG D 548 -3.70 -20.38 -19.81
C ARG D 548 -3.83 -20.77 -18.33
N ASP D 549 -2.74 -21.18 -17.67
CA ASP D 549 -2.79 -21.66 -16.30
C ASP D 549 -2.85 -20.50 -15.30
N PRO D 550 -3.91 -20.39 -14.47
CA PRO D 550 -4.22 -19.32 -13.55
C PRO D 550 -3.25 -19.15 -12.40
N THR D 551 -2.32 -20.07 -12.21
CA THR D 551 -1.38 -19.96 -11.12
C THR D 551 0.01 -19.52 -11.55
N VAL D 552 0.33 -19.53 -12.85
CA VAL D 552 1.70 -19.28 -13.28
C VAL D 552 2.09 -17.81 -13.31
N GLU D 553 3.25 -17.51 -12.70
CA GLU D 553 3.79 -16.16 -12.63
C GLU D 553 4.93 -15.92 -13.63
N VAL D 554 5.71 -16.95 -13.93
CA VAL D 554 6.82 -16.89 -14.89
C VAL D 554 6.76 -18.05 -15.87
N ALA D 555 6.91 -17.81 -17.17
CA ALA D 555 6.94 -18.90 -18.15
C ALA D 555 8.28 -19.03 -18.85
N VAL D 556 8.87 -20.24 -18.80
CA VAL D 556 10.14 -20.50 -19.49
C VAL D 556 9.89 -21.60 -20.54
N LEU D 557 10.06 -21.28 -21.82
CA LEU D 557 9.66 -22.22 -22.87
C LEU D 557 10.76 -22.65 -23.85
N GLU D 558 11.12 -23.95 -23.95
CA GLU D 558 12.13 -24.25 -24.98
C GLU D 558 11.37 -24.27 -26.30
N THR D 559 11.94 -23.67 -27.35
CA THR D 559 11.29 -23.60 -28.65
C THR D 559 12.08 -24.27 -29.77
N ALA D 560 11.44 -25.23 -30.41
CA ALA D 560 12.00 -26.02 -31.47
C ALA D 560 11.53 -25.58 -32.85
N ARG D 561 12.34 -25.89 -33.87
CA ARG D 561 12.03 -25.62 -35.26
C ARG D 561 10.82 -26.39 -35.77
N GLY D 562 10.53 -27.55 -35.21
CA GLY D 562 9.41 -28.33 -35.67
C GLY D 562 8.15 -27.54 -35.44
N GLY D 563 7.99 -27.03 -34.23
CA GLY D 563 6.82 -26.26 -33.88
C GLY D 563 6.72 -24.98 -34.69
N ILE D 564 7.83 -24.29 -34.92
CA ILE D 564 7.72 -23.04 -35.66
C ILE D 564 7.31 -23.29 -37.09
N LEU D 565 7.94 -24.24 -37.75
CA LEU D 565 7.62 -24.51 -39.14
C LEU D 565 6.24 -25.09 -39.35
N ARG D 566 5.76 -25.88 -38.41
CA ARG D 566 4.45 -26.49 -38.51
C ARG D 566 3.30 -25.55 -38.17
N ALA D 567 3.41 -24.73 -37.11
CA ALA D 567 2.26 -23.89 -36.76
C ALA D 567 2.54 -22.47 -36.23
N GLY D 568 3.78 -21.94 -36.27
CA GLY D 568 4.08 -20.60 -35.74
C GLY D 568 4.29 -20.58 -34.22
N LEU D 569 4.62 -19.43 -33.65
CA LEU D 569 4.80 -19.31 -32.20
C LEU D 569 3.47 -19.06 -31.49
N ALA D 570 3.33 -19.57 -30.27
CA ALA D 570 2.11 -19.39 -29.48
C ALA D 570 1.90 -18.06 -28.78
N PHE D 571 2.95 -17.26 -28.60
CA PHE D 571 2.83 -16.06 -27.79
C PHE D 571 2.94 -14.67 -28.39
N ASP D 572 3.21 -14.51 -29.67
CA ASP D 572 3.38 -13.17 -30.31
C ASP D 572 4.59 -12.34 -29.90
N SER D 573 4.79 -12.10 -28.62
CA SER D 573 5.96 -11.37 -28.15
C SER D 573 6.46 -11.86 -26.81
N CYS D 574 7.72 -11.57 -26.51
CA CYS D 574 8.33 -11.99 -25.25
C CYS D 574 9.32 -10.99 -24.68
N ASP D 575 9.76 -11.24 -23.44
CA ASP D 575 10.68 -10.32 -22.77
C ASP D 575 12.12 -10.64 -23.01
N VAL D 576 12.43 -11.93 -23.03
CA VAL D 576 13.78 -12.34 -23.30
C VAL D 576 13.77 -13.40 -24.36
N GLY D 577 14.62 -13.24 -25.35
CA GLY D 577 14.77 -14.25 -26.40
C GLY D 577 16.21 -14.69 -26.43
N VAL D 578 16.46 -15.97 -26.18
CA VAL D 578 17.82 -16.50 -26.14
C VAL D 578 18.11 -17.39 -27.33
N VAL D 579 19.17 -17.07 -28.09
CA VAL D 579 19.55 -17.92 -29.22
C VAL D 579 20.93 -18.47 -28.91
N LEU D 580 21.02 -19.78 -28.76
CA LEU D 580 22.27 -20.37 -28.33
C LEU D 580 23.29 -20.71 -29.41
N ASN D 581 22.84 -21.15 -30.58
CA ASN D 581 23.75 -21.57 -31.66
C ASN D 581 23.00 -21.99 -32.90
N VAL D 582 23.65 -21.92 -34.06
CA VAL D 582 23.07 -22.48 -35.28
C VAL D 582 24.02 -23.54 -35.84
N ALA D 583 23.51 -24.73 -36.10
CA ALA D 583 24.36 -25.80 -36.61
C ALA D 583 23.57 -26.67 -37.55
N ALA D 584 24.26 -27.41 -38.40
CA ALA D 584 23.62 -28.18 -39.46
C ALA D 584 22.99 -29.49 -39.07
N ASP D 585 21.95 -29.42 -38.25
CA ASP D 585 21.17 -30.61 -37.92
C ASP D 585 19.82 -30.41 -38.57
N HIS D 586 19.11 -31.49 -38.79
CA HIS D 586 17.77 -31.45 -39.37
C HIS D 586 17.73 -30.81 -40.74
N LEU D 587 18.79 -30.90 -41.54
CA LEU D 587 18.70 -30.26 -42.84
C LEU D 587 18.03 -31.21 -43.78
N GLY D 588 17.27 -30.66 -44.68
CA GLY D 588 16.54 -31.38 -45.68
C GLY D 588 15.09 -31.59 -45.24
N LEU D 589 14.79 -31.31 -43.98
CA LEU D 589 13.44 -31.50 -43.51
C LEU D 589 12.71 -30.18 -43.49
N GLY D 590 11.41 -30.21 -43.80
CA GLY D 590 10.60 -29.00 -43.69
C GLY D 590 10.95 -27.96 -44.73
N ASP D 591 11.52 -28.41 -45.84
CA ASP D 591 11.99 -27.54 -46.92
C ASP D 591 13.17 -26.62 -46.52
N ILE D 592 13.87 -26.92 -45.43
CA ILE D 592 15.06 -26.16 -45.07
C ILE D 592 16.28 -26.99 -45.44
N ASP D 593 16.96 -26.59 -46.49
CA ASP D 593 18.10 -27.32 -47.01
C ASP D 593 19.46 -26.75 -46.62
N THR D 594 19.54 -25.45 -46.36
CA THR D 594 20.84 -24.84 -46.11
C THR D 594 20.96 -24.28 -44.70
N ILE D 595 22.18 -23.93 -44.32
CA ILE D 595 22.43 -23.36 -43.01
C ILE D 595 21.92 -21.93 -42.93
N GLU D 596 21.98 -21.20 -44.05
CA GLU D 596 21.48 -19.84 -44.10
C GLU D 596 19.97 -19.83 -43.89
N GLN D 597 19.27 -20.87 -44.37
CA GLN D 597 17.85 -20.98 -44.13
C GLN D 597 17.56 -21.34 -42.69
N MET D 598 18.37 -22.23 -42.10
CA MET D 598 18.14 -22.62 -40.72
C MET D 598 18.30 -21.43 -39.80
N ALA D 599 19.20 -20.53 -40.14
CA ALA D 599 19.40 -19.32 -39.38
C ALA D 599 18.16 -18.42 -39.39
N LYS D 600 17.35 -18.45 -40.48
CA LYS D 600 16.14 -17.63 -40.58
C LYS D 600 15.02 -18.20 -39.75
N VAL D 601 15.07 -19.50 -39.52
CA VAL D 601 14.10 -20.12 -38.67
C VAL D 601 14.42 -19.73 -37.23
N LYS D 602 15.68 -19.80 -36.84
CA LYS D 602 16.04 -19.49 -35.45
C LYS D 602 15.87 -18.02 -35.11
N SER D 603 16.07 -17.14 -36.08
CA SER D 603 15.98 -15.71 -35.88
C SER D 603 14.57 -15.24 -35.55
N VAL D 604 13.56 -16.10 -35.72
CA VAL D 604 12.18 -15.72 -35.41
C VAL D 604 12.10 -15.32 -33.95
N ILE D 605 12.81 -16.01 -33.04
CA ILE D 605 12.74 -15.63 -31.64
C ILE D 605 13.32 -14.27 -31.38
N ALA D 606 14.46 -13.95 -31.95
CA ALA D 606 15.09 -12.66 -31.74
C ALA D 606 14.20 -11.51 -32.22
N GLU D 607 13.48 -11.74 -33.30
CA GLU D 607 12.63 -10.71 -33.92
C GLU D 607 11.27 -10.52 -33.26
N VAL D 608 10.92 -11.30 -32.25
CA VAL D 608 9.63 -11.10 -31.59
C VAL D 608 9.84 -10.57 -30.18
N VAL D 609 11.07 -10.20 -29.85
CA VAL D 609 11.27 -9.68 -28.53
C VAL D 609 10.78 -8.24 -28.51
N ASP D 610 9.98 -7.91 -27.50
CA ASP D 610 9.42 -6.59 -27.31
C ASP D 610 10.54 -5.56 -27.24
N PRO D 611 10.43 -4.35 -27.82
CA PRO D 611 11.45 -3.31 -27.81
C PRO D 611 11.99 -2.96 -26.42
N SER D 612 11.21 -3.20 -25.37
CA SER D 612 11.65 -2.90 -24.01
C SER D 612 12.48 -4.05 -23.40
N GLY D 613 12.54 -5.18 -24.10
CA GLY D 613 13.22 -6.39 -23.67
C GLY D 613 14.59 -6.57 -24.31
N TYR D 614 15.09 -7.80 -24.19
CA TYR D 614 16.41 -8.19 -24.66
C TYR D 614 16.51 -9.45 -25.48
N ALA D 615 17.46 -9.42 -26.39
CA ALA D 615 17.86 -10.59 -27.12
C ALA D 615 19.23 -10.99 -26.59
N VAL D 616 19.42 -12.27 -26.32
CA VAL D 616 20.69 -12.78 -25.83
C VAL D 616 21.35 -13.62 -26.89
N LEU D 617 22.46 -13.12 -27.40
CA LEU D 617 23.13 -13.76 -28.52
C LEU D 617 24.50 -14.32 -28.18
N ASN D 618 24.88 -15.34 -28.91
CA ASN D 618 26.18 -15.97 -28.78
C ASN D 618 27.20 -15.27 -29.68
N ALA D 619 28.16 -14.55 -29.10
CA ALA D 619 29.12 -13.75 -29.88
C ALA D 619 30.19 -14.60 -30.53
N ASP D 620 30.25 -15.87 -30.17
CA ASP D 620 31.24 -16.78 -30.72
C ASP D 620 30.67 -17.55 -31.91
N ASP D 621 29.43 -17.24 -32.30
CA ASP D 621 28.75 -17.90 -33.41
C ASP D 621 28.41 -16.88 -34.51
N PRO D 622 29.10 -16.91 -35.67
CA PRO D 622 28.95 -15.98 -36.79
C PRO D 622 27.54 -15.81 -37.36
N LEU D 623 26.67 -16.83 -37.24
CA LEU D 623 25.33 -16.65 -37.80
C LEU D 623 24.43 -16.03 -36.77
N VAL D 624 24.71 -16.34 -35.50
CA VAL D 624 23.89 -15.82 -34.42
C VAL D 624 24.22 -14.36 -34.14
N ALA D 625 25.49 -14.00 -34.10
CA ALA D 625 25.88 -12.63 -33.81
C ALA D 625 25.29 -11.66 -34.84
N ALA D 626 25.18 -12.11 -36.07
CA ALA D 626 24.66 -11.38 -37.21
C ALA D 626 23.18 -11.02 -37.09
N MET D 627 22.45 -11.68 -36.19
CA MET D 627 21.03 -11.45 -36.02
C MET D 627 20.78 -10.13 -35.34
N ALA D 628 21.84 -9.54 -34.76
CA ALA D 628 21.74 -8.31 -34.01
C ALA D 628 21.24 -7.16 -34.86
N ASP D 629 21.36 -7.26 -36.18
CA ASP D 629 20.95 -6.19 -37.08
C ASP D 629 19.48 -6.28 -37.48
N LYS D 630 18.78 -7.32 -37.02
CA LYS D 630 17.36 -7.51 -37.29
C LYS D 630 16.56 -7.18 -36.05
N VAL D 631 17.19 -7.30 -34.90
CA VAL D 631 16.57 -7.09 -33.60
C VAL D 631 16.20 -5.64 -33.32
N LYS D 632 14.94 -5.44 -32.88
CA LYS D 632 14.37 -4.15 -32.49
C LYS D 632 14.50 -3.87 -30.99
N ALA D 633 14.92 -4.90 -30.29
CA ALA D 633 15.12 -5.01 -28.85
C ALA D 633 16.57 -4.70 -28.51
N LYS D 634 16.89 -4.68 -27.23
CA LYS D 634 18.25 -4.45 -26.79
C LYS D 634 19.03 -5.73 -26.98
N VAL D 635 20.33 -5.64 -27.16
CA VAL D 635 21.13 -6.85 -27.33
C VAL D 635 22.17 -7.04 -26.27
N ALA D 636 22.24 -8.24 -25.72
CA ALA D 636 23.24 -8.65 -24.76
C ALA D 636 24.02 -9.80 -25.37
N TYR D 637 25.29 -9.94 -25.04
CA TYR D 637 26.09 -11.04 -25.61
C TYR D 637 26.79 -11.91 -24.62
N PHE D 638 27.00 -13.16 -24.99
CA PHE D 638 27.82 -13.99 -24.15
C PHE D 638 28.92 -14.65 -24.97
N SER D 639 30.04 -14.98 -24.30
CA SER D 639 31.14 -15.68 -24.95
C SER D 639 32.06 -16.44 -24.00
N MET D 640 32.85 -17.34 -24.57
CA MET D 640 33.84 -18.12 -23.82
C MET D 640 35.24 -17.54 -23.94
N ASN D 641 35.32 -16.38 -24.55
CA ASN D 641 36.57 -15.71 -24.81
C ASN D 641 36.42 -14.22 -24.58
N PRO D 642 36.94 -13.66 -23.48
CA PRO D 642 36.84 -12.27 -23.07
C PRO D 642 37.39 -11.28 -24.07
N ASP D 643 38.24 -11.75 -24.99
CA ASP D 643 38.85 -10.87 -25.95
C ASP D 643 38.11 -10.80 -27.28
N ASN D 644 36.96 -11.44 -27.37
CA ASN D 644 36.16 -11.40 -28.58
C ASN D 644 35.87 -9.93 -28.90
N PRO D 645 36.29 -9.39 -30.07
CA PRO D 645 36.13 -8.01 -30.49
C PRO D 645 34.72 -7.47 -30.39
N ILE D 646 33.71 -8.34 -30.49
CA ILE D 646 32.32 -7.92 -30.40
C ILE D 646 32.02 -7.47 -28.99
N ILE D 647 32.52 -8.23 -28.03
CA ILE D 647 32.26 -7.99 -26.64
C ILE D 647 32.92 -6.71 -26.26
N GLN D 648 34.14 -6.51 -26.74
CA GLN D 648 34.86 -5.31 -26.37
C GLN D 648 34.21 -4.07 -26.95
N ALA D 649 33.80 -4.13 -28.21
CA ALA D 649 33.16 -2.97 -28.82
C ALA D 649 31.85 -2.62 -28.13
N HIS D 650 31.13 -3.64 -27.69
CA HIS D 650 29.83 -3.54 -27.02
C HIS D 650 29.92 -2.95 -25.62
N VAL D 651 30.85 -3.44 -24.78
CA VAL D 651 30.89 -2.90 -23.43
C VAL D 651 31.38 -1.44 -23.45
N ARG D 652 32.16 -1.05 -24.45
CA ARG D 652 32.63 0.33 -24.59
C ARG D 652 31.50 1.32 -24.88
N ARG D 653 30.32 0.82 -25.26
CA ARG D 653 29.15 1.62 -25.55
C ARG D 653 28.14 1.43 -24.43
N ASN D 654 28.63 0.92 -23.30
CA ASN D 654 27.91 0.60 -22.09
C ASN D 654 26.86 -0.52 -22.22
N GLY D 655 27.18 -1.56 -22.99
CA GLY D 655 26.31 -2.71 -23.08
C GLY D 655 26.63 -3.70 -21.96
N ILE D 656 25.95 -4.84 -22.03
CA ILE D 656 26.06 -5.92 -21.05
C ILE D 656 26.50 -7.20 -21.73
N ALA D 657 27.43 -7.90 -21.11
CA ALA D 657 27.91 -9.14 -21.64
C ALA D 657 28.29 -10.11 -20.56
N ALA D 658 28.26 -11.38 -20.87
CA ALA D 658 28.73 -12.37 -19.91
C ALA D 658 29.88 -13.14 -20.49
N VAL D 659 30.95 -13.26 -19.74
CA VAL D 659 32.11 -13.98 -20.23
C VAL D 659 32.66 -14.97 -19.24
N TYR D 660 33.41 -15.92 -19.76
CA TYR D 660 34.16 -16.80 -18.89
C TYR D 660 35.60 -16.32 -18.80
N GLU D 661 36.05 -15.96 -17.60
CA GLU D 661 37.40 -15.44 -17.41
C GLU D 661 37.99 -15.83 -16.07
N SER D 662 39.28 -16.12 -16.04
CA SER D 662 40.01 -16.42 -14.81
C SER D 662 39.35 -17.50 -13.94
N GLY D 663 38.69 -18.47 -14.55
CA GLY D 663 38.03 -19.53 -13.80
C GLY D 663 36.63 -19.16 -13.31
N TYR D 664 36.21 -17.94 -13.57
CA TYR D 664 34.92 -17.39 -13.15
C TYR D 664 33.94 -17.11 -14.24
N LEU D 665 32.69 -17.22 -13.87
CA LEU D 665 31.62 -16.80 -14.73
C LEU D 665 31.27 -15.42 -14.23
N SER D 666 31.38 -14.43 -15.12
CA SER D 666 31.17 -13.05 -14.71
C SER D 666 30.41 -12.20 -15.71
N ILE D 667 29.81 -11.14 -15.20
CA ILE D 667 29.05 -10.18 -15.97
C ILE D 667 29.74 -8.86 -16.10
N LEU D 668 29.86 -8.42 -17.33
CA LEU D 668 30.49 -7.17 -17.65
C LEU D 668 29.42 -6.14 -17.89
N GLU D 669 29.34 -5.16 -17.03
CA GLU D 669 28.31 -4.15 -17.17
C GLU D 669 28.99 -2.82 -17.27
N GLY D 670 29.08 -2.29 -18.47
CA GLY D 670 29.87 -1.09 -18.61
C GLY D 670 31.31 -1.38 -18.23
N SER D 671 31.88 -0.54 -17.36
CA SER D 671 33.26 -0.70 -16.91
C SER D 671 33.45 -1.62 -15.70
N TRP D 672 32.36 -2.11 -15.12
CA TRP D 672 32.43 -2.90 -13.91
C TRP D 672 32.33 -4.40 -14.16
N THR D 673 33.06 -5.20 -13.39
CA THR D 673 32.95 -6.65 -13.52
C THR D 673 32.32 -7.27 -12.29
N LEU D 674 31.27 -8.05 -12.51
CA LEU D 674 30.58 -8.73 -11.43
C LEU D 674 30.84 -10.23 -11.49
N ARG D 675 31.52 -10.77 -10.52
CA ARG D 675 31.77 -12.21 -10.56
C ARG D 675 30.62 -12.94 -9.93
N VAL D 676 30.13 -13.99 -10.59
CA VAL D 676 29.03 -14.74 -10.03
C VAL D 676 29.58 -15.92 -9.27
N GLU D 677 30.31 -16.80 -9.93
CA GLU D 677 30.88 -17.95 -9.23
C GLU D 677 32.02 -18.57 -10.03
N GLN D 678 32.69 -19.58 -9.47
CA GLN D 678 33.73 -20.33 -10.17
C GLN D 678 33.17 -21.51 -10.91
N ALA D 679 33.71 -21.82 -12.07
CA ALA D 679 33.19 -22.95 -12.84
C ALA D 679 33.30 -24.27 -12.08
N LYS D 680 34.35 -24.43 -11.29
CA LYS D 680 34.59 -25.65 -10.54
C LYS D 680 33.60 -25.90 -9.43
N LEU D 681 32.89 -24.87 -9.01
CA LEU D 681 31.96 -25.00 -7.92
C LEU D 681 30.52 -25.07 -8.38
N ILE D 682 30.29 -25.18 -9.69
CA ILE D 682 28.94 -25.28 -10.20
C ILE D 682 28.76 -26.69 -10.72
N PRO D 683 28.00 -27.58 -10.03
CA PRO D 683 27.85 -29.01 -10.30
C PRO D 683 27.47 -29.43 -11.71
N MET D 684 26.77 -28.61 -12.49
CA MET D 684 26.39 -29.03 -13.84
C MET D 684 27.61 -29.04 -14.75
N THR D 685 28.63 -28.31 -14.38
CA THR D 685 29.82 -28.23 -15.17
C THR D 685 30.66 -29.31 -14.55
N MET D 686 31.20 -30.20 -15.34
CA MET D 686 31.88 -31.35 -14.77
C MET D 686 33.25 -31.02 -14.19
N GLY D 687 33.29 -30.26 -13.10
CA GLY D 687 34.53 -29.85 -12.44
C GLY D 687 35.25 -28.79 -13.24
N GLY D 688 34.53 -28.14 -14.13
CA GLY D 688 35.09 -27.14 -15.03
C GLY D 688 35.63 -27.76 -16.31
N MET D 689 35.45 -29.08 -16.51
CA MET D 689 36.00 -29.78 -17.68
C MET D 689 35.08 -29.96 -18.88
N ALA D 690 33.91 -29.34 -18.87
CA ALA D 690 32.92 -29.47 -19.94
C ALA D 690 32.48 -28.09 -20.48
N PRO D 691 33.23 -27.49 -21.43
CA PRO D 691 33.05 -26.15 -21.99
C PRO D 691 31.64 -25.84 -22.49
N PHE D 692 30.96 -26.86 -22.97
CA PHE D 692 29.62 -26.68 -23.48
C PHE D 692 28.62 -26.48 -22.34
N MET D 693 28.95 -26.94 -21.14
CA MET D 693 28.07 -26.76 -20.02
C MET D 693 28.29 -25.38 -19.45
N ILE D 694 29.52 -24.89 -19.60
CA ILE D 694 29.85 -23.54 -19.12
C ILE D 694 29.10 -22.54 -19.97
N ALA D 695 29.10 -22.75 -21.29
CA ALA D 695 28.41 -21.85 -22.18
C ALA D 695 26.90 -21.77 -21.90
N ASN D 696 26.28 -22.88 -21.51
CA ASN D 696 24.86 -22.86 -21.18
C ASN D 696 24.60 -22.15 -19.87
N ALA D 697 25.51 -22.30 -18.91
CA ALA D 697 25.38 -21.60 -17.65
C ALA D 697 25.51 -20.10 -17.86
N LEU D 698 26.37 -19.66 -18.80
CA LEU D 698 26.50 -18.23 -19.06
C LEU D 698 25.25 -17.65 -19.65
N ALA D 699 24.61 -18.37 -20.58
CA ALA D 699 23.39 -17.90 -21.20
C ALA D 699 22.25 -17.77 -20.21
N ALA D 700 22.11 -18.73 -19.29
CA ALA D 700 21.05 -18.67 -18.28
C ALA D 700 21.28 -17.55 -17.28
N CYS D 701 22.53 -17.32 -16.88
CA CYS D 701 22.83 -16.27 -15.93
C CYS D 701 22.58 -14.91 -16.52
N LEU D 702 22.95 -14.71 -17.78
CA LEU D 702 22.76 -13.44 -18.42
C LEU D 702 21.28 -13.16 -18.63
N ALA D 703 20.47 -14.16 -19.02
CA ALA D 703 19.05 -13.93 -19.19
C ALA D 703 18.37 -13.53 -17.88
N ALA D 704 18.76 -14.18 -16.78
CA ALA D 704 18.22 -13.86 -15.47
C ALA D 704 18.60 -12.46 -15.02
N PHE D 705 19.83 -12.05 -15.32
CA PHE D 705 20.35 -10.74 -14.97
C PHE D 705 19.66 -9.61 -15.73
N VAL D 706 19.54 -9.74 -17.06
CA VAL D 706 18.96 -8.65 -17.83
C VAL D 706 17.49 -8.48 -17.56
N ASN D 707 16.82 -9.53 -17.06
CA ASN D 707 15.43 -9.44 -16.72
C ASN D 707 15.21 -9.01 -15.26
N GLY D 708 16.27 -8.56 -14.56
CA GLY D 708 16.13 -8.04 -13.22
C GLY D 708 16.42 -8.90 -11.98
N LEU D 709 16.93 -10.11 -12.10
CA LEU D 709 17.19 -10.81 -10.84
C LEU D 709 18.53 -10.38 -10.28
N ASP D 710 18.64 -10.42 -8.96
CA ASP D 710 19.87 -10.07 -8.26
C ASP D 710 20.92 -11.15 -8.42
N VAL D 711 22.17 -10.77 -8.26
CA VAL D 711 23.30 -11.67 -8.41
C VAL D 711 23.31 -12.74 -7.35
N GLU D 712 22.93 -12.40 -6.13
CA GLU D 712 22.95 -13.40 -5.07
C GLU D 712 21.94 -14.51 -5.36
N VAL D 713 20.80 -14.16 -5.96
CA VAL D 713 19.79 -15.15 -6.33
C VAL D 713 20.35 -16.06 -7.40
N ILE D 714 21.05 -15.47 -8.36
CA ILE D 714 21.65 -16.23 -9.44
C ILE D 714 22.69 -17.20 -8.87
N ARG D 715 23.53 -16.77 -7.91
CA ARG D 715 24.52 -17.66 -7.30
C ARG D 715 23.89 -18.83 -6.59
N GLN D 716 22.83 -18.58 -5.86
CA GLN D 716 22.16 -19.65 -5.16
C GLN D 716 21.63 -20.68 -6.13
N GLY D 717 21.04 -20.21 -7.24
CA GLY D 717 20.51 -21.09 -8.25
C GLY D 717 21.57 -21.94 -8.95
N VAL D 718 22.72 -21.39 -9.31
CA VAL D 718 23.67 -22.24 -10.00
C VAL D 718 24.32 -23.26 -9.05
N ARG D 719 24.55 -22.88 -7.80
CA ARG D 719 25.17 -23.75 -6.81
C ARG D 719 24.36 -24.98 -6.45
N THR D 720 23.03 -24.91 -6.50
CA THR D 720 22.19 -26.03 -6.11
C THR D 720 21.56 -26.79 -7.28
N PHE D 721 21.88 -26.45 -8.50
CA PHE D 721 21.25 -27.12 -9.63
C PHE D 721 21.92 -28.41 -10.02
N THR D 722 21.14 -29.47 -10.15
CA THR D 722 21.73 -30.73 -10.56
C THR D 722 21.11 -31.31 -11.81
N THR D 723 21.94 -32.11 -12.48
CA THR D 723 21.60 -32.85 -13.68
C THR D 723 22.06 -34.29 -13.44
N SER D 724 21.50 -34.94 -12.43
CA SER D 724 21.97 -36.26 -12.06
C SER D 724 21.34 -37.34 -12.91
N ALA D 725 21.88 -38.54 -12.76
CA ALA D 725 21.26 -39.66 -13.40
C ALA D 725 19.89 -39.73 -12.79
N GLU D 726 18.95 -40.19 -13.57
CA GLU D 726 17.54 -40.32 -13.23
C GLU D 726 16.80 -38.96 -13.11
N GLN D 727 17.47 -37.86 -13.46
CA GLN D 727 16.84 -36.55 -13.56
C GLN D 727 16.91 -36.13 -15.01
N THR D 728 18.09 -36.31 -15.59
CA THR D 728 18.38 -35.97 -16.95
C THR D 728 19.03 -37.15 -17.65
N PRO D 729 18.33 -38.26 -17.90
CA PRO D 729 18.92 -39.44 -18.44
C PRO D 729 19.42 -39.12 -19.83
N GLY D 730 20.62 -39.60 -20.14
CA GLY D 730 21.22 -39.41 -21.44
C GLY D 730 21.93 -38.07 -21.61
N ARG D 731 21.97 -37.26 -20.56
CA ARG D 731 22.63 -35.97 -20.67
C ARG D 731 23.73 -35.84 -19.63
N MET D 732 24.95 -36.21 -19.99
CA MET D 732 26.11 -36.26 -19.10
C MET D 732 25.89 -37.06 -17.80
N ASN D 733 25.57 -38.35 -17.89
CA ASN D 733 25.39 -39.14 -16.66
C ASN D 733 26.70 -39.86 -16.35
N LEU D 734 27.49 -39.36 -15.40
CA LEU D 734 28.80 -39.98 -15.14
C LEU D 734 28.71 -40.95 -13.96
N PHE D 735 29.12 -42.18 -14.20
CA PHE D 735 29.08 -43.22 -13.20
C PHE D 735 30.49 -43.70 -12.79
N ASN D 736 30.70 -43.78 -11.48
CA ASN D 736 31.94 -44.25 -10.84
C ASN D 736 31.84 -45.75 -10.49
N LEU D 737 32.52 -46.64 -11.22
CA LEU D 737 32.29 -48.08 -11.04
C LEU D 737 33.60 -48.86 -10.80
N GLY D 738 34.11 -48.82 -9.56
CA GLY D 738 35.40 -49.41 -9.21
C GLY D 738 36.46 -48.47 -9.75
N GLN D 739 37.66 -48.94 -10.08
CA GLN D 739 38.68 -47.99 -10.57
C GLN D 739 38.46 -47.76 -12.04
N HIS D 740 37.32 -47.19 -12.36
CA HIS D 740 36.84 -47.00 -13.71
C HIS D 740 35.66 -46.03 -13.75
N HIS D 741 35.62 -45.18 -14.75
CA HIS D 741 34.44 -44.35 -14.92
C HIS D 741 33.86 -44.50 -16.30
N ALA D 742 32.56 -44.30 -16.38
CA ALA D 742 31.92 -44.33 -17.67
C ALA D 742 30.79 -43.32 -17.72
N LEU D 743 30.63 -42.73 -18.89
CA LEU D 743 29.67 -41.67 -19.12
C LEU D 743 28.58 -42.03 -20.11
N VAL D 744 27.33 -41.82 -19.73
CA VAL D 744 26.27 -42.09 -20.69
C VAL D 744 25.70 -40.76 -21.19
N ASP D 745 25.66 -40.60 -22.51
CA ASP D 745 25.15 -39.38 -23.11
C ASP D 745 24.40 -39.74 -24.39
N TYR D 746 23.86 -38.75 -25.10
CA TYR D 746 23.10 -39.06 -26.28
C TYR D 746 23.26 -37.96 -27.33
N ALA D 747 24.38 -38.02 -28.03
CA ALA D 747 24.69 -37.06 -29.07
C ALA D 747 23.82 -37.41 -30.26
N HIS D 748 23.46 -36.43 -31.08
CA HIS D 748 22.67 -36.73 -32.26
C HIS D 748 23.45 -36.24 -33.47
N ASN D 749 23.53 -34.93 -33.64
CA ASN D 749 24.34 -34.39 -34.70
C ASN D 749 25.77 -34.41 -34.21
N PRO D 750 26.79 -34.35 -35.10
CA PRO D 750 28.20 -34.34 -34.80
C PRO D 750 28.64 -33.32 -33.77
N ALA D 751 27.94 -32.19 -33.59
CA ALA D 751 28.41 -31.24 -32.60
C ALA D 751 28.41 -31.87 -31.22
N GLY D 752 27.52 -32.84 -30.97
CA GLY D 752 27.47 -33.45 -29.66
C GLY D 752 28.53 -34.52 -29.48
N TYR D 753 29.16 -34.94 -30.56
CA TYR D 753 30.17 -35.95 -30.43
C TYR D 753 31.43 -35.18 -30.12
N ARG D 754 31.52 -33.97 -30.68
CA ARG D 754 32.66 -33.12 -30.37
C ARG D 754 32.55 -32.57 -28.95
N ALA D 755 31.35 -32.13 -28.54
CA ALA D 755 31.20 -31.60 -27.20
C ALA D 755 31.57 -32.64 -26.14
N VAL D 756 31.14 -33.88 -26.34
CA VAL D 756 31.50 -34.91 -25.39
C VAL D 756 32.99 -35.20 -25.50
N GLY D 757 33.52 -35.25 -26.72
CA GLY D 757 34.94 -35.53 -26.91
C GLY D 757 35.81 -34.53 -26.14
N ASP D 758 35.42 -33.25 -26.06
CA ASP D 758 36.23 -32.29 -25.30
C ASP D 758 36.23 -32.62 -23.82
N PHE D 759 35.08 -33.08 -23.29
CA PHE D 759 35.05 -33.52 -21.91
C PHE D 759 36.05 -34.64 -21.69
N VAL D 760 36.05 -35.61 -22.60
CA VAL D 760 36.94 -36.76 -22.50
C VAL D 760 38.41 -36.36 -22.53
N LYS D 761 38.77 -35.43 -23.42
CA LYS D 761 40.14 -34.95 -23.54
C LYS D 761 40.64 -34.42 -22.20
N ASN D 762 39.75 -33.81 -21.43
CA ASN D 762 40.08 -33.23 -20.15
C ASN D 762 39.97 -34.20 -18.98
N TRP D 763 39.70 -35.48 -19.24
CA TRP D 763 39.58 -36.45 -18.16
C TRP D 763 40.90 -36.67 -17.45
N GLN D 764 40.90 -36.47 -16.14
CA GLN D 764 42.11 -36.59 -15.35
C GLN D 764 42.29 -38.00 -14.83
N GLY D 765 42.63 -38.89 -15.74
CA GLY D 765 42.75 -40.31 -15.44
C GLY D 765 43.65 -40.99 -16.45
N GLN D 766 43.25 -42.19 -16.88
CA GLN D 766 44.10 -42.95 -17.80
C GLN D 766 43.57 -43.07 -19.23
N ARG D 767 43.13 -44.28 -19.63
CA ARG D 767 42.72 -44.49 -21.03
C ARG D 767 41.36 -43.90 -21.35
N PHE D 768 41.20 -43.49 -22.60
CA PHE D 768 39.94 -42.94 -23.10
C PHE D 768 39.31 -43.92 -24.07
N GLY D 769 38.15 -44.45 -23.72
CA GLY D 769 37.51 -45.40 -24.63
C GLY D 769 36.14 -44.96 -25.05
N VAL D 770 35.73 -45.42 -26.23
CA VAL D 770 34.40 -45.13 -26.73
C VAL D 770 33.70 -46.44 -27.07
N VAL D 771 32.46 -46.51 -26.61
CA VAL D 771 31.60 -47.66 -26.74
C VAL D 771 30.19 -47.31 -27.22
N GLY D 772 30.13 -46.61 -28.34
CA GLY D 772 28.86 -46.20 -28.92
C GLY D 772 29.07 -45.57 -30.28
N GLY D 773 27.99 -45.03 -30.85
CA GLY D 773 28.03 -44.47 -32.19
C GLY D 773 26.62 -44.18 -32.73
N PRO D 774 26.52 -43.67 -33.96
CA PRO D 774 25.31 -43.29 -34.68
C PRO D 774 24.50 -44.49 -35.12
N GLY D 775 23.21 -44.26 -35.33
CA GLY D 775 22.33 -45.28 -35.91
C GLY D 775 22.26 -45.08 -37.41
N ASP D 776 21.27 -45.68 -38.06
CA ASP D 776 21.17 -45.61 -39.52
C ASP D 776 20.29 -44.49 -40.03
N ARG D 777 19.85 -43.63 -39.13
CA ARG D 777 18.98 -42.49 -39.45
C ARG D 777 19.75 -41.25 -39.87
N ARG D 778 21.08 -41.34 -39.84
CA ARG D 778 21.94 -40.23 -40.20
C ARG D 778 22.21 -40.14 -41.70
N ASP D 779 22.62 -38.94 -42.11
CA ASP D 779 23.02 -38.62 -43.46
C ASP D 779 24.45 -39.09 -43.59
N SER D 780 25.09 -38.90 -44.72
CA SER D 780 26.44 -39.43 -44.92
C SER D 780 27.53 -38.66 -44.14
N ASP D 781 27.48 -38.76 -42.82
CA ASP D 781 28.38 -38.09 -41.89
C ASP D 781 29.06 -39.13 -40.99
N LEU D 782 29.01 -40.39 -41.38
CA LEU D 782 29.61 -41.45 -40.61
C LEU D 782 31.11 -41.31 -40.58
N ILE D 783 31.70 -40.88 -41.70
CA ILE D 783 33.14 -40.73 -41.72
C ILE D 783 33.51 -39.60 -40.79
N GLU D 784 32.74 -38.50 -40.80
CA GLU D 784 33.02 -37.37 -39.91
C GLU D 784 32.97 -37.82 -38.46
N LEU D 785 31.97 -38.64 -38.10
CA LEU D 785 31.85 -39.13 -36.73
C LEU D 785 33.03 -40.03 -36.38
N GLY D 786 33.48 -40.83 -37.36
CA GLY D 786 34.63 -41.67 -37.17
C GLY D 786 35.89 -40.80 -36.95
N GLN D 787 36.02 -39.73 -37.72
CA GLN D 787 37.17 -38.84 -37.60
C GLN D 787 37.18 -38.20 -36.22
N ILE D 788 36.00 -37.87 -35.67
CA ILE D 788 35.95 -37.28 -34.34
C ILE D 788 36.45 -38.28 -33.30
N ALA D 789 35.98 -39.53 -33.34
CA ALA D 789 36.40 -40.51 -32.33
C ALA D 789 37.92 -40.73 -32.35
N ALA D 790 38.48 -40.72 -33.54
CA ALA D 790 39.91 -40.95 -33.77
C ALA D 790 40.79 -39.83 -33.20
N GLN D 791 40.21 -38.68 -32.93
CA GLN D 791 40.96 -37.54 -32.41
C GLN D 791 40.89 -37.46 -30.90
N VAL D 792 40.07 -38.32 -30.30
CA VAL D 792 39.83 -38.25 -28.87
C VAL D 792 40.23 -39.50 -28.10
N PHE D 793 39.83 -40.67 -28.60
CA PHE D 793 39.95 -41.91 -27.84
C PHE D 793 41.13 -42.80 -28.27
N ASP D 794 41.68 -43.60 -27.32
CA ASP D 794 42.72 -44.59 -27.62
C ASP D 794 42.21 -46.04 -27.57
N ARG D 795 40.93 -46.20 -27.22
CA ARG D 795 40.22 -47.47 -27.25
C ARG D 795 38.94 -47.28 -28.04
N ILE D 796 39.00 -47.49 -29.35
CA ILE D 796 37.81 -47.27 -30.15
C ILE D 796 37.26 -48.56 -30.67
N ILE D 797 36.08 -48.96 -30.16
CA ILE D 797 35.52 -50.21 -30.64
C ILE D 797 34.25 -49.90 -31.41
N VAL D 798 34.18 -50.40 -32.64
CA VAL D 798 33.04 -50.12 -33.52
C VAL D 798 31.86 -51.08 -33.26
N LYS D 799 30.67 -50.50 -33.13
CA LYS D 799 29.46 -51.23 -32.78
C LYS D 799 28.28 -51.20 -33.76
N GLU D 800 28.38 -50.49 -34.87
CA GLU D 800 27.21 -50.23 -35.69
C GLU D 800 26.65 -51.33 -36.62
N ASP D 801 26.08 -52.33 -35.94
CA ASP D 801 25.32 -53.48 -36.47
C ASP D 801 24.48 -53.90 -35.26
N ASP D 802 23.43 -53.12 -35.03
CA ASP D 802 22.58 -53.13 -33.85
C ASP D 802 21.33 -53.99 -33.97
N ASP D 803 20.35 -53.76 -33.08
CA ASP D 803 19.13 -54.53 -33.08
C ASP D 803 18.13 -53.99 -34.12
N LYS D 804 18.16 -52.67 -34.37
CA LYS D 804 17.22 -52.05 -35.31
C LYS D 804 17.57 -52.31 -36.77
N ARG D 805 18.85 -52.19 -37.12
CA ARG D 805 19.31 -52.44 -38.48
C ARG D 805 18.46 -51.76 -39.52
N GLY D 806 18.32 -50.43 -39.42
CA GLY D 806 17.48 -49.68 -40.33
C GLY D 806 17.90 -49.89 -41.78
N ARG D 807 19.19 -50.04 -42.03
CA ARG D 807 19.65 -50.32 -43.38
C ARG D 807 20.63 -51.49 -43.42
N SER D 808 20.24 -52.53 -44.13
CA SER D 808 21.03 -53.74 -44.28
C SER D 808 21.52 -54.34 -42.95
N GLU D 809 22.84 -54.49 -42.78
CA GLU D 809 23.42 -55.08 -41.58
C GLU D 809 24.55 -54.23 -40.98
N GLY D 810 25.81 -54.62 -41.24
CA GLY D 810 26.99 -53.99 -40.65
C GLY D 810 27.69 -52.90 -41.47
N GLU D 811 27.10 -52.45 -42.57
CA GLU D 811 27.75 -51.45 -43.42
C GLU D 811 28.03 -50.15 -42.68
N THR D 812 27.16 -49.76 -41.74
CA THR D 812 27.38 -48.53 -40.99
C THR D 812 28.69 -48.66 -40.21
N ALA D 813 28.89 -49.82 -39.55
CA ALA D 813 30.13 -50.07 -38.84
C ALA D 813 31.33 -50.03 -39.77
N ASP D 814 31.19 -50.55 -40.99
CA ASP D 814 32.34 -50.51 -41.90
C ASP D 814 32.70 -49.08 -42.29
N LEU D 815 31.69 -48.22 -42.48
CA LEU D 815 31.93 -46.83 -42.83
C LEU D 815 32.60 -46.08 -41.67
N ILE D 816 32.23 -46.41 -40.44
CA ILE D 816 32.89 -45.81 -39.30
C ILE D 816 34.35 -46.24 -39.30
N VAL D 817 34.61 -47.53 -39.59
CA VAL D 817 35.98 -48.02 -39.63
C VAL D 817 36.79 -47.27 -40.68
N LYS D 818 36.21 -47.04 -41.86
CA LYS D 818 36.98 -46.30 -42.84
C LYS D 818 37.36 -44.92 -42.31
N GLY D 819 36.43 -44.23 -41.64
CA GLY D 819 36.73 -42.91 -41.08
C GLY D 819 37.79 -42.92 -39.97
N ILE D 820 37.64 -43.82 -39.00
CA ILE D 820 38.54 -43.81 -37.84
C ILE D 820 39.97 -44.21 -38.21
N LEU D 821 40.14 -45.08 -39.21
CA LEU D 821 41.47 -45.49 -39.62
C LEU D 821 42.09 -44.51 -40.60
N GLN D 822 41.31 -43.53 -41.05
CA GLN D 822 41.78 -42.55 -42.00
C GLN D 822 42.49 -41.48 -41.23
N GLU D 823 41.84 -41.08 -40.14
CA GLU D 823 42.35 -40.01 -39.30
C GLU D 823 43.49 -40.45 -38.37
N ASN D 824 43.39 -41.65 -37.79
CA ASN D 824 44.42 -42.07 -36.83
C ASN D 824 44.39 -43.57 -36.53
N PRO D 825 45.07 -44.44 -37.31
CA PRO D 825 45.02 -45.90 -37.18
C PRO D 825 45.91 -46.39 -36.01
N GLY D 826 45.60 -45.94 -34.79
CA GLY D 826 46.37 -46.26 -33.59
C GLY D 826 45.57 -46.37 -32.27
N ALA D 827 44.29 -46.78 -32.32
CA ALA D 827 43.43 -46.88 -31.11
C ALA D 827 42.80 -48.26 -30.91
N SER D 828 43.57 -49.32 -31.15
CA SER D 828 43.07 -50.69 -30.95
C SER D 828 41.71 -50.87 -31.60
N TYR D 829 41.65 -50.61 -32.91
CA TYR D 829 40.38 -50.55 -33.63
C TYR D 829 39.66 -51.84 -33.96
N GLU D 830 39.13 -52.43 -32.90
CA GLU D 830 38.32 -53.63 -32.95
C GLU D 830 36.90 -53.27 -33.35
N VAL D 831 36.26 -54.15 -34.09
CA VAL D 831 34.84 -54.00 -34.37
C VAL D 831 34.23 -55.15 -33.61
N ILE D 832 33.23 -54.87 -32.79
CA ILE D 832 32.67 -55.92 -31.95
C ILE D 832 31.19 -56.15 -32.25
N LEU D 833 30.48 -55.07 -32.58
CA LEU D 833 29.03 -55.03 -32.92
C LEU D 833 28.07 -55.32 -31.76
N ASP D 834 28.40 -56.24 -30.87
CA ASP D 834 27.47 -56.47 -29.76
C ASP D 834 27.70 -55.45 -28.65
N GLU D 835 26.90 -54.39 -28.73
CA GLU D 835 26.95 -53.23 -27.85
C GLU D 835 26.40 -53.48 -26.44
N THR D 836 25.74 -54.63 -26.22
CA THR D 836 25.09 -54.83 -24.92
C THR D 836 25.78 -55.84 -24.01
N ILE D 837 26.32 -56.94 -24.53
CA ILE D 837 26.96 -57.90 -23.62
C ILE D 837 28.44 -58.10 -23.91
N ALA D 838 29.05 -57.17 -24.62
CA ALA D 838 30.46 -57.27 -24.93
C ALA D 838 31.14 -55.90 -24.87
N LEU D 839 30.73 -55.00 -25.75
CA LEU D 839 31.36 -53.69 -25.88
C LEU D 839 31.41 -52.91 -24.58
N ASN D 840 30.27 -52.94 -23.90
CA ASN D 840 30.03 -52.24 -22.66
C ASN D 840 30.09 -53.16 -21.45
N LYS D 841 30.63 -54.35 -21.64
CA LYS D 841 30.75 -55.26 -20.53
C LYS D 841 32.23 -55.48 -20.21
N ALA D 842 33.08 -55.63 -21.25
CA ALA D 842 34.51 -55.85 -21.03
C ALA D 842 35.21 -54.51 -20.80
N LEU D 843 34.84 -53.85 -19.74
CA LEU D 843 35.35 -52.51 -19.51
C LEU D 843 36.65 -52.47 -18.76
N ASP D 844 37.12 -53.62 -18.31
CA ASP D 844 38.36 -53.69 -17.57
C ASP D 844 39.55 -53.79 -18.51
N GLN D 845 39.28 -53.61 -19.82
CA GLN D 845 40.32 -53.51 -20.83
C GLN D 845 41.00 -52.13 -20.69
N VAL D 846 40.28 -51.24 -19.99
CA VAL D 846 40.64 -49.88 -19.71
C VAL D 846 41.45 -49.81 -18.41
N GLU D 847 42.53 -49.04 -18.44
CA GLU D 847 43.42 -48.86 -17.30
C GLU D 847 42.71 -48.17 -16.16
N GLU D 848 43.21 -48.39 -14.94
CA GLU D 848 42.58 -47.86 -13.75
C GLU D 848 42.38 -46.37 -13.85
N LYS D 849 41.15 -45.98 -13.52
CA LYS D 849 40.64 -44.62 -13.57
C LYS D 849 40.58 -44.07 -15.01
N GLY D 850 40.41 -44.94 -15.99
CA GLY D 850 40.22 -44.45 -17.34
C GLY D 850 38.75 -44.08 -17.48
N LEU D 851 38.37 -43.60 -18.65
CA LEU D 851 37.00 -43.18 -18.91
C LEU D 851 36.43 -43.78 -20.17
N VAL D 852 35.25 -44.36 -20.05
CA VAL D 852 34.55 -44.90 -21.19
C VAL D 852 33.27 -44.14 -21.53
N VAL D 853 33.15 -43.71 -22.78
CA VAL D 853 31.97 -42.96 -23.19
C VAL D 853 31.00 -43.75 -24.04
N VAL D 854 29.76 -43.78 -23.57
CA VAL D 854 28.73 -44.53 -24.20
C VAL D 854 27.81 -43.60 -24.99
N PHE D 855 27.63 -43.92 -26.25
CA PHE D 855 26.74 -43.20 -27.16
C PHE D 855 25.79 -44.28 -27.72
N PRO D 856 24.82 -44.74 -26.91
CA PRO D 856 23.97 -45.89 -27.12
C PRO D 856 22.88 -45.55 -28.09
N GLU D 857 22.21 -46.55 -28.63
CA GLU D 857 20.98 -46.26 -29.37
C GLU D 857 19.89 -45.82 -28.38
N SER D 858 19.89 -46.45 -27.20
CA SER D 858 18.94 -46.17 -26.14
C SER D 858 19.62 -46.03 -24.79
N VAL D 859 19.45 -44.86 -24.17
CA VAL D 859 20.08 -44.57 -22.89
C VAL D 859 19.44 -45.38 -21.78
N THR D 860 18.15 -45.70 -21.92
CA THR D 860 17.46 -46.49 -20.92
C THR D 860 18.20 -47.80 -20.71
N ARG D 861 18.67 -48.42 -21.79
CA ARG D 861 19.40 -49.66 -21.66
C ARG D 861 20.81 -49.35 -21.15
N ALA D 862 21.45 -48.30 -21.68
CA ALA D 862 22.82 -48.00 -21.27
C ALA D 862 22.97 -47.76 -19.79
N ILE D 863 21.98 -47.13 -19.16
CA ILE D 863 22.10 -46.86 -17.74
C ILE D 863 21.69 -48.07 -16.90
N ASP D 864 21.10 -49.10 -17.51
CA ASP D 864 20.69 -50.31 -16.80
C ASP D 864 21.89 -51.27 -16.84
N LEU D 865 22.61 -51.23 -17.96
CA LEU D 865 23.79 -52.05 -18.19
C LEU D 865 25.00 -51.53 -17.43
N ILE D 866 25.20 -50.22 -17.38
CA ILE D 866 26.38 -49.70 -16.71
C ILE D 866 26.38 -50.14 -15.23
N LYS D 867 25.18 -50.25 -14.67
CA LYS D 867 24.92 -50.63 -13.30
C LYS D 867 25.38 -52.04 -12.90
N VAL D 868 25.69 -52.90 -13.89
CA VAL D 868 26.10 -54.27 -13.57
C VAL D 868 27.44 -54.28 -12.83
N ARG D 869 28.19 -53.18 -12.90
CA ARG D 869 29.46 -53.05 -12.20
C ARG D 869 29.33 -52.47 -10.81
N ASN D 870 28.10 -52.26 -10.32
CA ASN D 870 27.89 -51.70 -8.98
C ASN D 870 28.47 -50.29 -8.79
N PRO D 871 27.90 -49.26 -9.43
CA PRO D 871 28.35 -47.88 -9.36
C PRO D 871 28.14 -47.33 -7.96
N ILE D 872 29.00 -46.39 -7.60
CA ILE D 872 28.98 -45.69 -6.35
C ILE D 872 27.97 -44.55 -6.35
#